data_4L6D
#
_entry.id   4L6D
#
_cell.length_a   80.592
_cell.length_b   96.917
_cell.length_c   97.029
_cell.angle_alpha   109.71
_cell.angle_beta   90.53
_cell.angle_gamma   111.89
#
_symmetry.space_group_name_H-M   'P 1'
#
loop_
_entity.id
_entity.type
_entity.pdbx_description
1 polymer '5-carboxyvanillate decarboxylase'
2 non-polymer 'MANGANESE (II) ION'
3 non-polymer 4-HYDROXY-3-METHOXYBENZOATE
4 non-polymer '4-(2-HYDROXYETHYL)-1-PIPERAZINE ETHANESULFONIC ACID'
5 non-polymer GLYCEROL
6 non-polymer DI(HYDROXYETHYL)ETHER
7 water water
#
_entity_poly.entity_id   1
_entity_poly.type   'polypeptide(L)'
_entity_poly.pdbx_seq_one_letter_code
;SLRLIATEEAVTFQPVVDALRAHSRTDDASLDMILVRDVYGDEPARPAMIGRLSDVTGERLAEMDSNGVDMHLLSLTAPG
VQMFDAETGTRLARIANDLMAQTVAANPTRFAGLGTFAPQDPASAAREIERVATQLRLNGLVINSHTNDLYYDDPFFHPV
FEAIEASGLALYIHPRAPSKQIDRAFRDYGMNSAIWGYGIETSTNAVRMILSGLFDRFPRLKIVLGHMGEAIPFWLWRLD
YMHGNATTFGGAPKLKLKPSEYFRRNFAITTSGVESHAALRYSIEVLGPENVMWAIDYPYQPMAPAVQFIRTAPIPEDVK
AMVAGGNAARIFRIT
;
_entity_poly.pdbx_strand_id   A,B,C,D,E,F,G,H
#
# COMPACT_ATOMS: atom_id res chain seq x y z
N SER A 1 -27.01 -1.43 -2.89
CA SER A 1 -27.20 -1.81 -1.50
C SER A 1 -26.52 -0.86 -0.52
N LEU A 2 -25.63 -0.02 -1.03
CA LEU A 2 -25.07 1.06 -0.21
C LEU A 2 -26.19 2.01 0.17
N ARG A 3 -26.42 2.19 1.47
CA ARG A 3 -27.46 3.12 1.91
C ARG A 3 -26.93 4.54 1.91
N LEU A 4 -27.50 5.36 1.03
CA LEU A 4 -27.08 6.73 0.89
C LEU A 4 -28.09 7.67 1.55
N ILE A 5 -27.62 8.38 2.57
CA ILE A 5 -28.42 9.38 3.26
C ILE A 5 -27.75 10.73 3.08
N ALA A 6 -28.32 11.56 2.21
CA ALA A 6 -27.74 12.88 1.92
C ALA A 6 -28.08 13.87 3.03
N THR A 7 -27.10 14.54 3.60
CA THR A 7 -27.35 15.28 4.84
C THR A 7 -27.47 16.82 4.79
N GLU A 8 -27.37 17.43 3.61
CA GLU A 8 -27.48 18.89 3.53
C GLU A 8 -28.44 19.30 2.41
N GLU A 9 -29.67 18.82 2.50
CA GLU A 9 -30.57 18.89 1.38
C GLU A 9 -31.64 19.92 1.66
N ALA A 10 -31.56 21.02 0.93
CA ALA A 10 -32.37 22.20 1.20
C ALA A 10 -33.80 22.05 0.72
N VAL A 11 -34.71 22.68 1.46
CA VAL A 11 -36.13 22.70 1.11
C VAL A 11 -36.67 24.07 1.54
N THR A 12 -37.83 24.45 1.03
CA THR A 12 -38.51 25.62 1.58
C THR A 12 -40.01 25.35 1.65
N PHE A 13 -40.73 26.28 2.27
CA PHE A 13 -42.17 26.15 2.46
C PHE A 13 -42.80 27.49 2.15
N GLN A 14 -44.03 27.47 1.64
CA GLN A 14 -44.66 28.71 1.16
C GLN A 14 -44.69 29.88 2.15
N PRO A 15 -44.99 29.64 3.44
CA PRO A 15 -44.98 30.82 4.31
C PRO A 15 -43.62 31.50 4.39
N VAL A 16 -42.53 30.74 4.31
CA VAL A 16 -41.19 31.32 4.35
C VAL A 16 -40.86 32.02 3.02
N VAL A 17 -41.21 31.36 1.91
CA VAL A 17 -41.06 31.97 0.58
C VAL A 17 -41.76 33.32 0.55
N ASP A 18 -43.01 33.37 1.02
CA ASP A 18 -43.77 34.61 0.95
C ASP A 18 -43.12 35.70 1.78
N ALA A 19 -42.62 35.32 2.96
CA ALA A 19 -41.95 36.29 3.81
C ALA A 19 -40.64 36.79 3.20
N LEU A 20 -39.89 35.92 2.55
CA LEU A 20 -38.65 36.33 1.88
C LEU A 20 -38.91 37.20 0.63
N ARG A 21 -39.97 36.90 -0.11
CA ARG A 21 -40.37 37.78 -1.21
C ARG A 21 -40.59 39.21 -0.70
N ALA A 22 -41.33 39.34 0.40
CA ALA A 22 -41.55 40.66 0.99
C ALA A 22 -40.23 41.25 1.49
N HIS A 23 -39.41 40.43 2.15
CA HIS A 23 -38.16 40.93 2.66
C HIS A 23 -37.24 41.46 1.56
N SER A 24 -37.31 40.81 0.38
CA SER A 24 -36.46 41.16 -0.76
C SER A 24 -36.64 42.61 -1.23
N ARG A 25 -37.77 43.21 -0.87
CA ARG A 25 -38.10 44.57 -1.30
C ARG A 25 -37.60 45.63 -0.33
N THR A 26 -37.09 45.19 0.82
CA THR A 26 -36.66 46.12 1.87
C THR A 26 -35.23 46.61 1.67
N ASP A 27 -34.82 47.54 2.54
CA ASP A 27 -33.52 48.18 2.44
C ASP A 27 -32.45 47.47 3.26
N ASP A 28 -32.72 46.24 3.65
CA ASP A 28 -31.78 45.44 4.44
C ASP A 28 -30.40 45.43 3.77
N ALA A 29 -29.36 45.73 4.55
CA ALA A 29 -28.00 45.78 4.00
C ALA A 29 -27.23 44.47 4.14
N SER A 30 -27.87 43.46 4.74
CA SER A 30 -27.24 42.16 4.89
C SER A 30 -26.75 41.62 3.56
N LEU A 31 -25.57 41.01 3.54
CA LEU A 31 -25.02 40.46 2.30
C LEU A 31 -25.88 39.32 1.76
N ASP A 32 -26.72 38.73 2.61
CA ASP A 32 -27.66 37.71 2.13
C ASP A 32 -28.68 38.25 1.17
N MET A 33 -28.83 39.57 1.10
CA MET A 33 -29.80 40.17 0.16
C MET A 33 -29.46 39.88 -1.30
N ILE A 34 -28.20 39.54 -1.59
CA ILE A 34 -27.84 39.14 -2.94
C ILE A 34 -28.58 37.85 -3.31
N LEU A 35 -28.39 36.80 -2.51
CA LEU A 35 -29.14 35.56 -2.67
C LEU A 35 -30.65 35.82 -2.64
N VAL A 36 -31.11 36.59 -1.67
CA VAL A 36 -32.55 36.74 -1.47
C VAL A 36 -33.21 37.41 -2.68
N ARG A 37 -32.57 38.43 -3.24
CA ARG A 37 -33.09 39.03 -4.46
C ARG A 37 -32.99 38.09 -5.66
N ASP A 38 -31.90 37.33 -5.77
CA ASP A 38 -31.72 36.42 -6.91
C ASP A 38 -32.77 35.32 -6.93
N VAL A 39 -33.18 34.86 -5.76
CA VAL A 39 -34.11 33.74 -5.67
C VAL A 39 -35.55 34.15 -5.36
N TYR A 40 -35.72 35.07 -4.42
CA TYR A 40 -37.06 35.43 -3.92
C TYR A 40 -37.53 36.80 -4.35
N GLY A 41 -36.70 37.50 -5.11
CA GLY A 41 -37.01 38.85 -5.54
C GLY A 41 -38.04 38.96 -6.65
N ASP A 42 -38.58 40.16 -6.86
CA ASP A 42 -39.61 40.37 -7.87
C ASP A 42 -39.12 40.08 -9.30
N GLU A 43 -37.83 40.25 -9.51
CA GLU A 43 -37.23 40.09 -10.82
C GLU A 43 -36.07 39.11 -10.70
N PRO A 44 -36.37 37.84 -10.42
CA PRO A 44 -35.30 36.93 -9.96
C PRO A 44 -34.33 36.51 -11.07
N ALA A 45 -33.05 36.55 -10.76
CA ALA A 45 -32.01 36.06 -11.65
C ALA A 45 -31.98 34.54 -11.68
N ARG A 46 -32.54 33.91 -10.64
CA ARG A 46 -32.56 32.45 -10.52
C ARG A 46 -34.01 32.00 -10.32
N PRO A 47 -34.84 32.14 -11.38
CA PRO A 47 -36.29 32.00 -11.22
C PRO A 47 -36.80 30.57 -10.97
N ALA A 48 -36.00 29.56 -11.27
CA ALA A 48 -36.44 28.17 -11.09
C ALA A 48 -36.24 27.68 -9.66
N MET A 49 -35.44 28.42 -8.89
CA MET A 49 -34.99 27.89 -7.61
C MET A 49 -36.08 27.69 -6.56
N ILE A 50 -37.03 28.63 -6.44
CA ILE A 50 -38.13 28.44 -5.47
C ILE A 50 -38.86 27.12 -5.71
N GLY A 51 -39.17 26.83 -6.97
CA GLY A 51 -39.86 25.59 -7.30
C GLY A 51 -39.06 24.36 -6.93
N ARG A 52 -37.75 24.40 -7.23
CA ARG A 52 -36.89 23.24 -6.94
C ARG A 52 -36.69 23.02 -5.44
N LEU A 53 -36.60 24.11 -4.69
CA LEU A 53 -36.51 24.04 -3.24
C LEU A 53 -37.80 23.52 -2.63
N SER A 54 -38.93 23.95 -3.18
CA SER A 54 -40.23 23.61 -2.62
C SER A 54 -40.57 22.15 -2.90
N ASP A 55 -40.10 21.65 -4.04
CA ASP A 55 -40.42 20.30 -4.46
C ASP A 55 -39.76 19.23 -3.58
N VAL A 56 -40.55 18.28 -3.12
CA VAL A 56 -40.01 17.15 -2.37
C VAL A 56 -40.30 15.82 -3.06
N THR A 57 -41.56 15.63 -3.46
CA THR A 57 -42.02 14.35 -3.99
C THR A 57 -42.08 14.25 -5.53
N GLY A 58 -41.70 15.31 -6.22
CA GLY A 58 -41.67 15.31 -7.68
C GLY A 58 -40.27 15.07 -8.23
N GLU A 59 -39.66 16.10 -8.82
CA GLU A 59 -38.31 16.01 -9.39
C GLU A 59 -37.32 15.42 -8.37
N ARG A 60 -37.40 15.87 -7.12
CA ARG A 60 -36.42 15.47 -6.12
C ARG A 60 -36.45 13.96 -5.90
N LEU A 61 -37.64 13.41 -5.69
CA LEU A 61 -37.75 11.97 -5.47
C LEU A 61 -37.40 11.19 -6.73
N ALA A 62 -37.79 11.69 -7.91
CA ALA A 62 -37.44 11.03 -9.15
C ALA A 62 -35.91 10.92 -9.30
N GLU A 63 -35.22 12.00 -8.95
CA GLU A 63 -33.75 12.01 -9.03
C GLU A 63 -33.14 11.10 -7.98
N MET A 64 -33.72 11.07 -6.79
CA MET A 64 -33.26 10.11 -5.79
C MET A 64 -33.39 8.69 -6.30
N ASP A 65 -34.53 8.39 -6.92
CA ASP A 65 -34.77 7.04 -7.42
C ASP A 65 -33.81 6.67 -8.55
N SER A 66 -33.58 7.58 -9.49
N SER A 66 -33.57 7.58 -9.48
CA SER A 66 -32.70 7.30 -10.62
CA SER A 66 -32.72 7.27 -10.62
C SER A 66 -31.26 7.07 -10.18
C SER A 66 -31.25 7.12 -10.21
N ASN A 67 -30.86 7.72 -9.09
CA ASN A 67 -29.48 7.64 -8.61
C ASN A 67 -29.27 6.70 -7.43
N GLY A 68 -30.35 6.06 -6.98
CA GLY A 68 -30.25 5.13 -5.87
C GLY A 68 -29.97 5.79 -4.54
N VAL A 69 -30.49 6.99 -4.34
CA VAL A 69 -30.35 7.69 -3.07
C VAL A 69 -31.50 7.32 -2.16
N ASP A 70 -31.19 6.72 -1.02
N ASP A 70 -31.18 6.70 -1.02
CA ASP A 70 -32.22 6.25 -0.10
CA ASP A 70 -32.21 6.25 -0.09
C ASP A 70 -32.96 7.40 0.56
C ASP A 70 -32.96 7.40 0.56
N MET A 71 -32.22 8.39 1.05
CA MET A 71 -32.84 9.49 1.81
C MET A 71 -32.22 10.86 1.60
N HIS A 72 -33.05 11.87 1.77
CA HIS A 72 -32.58 13.24 2.03
C HIS A 72 -32.91 13.60 3.46
N LEU A 73 -31.91 14.14 4.15
CA LEU A 73 -32.14 14.87 5.41
C LEU A 73 -32.39 16.33 5.04
N LEU A 74 -33.65 16.73 5.15
CA LEU A 74 -34.08 18.05 4.69
C LEU A 74 -33.82 19.12 5.75
N SER A 75 -33.53 20.33 5.28
CA SER A 75 -33.34 21.49 6.14
C SER A 75 -33.92 22.71 5.45
N LEU A 76 -34.60 23.58 6.19
CA LEU A 76 -35.03 24.84 5.62
C LEU A 76 -33.80 25.62 5.13
N THR A 77 -33.87 26.03 3.86
CA THR A 77 -32.71 26.59 3.17
C THR A 77 -32.27 27.91 3.80
N ALA A 78 -30.97 28.18 3.76
CA ALA A 78 -30.47 29.47 4.21
C ALA A 78 -31.16 30.57 3.42
N PRO A 79 -31.42 31.73 4.07
CA PRO A 79 -31.05 32.12 5.42
C PRO A 79 -32.05 31.73 6.51
N GLY A 80 -32.86 30.71 6.26
CA GLY A 80 -33.83 30.25 7.24
C GLY A 80 -34.79 31.37 7.60
N VAL A 81 -35.03 31.53 8.91
CA VAL A 81 -35.90 32.58 9.42
C VAL A 81 -35.11 33.69 10.10
N GLN A 82 -33.80 33.67 9.92
CA GLN A 82 -32.91 34.54 10.67
C GLN A 82 -32.86 35.99 10.23
N MET A 83 -33.37 36.30 9.04
CA MET A 83 -33.37 37.70 8.60
C MET A 83 -34.55 38.52 9.11
N PHE A 84 -35.58 37.85 9.63
CA PHE A 84 -36.80 38.51 10.06
C PHE A 84 -36.69 39.10 11.45
N ASP A 85 -37.63 39.96 11.83
CA ASP A 85 -37.68 40.40 13.22
C ASP A 85 -38.01 39.20 14.12
N ALA A 86 -37.84 39.38 15.43
CA ALA A 86 -37.97 38.25 16.36
C ALA A 86 -39.32 37.55 16.32
N GLU A 87 -40.42 38.31 16.36
CA GLU A 87 -41.73 37.68 16.40
C GLU A 87 -42.05 36.96 15.10
N THR A 88 -41.69 37.57 13.98
CA THR A 88 -41.90 36.96 12.67
C THR A 88 -41.07 35.69 12.52
N GLY A 89 -39.81 35.76 12.93
CA GLY A 89 -38.93 34.61 12.85
C GLY A 89 -39.44 33.45 13.70
N THR A 90 -39.87 33.78 14.91
CA THR A 90 -40.38 32.77 15.84
C THR A 90 -41.61 32.06 15.27
N ARG A 91 -42.58 32.83 14.79
CA ARG A 91 -43.77 32.25 14.20
C ARG A 91 -43.43 31.40 12.97
N LEU A 92 -42.58 31.91 12.09
CA LEU A 92 -42.27 31.16 10.88
C LEU A 92 -41.46 29.91 11.14
N ALA A 93 -40.60 29.93 12.16
CA ALA A 93 -39.85 28.73 12.49
C ALA A 93 -40.81 27.65 12.96
N ARG A 94 -41.76 28.04 13.80
CA ARG A 94 -42.74 27.09 14.31
C ARG A 94 -43.51 26.47 13.15
N ILE A 95 -43.97 27.31 12.23
CA ILE A 95 -44.74 26.85 11.07
C ILE A 95 -43.89 25.97 10.17
N ALA A 96 -42.67 26.42 9.88
CA ALA A 96 -41.77 25.66 9.03
C ALA A 96 -41.41 24.31 9.67
N ASN A 97 -41.33 24.27 11.00
CA ASN A 97 -41.06 23.01 11.69
C ASN A 97 -42.23 22.05 11.62
N ASP A 98 -43.45 22.56 11.76
CA ASP A 98 -44.63 21.73 11.59
C ASP A 98 -44.67 21.17 10.18
N LEU A 99 -44.38 22.03 9.19
CA LEU A 99 -44.41 21.59 7.80
C LEU A 99 -43.29 20.59 7.51
N MET A 100 -42.12 20.81 8.10
CA MET A 100 -41.04 19.83 7.98
C MET A 100 -41.45 18.47 8.55
N ALA A 101 -42.02 18.46 9.75
CA ALA A 101 -42.47 17.19 10.34
C ALA A 101 -43.53 16.50 9.49
N GLN A 102 -44.45 17.28 8.93
CA GLN A 102 -45.49 16.70 8.10
C GLN A 102 -44.94 16.17 6.78
N THR A 103 -43.95 16.86 6.23
CA THR A 103 -43.27 16.39 5.03
C THR A 103 -42.57 15.06 5.28
N VAL A 104 -41.83 15.01 6.39
CA VAL A 104 -41.16 13.78 6.76
C VAL A 104 -42.13 12.63 6.97
N ALA A 105 -43.21 12.88 7.71
CA ALA A 105 -44.19 11.86 8.02
C ALA A 105 -44.90 11.31 6.77
N ALA A 106 -44.94 12.10 5.71
CA ALA A 106 -45.55 11.65 4.46
C ALA A 106 -44.73 10.58 3.74
N ASN A 107 -43.42 10.60 3.93
CA ASN A 107 -42.53 9.63 3.27
C ASN A 107 -41.33 9.36 4.15
N PRO A 108 -41.55 8.73 5.31
CA PRO A 108 -40.51 8.67 6.34
C PRO A 108 -39.36 7.72 6.03
N THR A 109 -39.49 6.87 5.01
CA THR A 109 -38.37 6.04 4.60
C THR A 109 -37.45 6.77 3.62
N ARG A 110 -37.94 7.90 3.07
CA ARG A 110 -37.16 8.66 2.09
C ARG A 110 -36.71 10.02 2.60
N PHE A 111 -37.38 10.55 3.61
CA PHE A 111 -37.02 11.87 4.11
C PHE A 111 -36.90 11.90 5.61
N ALA A 112 -35.83 12.53 6.07
CA ALA A 112 -35.67 12.90 7.47
C ALA A 112 -35.62 14.42 7.50
N GLY A 113 -35.68 15.03 8.68
CA GLY A 113 -35.73 16.47 8.73
C GLY A 113 -35.07 17.13 9.92
N LEU A 114 -34.48 18.30 9.67
CA LEU A 114 -33.91 19.15 10.69
C LEU A 114 -34.85 20.30 10.94
N GLY A 115 -35.17 20.54 12.20
CA GLY A 115 -35.96 21.70 12.58
C GLY A 115 -35.07 22.91 12.69
N THR A 116 -35.66 24.10 12.68
CA THR A 116 -34.89 25.33 12.82
C THR A 116 -35.52 26.17 13.91
N PHE A 117 -35.00 27.37 14.11
CA PHE A 117 -35.48 28.24 15.16
C PHE A 117 -35.02 29.66 14.90
N ALA A 118 -35.54 30.59 15.68
CA ALA A 118 -35.20 32.00 15.52
C ALA A 118 -34.36 32.48 16.71
N PRO A 119 -33.01 32.43 16.57
CA PRO A 119 -32.13 32.82 17.68
C PRO A 119 -32.24 34.31 18.03
N GLN A 120 -32.94 35.10 17.21
CA GLN A 120 -33.29 36.48 17.56
C GLN A 120 -33.94 36.57 18.93
N ASP A 121 -34.64 35.50 19.32
CA ASP A 121 -35.32 35.42 20.60
C ASP A 121 -34.90 34.11 21.24
N PRO A 122 -33.80 34.12 22.01
CA PRO A 122 -33.25 32.88 22.53
C PRO A 122 -34.20 32.10 23.44
N ALA A 123 -34.97 32.79 24.27
CA ALA A 123 -35.87 32.10 25.19
C ALA A 123 -37.00 31.39 24.43
N SER A 124 -37.56 32.04 23.42
CA SER A 124 -38.59 31.39 22.60
C SER A 124 -38.00 30.27 21.76
N ALA A 125 -36.77 30.48 21.28
CA ALA A 125 -36.10 29.45 20.50
C ALA A 125 -35.89 28.19 21.33
N ALA A 126 -35.53 28.38 22.61
CA ALA A 126 -35.32 27.25 23.51
C ALA A 126 -36.57 26.38 23.66
N ARG A 127 -37.74 27.02 23.80
CA ARG A 127 -39.01 26.28 23.82
C ARG A 127 -39.23 25.51 22.52
N GLU A 128 -38.97 26.16 21.38
CA GLU A 128 -39.19 25.51 20.10
C GLU A 128 -38.25 24.32 19.89
N ILE A 129 -37.00 24.48 20.31
CA ILE A 129 -36.03 23.39 20.22
C ILE A 129 -36.54 22.18 20.99
N GLU A 130 -37.06 22.39 22.20
CA GLU A 130 -37.62 21.30 22.98
C GLU A 130 -38.80 20.66 22.25
N ARG A 131 -39.65 21.48 21.64
CA ARG A 131 -40.80 20.94 20.90
C ARG A 131 -40.36 20.12 19.69
N VAL A 132 -39.35 20.59 18.98
CA VAL A 132 -38.79 19.88 17.83
C VAL A 132 -38.31 18.49 18.25
N ALA A 133 -37.61 18.43 19.39
CA ALA A 133 -37.03 17.19 19.88
C ALA A 133 -38.08 16.21 20.41
N THR A 134 -39.01 16.71 21.23
CA THR A 134 -39.88 15.82 22.00
C THR A 134 -41.27 15.61 21.43
N GLN A 135 -41.78 16.60 20.69
CA GLN A 135 -43.13 16.51 20.17
C GLN A 135 -43.14 16.18 18.67
N LEU A 136 -42.38 16.93 17.89
CA LEU A 136 -42.26 16.67 16.45
C LEU A 136 -41.34 15.48 16.20
N ARG A 137 -40.44 15.22 17.14
CA ARG A 137 -39.50 14.11 17.04
C ARG A 137 -38.66 14.19 15.75
N LEU A 138 -38.28 15.39 15.38
CA LEU A 138 -37.41 15.59 14.23
C LEU A 138 -36.00 15.09 14.50
N ASN A 139 -35.19 15.02 13.44
CA ASN A 139 -33.93 14.30 13.47
C ASN A 139 -32.75 15.11 13.98
N GLY A 140 -32.92 16.42 14.02
CA GLY A 140 -31.86 17.30 14.46
C GLY A 140 -32.28 18.73 14.24
N LEU A 141 -31.30 19.63 14.24
CA LEU A 141 -31.57 21.06 14.08
C LEU A 141 -30.66 21.65 13.02
N VAL A 142 -31.08 22.78 12.44
CA VAL A 142 -30.26 23.52 11.49
C VAL A 142 -30.39 25.01 11.77
N ILE A 143 -29.27 25.70 11.65
CA ILE A 143 -29.24 27.15 11.74
C ILE A 143 -28.18 27.63 10.75
N ASN A 144 -28.33 28.84 10.23
CA ASN A 144 -27.44 29.34 9.17
C ASN A 144 -26.47 30.41 9.66
N SER A 145 -25.27 29.97 10.01
CA SER A 145 -24.25 30.76 10.67
C SER A 145 -24.82 31.90 11.54
N HIS A 146 -24.42 33.15 11.30
CA HIS A 146 -24.70 34.24 12.23
C HIS A 146 -26.19 34.59 12.37
N THR A 147 -26.53 35.19 13.50
CA THR A 147 -27.82 35.86 13.64
C THR A 147 -27.58 37.27 14.15
N ASN A 148 -28.17 38.25 13.49
CA ASN A 148 -28.04 39.65 13.86
C ASN A 148 -26.57 40.11 13.88
N ASP A 149 -25.78 39.47 13.03
CA ASP A 149 -24.36 39.79 12.86
C ASP A 149 -23.56 39.51 14.12
N LEU A 150 -24.05 38.56 14.91
CA LEU A 150 -23.33 38.05 16.07
C LEU A 150 -23.05 36.59 15.84
N TYR A 151 -21.94 36.11 16.43
CA TYR A 151 -21.56 34.71 16.33
C TYR A 151 -21.91 33.97 17.62
N TYR A 152 -21.79 32.64 17.59
CA TYR A 152 -22.38 31.81 18.64
C TYR A 152 -21.51 31.64 19.87
N ASP A 153 -20.41 32.40 19.94
CA ASP A 153 -19.70 32.61 21.19
C ASP A 153 -20.42 33.61 22.09
N ASP A 154 -21.31 34.41 21.53
CA ASP A 154 -21.94 35.48 22.30
C ASP A 154 -22.88 34.88 23.35
N PRO A 155 -22.73 35.28 24.62
CA PRO A 155 -23.57 34.77 25.71
C PRO A 155 -25.06 35.01 25.51
N PHE A 156 -25.42 35.95 24.64
CA PHE A 156 -26.82 36.15 24.28
C PHE A 156 -27.49 34.85 23.85
N PHE A 157 -26.74 33.96 23.21
CA PHE A 157 -27.30 32.73 22.68
C PHE A 157 -27.15 31.54 23.64
N HIS A 158 -26.62 31.77 24.84
CA HIS A 158 -26.50 30.66 25.78
C HIS A 158 -27.79 29.87 26.00
N PRO A 159 -28.95 30.56 26.13
CA PRO A 159 -30.18 29.75 26.31
C PRO A 159 -30.49 28.83 25.13
N VAL A 160 -30.09 29.21 23.92
CA VAL A 160 -30.27 28.33 22.77
C VAL A 160 -29.44 27.07 22.92
N PHE A 161 -28.15 27.24 23.22
CA PHE A 161 -27.25 26.11 23.30
C PHE A 161 -27.52 25.22 24.50
N GLU A 162 -27.99 25.81 25.60
CA GLU A 162 -28.44 25.03 26.73
C GLU A 162 -29.57 24.07 26.31
N ALA A 163 -30.53 24.59 25.57
CA ALA A 163 -31.65 23.77 25.12
C ALA A 163 -31.22 22.74 24.09
N ILE A 164 -30.32 23.10 23.18
CA ILE A 164 -29.84 22.16 22.19
C ILE A 164 -29.11 21.01 22.88
N GLU A 165 -28.18 21.35 23.78
CA GLU A 165 -27.48 20.31 24.53
C GLU A 165 -28.45 19.37 25.24
N ALA A 166 -29.43 19.92 25.93
CA ALA A 166 -30.36 19.12 26.70
C ALA A 166 -31.23 18.23 25.80
N SER A 167 -31.51 18.71 24.59
CA SER A 167 -32.38 17.97 23.68
C SER A 167 -31.72 16.72 23.12
N GLY A 168 -30.40 16.73 23.04
CA GLY A 168 -29.66 15.65 22.42
C GLY A 168 -29.60 15.75 20.90
N LEU A 169 -30.23 16.76 20.32
CA LEU A 169 -30.21 16.96 18.86
C LEU A 169 -28.89 17.59 18.39
N ALA A 170 -28.35 17.05 17.30
CA ALA A 170 -27.21 17.66 16.65
C ALA A 170 -27.65 18.93 15.93
N LEU A 171 -26.80 19.96 15.96
CA LEU A 171 -27.07 21.21 15.24
C LEU A 171 -26.19 21.33 14.02
N TYR A 172 -26.80 21.34 12.85
CA TYR A 172 -26.08 21.60 11.60
C TYR A 172 -25.95 23.11 11.48
N ILE A 173 -24.73 23.63 11.53
CA ILE A 173 -24.53 25.05 11.26
C ILE A 173 -24.19 25.21 9.80
N HIS A 174 -25.23 25.48 9.02
CA HIS A 174 -25.14 25.69 7.58
C HIS A 174 -24.62 27.10 7.32
N PRO A 175 -24.03 27.36 6.15
CA PRO A 175 -23.62 28.75 5.89
C PRO A 175 -24.77 29.73 5.66
N ARG A 176 -24.42 31.01 5.77
CA ARG A 176 -25.14 32.08 5.09
C ARG A 176 -24.04 33.04 4.65
N ALA A 177 -24.40 34.14 4.02
CA ALA A 177 -23.40 35.09 3.57
C ALA A 177 -22.67 35.72 4.76
N PRO A 178 -21.39 36.10 4.55
CA PRO A 178 -20.61 36.86 5.54
C PRO A 178 -21.42 37.95 6.25
N SER A 179 -21.32 37.99 7.57
CA SER A 179 -22.00 38.99 8.38
C SER A 179 -21.46 40.37 8.12
N LYS A 180 -22.09 41.38 8.73
CA LYS A 180 -21.67 42.76 8.55
C LYS A 180 -20.27 43.00 9.12
N GLN A 181 -19.82 42.11 10.00
CA GLN A 181 -18.49 42.23 10.56
C GLN A 181 -17.42 42.04 9.49
N ILE A 182 -17.75 41.27 8.46
CA ILE A 182 -16.75 40.88 7.47
C ILE A 182 -17.17 41.07 6.01
N ASP A 183 -18.41 41.51 5.76
CA ASP A 183 -18.91 41.47 4.40
C ASP A 183 -18.26 42.40 3.37
N ARG A 184 -17.56 43.44 3.82
CA ARG A 184 -16.93 44.40 2.89
C ARG A 184 -16.00 43.71 1.88
N ALA A 185 -15.34 42.64 2.32
CA ALA A 185 -14.37 41.93 1.48
C ALA A 185 -15.00 40.89 0.53
N PHE A 186 -16.32 40.75 0.60
CA PHE A 186 -17.02 39.71 -0.14
C PHE A 186 -18.08 40.23 -1.10
N ARG A 187 -17.93 41.49 -1.52
CA ARG A 187 -18.88 42.14 -2.43
C ARG A 187 -18.51 41.97 -3.91
N ASP A 188 -17.36 41.36 -4.18
CA ASP A 188 -16.87 41.26 -5.56
C ASP A 188 -16.71 39.81 -6.01
N TYR A 189 -16.80 39.61 -7.33
CA TYR A 189 -16.53 38.30 -7.95
C TYR A 189 -17.42 37.17 -7.45
N GLY A 190 -18.61 37.49 -6.97
CA GLY A 190 -19.53 36.49 -6.47
C GLY A 190 -19.13 35.86 -5.16
N MET A 191 -18.16 36.49 -4.48
CA MET A 191 -17.60 35.92 -3.27
C MET A 191 -18.53 35.92 -2.06
N ASN A 192 -19.70 36.54 -2.20
CA ASN A 192 -20.69 36.49 -1.12
C ASN A 192 -21.16 35.08 -0.82
N SER A 193 -21.06 34.21 -1.84
CA SER A 193 -21.79 32.95 -1.86
C SER A 193 -20.87 31.75 -1.56
N ALA A 194 -21.24 30.60 -2.11
CA ALA A 194 -20.55 29.34 -1.84
C ALA A 194 -19.09 29.30 -2.27
N ILE A 195 -18.73 30.09 -3.29
CA ILE A 195 -17.37 30.05 -3.81
C ILE A 195 -16.33 30.47 -2.76
N TRP A 196 -16.71 31.32 -1.80
CA TRP A 196 -15.72 31.72 -0.78
C TRP A 196 -16.33 32.22 0.53
N GLY A 197 -17.22 33.19 0.44
CA GLY A 197 -17.80 33.79 1.63
C GLY A 197 -18.47 32.82 2.58
N TYR A 198 -19.23 31.87 2.04
CA TYR A 198 -19.92 30.91 2.91
C TYR A 198 -18.96 30.19 3.86
N GLY A 199 -17.82 29.74 3.35
CA GLY A 199 -16.86 29.01 4.16
C GLY A 199 -16.17 29.87 5.18
N ILE A 200 -15.82 31.09 4.81
CA ILE A 200 -15.17 32.00 5.75
C ILE A 200 -16.10 32.38 6.90
N GLU A 201 -17.34 32.73 6.56
CA GLU A 201 -18.35 33.08 7.56
C GLU A 201 -18.59 31.94 8.55
N THR A 202 -18.80 30.73 8.03
CA THR A 202 -19.23 29.61 8.85
C THR A 202 -18.07 29.07 9.70
N SER A 203 -16.89 28.95 9.10
CA SER A 203 -15.73 28.48 9.83
C SER A 203 -15.34 29.47 10.93
N THR A 204 -15.43 30.76 10.65
CA THR A 204 -15.08 31.76 11.67
C THR A 204 -16.04 31.69 12.86
N ASN A 205 -17.32 31.52 12.58
CA ASN A 205 -18.32 31.31 13.62
C ASN A 205 -17.90 30.13 14.51
N ALA A 206 -17.62 28.99 13.88
CA ALA A 206 -17.25 27.80 14.63
C ALA A 206 -15.96 27.95 15.44
N VAL A 207 -14.97 28.61 14.85
CA VAL A 207 -13.72 28.84 15.59
C VAL A 207 -13.96 29.72 16.82
N ARG A 208 -14.79 30.76 16.68
CA ARG A 208 -15.14 31.59 17.82
C ARG A 208 -15.83 30.75 18.90
N MET A 209 -16.70 29.85 18.47
CA MET A 209 -17.40 28.98 19.43
C MET A 209 -16.40 28.14 20.22
N ILE A 210 -15.47 27.51 19.51
CA ILE A 210 -14.48 26.70 20.18
C ILE A 210 -13.59 27.53 21.12
N LEU A 211 -13.00 28.60 20.61
CA LEU A 211 -12.06 29.38 21.39
C LEU A 211 -12.69 30.09 22.59
N SER A 212 -13.99 30.36 22.51
CA SER A 212 -14.70 31.03 23.60
C SER A 212 -14.98 30.09 24.77
N GLY A 213 -14.79 28.78 24.56
CA GLY A 213 -15.06 27.81 25.62
C GLY A 213 -16.49 27.33 25.66
N LEU A 214 -17.23 27.53 24.58
CA LEU A 214 -18.62 27.15 24.54
C LEU A 214 -18.78 25.65 24.82
N PHE A 215 -17.80 24.87 24.36
CA PHE A 215 -17.87 23.42 24.57
C PHE A 215 -17.38 22.92 25.92
N ASP A 216 -16.82 23.81 26.74
CA ASP A 216 -16.65 23.48 28.15
C ASP A 216 -17.95 23.78 28.89
N ARG A 217 -18.67 24.80 28.46
CA ARG A 217 -19.95 25.14 29.07
C ARG A 217 -21.02 24.11 28.72
N PHE A 218 -21.01 23.66 27.46
CA PHE A 218 -21.99 22.68 26.97
C PHE A 218 -21.27 21.53 26.30
N PRO A 219 -20.64 20.65 27.10
CA PRO A 219 -19.75 19.64 26.54
C PRO A 219 -20.45 18.54 25.76
N ARG A 220 -21.78 18.42 25.87
CA ARG A 220 -22.49 17.40 25.11
C ARG A 220 -23.10 17.91 23.80
N LEU A 221 -22.83 19.16 23.43
CA LEU A 221 -23.27 19.66 22.14
C LEU A 221 -22.71 18.83 20.99
N LYS A 222 -23.52 18.60 19.96
CA LYS A 222 -23.01 18.05 18.72
C LYS A 222 -23.31 19.04 17.59
N ILE A 223 -22.25 19.46 16.91
CA ILE A 223 -22.33 20.42 15.82
C ILE A 223 -21.90 19.74 14.53
N VAL A 224 -22.62 20.01 13.44
CA VAL A 224 -22.25 19.45 12.15
C VAL A 224 -21.94 20.59 11.17
N LEU A 225 -20.83 20.46 10.46
CA LEU A 225 -20.44 21.44 9.45
C LEU A 225 -20.30 20.80 8.06
N GLY A 226 -20.94 21.41 7.07
CA GLY A 226 -20.85 20.95 5.71
C GLY A 226 -19.56 21.40 5.01
N HIS A 227 -19.49 21.12 3.71
CA HIS A 227 -18.38 21.61 2.89
C HIS A 227 -17.04 21.20 3.47
N MET A 228 -16.97 19.89 3.76
CA MET A 228 -15.80 19.25 4.36
C MET A 228 -15.34 20.00 5.61
N GLY A 229 -16.31 20.32 6.45
CA GLY A 229 -16.05 20.97 7.72
C GLY A 229 -15.64 22.42 7.61
N GLU A 230 -16.02 23.05 6.49
CA GLU A 230 -15.65 24.45 6.22
C GLU A 230 -14.15 24.67 6.39
N ALA A 231 -13.40 23.63 6.02
CA ALA A 231 -11.93 23.58 6.05
C ALA A 231 -11.27 23.58 7.41
N ILE A 232 -12.07 23.65 8.47
CA ILE A 232 -11.47 23.53 9.81
C ILE A 232 -10.61 22.25 9.99
N PRO A 233 -11.01 21.11 9.38
CA PRO A 233 -10.13 19.93 9.53
C PRO A 233 -8.71 20.17 9.02
N PHE A 234 -8.54 21.07 8.04
CA PHE A 234 -7.22 21.31 7.47
C PHE A 234 -6.36 22.12 8.43
N TRP A 235 -7.01 22.93 9.26
CA TRP A 235 -6.32 23.89 10.14
C TRP A 235 -6.04 23.39 11.56
N LEU A 236 -6.36 22.13 11.85
CA LEU A 236 -6.30 21.63 13.23
C LEU A 236 -4.94 21.81 13.91
N TRP A 237 -3.87 21.47 13.21
CA TRP A 237 -2.55 21.53 13.84
C TRP A 237 -2.19 22.98 14.27
N ARG A 238 -2.45 23.93 13.38
CA ARG A 238 -2.15 25.34 13.64
C ARG A 238 -3.05 25.93 14.72
N LEU A 239 -4.33 25.57 14.71
CA LEU A 239 -5.24 25.98 15.78
C LEU A 239 -4.68 25.53 17.13
N ASP A 240 -4.21 24.29 17.20
CA ASP A 240 -3.66 23.77 18.45
C ASP A 240 -2.33 24.46 18.76
N TYR A 241 -1.46 24.58 17.77
CA TYR A 241 -0.15 25.15 18.03
C TYR A 241 -0.24 26.56 18.59
N MET A 242 -1.09 27.40 17.99
CA MET A 242 -1.14 28.80 18.34
C MET A 242 -2.02 29.10 19.54
N HIS A 243 -2.68 28.09 20.10
CA HIS A 243 -3.61 28.33 21.19
C HIS A 243 -2.92 28.89 22.44
N GLY A 244 -1.70 28.44 22.72
CA GLY A 244 -0.92 29.01 23.81
C GLY A 244 -0.76 30.51 23.71
N ASN A 245 -0.41 31.00 22.52
CA ASN A 245 -0.29 32.44 22.34
C ASN A 245 -1.63 33.13 22.54
N ALA A 246 -2.71 32.51 22.08
CA ALA A 246 -4.03 33.10 22.22
C ALA A 246 -4.43 33.27 23.68
N THR A 247 -4.14 32.28 24.52
CA THR A 247 -4.52 32.36 25.92
C THR A 247 -3.53 33.20 26.74
N THR A 248 -2.28 33.24 26.29
CA THR A 248 -1.23 33.98 27.01
C THR A 248 -1.31 35.48 26.70
N PHE A 249 -1.40 35.83 25.42
CA PHE A 249 -1.35 37.24 25.02
C PHE A 249 -2.67 37.80 24.50
N GLY A 250 -3.61 36.94 24.13
CA GLY A 250 -4.78 37.35 23.37
C GLY A 250 -6.10 37.34 24.11
N GLY A 251 -6.07 37.07 25.41
CA GLY A 251 -7.29 37.08 26.19
C GLY A 251 -8.23 35.92 25.87
N ALA A 252 -7.74 34.89 25.19
CA ALA A 252 -8.55 33.69 24.99
C ALA A 252 -8.64 32.96 26.32
N PRO A 253 -9.83 32.46 26.66
CA PRO A 253 -9.96 31.81 27.97
C PRO A 253 -9.27 30.46 27.98
N LYS A 254 -8.91 30.00 29.18
CA LYS A 254 -8.29 28.70 29.33
C LYS A 254 -9.32 27.61 29.12
N LEU A 255 -8.96 26.61 28.33
CA LEU A 255 -9.85 25.54 27.92
C LEU A 255 -9.40 24.20 28.49
N LYS A 256 -10.35 23.31 28.71
CA LYS A 256 -10.03 21.98 29.24
C LYS A 256 -9.28 21.15 28.21
N LEU A 257 -9.67 21.25 26.94
CA LEU A 257 -9.09 20.46 25.86
C LEU A 257 -8.38 21.36 24.87
N LYS A 258 -7.70 20.74 23.91
CA LYS A 258 -7.13 21.50 22.79
C LYS A 258 -8.23 21.80 21.76
N PRO A 259 -8.06 22.89 20.98
CA PRO A 259 -9.03 23.20 19.92
C PRO A 259 -9.41 22.00 19.04
N SER A 260 -8.43 21.22 18.58
CA SER A 260 -8.71 20.10 17.68
C SER A 260 -9.46 19.01 18.42
N GLU A 261 -9.26 18.93 19.73
CA GLU A 261 -9.98 17.95 20.54
C GLU A 261 -11.46 18.28 20.68
N TYR A 262 -11.79 19.56 20.82
CA TYR A 262 -13.19 19.96 20.69
C TYR A 262 -13.73 19.61 19.32
N PHE A 263 -12.93 19.85 18.28
CA PHE A 263 -13.45 19.61 16.94
C PHE A 263 -13.77 18.13 16.78
N ARG A 264 -12.89 17.25 17.26
CA ARG A 264 -13.16 15.82 17.10
C ARG A 264 -14.25 15.33 18.07
N ARG A 265 -14.32 15.89 19.27
CA ARG A 265 -15.29 15.44 20.27
C ARG A 265 -16.70 15.94 19.95
N ASN A 266 -16.80 17.22 19.61
CA ASN A 266 -18.09 17.91 19.49
C ASN A 266 -18.60 18.14 18.08
N PHE A 267 -17.75 17.93 17.07
CA PHE A 267 -18.18 18.18 15.70
C PHE A 267 -18.13 16.92 14.85
N ALA A 268 -18.96 16.93 13.80
CA ALA A 268 -18.81 16.02 12.68
C ALA A 268 -18.98 16.88 11.42
N ILE A 269 -18.58 16.33 10.28
CA ILE A 269 -18.59 17.08 9.03
C ILE A 269 -19.35 16.36 7.94
N THR A 270 -19.74 17.09 6.91
CA THR A 270 -20.28 16.47 5.70
C THR A 270 -19.48 16.89 4.47
N THR A 271 -19.68 16.15 3.39
CA THR A 271 -18.96 16.38 2.15
C THR A 271 -19.68 17.28 1.16
N SER A 272 -20.76 17.95 1.58
CA SER A 272 -21.53 18.79 0.66
C SER A 272 -20.62 19.74 -0.11
N GLY A 273 -20.74 19.76 -1.43
CA GLY A 273 -19.97 20.69 -2.23
C GLY A 273 -18.48 20.49 -2.29
N VAL A 274 -17.99 19.37 -1.77
CA VAL A 274 -16.56 19.04 -1.80
C VAL A 274 -16.40 17.59 -2.23
N GLU A 275 -16.61 17.37 -3.52
CA GLU A 275 -16.56 16.02 -4.08
C GLU A 275 -15.13 15.69 -4.49
N SER A 276 -14.27 15.65 -3.48
CA SER A 276 -12.84 15.38 -3.66
C SER A 276 -12.44 14.16 -2.87
N HIS A 277 -12.00 13.11 -3.56
CA HIS A 277 -11.51 11.94 -2.84
C HIS A 277 -10.32 12.27 -1.94
N ALA A 278 -9.47 13.18 -2.37
CA ALA A 278 -8.29 13.55 -1.58
C ALA A 278 -8.70 14.25 -0.29
N ALA A 279 -9.66 15.16 -0.37
CA ALA A 279 -10.11 15.88 0.82
C ALA A 279 -10.87 14.93 1.73
N LEU A 280 -11.60 13.99 1.14
CA LEU A 280 -12.35 13.00 1.91
C LEU A 280 -11.38 12.12 2.69
N ARG A 281 -10.34 11.63 2.02
N ARG A 281 -10.34 11.64 2.01
CA ARG A 281 -9.34 10.81 2.69
CA ARG A 281 -9.31 10.81 2.64
C ARG A 281 -8.68 11.58 3.84
C ARG A 281 -8.62 11.55 3.79
N TYR A 282 -8.26 12.82 3.56
CA TYR A 282 -7.62 13.65 4.58
C TYR A 282 -8.54 13.76 5.82
N SER A 283 -9.81 14.03 5.58
CA SER A 283 -10.76 14.24 6.68
C SER A 283 -10.97 12.98 7.51
N ILE A 284 -11.10 11.84 6.83
CA ILE A 284 -11.20 10.57 7.54
C ILE A 284 -9.97 10.32 8.39
N GLU A 285 -8.79 10.64 7.85
N GLU A 285 -8.79 10.62 7.84
CA GLU A 285 -7.54 10.42 8.58
CA GLU A 285 -7.55 10.43 8.59
C GLU A 285 -7.39 11.26 9.85
C GLU A 285 -7.53 11.23 9.88
N VAL A 286 -7.78 12.54 9.79
CA VAL A 286 -7.60 13.42 10.94
C VAL A 286 -8.79 13.47 11.88
N LEU A 287 -9.99 13.15 11.41
CA LEU A 287 -11.18 13.17 12.26
C LEU A 287 -11.66 11.81 12.71
N GLY A 288 -11.28 10.77 11.96
CA GLY A 288 -11.83 9.45 12.19
C GLY A 288 -13.01 9.22 11.26
N PRO A 289 -13.18 7.96 10.80
CA PRO A 289 -14.26 7.66 9.86
C PRO A 289 -15.67 7.87 10.43
N GLU A 290 -15.84 7.87 11.74
CA GLU A 290 -17.15 8.10 12.36
C GLU A 290 -17.62 9.55 12.25
N ASN A 291 -16.72 10.46 11.87
CA ASN A 291 -17.04 11.89 11.90
C ASN A 291 -17.27 12.54 10.54
N VAL A 292 -17.37 11.71 9.49
CA VAL A 292 -17.58 12.23 8.15
C VAL A 292 -18.84 11.65 7.53
N MET A 293 -19.72 12.53 7.04
CA MET A 293 -20.98 12.12 6.41
C MET A 293 -21.07 12.63 4.99
N TRP A 294 -21.79 11.89 4.16
CA TRP A 294 -22.03 12.30 2.79
C TRP A 294 -23.21 13.26 2.69
N ALA A 295 -23.15 14.15 1.69
CA ALA A 295 -24.26 15.06 1.39
C ALA A 295 -24.22 15.43 -0.08
N ILE A 296 -25.28 16.07 -0.58
CA ILE A 296 -25.33 16.51 -1.97
C ILE A 296 -25.32 18.04 -2.07
N ASP A 297 -26.01 18.71 -1.16
CA ASP A 297 -26.35 20.13 -1.28
C ASP A 297 -27.37 20.38 -2.41
N TYR A 298 -28.29 19.43 -2.60
CA TYR A 298 -29.40 19.60 -3.53
C TYR A 298 -30.36 20.66 -2.94
N PRO A 299 -31.00 21.50 -3.79
CA PRO A 299 -30.98 21.56 -5.25
C PRO A 299 -29.91 22.49 -5.82
N TYR A 300 -29.03 22.97 -4.96
CA TYR A 300 -27.97 23.87 -5.40
C TYR A 300 -26.87 23.14 -6.18
N GLN A 301 -26.76 21.83 -5.96
CA GLN A 301 -25.89 20.96 -6.74
C GLN A 301 -26.67 19.73 -7.18
N PRO A 302 -26.25 19.10 -8.28
CA PRO A 302 -26.95 17.91 -8.79
C PRO A 302 -26.58 16.63 -8.06
N MET A 303 -27.51 15.69 -8.04
CA MET A 303 -27.32 14.44 -7.29
C MET A 303 -26.32 13.48 -7.91
N ALA A 304 -26.37 13.28 -9.23
CA ALA A 304 -25.55 12.21 -9.84
C ALA A 304 -24.06 12.30 -9.53
N PRO A 305 -23.44 13.49 -9.72
CA PRO A 305 -22.00 13.54 -9.43
C PRO A 305 -21.70 13.31 -7.95
N ALA A 306 -22.57 13.78 -7.07
CA ALA A 306 -22.32 13.59 -5.63
C ALA A 306 -22.40 12.12 -5.26
N VAL A 307 -23.39 11.44 -5.82
CA VAL A 307 -23.55 10.00 -5.62
C VAL A 307 -22.35 9.24 -6.16
N GLN A 308 -21.92 9.57 -7.37
CA GLN A 308 -20.82 8.83 -7.98
C GLN A 308 -19.51 9.09 -7.25
N PHE A 309 -19.38 10.28 -6.67
CA PHE A 309 -18.22 10.60 -5.83
C PHE A 309 -18.08 9.62 -4.66
N ILE A 310 -19.15 9.37 -3.92
CA ILE A 310 -19.05 8.44 -2.79
C ILE A 310 -19.02 6.97 -3.24
N ARG A 311 -19.78 6.60 -4.27
CA ARG A 311 -19.78 5.21 -4.74
C ARG A 311 -18.40 4.77 -5.23
N THR A 312 -17.61 5.73 -5.71
CA THR A 312 -16.29 5.41 -6.24
C THR A 312 -15.16 5.79 -5.29
N ALA A 313 -15.46 6.16 -4.05
CA ALA A 313 -14.41 6.60 -3.15
C ALA A 313 -13.41 5.47 -2.85
N PRO A 314 -12.11 5.78 -2.87
CA PRO A 314 -11.07 4.76 -2.68
C PRO A 314 -10.84 4.51 -1.18
N ILE A 315 -11.86 3.94 -0.56
CA ILE A 315 -11.88 3.61 0.85
C ILE A 315 -12.56 2.25 0.97
N PRO A 316 -12.30 1.52 2.07
CA PRO A 316 -12.91 0.19 2.22
C PRO A 316 -14.42 0.28 2.28
N GLU A 317 -15.11 -0.79 1.94
CA GLU A 317 -16.57 -0.79 1.90
C GLU A 317 -17.21 -0.47 3.25
N ASP A 318 -16.62 -0.94 4.34
CA ASP A 318 -17.23 -0.63 5.63
C ASP A 318 -17.14 0.85 5.99
N VAL A 319 -16.00 1.48 5.70
CA VAL A 319 -15.85 2.91 5.92
C VAL A 319 -16.77 3.67 4.98
N LYS A 320 -16.90 3.17 3.75
CA LYS A 320 -17.77 3.84 2.77
C LYS A 320 -19.22 3.81 3.26
N ALA A 321 -19.64 2.70 3.86
CA ALA A 321 -21.01 2.61 4.38
C ALA A 321 -21.23 3.62 5.52
N MET A 322 -20.20 3.80 6.36
CA MET A 322 -20.28 4.77 7.45
C MET A 322 -20.47 6.18 6.88
N VAL A 323 -19.63 6.55 5.93
CA VAL A 323 -19.71 7.88 5.33
C VAL A 323 -21.01 8.08 4.55
N ALA A 324 -21.40 7.07 3.77
CA ALA A 324 -22.59 7.20 2.92
C ALA A 324 -23.88 7.35 3.71
N GLY A 325 -23.96 6.75 4.88
CA GLY A 325 -25.20 6.78 5.64
C GLY A 325 -25.18 6.34 7.09
N GLY A 326 -24.25 5.46 7.45
CA GLY A 326 -24.21 4.93 8.81
C GLY A 326 -24.02 5.99 9.88
N ASN A 327 -23.07 6.88 9.64
CA ASN A 327 -22.83 7.98 10.58
C ASN A 327 -24.04 8.90 10.71
N ALA A 328 -24.65 9.23 9.57
CA ALA A 328 -25.87 10.04 9.59
C ALA A 328 -27.00 9.37 10.38
N ALA A 329 -27.17 8.06 10.21
CA ALA A 329 -28.23 7.36 10.93
C ALA A 329 -28.04 7.47 12.44
N ARG A 330 -26.78 7.39 12.88
CA ARG A 330 -26.45 7.56 14.29
C ARG A 330 -26.66 8.99 14.75
N ILE A 331 -26.01 9.92 14.08
CA ILE A 331 -26.01 11.33 14.50
C ILE A 331 -27.39 11.97 14.41
N PHE A 332 -28.15 11.58 13.40
CA PHE A 332 -29.46 12.18 13.15
C PHE A 332 -30.66 11.26 13.41
N ARG A 333 -30.45 10.24 14.23
CA ARG A 333 -31.58 9.46 14.77
C ARG A 333 -32.44 8.85 13.66
N ILE A 334 -31.80 8.24 12.67
CA ILE A 334 -32.53 7.61 11.57
C ILE A 334 -32.45 6.10 11.74
N THR A 335 -33.59 5.43 11.63
CA THR A 335 -33.63 3.98 11.65
C THR A 335 -33.33 3.45 10.25
N SER B 1 -17.72 -21.04 -0.39
CA SER B 1 -18.76 -20.20 0.19
C SER B 1 -18.95 -18.90 -0.58
N LEU B 2 -17.95 -18.53 -1.40
CA LEU B 2 -18.11 -17.42 -2.33
C LEU B 2 -19.23 -17.78 -3.30
N ARG B 3 -20.28 -16.97 -3.35
CA ARG B 3 -21.39 -17.23 -4.26
C ARG B 3 -21.10 -16.67 -5.64
N LEU B 4 -20.96 -17.58 -6.60
CA LEU B 4 -20.64 -17.23 -7.97
C LEU B 4 -21.89 -17.33 -8.82
N ILE B 5 -22.33 -16.20 -9.36
CA ILE B 5 -23.44 -16.11 -10.29
C ILE B 5 -22.90 -15.59 -11.62
N ALA B 6 -22.79 -16.47 -12.62
CA ALA B 6 -22.24 -16.08 -13.91
C ALA B 6 -23.33 -15.41 -14.75
N THR B 7 -23.04 -14.25 -15.31
CA THR B 7 -24.11 -13.41 -15.86
C THR B 7 -24.25 -13.34 -17.40
N GLU B 8 -23.39 -14.02 -18.15
CA GLU B 8 -23.49 -13.95 -19.63
C GLU B 8 -23.41 -15.34 -20.24
N GLU B 9 -24.35 -16.19 -19.84
CA GLU B 9 -24.22 -17.62 -20.10
C GLU B 9 -25.26 -18.01 -21.13
N ALA B 10 -24.77 -18.34 -22.32
CA ALA B 10 -25.65 -18.54 -23.47
C ALA B 10 -26.34 -19.89 -23.46
N VAL B 11 -27.56 -19.91 -24.01
CA VAL B 11 -28.33 -21.11 -24.18
C VAL B 11 -29.04 -21.01 -25.52
N THR B 12 -29.51 -22.13 -26.06
CA THR B 12 -30.45 -22.05 -27.17
C THR B 12 -31.54 -23.10 -27.01
N PHE B 13 -32.52 -23.07 -27.90
CA PHE B 13 -33.68 -23.97 -27.85
C PHE B 13 -33.94 -24.45 -29.27
N GLN B 14 -34.48 -25.66 -29.40
CA GLN B 14 -34.64 -26.25 -30.73
C GLN B 14 -35.42 -25.41 -31.75
N PRO B 15 -36.50 -24.72 -31.34
CA PRO B 15 -37.19 -23.95 -32.38
C PRO B 15 -36.35 -22.82 -32.95
N VAL B 16 -35.47 -22.24 -32.13
CA VAL B 16 -34.58 -21.19 -32.62
C VAL B 16 -33.48 -21.80 -33.48
N VAL B 17 -32.92 -22.93 -33.04
CA VAL B 17 -31.93 -23.65 -33.82
C VAL B 17 -32.48 -23.97 -35.21
N ASP B 18 -33.70 -24.51 -35.27
CA ASP B 18 -34.28 -24.90 -36.56
C ASP B 18 -34.42 -23.68 -37.46
N ALA B 19 -34.82 -22.56 -36.88
CA ALA B 19 -35.03 -21.35 -37.68
C ALA B 19 -33.71 -20.78 -38.19
N LEU B 20 -32.67 -20.82 -37.35
CA LEU B 20 -31.35 -20.36 -37.78
C LEU B 20 -30.72 -21.27 -38.83
N ARG B 21 -30.95 -22.58 -38.71
CA ARG B 21 -30.47 -23.51 -39.74
C ARG B 21 -31.09 -23.17 -41.10
N ALA B 22 -32.40 -22.95 -41.12
CA ALA B 22 -33.05 -22.52 -42.36
C ALA B 22 -32.45 -21.19 -42.84
N HIS B 23 -32.28 -20.25 -41.91
CA HIS B 23 -31.78 -18.93 -42.27
C HIS B 23 -30.38 -19.00 -42.85
N SER B 24 -29.59 -19.95 -42.36
CA SER B 24 -28.20 -20.11 -42.79
C SER B 24 -28.07 -20.39 -44.28
N ARG B 25 -29.15 -20.87 -44.90
CA ARG B 25 -29.12 -21.24 -46.31
C ARG B 25 -29.46 -20.08 -47.23
N THR B 26 -29.88 -18.96 -46.65
CA THR B 26 -30.37 -17.82 -47.43
C THR B 26 -29.27 -16.84 -47.84
N ASP B 27 -29.65 -15.83 -48.63
CA ASP B 27 -28.70 -14.84 -49.14
C ASP B 27 -28.49 -13.61 -48.25
N ASP B 28 -28.83 -13.72 -46.97
CA ASP B 28 -28.69 -12.61 -46.04
C ASP B 28 -27.23 -12.16 -46.03
N ALA B 29 -27.01 -10.84 -46.19
CA ALA B 29 -25.67 -10.27 -46.22
C ALA B 29 -25.17 -9.81 -44.85
N SER B 30 -26.00 -9.97 -43.81
CA SER B 30 -25.56 -9.62 -42.46
C SER B 30 -24.27 -10.33 -42.10
N LEU B 31 -23.36 -9.61 -41.45
CA LEU B 31 -22.07 -10.17 -41.04
C LEU B 31 -22.24 -11.31 -40.02
N ASP B 32 -23.40 -11.38 -39.35
CA ASP B 32 -23.67 -12.50 -38.46
C ASP B 32 -23.78 -13.82 -39.20
N MET B 33 -23.93 -13.77 -40.53
CA MET B 33 -24.02 -15.02 -41.28
C MET B 33 -22.76 -15.88 -41.17
N ILE B 34 -21.63 -15.25 -40.82
CA ILE B 34 -20.41 -16.02 -40.58
C ILE B 34 -20.60 -16.94 -39.38
N LEU B 35 -20.95 -16.37 -38.24
CA LEU B 35 -21.31 -17.15 -37.06
C LEU B 35 -22.42 -18.15 -37.37
N VAL B 36 -23.47 -17.68 -38.02
CA VAL B 36 -24.63 -18.55 -38.25
C VAL B 36 -24.30 -19.79 -39.08
N ARG B 37 -23.48 -19.62 -40.12
N ARG B 37 -23.47 -19.63 -40.12
CA ARG B 37 -23.04 -20.76 -40.92
CA ARG B 37 -23.07 -20.79 -40.91
C ARG B 37 -22.13 -21.68 -40.10
C ARG B 37 -22.10 -21.69 -40.13
N ASP B 38 -21.21 -21.08 -39.35
CA ASP B 38 -20.26 -21.85 -38.52
C ASP B 38 -20.93 -22.72 -37.46
N VAL B 39 -22.06 -22.26 -36.93
CA VAL B 39 -22.70 -22.95 -35.82
C VAL B 39 -23.98 -23.68 -36.25
N TYR B 40 -24.83 -23.01 -37.04
CA TYR B 40 -26.15 -23.55 -37.38
C TYR B 40 -26.26 -24.10 -38.78
N GLY B 41 -25.20 -23.96 -39.56
CA GLY B 41 -25.20 -24.36 -40.95
C GLY B 41 -25.14 -25.86 -41.16
N ASP B 42 -25.30 -26.28 -42.41
CA ASP B 42 -25.31 -27.69 -42.78
C ASP B 42 -23.94 -28.34 -42.84
N GLU B 43 -22.89 -27.53 -42.97
CA GLU B 43 -21.53 -28.05 -42.86
C GLU B 43 -20.76 -27.17 -41.90
N PRO B 44 -21.12 -27.23 -40.61
CA PRO B 44 -20.64 -26.21 -39.67
C PRO B 44 -19.20 -26.42 -39.23
N ALA B 45 -18.43 -25.34 -39.21
CA ALA B 45 -17.05 -25.39 -38.74
C ALA B 45 -17.00 -25.64 -37.24
N ARG B 46 -18.08 -25.33 -36.54
CA ARG B 46 -18.14 -25.48 -35.08
C ARG B 46 -19.33 -26.39 -34.69
N PRO B 47 -19.24 -27.67 -35.06
CA PRO B 47 -20.42 -28.54 -35.03
C PRO B 47 -20.92 -28.92 -33.63
N ALA B 48 -20.08 -28.81 -32.61
CA ALA B 48 -20.49 -29.19 -31.26
C ALA B 48 -21.18 -28.05 -30.51
N MET B 49 -21.15 -26.85 -31.08
CA MET B 49 -21.63 -25.69 -30.34
C MET B 49 -23.13 -25.72 -30.03
N ILE B 50 -23.96 -26.16 -30.98
CA ILE B 50 -25.39 -26.26 -30.71
C ILE B 50 -25.66 -27.14 -29.48
N GLY B 51 -25.01 -28.29 -29.41
CA GLY B 51 -25.19 -29.18 -28.28
C GLY B 51 -24.77 -28.53 -26.96
N ARG B 52 -23.67 -27.79 -26.98
CA ARG B 52 -23.19 -27.14 -25.77
C ARG B 52 -24.10 -26.00 -25.33
N LEU B 53 -24.60 -25.24 -26.30
CA LEU B 53 -25.60 -24.20 -26.02
C LEU B 53 -26.91 -24.78 -25.48
N SER B 54 -27.34 -25.90 -26.04
CA SER B 54 -28.65 -26.46 -25.71
C SER B 54 -28.66 -27.12 -24.34
N ASP B 55 -27.52 -27.67 -23.96
CA ASP B 55 -27.41 -28.40 -22.70
C ASP B 55 -27.46 -27.46 -21.51
N VAL B 56 -28.31 -27.78 -20.53
CA VAL B 56 -28.38 -27.02 -19.30
C VAL B 56 -28.07 -27.91 -18.08
N THR B 57 -28.71 -29.07 -18.01
CA THR B 57 -28.62 -29.91 -16.81
C THR B 57 -27.61 -31.06 -16.90
N GLY B 58 -26.91 -31.17 -18.02
CA GLY B 58 -25.90 -32.20 -18.21
C GLY B 58 -24.50 -31.67 -17.93
N GLU B 59 -23.69 -31.57 -18.97
CA GLU B 59 -22.31 -31.11 -18.84
C GLU B 59 -22.20 -29.72 -18.22
N ARG B 60 -23.14 -28.82 -18.55
CA ARG B 60 -23.09 -27.49 -17.98
C ARG B 60 -23.17 -27.55 -16.45
N LEU B 61 -24.16 -28.27 -15.95
CA LEU B 61 -24.33 -28.37 -14.51
C LEU B 61 -23.14 -29.12 -13.88
N ALA B 62 -22.65 -30.13 -14.57
CA ALA B 62 -21.48 -30.87 -14.06
C ALA B 62 -20.26 -29.94 -13.92
N GLU B 63 -20.03 -29.09 -14.93
N GLU B 63 -20.06 -29.09 -14.92
CA GLU B 63 -18.92 -28.15 -14.85
CA GLU B 63 -18.96 -28.14 -14.89
C GLU B 63 -19.14 -27.11 -13.76
C GLU B 63 -19.15 -27.10 -13.80
N MET B 64 -20.38 -26.66 -13.61
CA MET B 64 -20.69 -25.74 -12.52
C MET B 64 -20.34 -26.37 -11.17
N ASP B 65 -20.74 -27.62 -10.99
CA ASP B 65 -20.47 -28.34 -9.75
C ASP B 65 -18.96 -28.55 -9.54
N SER B 66 -18.25 -28.91 -10.60
CA SER B 66 -16.81 -29.15 -10.48
C SER B 66 -16.03 -27.89 -10.15
N ASN B 67 -16.56 -26.73 -10.53
CA ASN B 67 -15.89 -25.46 -10.29
C ASN B 67 -16.50 -24.60 -9.19
N GLY B 68 -17.53 -25.11 -8.53
CA GLY B 68 -18.15 -24.36 -7.45
C GLY B 68 -18.90 -23.14 -7.91
N VAL B 69 -19.49 -23.22 -9.10
CA VAL B 69 -20.31 -22.13 -9.62
C VAL B 69 -21.76 -22.34 -9.15
N ASP B 70 -22.32 -21.37 -8.43
CA ASP B 70 -23.68 -21.52 -7.90
C ASP B 70 -24.74 -21.42 -9.01
N MET B 71 -24.61 -20.42 -9.86
CA MET B 71 -25.67 -20.16 -10.84
C MET B 71 -25.15 -19.70 -12.18
N HIS B 72 -25.92 -20.00 -13.23
CA HIS B 72 -25.82 -19.31 -14.51
C HIS B 72 -27.07 -18.48 -14.71
N LEU B 73 -26.88 -17.22 -15.08
CA LEU B 73 -27.94 -16.39 -15.62
C LEU B 73 -27.96 -16.63 -17.14
N LEU B 74 -28.99 -17.34 -17.59
CA LEU B 74 -29.05 -17.80 -18.97
C LEU B 74 -29.64 -16.76 -19.90
N SER B 75 -29.15 -16.72 -21.14
CA SER B 75 -29.67 -15.80 -22.15
C SER B 75 -29.66 -16.50 -23.51
N LEU B 76 -30.71 -16.33 -24.31
CA LEU B 76 -30.70 -16.87 -25.66
C LEU B 76 -29.50 -16.27 -26.40
N THR B 77 -28.70 -17.14 -26.97
CA THR B 77 -27.43 -16.74 -27.56
C THR B 77 -27.62 -15.80 -28.76
N ALA B 78 -26.64 -14.93 -28.98
CA ALA B 78 -26.69 -14.07 -30.17
C ALA B 78 -26.74 -14.94 -31.41
N PRO B 79 -27.46 -14.51 -32.45
CA PRO B 79 -28.12 -13.22 -32.64
C PRO B 79 -29.58 -13.21 -32.19
N GLY B 80 -29.92 -14.09 -31.26
CA GLY B 80 -31.27 -14.12 -30.71
C GLY B 80 -32.29 -14.38 -31.80
N VAL B 81 -33.37 -13.61 -31.81
CA VAL B 81 -34.39 -13.71 -32.83
C VAL B 81 -34.35 -12.52 -33.77
N GLN B 82 -33.25 -11.76 -33.72
CA GLN B 82 -33.19 -10.48 -34.43
C GLN B 82 -32.94 -10.55 -35.94
N MET B 83 -32.49 -11.71 -36.44
CA MET B 83 -32.23 -11.81 -37.88
C MET B 83 -33.47 -12.15 -38.70
N PHE B 84 -34.53 -12.59 -38.02
CA PHE B 84 -35.72 -13.05 -38.71
C PHE B 84 -36.62 -11.87 -39.11
N ASP B 85 -37.60 -12.11 -39.96
CA ASP B 85 -38.60 -11.07 -40.22
C ASP B 85 -39.41 -10.83 -38.94
N ALA B 86 -40.20 -9.76 -38.92
CA ALA B 86 -40.90 -9.38 -37.70
C ALA B 86 -41.85 -10.45 -37.18
N GLU B 87 -42.65 -11.05 -38.05
CA GLU B 87 -43.62 -12.05 -37.62
C GLU B 87 -42.92 -13.25 -36.99
N THR B 88 -41.86 -13.70 -37.64
CA THR B 88 -41.12 -14.87 -37.17
C THR B 88 -40.39 -14.58 -35.87
N GLY B 89 -39.73 -13.42 -35.80
CA GLY B 89 -39.02 -13.02 -34.60
C GLY B 89 -39.97 -12.93 -33.42
N THR B 90 -41.12 -12.32 -33.65
CA THR B 90 -42.11 -12.13 -32.60
C THR B 90 -42.60 -13.49 -32.08
N ARG B 91 -42.89 -14.39 -33.00
CA ARG B 91 -43.35 -15.73 -32.64
C ARG B 91 -42.28 -16.49 -31.87
N LEU B 92 -41.06 -16.48 -32.38
CA LEU B 92 -39.97 -17.22 -31.75
C LEU B 92 -39.52 -16.63 -30.41
N ALA B 93 -39.68 -15.33 -30.23
CA ALA B 93 -39.34 -14.73 -28.94
C ALA B 93 -40.23 -15.29 -27.84
N ARG B 94 -41.53 -15.39 -28.13
CA ARG B 94 -42.50 -15.93 -27.18
C ARG B 94 -42.14 -17.37 -26.81
N ILE B 95 -41.89 -18.19 -27.83
CA ILE B 95 -41.51 -19.59 -27.64
C ILE B 95 -40.23 -19.71 -26.82
N ALA B 96 -39.20 -18.95 -27.18
CA ALA B 96 -37.93 -19.02 -26.48
C ALA B 96 -38.06 -18.52 -25.03
N ASN B 97 -38.92 -17.54 -24.82
CA ASN B 97 -39.09 -17.01 -23.46
C ASN B 97 -39.85 -18.01 -22.58
N ASP B 98 -40.86 -18.67 -23.15
CA ASP B 98 -41.57 -19.72 -22.44
C ASP B 98 -40.61 -20.85 -22.07
N LEU B 99 -39.73 -21.23 -23.00
CA LEU B 99 -38.79 -22.32 -22.73
C LEU B 99 -37.75 -21.90 -21.70
N MET B 100 -37.36 -20.62 -21.73
CA MET B 100 -36.44 -20.09 -20.73
C MET B 100 -37.04 -20.15 -19.34
N ALA B 101 -38.30 -19.72 -19.22
CA ALA B 101 -39.00 -19.77 -17.94
C ALA B 101 -39.08 -21.20 -17.42
N GLN B 102 -39.38 -22.15 -18.30
CA GLN B 102 -39.49 -23.55 -17.91
C GLN B 102 -38.12 -24.12 -17.49
N THR B 103 -37.06 -23.71 -18.19
CA THR B 103 -35.71 -24.14 -17.85
C THR B 103 -35.35 -23.67 -16.45
N VAL B 104 -35.61 -22.40 -16.19
CA VAL B 104 -35.38 -21.83 -14.87
C VAL B 104 -36.20 -22.53 -13.78
N ALA B 105 -37.48 -22.78 -14.05
CA ALA B 105 -38.36 -23.39 -13.04
C ALA B 105 -37.97 -24.81 -12.68
N ALA B 106 -37.28 -25.50 -13.59
CA ALA B 106 -36.85 -26.86 -13.33
C ALA B 106 -35.68 -26.90 -12.35
N ASN B 107 -34.86 -25.86 -12.33
CA ASN B 107 -33.70 -25.84 -11.43
C ASN B 107 -33.41 -24.43 -10.93
N PRO B 108 -34.35 -23.86 -10.16
CA PRO B 108 -34.31 -22.42 -9.86
C PRO B 108 -33.22 -21.99 -8.89
N THR B 109 -32.56 -22.91 -8.21
CA THR B 109 -31.42 -22.51 -7.37
C THR B 109 -30.13 -22.45 -8.17
N ARG B 110 -30.13 -23.02 -9.38
CA ARG B 110 -28.92 -23.05 -10.20
C ARG B 110 -29.00 -22.20 -11.46
N PHE B 111 -30.22 -21.90 -11.91
CA PHE B 111 -30.39 -21.11 -13.12
C PHE B 111 -31.37 -19.96 -12.95
N ALA B 112 -30.94 -18.79 -13.41
CA ALA B 112 -31.83 -17.65 -13.61
C ALA B 112 -31.90 -17.39 -15.11
N GLY B 113 -32.79 -16.50 -15.55
CA GLY B 113 -32.96 -16.30 -16.99
C GLY B 113 -33.33 -14.91 -17.44
N LEU B 114 -32.81 -14.52 -18.59
CA LEU B 114 -33.15 -13.26 -19.24
C LEU B 114 -34.05 -13.58 -20.42
N GLY B 115 -35.12 -12.81 -20.54
CA GLY B 115 -36.01 -12.97 -21.69
C GLY B 115 -35.52 -12.10 -22.82
N THR B 116 -35.94 -12.40 -24.03
CA THR B 116 -35.58 -11.59 -25.18
C THR B 116 -36.81 -11.13 -25.91
N PHE B 117 -36.62 -10.44 -27.04
CA PHE B 117 -37.74 -9.87 -27.78
C PHE B 117 -37.28 -9.57 -29.20
N ALA B 118 -38.23 -9.25 -30.06
CA ALA B 118 -37.96 -8.96 -31.46
C ALA B 118 -38.24 -7.49 -31.74
N PRO B 119 -37.21 -6.63 -31.65
CA PRO B 119 -37.41 -5.18 -31.81
C PRO B 119 -37.76 -4.80 -33.24
N GLN B 120 -37.74 -5.76 -34.16
CA GLN B 120 -38.26 -5.55 -35.52
C GLN B 120 -39.67 -4.96 -35.49
N ASP B 121 -40.42 -5.31 -34.46
CA ASP B 121 -41.77 -4.84 -34.23
C ASP B 121 -41.80 -4.28 -32.81
N PRO B 122 -41.55 -2.97 -32.65
CA PRO B 122 -41.44 -2.39 -31.31
C PRO B 122 -42.68 -2.56 -30.43
N ALA B 123 -43.87 -2.40 -31.02
CA ALA B 123 -45.11 -2.53 -30.26
C ALA B 123 -45.29 -3.95 -29.74
N SER B 124 -45.01 -4.94 -30.58
CA SER B 124 -45.13 -6.33 -30.14
C SER B 124 -44.06 -6.68 -29.13
N ALA B 125 -42.86 -6.15 -29.33
CA ALA B 125 -41.77 -6.36 -28.39
C ALA B 125 -42.10 -5.79 -27.01
N ALA B 126 -42.72 -4.62 -27.00
CA ALA B 126 -43.14 -3.99 -25.74
C ALA B 126 -44.13 -4.87 -24.99
N ARG B 127 -45.06 -5.48 -25.72
CA ARG B 127 -46.01 -6.41 -25.11
C ARG B 127 -45.31 -7.64 -24.54
N GLU B 128 -44.32 -8.16 -25.26
CA GLU B 128 -43.60 -9.34 -24.78
C GLU B 128 -42.73 -9.01 -23.56
N ILE B 129 -42.11 -7.84 -23.56
CA ILE B 129 -41.34 -7.39 -22.41
C ILE B 129 -42.22 -7.35 -21.15
N GLU B 130 -43.42 -6.81 -21.28
CA GLU B 130 -44.36 -6.79 -20.16
C GLU B 130 -44.70 -8.21 -19.69
N ARG B 131 -44.91 -9.13 -20.64
CA ARG B 131 -45.23 -10.52 -20.32
C ARG B 131 -44.05 -11.19 -19.60
N VAL B 132 -42.85 -10.95 -20.09
CA VAL B 132 -41.64 -11.48 -19.47
C VAL B 132 -41.56 -11.02 -18.01
N ALA B 133 -41.86 -9.75 -17.77
CA ALA B 133 -41.72 -9.18 -16.44
C ALA B 133 -42.79 -9.66 -15.46
N THR B 134 -44.05 -9.61 -15.88
CA THR B 134 -45.17 -9.80 -14.97
C THR B 134 -45.74 -11.22 -14.94
N GLN B 135 -45.63 -11.93 -16.06
CA GLN B 135 -46.21 -13.26 -16.14
C GLN B 135 -45.15 -14.34 -15.98
N LEU B 136 -44.07 -14.25 -16.76
CA LEU B 136 -43.02 -15.24 -16.67
C LEU B 136 -42.15 -14.97 -15.45
N ARG B 137 -42.11 -13.72 -15.03
CA ARG B 137 -41.30 -13.30 -13.88
C ARG B 137 -39.82 -13.65 -14.04
N LEU B 138 -39.32 -13.46 -15.27
CA LEU B 138 -37.90 -13.67 -15.52
C LEU B 138 -37.04 -12.58 -14.90
N ASN B 139 -35.72 -12.80 -14.90
CA ASN B 139 -34.80 -12.00 -14.10
C ASN B 139 -34.34 -10.70 -14.77
N GLY B 140 -34.55 -10.60 -16.07
CA GLY B 140 -34.13 -9.43 -16.81
C GLY B 140 -34.33 -9.67 -18.28
N LEU B 141 -33.67 -8.88 -19.12
CA LEU B 141 -33.84 -8.97 -20.56
C LEU B 141 -32.48 -9.02 -21.26
N VAL B 142 -32.48 -9.59 -22.47
CA VAL B 142 -31.27 -9.58 -23.29
C VAL B 142 -31.62 -9.24 -24.74
N ILE B 143 -30.77 -8.45 -25.37
CA ILE B 143 -30.87 -8.15 -26.79
C ILE B 143 -29.45 -8.07 -27.35
N ASN B 144 -29.28 -8.38 -28.62
CA ASN B 144 -27.93 -8.46 -29.19
C ASN B 144 -27.63 -7.31 -30.13
N SER B 145 -27.02 -6.27 -29.55
CA SER B 145 -26.77 -4.98 -30.22
C SER B 145 -27.82 -4.64 -31.28
N HIS B 146 -27.41 -4.33 -32.50
CA HIS B 146 -28.35 -3.74 -33.46
C HIS B 146 -29.53 -4.63 -33.86
N THR B 147 -30.61 -3.99 -34.30
CA THR B 147 -31.66 -4.71 -35.03
C THR B 147 -31.92 -3.98 -36.34
N ASN B 148 -31.94 -4.75 -37.42
CA ASN B 148 -32.16 -4.21 -38.77
C ASN B 148 -31.18 -3.10 -39.14
N ASP B 149 -29.96 -3.22 -38.60
CA ASP B 149 -28.89 -2.25 -38.85
C ASP B 149 -29.23 -0.85 -38.36
N LEU B 150 -30.10 -0.81 -37.35
CA LEU B 150 -30.40 0.41 -36.60
C LEU B 150 -29.89 0.27 -35.17
N TYR B 151 -29.51 1.40 -34.57
CA TYR B 151 -29.01 1.41 -33.21
C TYR B 151 -30.06 1.99 -32.27
N TYR B 152 -29.88 1.85 -30.96
CA TYR B 152 -30.98 2.10 -30.03
C TYR B 152 -31.19 3.55 -29.64
N ASP B 153 -30.47 4.45 -30.32
CA ASP B 153 -30.84 5.86 -30.26
C ASP B 153 -32.06 6.17 -31.13
N ASP B 154 -32.37 5.30 -32.08
CA ASP B 154 -33.45 5.56 -33.03
C ASP B 154 -34.80 5.61 -32.32
N PRO B 155 -35.56 6.69 -32.53
CA PRO B 155 -36.89 6.80 -31.89
C PRO B 155 -37.84 5.66 -32.26
N PHE B 156 -37.55 4.94 -33.36
CA PHE B 156 -38.32 3.76 -33.73
C PHE B 156 -38.45 2.81 -32.54
N PHE B 157 -37.41 2.74 -31.72
CA PHE B 157 -37.39 1.81 -30.59
C PHE B 157 -37.90 2.40 -29.27
N HIS B 158 -38.34 3.65 -29.26
CA HIS B 158 -38.86 4.20 -28.00
C HIS B 158 -39.92 3.32 -27.29
N PRO B 159 -40.86 2.70 -28.04
CA PRO B 159 -41.81 1.83 -27.34
C PRO B 159 -41.15 0.66 -26.59
N VAL B 160 -40.03 0.16 -27.10
CA VAL B 160 -39.29 -0.89 -26.41
C VAL B 160 -38.73 -0.38 -25.10
N PHE B 161 -38.07 0.77 -25.15
CA PHE B 161 -37.42 1.29 -23.95
C PHE B 161 -38.39 1.83 -22.92
N GLU B 162 -39.52 2.37 -23.38
CA GLU B 162 -40.60 2.72 -22.48
C GLU B 162 -41.03 1.48 -21.67
N ALA B 163 -41.23 0.36 -22.36
CA ALA B 163 -41.66 -0.85 -21.69
C ALA B 163 -40.58 -1.42 -20.77
N ILE B 164 -39.31 -1.37 -21.21
CA ILE B 164 -38.25 -1.87 -20.37
C ILE B 164 -38.15 -1.04 -19.09
N GLU B 165 -38.15 0.29 -19.25
CA GLU B 165 -38.07 1.16 -18.09
C GLU B 165 -39.20 0.89 -17.10
N ALA B 166 -40.41 0.80 -17.63
CA ALA B 166 -41.58 0.60 -16.79
C ALA B 166 -41.54 -0.74 -16.09
N SER B 167 -40.93 -1.74 -16.75
CA SER B 167 -40.88 -3.09 -16.18
C SER B 167 -39.93 -3.20 -15.00
N GLY B 168 -38.93 -2.34 -14.96
CA GLY B 168 -37.89 -2.43 -13.94
C GLY B 168 -36.79 -3.45 -14.25
N LEU B 169 -36.94 -4.20 -15.33
CA LEU B 169 -35.94 -5.20 -15.70
C LEU B 169 -34.72 -4.57 -16.33
N ALA B 170 -33.53 -5.04 -15.94
CA ALA B 170 -32.29 -4.60 -16.56
C ALA B 170 -32.16 -5.24 -17.94
N LEU B 171 -31.58 -4.51 -18.89
CA LEU B 171 -31.39 -5.01 -20.24
C LEU B 171 -29.92 -5.25 -20.50
N TYR B 172 -29.55 -6.51 -20.71
CA TYR B 172 -28.21 -6.87 -21.11
C TYR B 172 -28.12 -6.67 -22.63
N ILE B 173 -27.29 -5.71 -23.06
CA ILE B 173 -27.05 -5.55 -24.49
C ILE B 173 -25.78 -6.33 -24.83
N HIS B 174 -26.02 -7.55 -25.27
CA HIS B 174 -24.97 -8.48 -25.68
C HIS B 174 -24.49 -8.12 -27.08
N PRO B 175 -23.27 -8.54 -27.46
CA PRO B 175 -22.89 -8.22 -28.85
C PRO B 175 -23.62 -9.02 -29.92
N ARG B 176 -23.52 -8.53 -31.16
CA ARG B 176 -23.59 -9.38 -32.36
C ARG B 176 -22.57 -8.81 -33.31
N ALA B 177 -22.48 -9.36 -34.52
CA ALA B 177 -21.47 -8.87 -35.46
C ALA B 177 -21.80 -7.44 -35.86
N PRO B 178 -20.77 -6.66 -36.18
CA PRO B 178 -20.92 -5.31 -36.75
C PRO B 178 -22.06 -5.22 -37.77
N SER B 179 -22.90 -4.20 -37.61
CA SER B 179 -24.03 -3.98 -38.52
C SER B 179 -23.56 -3.59 -39.91
N LYS B 180 -24.50 -3.46 -40.84
CA LYS B 180 -24.16 -3.08 -42.20
C LYS B 180 -23.54 -1.68 -42.27
N GLN B 181 -23.75 -0.88 -41.23
CA GLN B 181 -23.19 0.46 -41.22
C GLN B 181 -21.67 0.42 -41.11
N ILE B 182 -21.14 -0.64 -40.50
CA ILE B 182 -19.71 -0.70 -40.21
C ILE B 182 -19.03 -2.00 -40.64
N ASP B 183 -19.80 -2.96 -41.16
CA ASP B 183 -19.24 -4.29 -41.37
C ASP B 183 -18.14 -4.41 -42.43
N ARG B 184 -17.99 -3.41 -43.31
CA ARG B 184 -16.99 -3.49 -44.37
C ARG B 184 -15.59 -3.68 -43.82
N ALA B 185 -15.32 -3.12 -42.64
CA ALA B 185 -13.98 -3.18 -42.06
C ALA B 185 -13.72 -4.41 -41.20
N PHE B 186 -14.71 -5.30 -41.11
CA PHE B 186 -14.63 -6.45 -40.20
C PHE B 186 -14.76 -7.79 -40.93
N ARG B 187 -14.40 -7.81 -42.20
CA ARG B 187 -14.51 -9.04 -42.98
C ARG B 187 -13.25 -9.87 -43.01
N ASP B 188 -12.19 -9.37 -42.38
CA ASP B 188 -10.88 -10.03 -42.43
C ASP B 188 -10.34 -10.44 -41.07
N TYR B 189 -9.49 -11.47 -41.08
CA TYR B 189 -8.79 -11.94 -39.89
C TYR B 189 -9.72 -12.29 -38.72
N GLY B 190 -10.95 -12.71 -39.02
CA GLY B 190 -11.89 -13.11 -37.98
C GLY B 190 -12.44 -11.96 -37.16
N MET B 191 -12.27 -10.75 -37.66
CA MET B 191 -12.66 -9.57 -36.90
C MET B 191 -14.16 -9.36 -36.79
N ASN B 192 -14.95 -10.17 -37.49
CA ASN B 192 -16.41 -10.13 -37.34
C ASN B 192 -16.85 -10.45 -35.92
N SER B 193 -16.00 -11.18 -35.20
CA SER B 193 -16.41 -11.89 -33.99
C SER B 193 -15.89 -11.20 -32.73
N ALA B 194 -15.75 -12.00 -31.67
CA ALA B 194 -15.39 -11.52 -30.35
C ALA B 194 -14.02 -10.83 -30.32
N ILE B 195 -13.12 -11.21 -31.22
CA ILE B 195 -11.77 -10.64 -31.19
C ILE B 195 -11.76 -9.12 -31.42
N TRP B 196 -12.72 -8.58 -32.16
CA TRP B 196 -12.74 -7.13 -32.31
C TRP B 196 -14.12 -6.54 -32.65
N GLY B 197 -14.78 -7.09 -33.67
CA GLY B 197 -16.05 -6.55 -34.12
C GLY B 197 -17.13 -6.47 -33.07
N TYR B 198 -17.24 -7.51 -32.24
CA TYR B 198 -18.26 -7.52 -31.19
C TYR B 198 -18.18 -6.28 -30.29
N GLY B 199 -16.96 -5.93 -29.88
CA GLY B 199 -16.79 -4.80 -28.99
C GLY B 199 -17.08 -3.46 -29.66
N ILE B 200 -16.63 -3.30 -30.90
CA ILE B 200 -16.86 -2.05 -31.63
C ILE B 200 -18.35 -1.82 -31.90
N GLU B 201 -19.02 -2.86 -32.36
CA GLU B 201 -20.45 -2.81 -32.62
C GLU B 201 -21.26 -2.43 -31.38
N THR B 202 -20.96 -3.11 -30.28
CA THR B 202 -21.79 -2.97 -29.08
C THR B 202 -21.51 -1.65 -28.38
N SER B 203 -20.22 -1.29 -28.28
CA SER B 203 -19.87 -0.02 -27.65
C SER B 203 -20.40 1.18 -28.43
N THR B 204 -20.34 1.10 -29.75
CA THR B 204 -20.85 2.20 -30.57
C THR B 204 -22.36 2.36 -30.40
N ASN B 205 -23.10 1.25 -30.35
CA ASN B 205 -24.51 1.29 -30.01
C ASN B 205 -24.76 2.03 -28.69
N ALA B 206 -24.07 1.60 -27.63
CA ALA B 206 -24.26 2.20 -26.30
C ALA B 206 -23.91 3.69 -26.29
N VAL B 207 -22.81 4.07 -26.96
CA VAL B 207 -22.44 5.48 -27.03
C VAL B 207 -23.51 6.32 -27.76
N ARG B 208 -24.07 5.80 -28.85
CA ARG B 208 -25.16 6.49 -29.53
C ARG B 208 -26.34 6.65 -28.58
N MET B 209 -26.64 5.61 -27.80
CA MET B 209 -27.76 5.71 -26.85
C MET B 209 -27.51 6.86 -25.85
N ILE B 210 -26.31 6.91 -25.28
CA ILE B 210 -25.99 7.98 -24.33
C ILE B 210 -26.04 9.36 -24.97
N LEU B 211 -25.31 9.52 -26.07
CA LEU B 211 -25.20 10.86 -26.68
C LEU B 211 -26.52 11.36 -27.26
N SER B 212 -27.42 10.45 -27.62
CA SER B 212 -28.71 10.84 -28.15
C SER B 212 -29.69 11.35 -27.09
N GLY B 213 -29.33 11.19 -25.81
CA GLY B 213 -30.19 11.62 -24.73
C GLY B 213 -31.22 10.58 -24.32
N LEU B 214 -31.02 9.33 -24.72
CA LEU B 214 -31.98 8.29 -24.39
C LEU B 214 -32.20 8.20 -22.88
N PHE B 215 -31.15 8.44 -22.11
CA PHE B 215 -31.25 8.29 -20.66
C PHE B 215 -31.79 9.52 -19.94
N ASP B 216 -32.02 10.61 -20.66
CA ASP B 216 -32.86 11.67 -20.12
C ASP B 216 -34.33 11.33 -20.37
N ARG B 217 -34.62 10.66 -21.49
CA ARG B 217 -35.99 10.28 -21.80
C ARG B 217 -36.46 9.15 -20.89
N PHE B 218 -35.56 8.21 -20.62
CA PHE B 218 -35.88 7.03 -19.78
C PHE B 218 -34.81 6.90 -18.69
N PRO B 219 -34.84 7.80 -17.70
CA PRO B 219 -33.74 7.86 -16.72
C PRO B 219 -33.63 6.65 -15.78
N ARG B 220 -34.65 5.80 -15.72
CA ARG B 220 -34.60 4.62 -14.85
C ARG B 220 -34.17 3.34 -15.58
N LEU B 221 -33.80 3.46 -16.86
CA LEU B 221 -33.24 2.30 -17.55
C LEU B 221 -31.98 1.77 -16.87
N LYS B 222 -31.86 0.45 -16.80
CA LYS B 222 -30.61 -0.17 -16.42
C LYS B 222 -30.12 -1.03 -17.58
N ILE B 223 -28.92 -0.72 -18.07
CA ILE B 223 -28.30 -1.43 -19.17
C ILE B 223 -27.07 -2.16 -18.64
N VAL B 224 -26.83 -3.38 -19.11
CA VAL B 224 -25.65 -4.14 -18.71
C VAL B 224 -24.84 -4.46 -19.95
N LEU B 225 -23.53 -4.22 -19.89
CA LEU B 225 -22.64 -4.53 -21.01
C LEU B 225 -21.56 -5.50 -20.56
N GLY B 226 -21.35 -6.55 -21.34
CA GLY B 226 -20.30 -7.51 -21.04
C GLY B 226 -18.92 -7.05 -21.51
N HIS B 227 -17.94 -7.96 -21.40
CA HIS B 227 -16.61 -7.73 -21.96
C HIS B 227 -16.02 -6.45 -21.40
N MET B 228 -16.09 -6.39 -20.06
CA MET B 228 -15.61 -5.26 -19.28
C MET B 228 -16.18 -3.94 -19.80
N GLY B 229 -17.49 -3.94 -20.03
CA GLY B 229 -18.20 -2.77 -20.47
C GLY B 229 -17.91 -2.37 -21.91
N GLU B 230 -17.45 -3.31 -22.74
CA GLU B 230 -17.07 -3.05 -24.13
C GLU B 230 -16.11 -1.87 -24.24
N ALA B 231 -15.24 -1.76 -23.23
CA ALA B 231 -14.20 -0.74 -23.10
C ALA B 231 -14.66 0.68 -22.84
N ILE B 232 -15.97 0.90 -22.83
CA ILE B 232 -16.47 2.24 -22.49
C ILE B 232 -15.88 2.79 -21.17
N PRO B 233 -15.72 1.94 -20.12
CA PRO B 233 -15.07 2.43 -18.90
C PRO B 233 -13.70 3.07 -19.14
N PHE B 234 -12.96 2.63 -20.16
CA PHE B 234 -11.63 3.19 -20.42
C PHE B 234 -11.70 4.59 -21.03
N TRP B 235 -12.79 4.87 -21.73
CA TRP B 235 -12.95 6.10 -22.52
C TRP B 235 -13.70 7.23 -21.80
N LEU B 236 -14.05 7.05 -20.52
CA LEU B 236 -14.95 7.97 -19.84
C LEU B 236 -14.46 9.42 -19.82
N TRP B 237 -13.16 9.62 -19.61
CA TRP B 237 -12.66 10.97 -19.49
C TRP B 237 -12.78 11.73 -20.82
N ARG B 238 -12.45 11.04 -21.90
CA ARG B 238 -12.47 11.62 -23.24
C ARG B 238 -13.91 11.84 -23.72
N LEU B 239 -14.82 10.93 -23.40
CA LEU B 239 -16.23 11.11 -23.74
C LEU B 239 -16.75 12.39 -23.09
N ASP B 240 -16.37 12.61 -21.83
CA ASP B 240 -16.77 13.83 -21.13
C ASP B 240 -16.08 15.05 -21.69
N TYR B 241 -14.77 14.95 -21.92
CA TYR B 241 -14.04 16.13 -22.37
C TYR B 241 -14.59 16.67 -23.68
N MET B 242 -14.82 15.77 -24.64
CA MET B 242 -15.20 16.18 -25.98
C MET B 242 -16.68 16.45 -26.16
N HIS B 243 -17.48 16.25 -25.12
CA HIS B 243 -18.91 16.43 -25.26
C HIS B 243 -19.32 17.87 -25.59
N GLY B 244 -18.62 18.86 -25.02
CA GLY B 244 -18.87 20.26 -25.38
C GLY B 244 -18.75 20.52 -26.87
N ASN B 245 -17.71 19.99 -27.49
CA ASN B 245 -17.57 20.12 -28.93
C ASN B 245 -18.72 19.43 -29.66
N ALA B 246 -19.14 18.28 -29.16
CA ALA B 246 -20.24 17.53 -29.76
C ALA B 246 -21.55 18.35 -29.75
N THR B 247 -21.86 18.97 -28.63
CA THR B 247 -23.10 19.77 -28.55
C THR B 247 -22.97 21.14 -29.21
N THR B 248 -21.76 21.69 -29.24
CA THR B 248 -21.56 23.03 -29.79
C THR B 248 -21.46 23.00 -31.31
N PHE B 249 -20.66 22.06 -31.84
CA PHE B 249 -20.41 22.01 -33.29
C PHE B 249 -21.03 20.81 -33.99
N GLY B 250 -21.36 19.75 -33.25
CA GLY B 250 -21.73 18.48 -33.85
C GLY B 250 -23.21 18.13 -33.84
N GLY B 251 -24.03 19.05 -33.38
CA GLY B 251 -25.47 18.85 -33.35
C GLY B 251 -25.96 17.84 -32.32
N ALA B 252 -25.08 17.42 -31.41
CA ALA B 252 -25.51 16.55 -30.32
C ALA B 252 -26.44 17.32 -29.39
N PRO B 253 -27.50 16.67 -28.89
CA PRO B 253 -28.42 17.35 -28.00
C PRO B 253 -27.80 17.64 -26.64
N LYS B 254 -28.17 18.77 -26.04
CA LYS B 254 -27.76 19.05 -24.66
C LYS B 254 -28.35 18.00 -23.73
N LEU B 255 -27.52 17.56 -22.78
CA LEU B 255 -27.87 16.49 -21.86
C LEU B 255 -27.85 17.03 -20.45
N LYS B 256 -28.68 16.44 -19.58
CA LYS B 256 -28.73 16.84 -18.19
C LYS B 256 -27.44 16.50 -17.44
N LEU B 257 -26.84 15.36 -17.79
CA LEU B 257 -25.61 14.88 -17.15
C LEU B 257 -24.45 14.80 -18.13
N LYS B 258 -23.25 14.53 -17.62
CA LYS B 258 -22.11 14.22 -18.49
C LYS B 258 -22.26 12.79 -19.00
N PRO B 259 -21.67 12.49 -20.18
CA PRO B 259 -21.68 11.12 -20.69
C PRO B 259 -21.27 10.06 -19.66
N SER B 260 -20.18 10.30 -18.93
CA SER B 260 -19.71 9.30 -17.95
C SER B 260 -20.69 9.12 -16.81
N GLU B 261 -21.46 10.18 -16.53
CA GLU B 261 -22.44 10.12 -15.45
C GLU B 261 -23.62 9.24 -15.84
N TYR B 262 -24.04 9.29 -17.10
CA TYR B 262 -24.98 8.29 -17.58
C TYR B 262 -24.39 6.90 -17.49
N PHE B 263 -23.11 6.76 -17.83
CA PHE B 263 -22.57 5.42 -17.80
C PHE B 263 -22.59 4.84 -16.38
N ARG B 264 -22.21 5.65 -15.39
CA ARG B 264 -22.20 5.16 -14.02
C ARG B 264 -23.60 5.03 -13.43
N ARG B 265 -24.52 5.92 -13.82
CA ARG B 265 -25.87 5.88 -13.28
C ARG B 265 -26.74 4.77 -13.88
N ASN B 266 -26.67 4.65 -15.20
CA ASN B 266 -27.57 3.77 -15.94
C ASN B 266 -26.99 2.45 -16.40
N PHE B 267 -25.66 2.27 -16.32
CA PHE B 267 -25.04 1.03 -16.79
C PHE B 267 -24.36 0.28 -15.66
N ALA B 268 -24.27 -1.03 -15.83
CA ALA B 268 -23.33 -1.86 -15.08
C ALA B 268 -22.65 -2.74 -16.09
N ILE B 269 -21.54 -3.37 -15.69
CA ILE B 269 -20.74 -4.15 -16.61
C ILE B 269 -20.46 -5.53 -16.07
N THR B 270 -20.08 -6.44 -16.98
CA THR B 270 -19.61 -7.75 -16.55
C THR B 270 -18.24 -8.03 -17.12
N THR B 271 -17.59 -9.05 -16.55
CA THR B 271 -16.22 -9.39 -16.91
C THR B 271 -16.11 -10.48 -17.97
N SER B 272 -17.21 -10.82 -18.63
CA SER B 272 -17.17 -11.87 -19.64
C SER B 272 -16.05 -11.64 -20.63
N GLY B 273 -15.25 -12.68 -20.86
CA GLY B 273 -14.21 -12.58 -21.88
C GLY B 273 -13.04 -11.66 -21.58
N VAL B 274 -12.99 -11.11 -20.36
CA VAL B 274 -11.93 -10.18 -19.97
C VAL B 274 -11.42 -10.58 -18.59
N GLU B 275 -10.66 -11.66 -18.57
CA GLU B 275 -10.15 -12.20 -17.31
C GLU B 275 -8.82 -11.55 -16.99
N SER B 276 -8.87 -10.25 -16.74
CA SER B 276 -7.70 -9.45 -16.44
C SER B 276 -7.88 -8.76 -15.09
N HIS B 277 -7.02 -9.07 -14.13
CA HIS B 277 -7.10 -8.41 -12.83
C HIS B 277 -6.88 -6.91 -12.96
N ALA B 278 -6.00 -6.49 -13.87
CA ALA B 278 -5.73 -5.07 -14.08
C ALA B 278 -6.96 -4.34 -14.60
N ALA B 279 -7.64 -4.93 -15.58
CA ALA B 279 -8.83 -4.29 -16.14
C ALA B 279 -9.99 -4.30 -15.14
N LEU B 280 -10.04 -5.35 -14.31
CA LEU B 280 -11.07 -5.44 -13.27
C LEU B 280 -10.85 -4.34 -12.24
N ARG B 281 -9.61 -4.18 -11.80
CA ARG B 281 -9.31 -3.14 -10.82
C ARG B 281 -9.62 -1.76 -11.38
N TYR B 282 -9.20 -1.51 -12.63
CA TYR B 282 -9.49 -0.23 -13.26
C TYR B 282 -11.01 0.03 -13.26
N SER B 283 -11.78 -0.97 -13.64
CA SER B 283 -13.24 -0.80 -13.76
C SER B 283 -13.90 -0.54 -12.41
N ILE B 284 -13.47 -1.25 -11.37
CA ILE B 284 -13.97 -1.01 -10.03
C ILE B 284 -13.64 0.41 -9.59
N GLU B 285 -12.44 0.86 -9.92
CA GLU B 285 -12.01 2.21 -9.57
C GLU B 285 -12.87 3.31 -10.21
N VAL B 286 -13.14 3.18 -11.50
CA VAL B 286 -13.83 4.26 -12.20
C VAL B 286 -15.36 4.16 -12.16
N LEU B 287 -15.88 2.96 -11.97
CA LEU B 287 -17.34 2.75 -11.96
C LEU B 287 -17.92 2.57 -10.57
N GLY B 288 -17.08 2.16 -9.62
CA GLY B 288 -17.53 1.76 -8.29
C GLY B 288 -17.78 0.26 -8.25
N PRO B 289 -17.53 -0.36 -7.09
CA PRO B 289 -17.65 -1.83 -6.98
C PRO B 289 -19.06 -2.35 -7.17
N GLU B 290 -20.09 -1.53 -7.01
CA GLU B 290 -21.47 -2.00 -7.22
C GLU B 290 -21.82 -2.18 -8.69
N ASN B 291 -20.95 -1.69 -9.59
CA ASN B 291 -21.27 -1.69 -11.02
C ASN B 291 -20.55 -2.77 -11.84
N VAL B 292 -19.88 -3.68 -11.18
CA VAL B 292 -19.12 -4.71 -11.88
C VAL B 292 -19.56 -6.11 -11.45
N MET B 293 -19.90 -6.94 -12.43
CA MET B 293 -20.35 -8.32 -12.19
C MET B 293 -19.47 -9.33 -12.90
N TRP B 294 -19.38 -10.53 -12.34
CA TRP B 294 -18.61 -11.60 -12.94
C TRP B 294 -19.47 -12.35 -13.97
N ALA B 295 -18.81 -12.90 -14.97
CA ALA B 295 -19.46 -13.77 -15.94
C ALA B 295 -18.42 -14.71 -16.53
N ILE B 296 -18.89 -15.73 -17.24
CA ILE B 296 -17.99 -16.69 -17.89
C ILE B 296 -18.01 -16.54 -19.42
N ASP B 297 -19.20 -16.28 -19.97
CA ASP B 297 -19.43 -16.38 -21.43
C ASP B 297 -19.39 -17.85 -21.90
N TYR B 298 -19.86 -18.76 -21.06
CA TYR B 298 -20.04 -20.17 -21.41
C TYR B 298 -21.19 -20.25 -22.41
N PRO B 299 -21.09 -21.15 -23.41
CA PRO B 299 -20.06 -22.16 -23.67
C PRO B 299 -18.97 -21.72 -24.65
N TYR B 300 -18.95 -20.43 -24.97
CA TYR B 300 -17.94 -19.90 -25.87
C TYR B 300 -16.59 -19.80 -25.17
N GLN B 301 -16.61 -19.75 -23.84
CA GLN B 301 -15.40 -19.83 -23.03
C GLN B 301 -15.60 -20.84 -21.91
N PRO B 302 -14.49 -21.41 -21.42
CA PRO B 302 -14.57 -22.45 -20.39
C PRO B 302 -14.74 -21.87 -18.99
N MET B 303 -15.35 -22.66 -18.10
CA MET B 303 -15.65 -22.17 -16.76
C MET B 303 -14.45 -22.05 -15.83
N ALA B 304 -13.56 -23.04 -15.83
CA ALA B 304 -12.47 -23.06 -14.83
C ALA B 304 -11.62 -21.78 -14.81
N PRO B 305 -11.12 -21.34 -15.99
CA PRO B 305 -10.30 -20.13 -15.95
C PRO B 305 -11.09 -18.91 -15.48
N ALA B 306 -12.35 -18.78 -15.89
CA ALA B 306 -13.15 -17.63 -15.45
C ALA B 306 -13.35 -17.66 -13.94
N VAL B 307 -13.60 -18.84 -13.39
CA VAL B 307 -13.79 -18.98 -11.96
C VAL B 307 -12.51 -18.65 -11.21
N GLN B 308 -11.38 -19.18 -11.70
CA GLN B 308 -10.11 -18.95 -11.03
C GLN B 308 -9.69 -17.47 -11.10
N PHE B 309 -10.07 -16.79 -12.18
CA PHE B 309 -9.85 -15.35 -12.32
C PHE B 309 -10.47 -14.56 -11.17
N ILE B 310 -11.74 -14.82 -10.86
CA ILE B 310 -12.39 -14.07 -9.81
C ILE B 310 -11.98 -14.56 -8.40
N ARG B 311 -11.77 -15.87 -8.25
CA ARG B 311 -11.37 -16.40 -6.94
C ARG B 311 -10.01 -15.88 -6.49
N THR B 312 -9.17 -15.51 -7.46
CA THR B 312 -7.82 -15.03 -7.16
C THR B 312 -7.68 -13.52 -7.33
N ALA B 313 -8.78 -12.80 -7.55
CA ALA B 313 -8.68 -11.37 -7.80
C ALA B 313 -8.10 -10.62 -6.60
N PRO B 314 -7.16 -9.71 -6.85
CA PRO B 314 -6.51 -8.99 -5.74
C PRO B 314 -7.34 -7.80 -5.25
N ILE B 315 -8.49 -8.15 -4.64
CA ILE B 315 -9.45 -7.19 -4.13
C ILE B 315 -9.95 -7.77 -2.82
N PRO B 316 -10.45 -6.91 -1.92
CA PRO B 316 -10.93 -7.41 -0.63
C PRO B 316 -12.08 -8.37 -0.78
N GLU B 317 -12.29 -9.22 0.21
CA GLU B 317 -13.33 -10.25 0.12
C GLU B 317 -14.72 -9.69 -0.04
N ASP B 318 -15.02 -8.58 0.62
CA ASP B 318 -16.36 -8.03 0.45
C ASP B 318 -16.62 -7.52 -0.96
N VAL B 319 -15.63 -6.84 -1.56
CA VAL B 319 -15.76 -6.41 -2.94
C VAL B 319 -15.84 -7.64 -3.87
N LYS B 320 -15.05 -8.66 -3.57
CA LYS B 320 -15.06 -9.85 -4.38
C LYS B 320 -16.43 -10.52 -4.38
N ALA B 321 -17.09 -10.51 -3.22
CA ALA B 321 -18.43 -11.08 -3.13
C ALA B 321 -19.44 -10.29 -3.96
N MET B 322 -19.30 -8.96 -3.94
CA MET B 322 -20.16 -8.12 -4.79
C MET B 322 -19.97 -8.47 -6.25
N VAL B 323 -18.73 -8.53 -6.72
CA VAL B 323 -18.46 -8.83 -8.11
C VAL B 323 -18.88 -10.26 -8.46
N ALA B 324 -18.58 -11.21 -7.58
CA ALA B 324 -18.86 -12.62 -7.87
C ALA B 324 -20.35 -12.93 -7.99
N GLY B 325 -21.18 -12.23 -7.21
CA GLY B 325 -22.60 -12.55 -7.23
C GLY B 325 -23.55 -11.57 -6.59
N GLY B 326 -23.09 -10.78 -5.63
CA GLY B 326 -23.97 -9.85 -4.93
C GLY B 326 -24.61 -8.81 -5.83
N ASN B 327 -23.81 -8.22 -6.71
CA ASN B 327 -24.33 -7.24 -7.63
C ASN B 327 -25.36 -7.85 -8.58
N ALA B 328 -25.05 -9.04 -9.11
CA ALA B 328 -25.98 -9.75 -9.98
C ALA B 328 -27.29 -10.07 -9.29
N ALA B 329 -27.22 -10.47 -8.02
CA ALA B 329 -28.44 -10.82 -7.30
C ALA B 329 -29.36 -9.60 -7.19
N ARG B 330 -28.76 -8.42 -7.00
CA ARG B 330 -29.53 -7.19 -6.92
C ARG B 330 -30.09 -6.80 -8.29
N ILE B 331 -29.22 -6.74 -9.28
CA ILE B 331 -29.59 -6.22 -10.59
C ILE B 331 -30.54 -7.15 -11.31
N PHE B 332 -30.36 -8.46 -11.11
CA PHE B 332 -31.16 -9.45 -11.80
C PHE B 332 -32.16 -10.19 -10.94
N ARG B 333 -32.56 -9.59 -9.83
CA ARG B 333 -33.68 -10.11 -9.02
C ARG B 333 -33.51 -11.58 -8.61
N ILE B 334 -32.32 -11.93 -8.10
CA ILE B 334 -32.06 -13.29 -7.67
C ILE B 334 -32.00 -13.34 -6.15
N THR B 335 -32.76 -14.27 -5.57
CA THR B 335 -32.69 -14.53 -4.14
C THR B 335 -31.50 -15.43 -3.83
N SER C 1 -11.53 -14.12 18.84
CA SER C 1 -12.21 -15.41 18.81
C SER C 1 -12.01 -16.08 17.46
N LEU C 2 -10.76 -16.07 16.98
CA LEU C 2 -10.40 -16.75 15.75
C LEU C 2 -10.52 -18.26 15.93
N ARG C 3 -11.29 -18.92 15.07
CA ARG C 3 -11.45 -20.37 15.16
C ARG C 3 -10.30 -21.06 14.45
N LEU C 4 -9.48 -21.76 15.22
CA LEU C 4 -8.32 -22.45 14.69
C LEU C 4 -8.57 -23.95 14.61
N ILE C 5 -8.61 -24.44 13.37
CA ILE C 5 -8.75 -25.88 13.10
C ILE C 5 -7.46 -26.33 12.43
N ALA C 6 -6.65 -27.09 13.16
CA ALA C 6 -5.37 -27.57 12.64
C ALA C 6 -5.59 -28.83 11.82
N THR C 7 -5.08 -28.86 10.60
CA THR C 7 -5.51 -29.88 9.63
C THR C 7 -4.54 -31.03 9.33
N GLU C 8 -3.35 -31.05 9.94
CA GLU C 8 -2.42 -32.16 9.66
C GLU C 8 -1.87 -32.73 10.96
N GLU C 9 -2.77 -33.18 11.81
CA GLU C 9 -2.37 -33.52 13.16
C GLU C 9 -2.35 -35.02 13.36
N ALA C 10 -1.14 -35.56 13.53
CA ALA C 10 -0.94 -37.00 13.54
C ALA C 10 -1.37 -37.66 14.85
N VAL C 11 -1.81 -38.91 14.75
CA VAL C 11 -2.22 -39.71 15.89
C VAL C 11 -1.86 -41.14 15.52
N THR C 12 -1.79 -42.02 16.52
CA THR C 12 -1.72 -43.43 16.24
C THR C 12 -2.56 -44.21 17.25
N PHE C 13 -2.68 -45.51 17.01
CA PHE C 13 -3.46 -46.37 17.89
C PHE C 13 -2.65 -47.64 18.16
N GLN C 14 -2.88 -48.26 19.30
CA GLN C 14 -2.05 -49.39 19.71
C GLN C 14 -1.91 -50.54 18.70
N PRO C 15 -3.00 -50.92 18.01
CA PRO C 15 -2.82 -52.01 17.05
C PRO C 15 -1.86 -51.67 15.91
N VAL C 16 -1.85 -50.42 15.48
CA VAL C 16 -0.90 -50.01 14.45
C VAL C 16 0.51 -49.94 15.03
N VAL C 17 0.63 -49.38 16.23
CA VAL C 17 1.93 -49.30 16.90
C VAL C 17 2.56 -50.69 17.02
N ASP C 18 1.77 -51.67 17.45
CA ASP C 18 2.28 -53.03 17.62
C ASP C 18 2.72 -53.62 16.30
N ALA C 19 1.93 -53.37 15.26
CA ALA C 19 2.25 -53.87 13.93
C ALA C 19 3.54 -53.25 13.39
N LEU C 20 3.75 -51.96 13.63
CA LEU C 20 4.96 -51.30 13.18
C LEU C 20 6.19 -51.72 14.00
N ARG C 21 6.01 -51.98 15.29
CA ARG C 21 7.08 -52.53 16.10
C ARG C 21 7.59 -53.83 15.47
N ALA C 22 6.66 -54.70 15.08
CA ALA C 22 7.06 -55.97 14.47
C ALA C 22 7.71 -55.71 13.11
N HIS C 23 7.14 -54.76 12.36
CA HIS C 23 7.65 -54.48 11.03
C HIS C 23 9.08 -53.95 11.08
N SER C 24 9.41 -53.22 12.14
CA SER C 24 10.71 -52.58 12.28
C SER C 24 11.85 -53.58 12.34
N ARG C 25 11.53 -54.83 12.65
CA ARG C 25 12.54 -55.88 12.77
C ARG C 25 12.70 -56.67 11.49
N THR C 26 11.95 -56.32 10.45
CA THR C 26 12.01 -57.05 9.17
C THR C 26 13.07 -56.47 8.25
N ASP C 27 13.27 -57.13 7.11
CA ASP C 27 14.28 -56.71 6.15
C ASP C 27 13.75 -55.78 5.06
N ASP C 28 12.62 -55.14 5.35
CA ASP C 28 12.00 -54.20 4.41
C ASP C 28 13.02 -53.13 4.04
N ALA C 29 13.20 -52.91 2.74
CA ALA C 29 14.18 -51.93 2.27
C ALA C 29 13.62 -50.52 2.05
N SER C 30 12.31 -50.35 2.28
CA SER C 30 11.68 -49.04 2.11
C SER C 30 12.41 -47.98 2.91
N LEU C 31 12.56 -46.79 2.34
CA LEU C 31 13.24 -45.72 3.03
C LEU C 31 12.48 -45.26 4.27
N ASP C 32 11.20 -45.62 4.37
CA ASP C 32 10.46 -45.34 5.60
C ASP C 32 10.97 -46.10 6.81
N MET C 33 11.79 -47.12 6.58
CA MET C 33 12.29 -47.92 7.68
C MET C 33 13.20 -47.10 8.61
N ILE C 34 13.73 -46.00 8.10
CA ILE C 34 14.51 -45.08 8.94
C ILE C 34 13.59 -44.50 10.03
N LEU C 35 12.49 -43.90 9.62
CA LEU C 35 11.49 -43.41 10.57
C LEU C 35 10.95 -44.53 11.45
N VAL C 36 10.63 -45.67 10.83
CA VAL C 36 9.97 -46.75 11.55
C VAL C 36 10.87 -47.29 12.67
N ARG C 37 12.16 -47.43 12.40
CA ARG C 37 13.08 -47.84 13.46
C ARG C 37 13.27 -46.74 14.51
N ASP C 38 13.35 -45.49 14.08
CA ASP C 38 13.54 -44.37 15.01
C ASP C 38 12.39 -44.22 16.00
N VAL C 39 11.17 -44.53 15.58
CA VAL C 39 10.00 -44.32 16.43
C VAL C 39 9.44 -45.61 17.02
N TYR C 40 9.38 -46.65 16.20
CA TYR C 40 8.71 -47.90 16.60
C TYR C 40 9.66 -49.06 16.88
N GLY C 41 10.97 -48.85 16.69
CA GLY C 41 11.91 -49.95 16.77
C GLY C 41 12.46 -50.18 18.15
N ASP C 42 13.31 -51.18 18.28
CA ASP C 42 14.05 -51.41 19.51
C ASP C 42 15.14 -50.36 19.66
N GLU C 43 15.39 -49.94 20.89
CA GLU C 43 16.34 -48.86 21.18
C GLU C 43 16.11 -47.65 20.27
N PRO C 44 14.88 -47.11 20.28
CA PRO C 44 14.50 -46.07 19.32
C PRO C 44 15.17 -44.73 19.59
N ALA C 45 15.60 -44.05 18.54
CA ALA C 45 16.24 -42.76 18.70
C ALA C 45 15.25 -41.69 19.12
N ARG C 46 13.97 -41.94 18.89
CA ARG C 46 12.90 -40.97 19.20
C ARG C 46 11.86 -41.63 20.11
N PRO C 47 12.26 -41.91 21.37
CA PRO C 47 11.46 -42.81 22.21
C PRO C 47 10.16 -42.22 22.74
N ALA C 48 10.03 -40.89 22.73
CA ALA C 48 8.84 -40.26 23.28
C ALA C 48 7.72 -40.19 22.26
N MET C 49 8.04 -40.45 20.99
CA MET C 49 7.08 -40.16 19.93
C MET C 49 5.82 -41.02 19.93
N ILE C 50 5.93 -42.31 20.18
CA ILE C 50 4.74 -43.17 20.26
C ILE C 50 3.72 -42.63 21.26
N GLY C 51 4.20 -42.27 22.45
CA GLY C 51 3.33 -41.75 23.48
C GLY C 51 2.65 -40.46 23.07
N ARG C 52 3.41 -39.57 22.44
CA ARG C 52 2.85 -38.28 22.03
C ARG C 52 1.87 -38.42 20.87
N LEU C 53 2.14 -39.36 19.97
CA LEU C 53 1.21 -39.64 18.87
C LEU C 53 -0.07 -40.27 19.40
N SER C 54 0.06 -41.16 20.39
CA SER C 54 -1.07 -41.91 20.92
C SER C 54 -2.00 -41.02 21.74
N ASP C 55 -1.41 -40.03 22.40
CA ASP C 55 -2.16 -39.15 23.29
C ASP C 55 -3.08 -38.19 22.53
N VAL C 56 -4.35 -38.14 22.96
CA VAL C 56 -5.31 -37.20 22.40
C VAL C 56 -5.84 -36.24 23.47
N THR C 57 -6.17 -36.79 24.64
CA THR C 57 -6.89 -36.03 25.68
C THR C 57 -6.02 -35.56 26.85
N GLY C 58 -4.72 -35.84 26.79
CA GLY C 58 -3.80 -35.36 27.81
C GLY C 58 -3.02 -34.13 27.35
N GLU C 59 -1.72 -34.32 27.09
CA GLU C 59 -0.84 -33.24 26.67
C GLU C 59 -1.40 -32.49 25.47
N ARG C 60 -1.93 -33.23 24.51
CA ARG C 60 -2.46 -32.63 23.30
C ARG C 60 -3.56 -31.62 23.59
N LEU C 61 -4.56 -32.05 24.35
CA LEU C 61 -5.68 -31.17 24.66
C LEU C 61 -5.21 -30.01 25.53
N ALA C 62 -4.32 -30.27 26.47
CA ALA C 62 -3.81 -29.22 27.33
C ALA C 62 -3.11 -28.14 26.51
N GLU C 63 -2.32 -28.57 25.53
CA GLU C 63 -1.61 -27.65 24.65
C GLU C 63 -2.58 -26.88 23.75
N MET C 64 -3.61 -27.54 23.27
CA MET C 64 -4.65 -26.87 22.49
C MET C 64 -5.29 -25.78 23.33
N ASP C 65 -5.62 -26.10 24.58
CA ASP C 65 -6.26 -25.14 25.46
C ASP C 65 -5.34 -23.96 25.75
N SER C 66 -4.08 -24.23 26.04
N SER C 66 -4.08 -24.22 26.03
CA SER C 66 -3.14 -23.17 26.37
CA SER C 66 -3.16 -23.14 26.39
C SER C 66 -2.93 -22.20 25.20
C SER C 66 -2.85 -22.23 25.20
N ASN C 67 -3.03 -22.73 23.98
CA ASN C 67 -2.77 -21.94 22.77
C ASN C 67 -4.02 -21.47 22.04
N GLY C 68 -5.20 -21.76 22.58
CA GLY C 68 -6.44 -21.32 21.97
C GLY C 68 -6.76 -22.00 20.64
N VAL C 69 -6.35 -23.26 20.52
CA VAL C 69 -6.61 -24.05 19.32
C VAL C 69 -7.94 -24.77 19.52
N ASP C 70 -8.90 -24.52 18.65
N ASP C 70 -8.88 -24.54 18.63
CA ASP C 70 -10.24 -25.10 18.79
CA ASP C 70 -10.22 -25.07 18.78
C ASP C 70 -10.24 -26.59 18.49
C ASP C 70 -10.31 -26.56 18.44
N MET C 71 -9.65 -26.98 17.37
CA MET C 71 -9.72 -28.38 16.92
C MET C 71 -8.43 -28.88 16.28
N HIS C 72 -8.22 -30.20 16.42
CA HIS C 72 -7.30 -30.93 15.55
C HIS C 72 -8.13 -31.83 14.65
N LEU C 73 -7.82 -31.79 13.35
CA LEU C 73 -8.27 -32.80 12.42
C LEU C 73 -7.22 -33.91 12.46
N LEU C 74 -7.59 -35.05 13.02
CA LEU C 74 -6.63 -36.12 13.28
C LEU C 74 -6.45 -37.03 12.07
N SER C 75 -5.22 -37.54 11.89
CA SER C 75 -4.94 -38.51 10.84
C SER C 75 -3.95 -39.54 11.35
N LEU C 76 -4.18 -40.81 11.00
CA LEU C 76 -3.20 -41.84 11.32
C LEU C 76 -1.87 -41.45 10.68
N THR C 77 -0.83 -41.40 11.51
CA THR C 77 0.47 -40.89 11.12
C THR C 77 1.10 -41.73 10.00
N ALA C 78 1.89 -41.07 9.14
CA ALA C 78 2.65 -41.81 8.12
C ALA C 78 3.55 -42.82 8.84
N PRO C 79 3.71 -44.02 8.26
CA PRO C 79 3.30 -44.46 6.92
C PRO C 79 1.92 -45.11 6.90
N GLY C 80 1.10 -44.83 7.90
CA GLY C 80 -0.26 -45.35 7.92
C GLY C 80 -0.25 -46.87 7.98
N VAL C 81 -1.04 -47.50 7.12
CA VAL C 81 -1.06 -48.95 7.00
C VAL C 81 -0.45 -49.42 5.68
N GLN C 82 0.25 -48.53 4.99
CA GLN C 82 0.70 -48.82 3.64
C GLN C 82 1.94 -49.70 3.53
N MET C 83 2.67 -49.90 4.63
CA MET C 83 3.87 -50.74 4.57
C MET C 83 3.56 -52.22 4.73
N PHE C 84 2.39 -52.55 5.25
CA PHE C 84 2.02 -53.93 5.53
C PHE C 84 1.58 -54.67 4.26
N ASP C 85 1.48 -56.00 4.35
CA ASP C 85 0.91 -56.74 3.22
C ASP C 85 -0.57 -56.38 3.09
N ALA C 86 -1.19 -56.76 1.97
CA ALA C 86 -2.56 -56.34 1.68
C ALA C 86 -3.56 -56.76 2.77
N GLU C 87 -3.54 -58.03 3.14
CA GLU C 87 -4.45 -58.53 4.16
C GLU C 87 -4.30 -57.76 5.48
N THR C 88 -3.06 -57.56 5.90
CA THR C 88 -2.78 -56.90 7.17
C THR C 88 -3.18 -55.43 7.11
N GLY C 89 -2.83 -54.77 6.01
CA GLY C 89 -3.16 -53.37 5.82
C GLY C 89 -4.66 -53.18 5.82
N THR C 90 -5.36 -54.05 5.12
CA THR C 90 -6.81 -53.96 5.01
C THR C 90 -7.46 -54.13 6.37
N ARG C 91 -7.00 -55.12 7.13
CA ARG C 91 -7.53 -55.40 8.46
C ARG C 91 -7.28 -54.24 9.41
N LEU C 92 -6.05 -53.74 9.39
CA LEU C 92 -5.66 -52.65 10.29
C LEU C 92 -6.30 -51.31 9.93
N ALA C 93 -6.57 -51.07 8.65
CA ALA C 93 -7.26 -49.84 8.28
C ALA C 93 -8.65 -49.78 8.91
N ARG C 94 -9.36 -50.90 8.89
CA ARG C 94 -10.69 -50.97 9.51
C ARG C 94 -10.61 -50.66 11.00
N ILE C 95 -9.68 -51.34 11.67
CA ILE C 95 -9.46 -51.14 13.10
C ILE C 95 -9.10 -49.70 13.43
N ALA C 96 -8.13 -49.15 12.69
CA ALA C 96 -7.69 -47.78 12.93
C ALA C 96 -8.81 -46.76 12.66
N ASN C 97 -9.63 -47.02 11.65
CA ASN C 97 -10.70 -46.09 11.33
C ASN C 97 -11.83 -46.12 12.37
N ASP C 98 -12.12 -47.31 12.90
CA ASP C 98 -13.08 -47.42 14.00
C ASP C 98 -12.58 -46.66 15.23
N LEU C 99 -11.30 -46.82 15.55
CA LEU C 99 -10.71 -46.11 16.68
C LEU C 99 -10.69 -44.60 16.45
N MET C 100 -10.40 -44.18 15.22
CA MET C 100 -10.49 -42.77 14.87
C MET C 100 -11.90 -42.22 15.11
N ALA C 101 -12.91 -42.94 14.63
CA ALA C 101 -14.29 -42.48 14.78
C ALA C 101 -14.69 -42.42 16.26
N GLN C 102 -14.23 -43.38 17.03
CA GLN C 102 -14.46 -43.43 18.47
C GLN C 102 -13.77 -42.26 19.19
N THR C 103 -12.56 -41.93 18.77
CA THR C 103 -11.81 -40.80 19.32
C THR C 103 -12.54 -39.49 19.04
N VAL C 104 -12.99 -39.32 17.79
CA VAL C 104 -13.77 -38.14 17.41
C VAL C 104 -15.07 -38.04 18.22
N ALA C 105 -15.79 -39.15 18.36
CA ALA C 105 -17.05 -39.13 19.06
C ALA C 105 -16.91 -38.83 20.56
N ALA C 106 -15.73 -39.08 21.12
CA ALA C 106 -15.51 -38.80 22.53
C ALA C 106 -15.38 -37.29 22.83
N ASN C 107 -14.86 -36.54 21.85
CA ASN C 107 -14.74 -35.08 22.00
C ASN C 107 -14.94 -34.37 20.67
N PRO C 108 -16.17 -34.39 20.15
CA PRO C 108 -16.42 -33.97 18.76
C PRO C 108 -16.32 -32.48 18.52
N THR C 109 -16.29 -31.68 19.58
CA THR C 109 -16.08 -30.24 19.41
C THR C 109 -14.59 -29.90 19.31
N ARG C 110 -13.74 -30.84 19.72
CA ARG C 110 -12.29 -30.62 19.72
C ARG C 110 -11.54 -31.43 18.66
N PHE C 111 -12.12 -32.54 18.20
CA PHE C 111 -11.43 -33.40 17.24
C PHE C 111 -12.33 -33.80 16.08
N ALA C 112 -11.78 -33.65 14.87
CA ALA C 112 -12.35 -34.23 13.67
C ALA C 112 -11.37 -35.30 13.19
N GLY C 113 -11.77 -36.12 12.21
CA GLY C 113 -10.92 -37.24 11.83
C GLY C 113 -10.93 -37.59 10.36
N LEU C 114 -9.77 -37.99 9.87
CA LEU C 114 -9.64 -38.50 8.50
C LEU C 114 -9.45 -40.00 8.59
N GLY C 115 -10.18 -40.74 7.76
CA GLY C 115 -10.02 -42.17 7.68
C GLY C 115 -8.94 -42.51 6.69
N THR C 116 -8.34 -43.68 6.83
CA THR C 116 -7.29 -44.12 5.91
C THR C 116 -7.69 -45.44 5.27
N PHE C 117 -6.83 -46.00 4.43
CA PHE C 117 -7.14 -47.23 3.73
C PHE C 117 -5.84 -47.86 3.23
N ALA C 118 -5.95 -49.08 2.72
CA ALA C 118 -4.80 -49.83 2.26
C ALA C 118 -4.89 -50.04 0.75
N PRO C 119 -4.30 -49.13 -0.02
CA PRO C 119 -4.45 -49.24 -1.47
C PRO C 119 -3.63 -50.38 -2.09
N GLN C 120 -2.93 -51.16 -1.27
CA GLN C 120 -2.33 -52.42 -1.72
C GLN C 120 -3.40 -53.32 -2.34
N ASP C 121 -4.62 -53.16 -1.86
CA ASP C 121 -5.79 -53.87 -2.37
C ASP C 121 -6.82 -52.82 -2.74
N PRO C 122 -6.79 -52.34 -4.00
CA PRO C 122 -7.67 -51.25 -4.43
C PRO C 122 -9.15 -51.54 -4.23
N ALA C 123 -9.62 -52.75 -4.49
CA ALA C 123 -11.04 -53.06 -4.35
C ALA C 123 -11.49 -52.99 -2.89
N SER C 124 -10.66 -53.51 -1.99
CA SER C 124 -11.01 -53.51 -0.58
C SER C 124 -10.87 -52.10 -0.01
N ALA C 125 -9.90 -51.33 -0.53
CA ALA C 125 -9.75 -49.95 -0.13
C ALA C 125 -10.98 -49.13 -0.53
N ALA C 126 -11.51 -49.40 -1.73
CA ALA C 126 -12.71 -48.72 -2.19
C ALA C 126 -13.88 -49.00 -1.26
N ARG C 127 -14.02 -50.24 -0.82
CA ARG C 127 -15.06 -50.58 0.15
C ARG C 127 -14.85 -49.85 1.48
N GLU C 128 -13.61 -49.77 1.94
CA GLU C 128 -13.36 -49.08 3.20
C GLU C 128 -13.63 -47.58 3.10
N ILE C 129 -13.28 -47.00 1.95
CA ILE C 129 -13.58 -45.59 1.69
C ILE C 129 -15.08 -45.34 1.81
N GLU C 130 -15.88 -46.19 1.19
CA GLU C 130 -17.34 -46.09 1.29
C GLU C 130 -17.80 -46.16 2.75
N ARG C 131 -17.22 -47.08 3.52
CA ARG C 131 -17.61 -47.27 4.91
C ARG C 131 -17.25 -46.05 5.77
N VAL C 132 -16.09 -45.47 5.48
CA VAL C 132 -15.63 -44.27 6.17
C VAL C 132 -16.59 -43.12 5.93
N ALA C 133 -17.03 -42.97 4.69
CA ALA C 133 -17.91 -41.88 4.30
C ALA C 133 -19.31 -42.03 4.85
N THR C 134 -19.88 -43.23 4.70
CA THR C 134 -21.30 -43.48 4.93
C THR C 134 -21.63 -43.98 6.34
N GLN C 135 -20.77 -44.81 6.90
CA GLN C 135 -21.06 -45.45 8.19
C GLN C 135 -20.36 -44.73 9.35
N LEU C 136 -19.06 -44.52 9.23
CA LEU C 136 -18.31 -43.83 10.27
C LEU C 136 -18.57 -42.33 10.20
N ARG C 137 -18.93 -41.87 9.01
CA ARG C 137 -19.14 -40.44 8.75
C ARG C 137 -17.96 -39.58 9.19
N LEU C 138 -16.77 -40.06 8.89
CA LEU C 138 -15.57 -39.27 9.17
C LEU C 138 -15.45 -38.08 8.21
N ASN C 139 -14.51 -37.19 8.52
CA ASN C 139 -14.44 -35.88 7.88
C ASN C 139 -13.74 -35.85 6.52
N GLY C 140 -12.98 -36.89 6.23
CA GLY C 140 -12.27 -36.97 4.98
C GLY C 140 -11.36 -38.18 5.01
N LEU C 141 -10.34 -38.17 4.15
CA LEU C 141 -9.45 -39.30 4.01
C LEU C 141 -8.00 -38.84 4.06
N VAL C 142 -7.11 -39.76 4.43
CA VAL C 142 -5.68 -39.50 4.39
C VAL C 142 -4.95 -40.72 3.84
N ILE C 143 -3.90 -40.46 3.06
CA ILE C 143 -3.03 -41.51 2.56
C ILE C 143 -1.65 -40.89 2.45
N ASN C 144 -0.61 -41.72 2.59
CA ASN C 144 0.76 -41.22 2.64
C ASN C 144 1.53 -41.50 1.37
N SER C 145 1.56 -40.51 0.49
CA SER C 145 2.12 -40.60 -0.86
C SER C 145 2.05 -42.03 -1.42
N HIS C 146 3.18 -42.58 -1.86
CA HIS C 146 3.16 -43.83 -2.65
C HIS C 146 2.67 -45.06 -1.89
N THR C 147 2.19 -46.04 -2.63
CA THR C 147 1.95 -47.36 -2.09
C THR C 147 2.61 -48.37 -3.01
N ASN C 148 3.40 -49.26 -2.43
CA ASN C 148 4.14 -50.27 -3.18
C ASN C 148 5.04 -49.67 -4.26
N ASP C 149 5.53 -48.47 -3.99
CA ASP C 149 6.45 -47.76 -4.86
C ASP C 149 5.84 -47.43 -6.21
N LEU C 150 4.51 -47.28 -6.20
CA LEU C 150 3.76 -46.79 -7.34
C LEU C 150 3.06 -45.49 -6.97
N TYR C 151 2.91 -44.61 -7.95
CA TYR C 151 2.25 -43.32 -7.74
C TYR C 151 0.81 -43.35 -8.25
N TYR C 152 0.04 -42.31 -7.94
CA TYR C 152 -1.42 -42.43 -8.09
C TYR C 152 -1.91 -42.12 -9.49
N ASP C 153 -0.97 -41.95 -10.43
CA ASP C 153 -1.34 -41.98 -11.85
C ASP C 153 -1.59 -43.41 -12.31
N ASP C 154 -1.10 -44.39 -11.57
CA ASP C 154 -1.22 -45.79 -12.01
C ASP C 154 -2.68 -46.23 -12.04
N PRO C 155 -3.13 -46.77 -13.20
CA PRO C 155 -4.50 -47.30 -13.35
C PRO C 155 -4.86 -48.36 -12.30
N PHE C 156 -3.86 -48.99 -11.68
CA PHE C 156 -4.09 -49.94 -10.59
C PHE C 156 -4.94 -49.29 -9.49
N PHE C 157 -4.76 -48.00 -9.28
CA PHE C 157 -5.46 -47.32 -8.20
C PHE C 157 -6.78 -46.67 -8.60
N HIS C 158 -7.20 -46.84 -9.86
CA HIS C 158 -8.46 -46.25 -10.32
C HIS C 158 -9.68 -46.58 -9.43
N PRO C 159 -9.83 -47.84 -9.00
CA PRO C 159 -10.98 -48.10 -8.12
C PRO C 159 -10.97 -47.29 -6.81
N VAL C 160 -9.78 -47.00 -6.30
CA VAL C 160 -9.66 -46.13 -5.13
C VAL C 160 -10.21 -44.72 -5.41
N PHE C 161 -9.76 -44.10 -6.50
CA PHE C 161 -10.15 -42.72 -6.78
C PHE C 161 -11.60 -42.62 -7.25
N GLU C 162 -12.11 -43.66 -7.89
CA GLU C 162 -13.53 -43.72 -8.22
C GLU C 162 -14.36 -43.66 -6.94
N ALA C 163 -13.97 -44.46 -5.95
CA ALA C 163 -14.65 -44.48 -4.67
C ALA C 163 -14.50 -43.15 -3.91
N ILE C 164 -13.31 -42.56 -3.95
CA ILE C 164 -13.09 -41.29 -3.27
C ILE C 164 -13.96 -40.21 -3.92
N GLU C 165 -13.94 -40.13 -5.25
CA GLU C 165 -14.74 -39.12 -5.93
C GLU C 165 -16.22 -39.25 -5.59
N ALA C 166 -16.70 -40.48 -5.61
CA ALA C 166 -18.12 -40.75 -5.35
C ALA C 166 -18.50 -40.39 -3.91
N SER C 167 -17.56 -40.57 -2.98
CA SER C 167 -17.82 -40.32 -1.56
C SER C 167 -17.96 -38.83 -1.22
N GLY C 168 -17.36 -37.96 -2.02
CA GLY C 168 -17.34 -36.54 -1.70
C GLY C 168 -16.30 -36.15 -0.66
N LEU C 169 -15.57 -37.12 -0.12
CA LEU C 169 -14.52 -36.84 0.86
C LEU C 169 -13.24 -36.34 0.22
N ALA C 170 -12.64 -35.30 0.80
CA ALA C 170 -11.34 -34.84 0.36
C ALA C 170 -10.28 -35.82 0.81
N LEU C 171 -9.25 -35.99 -0.02
CA LEU C 171 -8.12 -36.86 0.30
C LEU C 171 -6.88 -36.02 0.59
N TYR C 172 -6.39 -36.10 1.83
CA TYR C 172 -5.14 -35.47 2.21
C TYR C 172 -4.03 -36.42 1.79
N ILE C 173 -3.19 -36.02 0.85
CA ILE C 173 -2.05 -36.85 0.50
C ILE C 173 -0.86 -36.32 1.29
N HIS C 174 -0.65 -36.97 2.44
CA HIS C 174 0.42 -36.65 3.37
C HIS C 174 1.70 -37.28 2.82
N PRO C 175 2.87 -36.76 3.23
CA PRO C 175 4.10 -37.41 2.78
C PRO C 175 4.38 -38.79 3.40
N ARG C 176 5.27 -39.51 2.74
CA ARG C 176 6.10 -40.53 3.39
C ARG C 176 7.46 -40.41 2.73
N ALA C 177 8.41 -41.24 3.11
CA ALA C 177 9.75 -41.16 2.53
C ALA C 177 9.71 -41.47 1.04
N PRO C 178 10.64 -40.87 0.28
CA PRO C 178 10.82 -41.19 -1.13
C PRO C 178 10.73 -42.68 -1.45
N SER C 179 9.95 -43.01 -2.48
CA SER C 179 9.78 -44.39 -2.91
C SER C 179 11.06 -44.98 -3.47
N LYS C 180 11.04 -46.29 -3.73
CA LYS C 180 12.21 -46.96 -4.30
C LYS C 180 12.62 -46.41 -5.67
N GLN C 181 11.70 -45.75 -6.35
CA GLN C 181 12.00 -45.16 -7.65
C GLN C 181 13.03 -44.03 -7.50
N ILE C 182 13.04 -43.38 -6.35
CA ILE C 182 13.87 -42.20 -6.18
C ILE C 182 14.72 -42.20 -4.91
N ASP C 183 14.60 -43.23 -4.07
CA ASP C 183 15.18 -43.14 -2.73
C ASP C 183 16.71 -43.10 -2.64
N ARG C 184 17.40 -43.52 -3.71
CA ARG C 184 18.86 -43.58 -3.68
C ARG C 184 19.48 -42.22 -3.38
N ALA C 185 18.83 -41.14 -3.82
CA ALA C 185 19.40 -39.81 -3.63
C ALA C 185 19.05 -39.18 -2.30
N PHE C 186 18.35 -39.95 -1.45
CA PHE C 186 17.83 -39.40 -0.19
C PHE C 186 18.32 -40.18 1.03
N ARG C 187 19.46 -40.84 0.88
CA ARG C 187 20.01 -41.66 1.95
C ARG C 187 20.97 -40.88 2.86
N ASP C 188 21.26 -39.63 2.51
CA ASP C 188 22.27 -38.87 3.26
C ASP C 188 21.71 -37.62 3.91
N TYR C 189 22.36 -37.19 4.99
CA TYR C 189 22.06 -35.91 5.65
C TYR C 189 20.61 -35.81 6.14
N GLY C 190 19.99 -36.94 6.44
CA GLY C 190 18.62 -36.94 6.92
C GLY C 190 17.58 -36.58 5.87
N MET C 191 17.98 -36.63 4.60
CA MET C 191 17.12 -36.19 3.51
C MET C 191 15.94 -37.14 3.22
N ASN C 192 15.91 -38.28 3.91
CA ASN C 192 14.76 -39.19 3.80
C ASN C 192 13.45 -38.54 4.27
N SER C 193 13.59 -37.55 5.16
CA SER C 193 12.50 -37.09 5.99
C SER C 193 11.96 -35.73 5.54
N ALA C 194 11.38 -34.99 6.48
CA ALA C 194 10.70 -33.72 6.22
C ALA C 194 11.61 -32.65 5.60
N ILE C 195 12.90 -32.71 5.89
CA ILE C 195 13.84 -31.69 5.41
C ILE C 195 13.89 -31.61 3.88
N TRP C 196 13.65 -32.73 3.19
CA TRP C 196 13.68 -32.67 1.73
C TRP C 196 12.90 -33.78 1.02
N GLY C 197 13.17 -35.03 1.39
CA GLY C 197 12.58 -36.15 0.70
C GLY C 197 11.07 -36.15 0.72
N TYR C 198 10.48 -35.81 1.87
CA TYR C 198 9.02 -35.79 1.98
C TYR C 198 8.39 -34.92 0.89
N GLY C 199 8.95 -33.74 0.66
CA GLY C 199 8.39 -32.82 -0.32
C GLY C 199 8.57 -33.29 -1.75
N ILE C 200 9.74 -33.86 -2.05
CA ILE C 200 10.00 -34.31 -3.42
C ILE C 200 9.10 -35.51 -3.76
N GLU C 201 8.99 -36.45 -2.82
CA GLU C 201 8.14 -37.63 -2.97
C GLU C 201 6.69 -37.24 -3.24
N THR C 202 6.16 -36.36 -2.39
CA THR C 202 4.73 -36.07 -2.40
C THR C 202 4.37 -35.19 -3.61
N SER C 203 5.18 -34.18 -3.87
CA SER C 203 4.96 -33.31 -5.03
C SER C 203 5.05 -34.08 -6.35
N THR C 204 5.98 -35.03 -6.44
CA THR C 204 6.14 -35.76 -7.69
C THR C 204 4.94 -36.68 -7.91
N ASN C 205 4.44 -37.27 -6.83
CA ASN C 205 3.19 -38.03 -6.91
C ASN C 205 2.07 -37.16 -7.49
N ALA C 206 1.85 -35.99 -6.89
CA ALA C 206 0.75 -35.12 -7.32
C ALA C 206 0.91 -34.66 -8.77
N VAL C 207 2.14 -34.33 -9.17
CA VAL C 207 2.39 -33.88 -10.54
C VAL C 207 2.09 -35.01 -11.55
N ARG C 208 2.48 -36.24 -11.22
CA ARG C 208 2.13 -37.39 -12.03
C ARG C 208 0.60 -37.53 -12.12
N MET C 209 -0.09 -37.33 -11.00
CA MET C 209 -1.55 -37.42 -11.03
C MET C 209 -2.14 -36.42 -12.04
N ILE C 210 -1.71 -35.16 -11.93
CA ILE C 210 -2.21 -34.12 -12.81
C ILE C 210 -1.87 -34.41 -14.28
N LEU C 211 -0.60 -34.68 -14.56
CA LEU C 211 -0.17 -34.85 -15.95
C LEU C 211 -0.74 -36.10 -16.61
N SER C 212 -1.07 -37.11 -15.81
CA SER C 212 -1.67 -38.34 -16.35
C SER C 212 -3.14 -38.17 -16.73
N GLY C 213 -3.74 -37.04 -16.38
CA GLY C 213 -5.14 -36.79 -16.69
C GLY C 213 -6.11 -37.37 -15.68
N LEU C 214 -5.61 -37.70 -14.49
CA LEU C 214 -6.47 -38.30 -13.47
C LEU C 214 -7.66 -37.38 -13.18
N PHE C 215 -7.44 -36.07 -13.26
CA PHE C 215 -8.51 -35.14 -12.91
C PHE C 215 -9.49 -34.85 -14.06
N ASP C 216 -9.22 -35.37 -15.26
CA ASP C 216 -10.27 -35.43 -16.27
C ASP C 216 -11.13 -36.68 -16.06
N ARG C 217 -10.49 -37.76 -15.61
CA ARG C 217 -11.18 -39.01 -15.30
C ARG C 217 -12.11 -38.85 -14.09
N PHE C 218 -11.62 -38.16 -13.07
CA PHE C 218 -12.36 -37.93 -11.84
C PHE C 218 -12.35 -36.45 -11.48
N PRO C 219 -13.13 -35.64 -12.20
CA PRO C 219 -13.05 -34.18 -12.04
C PRO C 219 -13.56 -33.63 -10.72
N ARG C 220 -14.24 -34.44 -9.91
CA ARG C 220 -14.75 -33.95 -8.63
C ARG C 220 -13.89 -34.35 -7.44
N LEU C 221 -12.75 -34.96 -7.71
CA LEU C 221 -11.79 -35.23 -6.63
C LEU C 221 -11.33 -33.94 -5.97
N LYS C 222 -11.20 -33.99 -4.64
CA LYS C 222 -10.54 -32.93 -3.91
C LYS C 222 -9.33 -33.50 -3.19
N ILE C 223 -8.17 -32.99 -3.54
CA ILE C 223 -6.91 -33.42 -2.95
C ILE C 223 -6.35 -32.30 -2.06
N VAL C 224 -5.81 -32.66 -0.91
CA VAL C 224 -5.21 -31.66 -0.02
C VAL C 224 -3.73 -32.01 0.17
N LEU C 225 -2.85 -31.01 0.03
CA LEU C 225 -1.41 -31.18 0.21
C LEU C 225 -0.91 -30.25 1.29
N GLY C 226 -0.17 -30.80 2.25
CA GLY C 226 0.44 -30.00 3.30
C GLY C 226 1.73 -29.32 2.86
N HIS C 227 2.43 -28.71 3.83
CA HIS C 227 3.74 -28.13 3.58
C HIS C 227 3.70 -27.15 2.41
N MET C 228 2.69 -26.27 2.51
CA MET C 228 2.45 -25.21 1.53
C MET C 228 2.33 -25.79 0.12
N GLY C 229 1.58 -26.88 0.02
CA GLY C 229 1.31 -27.52 -1.25
C GLY C 229 2.49 -28.27 -1.82
N GLU C 230 3.45 -28.63 -0.96
CA GLU C 230 4.66 -29.34 -1.37
C GLU C 230 5.35 -28.59 -2.51
N ALA C 231 5.28 -27.26 -2.41
CA ALA C 231 5.86 -26.29 -3.38
C ALA C 231 5.26 -26.25 -4.77
N ILE C 232 4.28 -27.11 -5.04
CA ILE C 232 3.63 -27.04 -6.35
C ILE C 232 3.09 -25.63 -6.68
N PRO C 233 2.54 -24.91 -5.67
CA PRO C 233 2.11 -23.56 -6.01
C PRO C 233 3.21 -22.67 -6.59
N PHE C 234 4.48 -22.94 -6.25
CA PHE C 234 5.58 -22.11 -6.74
C PHE C 234 5.88 -22.40 -8.21
N TRP C 235 5.59 -23.64 -8.65
CA TRP C 235 5.95 -24.12 -9.98
C TRP C 235 4.85 -23.98 -11.04
N LEU C 236 3.71 -23.38 -10.67
CA LEU C 236 2.56 -23.34 -11.56
C LEU C 236 2.83 -22.79 -12.96
N TRP C 237 3.54 -21.67 -13.05
CA TRP C 237 3.78 -21.08 -14.37
C TRP C 237 4.59 -22.03 -15.28
N ARG C 238 5.64 -22.63 -14.73
CA ARG C 238 6.51 -23.53 -15.49
C ARG C 238 5.80 -24.82 -15.89
N LEU C 239 4.98 -25.35 -14.98
CA LEU C 239 4.18 -26.53 -15.31
C LEU C 239 3.28 -26.26 -16.50
N ASP C 240 2.67 -25.08 -16.51
CA ASP C 240 1.79 -24.72 -17.63
C ASP C 240 2.60 -24.47 -18.89
N TYR C 241 3.71 -23.74 -18.75
CA TYR C 241 4.46 -23.36 -19.94
C TYR C 241 4.99 -24.59 -20.68
N MET C 242 5.53 -25.54 -19.92
CA MET C 242 6.19 -26.68 -20.53
C MET C 242 5.23 -27.79 -20.91
N HIS C 243 3.95 -27.62 -20.63
CA HIS C 243 3.01 -28.70 -20.90
C HIS C 243 2.88 -29.03 -22.40
N GLY C 244 2.96 -28.02 -23.26
CA GLY C 244 2.97 -28.25 -24.69
C GLY C 244 4.09 -29.18 -25.16
N ASN C 245 5.29 -28.96 -24.66
CA ASN C 245 6.39 -29.89 -24.94
C ASN C 245 6.10 -31.30 -24.43
N ALA C 246 5.45 -31.40 -23.27
CA ALA C 246 5.17 -32.70 -22.70
C ALA C 246 4.19 -33.50 -23.57
N THR C 247 3.17 -32.83 -24.07
CA THR C 247 2.19 -33.51 -24.92
C THR C 247 2.68 -33.68 -26.36
N THR C 248 3.52 -32.78 -26.84
CA THR C 248 4.02 -32.87 -28.20
C THR C 248 5.14 -33.90 -28.35
N PHE C 249 6.09 -33.89 -27.40
CA PHE C 249 7.27 -34.75 -27.53
C PHE C 249 7.36 -35.87 -26.50
N GLY C 250 6.66 -35.73 -25.37
CA GLY C 250 6.88 -36.62 -24.24
C GLY C 250 5.79 -37.63 -23.97
N GLY C 251 4.80 -37.70 -24.84
CA GLY C 251 3.73 -38.68 -24.72
C GLY C 251 2.72 -38.39 -23.63
N ALA C 252 2.78 -37.20 -23.05
CA ALA C 252 1.79 -36.80 -22.06
C ALA C 252 0.45 -36.66 -22.74
N PRO C 253 -0.61 -37.15 -22.09
CA PRO C 253 -1.94 -37.09 -22.73
C PRO C 253 -2.48 -35.67 -22.79
N LYS C 254 -3.29 -35.39 -23.80
CA LYS C 254 -3.96 -34.11 -23.89
C LYS C 254 -4.93 -33.96 -22.73
N LEU C 255 -4.94 -32.78 -22.12
CA LEU C 255 -5.79 -32.50 -20.98
C LEU C 255 -6.81 -31.43 -21.34
N LYS C 256 -7.96 -31.45 -20.67
CA LYS C 256 -8.97 -30.42 -20.90
C LYS C 256 -8.56 -29.06 -20.36
N LEU C 257 -7.86 -29.05 -19.24
CA LEU C 257 -7.40 -27.82 -18.59
C LEU C 257 -5.88 -27.73 -18.56
N LYS C 258 -5.35 -26.57 -18.17
CA LYS C 258 -3.92 -26.43 -17.91
C LYS C 258 -3.59 -27.07 -16.57
N PRO C 259 -2.33 -27.54 -16.42
CA PRO C 259 -1.89 -28.13 -15.15
C PRO C 259 -2.23 -27.25 -13.93
N SER C 260 -2.01 -25.94 -14.01
CA SER C 260 -2.28 -25.06 -12.87
C SER C 260 -3.78 -24.96 -12.59
N GLU C 261 -4.59 -25.10 -13.64
CA GLU C 261 -6.05 -25.09 -13.47
C GLU C 261 -6.58 -26.32 -12.73
N TYR C 262 -5.98 -27.49 -12.97
CA TYR C 262 -6.28 -28.64 -12.11
C TYR C 262 -5.86 -28.35 -10.69
N PHE C 263 -4.71 -27.70 -10.53
CA PHE C 263 -4.24 -27.48 -9.17
C PHE C 263 -5.21 -26.59 -8.40
N ARG C 264 -5.68 -25.53 -9.04
CA ARG C 264 -6.62 -24.63 -8.37
C ARG C 264 -8.03 -25.22 -8.23
N ARG C 265 -8.45 -26.02 -9.21
CA ARG C 265 -9.80 -26.59 -9.18
C ARG C 265 -9.92 -27.76 -8.19
N ASN C 266 -8.93 -28.65 -8.24
CA ASN C 266 -9.00 -29.93 -7.54
C ASN C 266 -8.18 -30.04 -6.27
N PHE C 267 -7.30 -29.07 -6.02
CA PHE C 267 -6.43 -29.14 -4.83
C PHE C 267 -6.68 -27.98 -3.89
N ALA C 268 -6.38 -28.22 -2.60
CA ALA C 268 -6.20 -27.14 -1.66
C ALA C 268 -4.95 -27.49 -0.87
N ILE C 269 -4.40 -26.54 -0.13
CA ILE C 269 -3.13 -26.75 0.54
C ILE C 269 -3.21 -26.38 2.01
N THR C 270 -2.27 -26.88 2.80
CA THR C 270 -2.14 -26.44 4.17
C THR C 270 -0.74 -25.91 4.47
N THR C 271 -0.63 -25.19 5.57
CA THR C 271 0.61 -24.53 5.96
C THR C 271 1.49 -25.35 6.88
N SER C 272 1.18 -26.64 7.06
CA SER C 272 1.98 -27.46 7.98
C SER C 272 3.45 -27.36 7.68
N GLY C 273 4.26 -27.09 8.70
CA GLY C 273 5.70 -27.08 8.54
C GLY C 273 6.26 -25.97 7.69
N VAL C 274 5.43 -24.99 7.32
CA VAL C 274 5.89 -23.86 6.51
C VAL C 274 5.31 -22.58 7.11
N GLU C 275 5.89 -22.16 8.23
CA GLU C 275 5.39 -21.02 8.98
C GLU C 275 6.07 -19.75 8.48
N SER C 276 5.79 -19.44 7.22
CA SER C 276 6.38 -18.30 6.52
C SER C 276 5.27 -17.40 6.01
N HIS C 277 5.25 -16.17 6.51
CA HIS C 277 4.26 -15.20 6.02
C HIS C 277 4.40 -14.95 4.54
N ALA C 278 5.64 -14.92 4.05
CA ALA C 278 5.88 -14.66 2.63
C ALA C 278 5.33 -15.80 1.78
N ALA C 279 5.56 -17.04 2.20
CA ALA C 279 5.05 -18.17 1.43
C ALA C 279 3.53 -18.26 1.50
N LEU C 280 2.96 -17.88 2.64
CA LEU C 280 1.52 -17.86 2.84
C LEU C 280 0.89 -16.83 1.91
N ARG C 281 1.47 -15.63 1.89
CA ARG C 281 0.97 -14.59 1.00
C ARG C 281 1.06 -15.00 -0.47
N TYR C 282 2.17 -15.60 -0.86
CA TYR C 282 2.34 -16.04 -2.24
C TYR C 282 1.23 -17.04 -2.60
N SER C 283 0.99 -18.00 -1.70
CA SER C 283 0.02 -19.05 -1.97
C SER C 283 -1.41 -18.52 -2.07
N ILE C 284 -1.77 -17.62 -1.17
CA ILE C 284 -3.08 -16.96 -1.26
C ILE C 284 -3.22 -16.22 -2.59
N GLU C 285 -2.15 -15.56 -3.03
CA GLU C 285 -2.20 -14.81 -4.29
C GLU C 285 -2.44 -15.72 -5.50
N VAL C 286 -1.74 -16.83 -5.58
CA VAL C 286 -1.80 -17.66 -6.79
C VAL C 286 -2.90 -18.72 -6.75
N LEU C 287 -3.32 -19.11 -5.55
CA LEU C 287 -4.36 -20.13 -5.41
C LEU C 287 -5.73 -19.56 -5.06
N GLY C 288 -5.77 -18.35 -4.52
CA GLY C 288 -7.02 -17.84 -3.95
C GLY C 288 -7.11 -18.18 -2.47
N PRO C 289 -7.70 -17.28 -1.68
CA PRO C 289 -7.73 -17.50 -0.21
C PRO C 289 -8.60 -18.68 0.23
N GLU C 290 -9.51 -19.16 -0.62
CA GLU C 290 -10.33 -20.33 -0.29
C GLU C 290 -9.55 -21.63 -0.30
N ASN C 291 -8.33 -21.62 -0.83
CA ASN C 291 -7.59 -22.85 -1.08
C ASN C 291 -6.42 -23.09 -0.13
N VAL C 292 -6.31 -22.27 0.93
CA VAL C 292 -5.20 -22.40 1.88
C VAL C 292 -5.74 -22.59 3.28
N MET C 293 -5.27 -23.64 3.97
CA MET C 293 -5.71 -23.95 5.32
C MET C 293 -4.51 -23.99 6.27
N TRP C 294 -4.78 -23.71 7.53
CA TRP C 294 -3.75 -23.77 8.55
C TRP C 294 -3.60 -25.18 9.12
N ALA C 295 -2.39 -25.49 9.59
CA ALA C 295 -2.09 -26.75 10.26
C ALA C 295 -0.87 -26.58 11.14
N ILE C 296 -0.62 -27.56 12.00
CA ILE C 296 0.51 -27.53 12.92
C ILE C 296 1.57 -28.58 12.56
N ASP C 297 1.11 -29.78 12.18
CA ASP C 297 1.95 -30.98 12.07
C ASP C 297 2.39 -31.48 13.45
N TYR C 298 1.50 -31.33 14.43
CA TYR C 298 1.69 -31.90 15.76
C TYR C 298 1.58 -33.43 15.65
N PRO C 299 2.38 -34.18 16.44
CA PRO C 299 3.34 -33.78 17.46
C PRO C 299 4.77 -33.64 16.94
N TYR C 300 4.94 -33.66 15.63
CA TYR C 300 6.27 -33.52 15.05
C TYR C 300 6.76 -32.07 15.10
N GLN C 301 5.80 -31.15 15.27
CA GLN C 301 6.11 -29.73 15.48
C GLN C 301 5.25 -29.21 16.62
N PRO C 302 5.74 -28.16 17.29
CA PRO C 302 5.04 -27.61 18.46
C PRO C 302 3.88 -26.68 18.08
N MET C 303 2.88 -26.60 18.93
CA MET C 303 1.70 -25.80 18.59
C MET C 303 1.89 -24.29 18.66
N ALA C 304 2.58 -23.79 19.70
CA ALA C 304 2.65 -22.35 19.91
C ALA C 304 3.19 -21.56 18.71
N PRO C 305 4.34 -21.97 18.13
CA PRO C 305 4.84 -21.20 16.98
C PRO C 305 3.87 -21.26 15.79
N ALA C 306 3.23 -22.40 15.57
CA ALA C 306 2.29 -22.50 14.45
C ALA C 306 1.07 -21.60 14.66
N VAL C 307 0.54 -21.58 15.88
CA VAL C 307 -0.57 -20.70 16.23
C VAL C 307 -0.20 -19.22 16.06
N GLN C 308 0.99 -18.86 16.56
CA GLN C 308 1.40 -17.48 16.51
C GLN C 308 1.67 -17.03 15.06
N PHE C 309 2.16 -17.94 14.23
CA PHE C 309 2.32 -17.71 12.80
C PHE C 309 1.02 -17.22 12.15
N ILE C 310 -0.10 -17.91 12.41
CA ILE C 310 -1.34 -17.52 11.76
C ILE C 310 -2.00 -16.32 12.45
N ARG C 311 -1.88 -16.25 13.78
CA ARG C 311 -2.45 -15.11 14.51
C ARG C 311 -1.81 -13.79 14.12
N THR C 312 -0.56 -13.84 13.66
CA THR C 312 0.15 -12.61 13.32
C THR C 312 0.27 -12.41 11.80
N ALA C 313 -0.39 -13.27 11.02
CA ALA C 313 -0.26 -13.18 9.56
C ALA C 313 -0.74 -11.83 9.05
N PRO C 314 0.04 -11.20 8.16
CA PRO C 314 -0.25 -9.87 7.61
C PRO C 314 -1.26 -9.96 6.47
N ILE C 315 -2.46 -10.41 6.83
CA ILE C 315 -3.57 -10.56 5.91
C ILE C 315 -4.81 -10.04 6.63
N PRO C 316 -5.85 -9.63 5.88
CA PRO C 316 -7.05 -9.10 6.54
C PRO C 316 -7.72 -10.15 7.41
N GLU C 317 -8.50 -9.71 8.38
CA GLU C 317 -9.11 -10.62 9.34
C GLU C 317 -10.05 -11.63 8.69
N ASP C 318 -10.77 -11.22 7.65
CA ASP C 318 -11.67 -12.19 7.03
C ASP C 318 -10.91 -13.32 6.33
N VAL C 319 -9.84 -12.97 5.62
CA VAL C 319 -9.01 -14.00 5.00
C VAL C 319 -8.31 -14.84 6.05
N LYS C 320 -7.86 -14.22 7.14
CA LYS C 320 -7.24 -14.98 8.22
C LYS C 320 -8.20 -16.03 8.78
N ALA C 321 -9.47 -15.66 8.93
CA ALA C 321 -10.47 -16.60 9.43
C ALA C 321 -10.66 -17.77 8.46
N MET C 322 -10.64 -17.49 7.16
CA MET C 322 -10.73 -18.55 6.17
C MET C 322 -9.55 -19.51 6.30
N VAL C 323 -8.34 -18.96 6.37
CA VAL C 323 -7.17 -19.81 6.48
C VAL C 323 -7.11 -20.57 7.82
N ALA C 324 -7.45 -19.88 8.91
CA ALA C 324 -7.34 -20.47 10.24
C ALA C 324 -8.29 -21.63 10.47
N GLY C 325 -9.46 -21.58 9.83
CA GLY C 325 -10.45 -22.61 10.05
C GLY C 325 -11.65 -22.69 9.12
N GLY C 326 -12.03 -21.58 8.50
CA GLY C 326 -13.21 -21.55 7.66
C GLY C 326 -13.13 -22.48 6.47
N ASN C 327 -11.98 -22.48 5.80
CA ASN C 327 -11.79 -23.36 4.65
C ASN C 327 -11.83 -24.82 5.09
N ALA C 328 -11.19 -25.13 6.20
CA ALA C 328 -11.19 -26.49 6.74
C ALA C 328 -12.59 -26.97 7.08
N ALA C 329 -13.40 -26.08 7.68
CA ALA C 329 -14.76 -26.43 8.06
C ALA C 329 -15.57 -26.81 6.82
N ARG C 330 -15.30 -26.13 5.71
CA ARG C 330 -15.97 -26.44 4.44
C ARG C 330 -15.46 -27.74 3.83
N ILE C 331 -14.15 -27.79 3.62
CA ILE C 331 -13.55 -28.93 2.93
C ILE C 331 -13.69 -30.22 3.72
N PHE C 332 -13.64 -30.13 5.04
CA PHE C 332 -13.66 -31.34 5.88
C PHE C 332 -14.94 -31.50 6.70
N ARG C 333 -16.02 -30.89 6.25
CA ARG C 333 -17.35 -31.20 6.80
C ARG C 333 -17.42 -31.00 8.31
N ILE C 334 -16.89 -29.88 8.80
CA ILE C 334 -16.92 -29.59 10.23
C ILE C 334 -17.94 -28.50 10.52
N THR C 335 -18.79 -28.73 11.50
CA THR C 335 -19.74 -27.72 11.93
C THR C 335 -19.07 -26.80 12.94
N SER D 1 -20.14 3.53 15.43
CA SER D 1 -20.62 3.12 16.75
C SER D 1 -19.62 2.13 17.34
N LEU D 2 -18.38 2.57 17.44
CA LEU D 2 -17.32 1.75 17.99
C LEU D 2 -17.57 1.51 19.48
N ARG D 3 -17.58 0.25 19.90
CA ARG D 3 -17.69 -0.05 21.34
C ARG D 3 -16.34 0.11 22.02
N LEU D 4 -16.26 1.10 22.91
CA LEU D 4 -15.01 1.43 23.59
C LEU D 4 -15.06 0.96 25.04
N ILE D 5 -14.19 0.01 25.37
CA ILE D 5 -14.04 -0.48 26.73
C ILE D 5 -12.62 -0.16 27.19
N ALA D 6 -12.51 0.83 28.07
CA ALA D 6 -11.20 1.27 28.55
C ALA D 6 -10.73 0.32 29.66
N THR D 7 -9.51 -0.20 29.55
CA THR D 7 -9.10 -1.31 30.42
C THR D 7 -8.16 -1.02 31.59
N GLU D 8 -7.73 0.23 31.77
CA GLU D 8 -6.82 0.53 32.88
C GLU D 8 -7.27 1.76 33.66
N GLU D 9 -8.49 1.67 34.16
CA GLU D 9 -9.17 2.84 34.70
C GLU D 9 -9.22 2.74 36.22
N ALA D 10 -8.50 3.64 36.87
CA ALA D 10 -8.26 3.54 38.30
C ALA D 10 -9.42 4.07 39.13
N VAL D 11 -9.62 3.45 40.29
CA VAL D 11 -10.63 3.86 41.25
C VAL D 11 -10.03 3.69 42.64
N THR D 12 -10.63 4.31 43.65
CA THR D 12 -10.29 3.96 45.02
C THR D 12 -11.55 3.96 45.87
N PHE D 13 -11.41 3.52 47.11
CA PHE D 13 -12.51 3.44 48.05
C PHE D 13 -12.03 4.01 49.37
N GLN D 14 -12.94 4.60 50.14
CA GLN D 14 -12.58 5.30 51.36
C GLN D 14 -11.71 4.50 52.36
N PRO D 15 -12.02 3.21 52.59
CA PRO D 15 -11.16 2.52 53.57
C PRO D 15 -9.70 2.42 53.12
N VAL D 16 -9.48 2.30 51.81
CA VAL D 16 -8.12 2.27 51.30
C VAL D 16 -7.49 3.66 51.37
N VAL D 17 -8.24 4.70 50.99
CA VAL D 17 -7.77 6.08 51.13
C VAL D 17 -7.34 6.38 52.56
N ASP D 18 -8.16 6.01 53.52
CA ASP D 18 -7.86 6.28 54.94
C ASP D 18 -6.58 5.57 55.37
N ALA D 19 -6.39 4.35 54.89
CA ALA D 19 -5.20 3.58 55.25
C ALA D 19 -3.92 4.16 54.63
N LEU D 20 -4.05 4.69 53.41
CA LEU D 20 -2.90 5.31 52.74
C LEU D 20 -2.57 6.68 53.33
N ARG D 21 -3.59 7.42 53.76
CA ARG D 21 -3.36 8.67 54.51
C ARG D 21 -2.51 8.40 55.74
N ALA D 22 -2.86 7.36 56.50
CA ALA D 22 -2.08 6.99 57.67
C ALA D 22 -0.69 6.53 57.25
N HIS D 23 -0.62 5.72 56.20
CA HIS D 23 0.67 5.19 55.76
C HIS D 23 1.61 6.30 55.31
N SER D 24 1.04 7.39 54.80
CA SER D 24 1.84 8.51 54.30
C SER D 24 2.68 9.17 55.37
N ARG D 25 2.29 8.99 56.63
CA ARG D 25 2.97 9.63 57.75
C ARG D 25 4.12 8.78 58.31
N THR D 26 4.21 7.53 57.84
CA THR D 26 5.25 6.63 58.33
C THR D 26 6.58 6.86 57.63
N ASP D 27 7.63 6.22 58.13
CA ASP D 27 8.96 6.35 57.54
C ASP D 27 9.30 5.26 56.54
N ASP D 28 8.26 4.67 55.92
CA ASP D 28 8.45 3.74 54.81
C ASP D 28 9.38 4.35 53.76
N ALA D 29 10.40 3.61 53.35
CA ALA D 29 11.37 4.08 52.37
C ALA D 29 11.05 3.67 50.93
N SER D 30 9.94 2.97 50.73
CA SER D 30 9.51 2.58 49.39
C SER D 30 9.40 3.79 48.50
N LEU D 31 9.82 3.65 47.24
CA LEU D 31 9.80 4.76 46.30
C LEU D 31 8.35 5.18 46.00
N ASP D 32 7.38 4.30 46.28
CA ASP D 32 5.99 4.68 46.13
C ASP D 32 5.55 5.77 47.10
N MET D 33 6.34 6.02 48.14
CA MET D 33 6.01 7.07 49.08
C MET D 33 5.94 8.46 48.45
N ILE D 34 6.63 8.65 47.32
CA ILE D 34 6.53 9.91 46.59
C ILE D 34 5.09 10.13 46.12
N LEU D 35 4.56 9.17 45.37
CA LEU D 35 3.15 9.19 44.98
C LEU D 35 2.25 9.29 46.19
N VAL D 36 2.51 8.46 47.20
CA VAL D 36 1.60 8.36 48.33
C VAL D 36 1.46 9.71 49.06
N ARG D 37 2.57 10.40 49.23
CA ARG D 37 2.52 11.72 49.87
C ARG D 37 1.85 12.76 48.98
N ASP D 38 2.12 12.69 47.67
CA ASP D 38 1.54 13.63 46.70
C ASP D 38 0.02 13.53 46.60
N VAL D 39 -0.53 12.34 46.80
CA VAL D 39 -1.96 12.13 46.64
C VAL D 39 -2.69 11.93 47.98
N TYR D 40 -2.09 11.15 48.87
CA TYR D 40 -2.76 10.78 50.13
C TYR D 40 -2.20 11.48 51.36
N GLY D 41 -1.17 12.31 51.17
CA GLY D 41 -0.52 13.00 52.26
C GLY D 41 -1.34 14.13 52.87
N ASP D 42 -0.82 14.69 53.97
CA ASP D 42 -1.58 15.68 54.74
C ASP D 42 -1.70 17.05 54.04
N GLU D 43 -0.72 17.37 53.20
CA GLU D 43 -0.78 18.59 52.38
C GLU D 43 -0.36 18.22 50.96
N PRO D 44 -1.24 17.49 50.25
CA PRO D 44 -0.89 16.87 48.97
C PRO D 44 -0.72 17.87 47.83
N ALA D 45 0.29 17.65 47.00
CA ALA D 45 0.52 18.45 45.81
C ALA D 45 -0.44 18.12 44.68
N ARG D 46 -1.13 16.98 44.82
CA ARG D 46 -2.11 16.55 43.82
C ARG D 46 -3.45 16.36 44.54
N PRO D 47 -4.02 17.45 45.07
CA PRO D 47 -5.19 17.36 45.96
C PRO D 47 -6.49 16.87 45.29
N ALA D 48 -6.63 17.03 43.98
CA ALA D 48 -7.87 16.62 43.32
C ALA D 48 -7.94 15.12 43.10
N MET D 49 -6.81 14.44 43.25
CA MET D 49 -6.74 13.06 42.78
C MET D 49 -7.61 12.08 43.57
N ILE D 50 -7.62 12.16 44.90
CA ILE D 50 -8.52 11.28 45.67
C ILE D 50 -9.98 11.38 45.21
N GLY D 51 -10.47 12.59 45.03
CA GLY D 51 -11.84 12.78 44.56
C GLY D 51 -12.07 12.19 43.17
N ARG D 52 -11.11 12.37 42.28
CA ARG D 52 -11.29 11.89 40.91
C ARG D 52 -11.23 10.37 40.86
N LEU D 53 -10.36 9.79 41.69
CA LEU D 53 -10.27 8.33 41.78
C LEU D 53 -11.53 7.75 42.40
N SER D 54 -12.08 8.44 43.41
CA SER D 54 -13.23 7.93 44.14
C SER D 54 -14.49 8.01 43.31
N ASP D 55 -14.58 9.04 42.47
CA ASP D 55 -15.78 9.27 41.67
C ASP D 55 -15.94 8.25 40.55
N VAL D 56 -17.14 7.69 40.46
CA VAL D 56 -17.46 6.78 39.39
C VAL D 56 -18.65 7.28 38.57
N THR D 57 -19.69 7.75 39.28
CA THR D 57 -20.96 8.10 38.64
C THR D 57 -21.18 9.60 38.40
N GLY D 58 -20.20 10.43 38.76
CA GLY D 58 -20.32 11.85 38.50
C GLY D 58 -19.52 12.29 37.28
N GLU D 59 -18.42 13.01 37.52
CA GLU D 59 -17.51 13.44 36.44
C GLU D 59 -17.08 12.31 35.50
N ARG D 60 -16.73 11.16 36.07
CA ARG D 60 -16.23 10.06 35.24
C ARG D 60 -17.28 9.63 34.21
N LEU D 61 -18.52 9.44 34.66
CA LEU D 61 -19.57 9.03 33.74
C LEU D 61 -19.90 10.13 32.74
N ALA D 62 -19.89 11.38 33.19
CA ALA D 62 -20.17 12.50 32.29
C ALA D 62 -19.13 12.56 31.18
N GLU D 63 -17.87 12.30 31.52
N GLU D 63 -17.87 12.33 31.53
CA GLU D 63 -16.81 12.34 30.52
CA GLU D 63 -16.78 12.34 30.56
C GLU D 63 -16.83 11.13 29.59
C GLU D 63 -16.95 11.17 29.59
N MET D 64 -17.29 9.99 30.11
CA MET D 64 -17.51 8.83 29.27
C MET D 64 -18.63 9.15 28.25
N ASP D 65 -19.72 9.77 28.73
CA ASP D 65 -20.83 10.10 27.86
C ASP D 65 -20.42 11.13 26.80
N SER D 66 -19.65 12.14 27.20
N SER D 66 -19.66 12.14 27.21
CA SER D 66 -19.28 13.20 26.26
CA SER D 66 -19.26 13.19 26.28
C SER D 66 -18.28 12.74 25.20
C SER D 66 -18.37 12.67 25.17
N ASN D 67 -17.57 11.64 25.48
CA ASN D 67 -16.61 11.09 24.54
C ASN D 67 -17.02 9.76 23.89
N GLY D 68 -18.23 9.30 24.20
CA GLY D 68 -18.73 8.06 23.62
C GLY D 68 -18.01 6.81 24.08
N VAL D 69 -17.54 6.82 25.33
CA VAL D 69 -16.91 5.65 25.92
C VAL D 69 -17.97 4.77 26.56
N ASP D 70 -18.05 3.52 26.11
N ASP D 70 -18.05 3.52 26.11
CA ASP D 70 -19.07 2.61 26.60
CA ASP D 70 -19.08 2.62 26.61
C ASP D 70 -18.81 2.18 28.05
C ASP D 70 -18.81 2.18 28.05
N MET D 71 -17.58 1.78 28.34
CA MET D 71 -17.26 1.19 29.64
C MET D 71 -15.90 1.57 30.17
N HIS D 72 -15.78 1.56 31.50
CA HIS D 72 -14.48 1.48 32.16
C HIS D 72 -14.39 0.13 32.86
N LEU D 73 -13.28 -0.55 32.65
CA LEU D 73 -12.89 -1.68 33.49
C LEU D 73 -12.08 -1.10 34.64
N LEU D 74 -12.68 -1.11 35.84
CA LEU D 74 -12.13 -0.44 37.02
C LEU D 74 -11.12 -1.29 37.77
N SER D 75 -10.10 -0.63 38.32
CA SER D 75 -9.11 -1.33 39.15
C SER D 75 -8.72 -0.45 40.32
N LEU D 76 -8.56 -1.03 41.50
CA LEU D 76 -8.03 -0.28 42.63
C LEU D 76 -6.66 0.26 42.24
N THR D 77 -6.52 1.57 42.34
CA THR D 77 -5.33 2.28 41.88
C THR D 77 -4.07 1.80 42.60
N ALA D 78 -2.93 1.84 41.92
CA ALA D 78 -1.65 1.54 42.54
C ALA D 78 -1.43 2.53 43.70
N PRO D 79 -0.81 2.08 44.80
CA PRO D 79 -0.15 0.78 44.99
C PRO D 79 -1.06 -0.30 45.56
N GLY D 80 -2.36 -0.16 45.36
CA GLY D 80 -3.31 -1.17 45.83
C GLY D 80 -3.26 -1.31 47.34
N VAL D 81 -3.23 -2.55 47.82
CA VAL D 81 -3.10 -2.81 49.25
C VAL D 81 -1.73 -3.40 49.56
N GLN D 82 -0.82 -3.29 48.61
CA GLN D 82 0.49 -3.94 48.72
C GLN D 82 1.50 -3.30 49.66
N MET D 83 1.29 -2.05 50.07
CA MET D 83 2.27 -1.41 50.96
C MET D 83 2.05 -1.73 52.43
N PHE D 84 0.87 -2.26 52.75
CA PHE D 84 0.50 -2.50 54.14
C PHE D 84 1.08 -3.82 54.64
N ASP D 85 1.04 -4.03 55.95
CA ASP D 85 1.39 -5.35 56.47
C ASP D 85 0.35 -6.40 56.00
N ALA D 86 0.65 -7.67 56.21
CA ALA D 86 -0.22 -8.73 55.70
C ALA D 86 -1.65 -8.67 56.25
N GLU D 87 -1.81 -8.49 57.55
CA GLU D 87 -3.16 -8.46 58.15
C GLU D 87 -3.99 -7.33 57.54
N THR D 88 -3.36 -6.16 57.41
CA THR D 88 -4.04 -4.98 56.89
C THR D 88 -4.35 -5.09 55.40
N GLY D 89 -3.37 -5.56 54.64
CA GLY D 89 -3.55 -5.76 53.22
C GLY D 89 -4.66 -6.76 52.95
N THR D 90 -4.67 -7.85 53.72
CA THR D 90 -5.66 -8.91 53.51
C THR D 90 -7.06 -8.40 53.82
N ARG D 91 -7.20 -7.70 54.92
CA ARG D 91 -8.47 -7.14 55.33
C ARG D 91 -8.99 -6.12 54.32
N LEU D 92 -8.11 -5.23 53.88
CA LEU D 92 -8.50 -4.18 52.94
C LEU D 92 -8.75 -4.69 51.52
N ALA D 93 -8.07 -5.76 51.11
CA ALA D 93 -8.38 -6.34 49.80
C ALA D 93 -9.82 -6.83 49.76
N ARG D 94 -10.24 -7.50 50.82
CA ARG D 94 -11.60 -8.01 50.90
C ARG D 94 -12.61 -6.86 50.82
N ILE D 95 -12.39 -5.82 51.60
CA ILE D 95 -13.25 -4.65 51.62
C ILE D 95 -13.30 -3.97 50.24
N ALA D 96 -12.13 -3.75 49.65
CA ALA D 96 -12.05 -3.13 48.34
C ALA D 96 -12.73 -3.97 47.25
N ASN D 97 -12.60 -5.29 47.36
CA ASN D 97 -13.22 -6.16 46.37
C ASN D 97 -14.74 -6.17 46.50
N ASP D 98 -15.23 -6.16 47.75
CA ASP D 98 -16.67 -6.05 47.96
C ASP D 98 -17.20 -4.73 47.41
N LEU D 99 -16.47 -3.63 47.64
CA LEU D 99 -16.91 -2.32 47.16
C LEU D 99 -16.84 -2.22 45.64
N MET D 100 -15.84 -2.89 45.04
CA MET D 100 -15.75 -2.99 43.59
C MET D 100 -16.99 -3.69 43.02
N ALA D 101 -17.36 -4.81 43.62
CA ALA D 101 -18.54 -5.54 43.17
C ALA D 101 -19.79 -4.67 43.29
N GLN D 102 -19.89 -3.92 44.38
CA GLN D 102 -20.98 -2.98 44.64
C GLN D 102 -21.02 -1.88 43.58
N THR D 103 -19.86 -1.34 43.25
CA THR D 103 -19.76 -0.25 42.29
C THR D 103 -20.20 -0.71 40.90
N VAL D 104 -19.70 -1.87 40.48
CA VAL D 104 -20.07 -2.44 39.19
C VAL D 104 -21.57 -2.70 39.09
N ALA D 105 -22.15 -3.24 40.15
CA ALA D 105 -23.58 -3.57 40.14
C ALA D 105 -24.50 -2.38 40.03
N ALA D 106 -24.03 -1.19 40.41
CA ALA D 106 -24.86 -0.01 40.27
C ALA D 106 -25.04 0.40 38.81
N ASN D 107 -24.06 0.10 37.97
CA ASN D 107 -24.11 0.44 36.56
C ASN D 107 -23.35 -0.57 35.70
N PRO D 108 -23.83 -1.81 35.64
CA PRO D 108 -23.04 -2.88 35.02
C PRO D 108 -22.95 -2.80 33.50
N THR D 109 -23.75 -1.94 32.87
CA THR D 109 -23.57 -1.71 31.44
C THR D 109 -22.44 -0.74 31.16
N ARG D 110 -22.00 -0.01 32.19
CA ARG D 110 -20.96 1.01 32.01
C ARG D 110 -19.65 0.67 32.72
N PHE D 111 -19.71 -0.22 33.70
CA PHE D 111 -18.51 -0.57 34.48
C PHE D 111 -18.36 -2.06 34.64
N ALA D 112 -17.13 -2.52 34.49
CA ALA D 112 -16.71 -3.86 34.88
C ALA D 112 -15.59 -3.68 35.92
N GLY D 113 -15.19 -4.76 36.58
CA GLY D 113 -14.20 -4.60 37.64
C GLY D 113 -13.19 -5.72 37.79
N LEU D 114 -11.98 -5.32 38.17
CA LEU D 114 -10.92 -6.25 38.53
C LEU D 114 -10.78 -6.26 40.05
N GLY D 115 -10.69 -7.46 40.62
CA GLY D 115 -10.42 -7.59 42.05
C GLY D 115 -8.92 -7.56 42.31
N THR D 116 -8.55 -7.28 43.54
CA THR D 116 -7.13 -7.25 43.90
C THR D 116 -6.88 -8.18 45.08
N PHE D 117 -5.65 -8.20 45.58
CA PHE D 117 -5.30 -9.11 46.67
C PHE D 117 -3.99 -8.65 47.29
N ALA D 118 -3.66 -9.24 48.43
CA ALA D 118 -2.47 -8.88 49.19
C ALA D 118 -1.50 -10.05 49.19
N PRO D 119 -0.61 -10.09 48.19
CA PRO D 119 0.30 -11.24 48.08
C PRO D 119 1.40 -11.27 49.16
N GLN D 120 1.43 -10.28 50.06
CA GLN D 120 2.22 -10.36 51.29
C GLN D 120 1.93 -11.67 52.03
N ASP D 121 0.70 -12.17 51.87
CA ASP D 121 0.28 -13.43 52.45
C ASP D 121 -0.27 -14.29 51.30
N PRO D 122 0.60 -15.09 50.66
CA PRO D 122 0.18 -15.83 49.47
C PRO D 122 -1.00 -16.78 49.70
N ALA D 123 -1.07 -17.47 50.84
CA ALA D 123 -2.19 -18.37 51.09
C ALA D 123 -3.50 -17.62 51.21
N SER D 124 -3.48 -16.50 51.94
CA SER D 124 -4.70 -15.70 52.08
C SER D 124 -5.09 -15.04 50.76
N ALA D 125 -4.09 -14.63 50.00
CA ALA D 125 -4.34 -14.07 48.69
C ALA D 125 -5.00 -15.08 47.76
N ALA D 126 -4.53 -16.32 47.79
CA ALA D 126 -5.12 -17.39 46.98
C ALA D 126 -6.59 -17.58 47.30
N ARG D 127 -6.93 -17.50 48.58
CA ARG D 127 -8.32 -17.64 48.98
C ARG D 127 -9.15 -16.48 48.45
N GLU D 128 -8.61 -15.28 48.53
CA GLU D 128 -9.34 -14.11 48.08
C GLU D 128 -9.53 -14.12 46.56
N ILE D 129 -8.55 -14.64 45.85
CA ILE D 129 -8.63 -14.75 44.39
C ILE D 129 -9.78 -15.67 43.99
N GLU D 130 -9.88 -16.81 44.68
CA GLU D 130 -10.99 -17.71 44.47
C GLU D 130 -12.33 -17.03 44.81
N ARG D 131 -12.36 -16.23 45.88
CA ARG D 131 -13.60 -15.52 46.23
C ARG D 131 -14.01 -14.50 45.17
N VAL D 132 -13.03 -13.75 44.67
CA VAL D 132 -13.27 -12.78 43.60
C VAL D 132 -13.87 -13.45 42.38
N ALA D 133 -13.33 -14.61 42.02
CA ALA D 133 -13.75 -15.32 40.82
C ALA D 133 -15.14 -15.94 40.95
N THR D 134 -15.37 -16.67 42.04
CA THR D 134 -16.58 -17.49 42.14
C THR D 134 -17.71 -16.90 42.98
N GLN D 135 -17.37 -16.13 44.02
CA GLN D 135 -18.40 -15.55 44.87
C GLN D 135 -18.81 -14.15 44.43
N LEU D 136 -17.85 -13.32 44.02
CA LEU D 136 -18.18 -11.97 43.56
C LEU D 136 -18.38 -11.90 42.06
N ARG D 137 -17.84 -12.88 41.35
CA ARG D 137 -17.94 -12.94 39.90
C ARG D 137 -17.43 -11.69 39.21
N LEU D 138 -16.28 -11.18 39.66
CA LEU D 138 -15.66 -10.03 39.02
C LEU D 138 -14.96 -10.43 37.72
N ASN D 139 -14.49 -9.45 36.96
CA ASN D 139 -14.07 -9.68 35.58
C ASN D 139 -12.63 -10.12 35.42
N GLY D 140 -11.83 -10.00 36.48
CA GLY D 140 -10.40 -10.26 36.36
C GLY D 140 -9.73 -9.80 37.62
N LEU D 141 -8.39 -9.73 37.56
CA LEU D 141 -7.57 -9.38 38.71
C LEU D 141 -6.59 -8.28 38.36
N VAL D 142 -6.16 -7.54 39.38
CA VAL D 142 -5.12 -6.53 39.20
C VAL D 142 -4.14 -6.57 40.39
N ILE D 143 -2.86 -6.39 40.09
CA ILE D 143 -1.85 -6.26 41.13
C ILE D 143 -0.82 -5.27 40.58
N ASN D 144 -0.10 -4.58 41.47
CA ASN D 144 0.80 -3.53 41.04
C ASN D 144 2.25 -3.91 41.20
N SER D 145 2.83 -4.44 40.13
CA SER D 145 4.20 -4.98 40.11
C SER D 145 4.62 -5.63 41.43
N HIS D 146 5.76 -5.22 41.98
CA HIS D 146 6.36 -5.97 43.09
C HIS D 146 5.54 -5.98 44.38
N THR D 147 5.79 -6.99 45.22
CA THR D 147 5.30 -6.96 46.59
C THR D 147 6.48 -7.28 47.50
N ASN D 148 6.67 -6.45 48.52
CA ASN D 148 7.77 -6.59 49.46
C ASN D 148 9.13 -6.63 48.77
N ASP D 149 9.22 -5.93 47.64
CA ASP D 149 10.46 -5.83 46.88
C ASP D 149 10.93 -7.16 46.32
N LEU D 150 9.97 -8.08 46.15
CA LEU D 150 10.19 -9.34 45.44
C LEU D 150 9.39 -9.35 44.15
N TYR D 151 9.91 -10.06 43.15
CA TYR D 151 9.23 -10.15 41.85
C TYR D 151 8.55 -11.51 41.71
N TYR D 152 7.70 -11.65 40.68
CA TYR D 152 6.78 -12.78 40.65
C TYR D 152 7.36 -14.07 40.11
N ASP D 153 8.67 -14.06 39.83
CA ASP D 153 9.40 -15.32 39.62
C ASP D 153 9.63 -16.06 40.94
N ASP D 154 9.55 -15.35 42.06
CA ASP D 154 9.92 -15.95 43.36
C ASP D 154 8.90 -17.04 43.73
N PRO D 155 9.39 -18.24 44.10
CA PRO D 155 8.50 -19.35 44.45
C PRO D 155 7.57 -19.03 45.63
N PHE D 156 7.91 -18.01 46.40
CA PHE D 156 7.07 -17.53 47.49
C PHE D 156 5.65 -17.28 46.99
N PHE D 157 5.52 -16.79 45.77
CA PHE D 157 4.21 -16.46 45.22
C PHE D 157 3.51 -17.58 44.44
N HIS D 158 4.12 -18.77 44.36
CA HIS D 158 3.47 -19.88 43.66
C HIS D 158 1.99 -20.12 44.05
N PRO D 159 1.65 -20.06 45.36
CA PRO D 159 0.23 -20.25 45.68
C PRO D 159 -0.69 -19.21 45.06
N VAL D 160 -0.17 -17.99 44.85
CA VAL D 160 -0.96 -16.96 44.20
C VAL D 160 -1.22 -17.34 42.75
N PHE D 161 -0.17 -17.73 42.04
CA PHE D 161 -0.33 -18.02 40.62
C PHE D 161 -1.09 -19.31 40.37
N GLU D 162 -0.97 -20.27 41.27
CA GLU D 162 -1.78 -21.48 41.21
C GLU D 162 -3.27 -21.09 41.24
N ALA D 163 -3.64 -20.20 42.16
CA ALA D 163 -5.05 -19.81 42.31
C ALA D 163 -5.53 -18.98 41.12
N ILE D 164 -4.66 -18.10 40.62
CA ILE D 164 -5.02 -17.29 39.46
C ILE D 164 -5.25 -18.19 38.24
N GLU D 165 -4.31 -19.10 37.97
CA GLU D 165 -4.48 -20.00 36.83
C GLU D 165 -5.78 -20.81 36.93
N ALA D 166 -6.04 -21.37 38.10
CA ALA D 166 -7.23 -22.19 38.33
C ALA D 166 -8.51 -21.38 38.17
N SER D 167 -8.44 -20.09 38.52
CA SER D 167 -9.63 -19.23 38.49
C SER D 167 -10.06 -18.88 37.07
N GLY D 168 -9.11 -18.92 36.13
CA GLY D 168 -9.38 -18.49 34.77
C GLY D 168 -9.40 -16.98 34.60
N LEU D 169 -9.18 -16.24 35.67
CA LEU D 169 -9.15 -14.78 35.56
C LEU D 169 -7.80 -14.27 35.05
N ALA D 170 -7.84 -13.30 34.15
CA ALA D 170 -6.62 -12.63 33.71
C ALA D 170 -6.12 -11.70 34.80
N LEU D 171 -4.79 -11.61 34.93
CA LEU D 171 -4.18 -10.72 35.90
C LEU D 171 -3.54 -9.54 35.18
N TYR D 172 -4.06 -8.34 35.44
CA TYR D 172 -3.44 -7.12 34.97
C TYR D 172 -2.30 -6.79 35.93
N ILE D 173 -1.06 -6.81 35.46
CA ILE D 173 0.06 -6.39 36.30
C ILE D 173 0.35 -4.94 35.97
N HIS D 174 -0.25 -4.07 36.77
CA HIS D 174 -0.14 -2.63 36.65
C HIS D 174 1.18 -2.19 37.26
N PRO D 175 1.73 -1.03 36.87
CA PRO D 175 2.96 -0.57 37.52
C PRO D 175 2.81 -0.16 38.99
N ARG D 176 3.95 -0.10 39.67
CA ARG D 176 4.12 0.77 40.84
C ARG D 176 5.55 1.28 40.71
N ALA D 177 6.01 2.09 41.66
CA ALA D 177 7.36 2.63 41.57
C ALA D 177 8.40 1.52 41.68
N PRO D 178 9.57 1.72 41.05
CA PRO D 178 10.69 0.78 41.16
C PRO D 178 10.90 0.29 42.58
N SER D 179 11.09 -1.01 42.72
CA SER D 179 11.34 -1.65 44.00
C SER D 179 12.67 -1.21 44.60
N LYS D 180 12.92 -1.64 45.83
CA LYS D 180 14.18 -1.29 46.48
C LYS D 180 15.38 -1.92 45.80
N GLN D 181 15.16 -2.95 44.99
CA GLN D 181 16.26 -3.55 44.23
C GLN D 181 16.82 -2.59 43.21
N ILE D 182 16.00 -1.64 42.74
CA ILE D 182 16.38 -0.77 41.64
C ILE D 182 16.10 0.72 41.87
N ASP D 183 15.50 1.07 43.00
CA ASP D 183 15.00 2.45 43.13
C ASP D 183 16.04 3.57 43.18
N ARG D 184 17.30 3.24 43.48
CA ARG D 184 18.35 4.26 43.63
C ARG D 184 18.49 5.12 42.36
N ALA D 185 18.24 4.51 41.21
CA ALA D 185 18.44 5.21 39.93
C ALA D 185 17.24 6.01 39.49
N PHE D 186 16.20 6.01 40.32
CA PHE D 186 14.92 6.62 39.94
C PHE D 186 14.46 7.70 40.93
N ARG D 187 15.42 8.32 41.62
CA ARG D 187 15.12 9.33 42.63
C ARG D 187 15.15 10.75 42.05
N ASP D 188 15.52 10.88 40.77
CA ASP D 188 15.71 12.19 40.19
C ASP D 188 14.82 12.43 38.99
N TYR D 189 14.54 13.71 38.73
CA TYR D 189 13.80 14.12 37.53
C TYR D 189 12.42 13.50 37.40
N GLY D 190 11.80 13.12 38.51
CA GLY D 190 10.48 12.52 38.48
C GLY D 190 10.44 11.10 37.93
N MET D 191 11.61 10.48 37.84
CA MET D 191 11.70 9.15 37.22
C MET D 191 11.10 8.03 38.07
N ASN D 192 10.68 8.32 39.28
CA ASN D 192 9.98 7.32 40.09
C ASN D 192 8.69 6.86 39.44
N SER D 193 8.11 7.72 38.60
CA SER D 193 6.73 7.59 38.16
C SER D 193 6.58 7.09 36.72
N ALA D 194 5.46 7.43 36.11
CA ALA D 194 5.10 6.97 34.77
C ALA D 194 6.12 7.32 33.68
N ILE D 195 6.83 8.44 33.85
CA ILE D 195 7.79 8.87 32.83
C ILE D 195 8.90 7.82 32.56
N TRP D 196 9.27 7.01 33.55
CA TRP D 196 10.31 6.03 33.28
C TRP D 196 10.29 4.83 34.23
N GLY D 197 10.28 5.10 35.53
CA GLY D 197 10.37 4.04 36.51
C GLY D 197 9.27 2.99 36.43
N TYR D 198 8.04 3.44 36.21
CA TYR D 198 6.91 2.50 36.11
C TYR D 198 7.16 1.42 35.07
N GLY D 199 7.68 1.82 33.91
CA GLY D 199 7.91 0.88 32.83
C GLY D 199 9.06 -0.08 33.10
N ILE D 200 10.14 0.42 33.70
CA ILE D 200 11.31 -0.42 33.98
C ILE D 200 10.95 -1.44 35.05
N GLU D 201 10.27 -0.97 36.10
CA GLU D 201 9.86 -1.84 37.20
C GLU D 201 8.97 -2.98 36.69
N THR D 202 7.96 -2.63 35.91
CA THR D 202 6.94 -3.61 35.54
C THR D 202 7.46 -4.58 34.49
N SER D 203 8.18 -4.04 33.49
CA SER D 203 8.75 -4.89 32.45
C SER D 203 9.78 -5.87 33.03
N THR D 204 10.58 -5.40 33.98
CA THR D 204 11.58 -6.28 34.60
C THR D 204 10.92 -7.41 35.38
N ASN D 205 9.85 -7.10 36.11
CA ASN D 205 9.05 -8.11 36.79
C ASN D 205 8.56 -9.17 35.77
N ALA D 206 7.93 -8.73 34.70
CA ALA D 206 7.45 -9.67 33.68
C ALA D 206 8.54 -10.51 33.01
N VAL D 207 9.68 -9.90 32.71
CA VAL D 207 10.78 -10.62 32.09
C VAL D 207 11.30 -11.71 33.04
N ARG D 208 11.43 -11.38 34.32
CA ARG D 208 11.78 -12.39 35.33
C ARG D 208 10.79 -13.54 35.36
N MET D 209 9.49 -13.22 35.31
CA MET D 209 8.45 -14.25 35.27
C MET D 209 8.68 -15.20 34.10
N ILE D 210 8.85 -14.64 32.91
CA ILE D 210 9.07 -15.46 31.72
C ILE D 210 10.34 -16.30 31.83
N LEU D 211 11.47 -15.65 32.11
CA LEU D 211 12.74 -16.36 32.11
C LEU D 211 12.87 -17.41 33.22
N SER D 212 12.11 -17.24 34.29
CA SER D 212 12.14 -18.19 35.40
C SER D 212 11.38 -19.48 35.11
N GLY D 213 10.62 -19.48 34.03
CA GLY D 213 9.81 -20.64 33.70
C GLY D 213 8.44 -20.67 34.36
N LEU D 214 7.99 -19.53 34.86
CA LEU D 214 6.70 -19.45 35.53
C LEU D 214 5.58 -19.97 34.65
N PHE D 215 5.69 -19.70 33.35
CA PHE D 215 4.65 -20.07 32.41
C PHE D 215 4.74 -21.50 31.89
N ASP D 216 5.78 -22.24 32.28
CA ASP D 216 5.77 -23.68 32.10
C ASP D 216 5.07 -24.33 33.31
N ARG D 217 5.24 -23.73 34.48
CA ARG D 217 4.58 -24.19 35.69
C ARG D 217 3.08 -23.91 35.66
N PHE D 218 2.71 -22.74 35.14
CA PHE D 218 1.30 -22.33 35.08
C PHE D 218 0.97 -21.88 33.65
N PRO D 219 0.87 -22.84 32.72
CA PRO D 219 0.75 -22.47 31.31
C PRO D 219 -0.55 -21.81 30.89
N ARG D 220 -1.59 -21.87 31.73
CA ARG D 220 -2.85 -21.22 31.38
C ARG D 220 -3.02 -19.83 32.00
N LEU D 221 -1.98 -19.30 32.64
CA LEU D 221 -2.03 -17.92 33.10
C LEU D 221 -2.26 -16.93 31.97
N LYS D 222 -3.08 -15.92 32.20
CA LYS D 222 -3.18 -14.79 31.28
C LYS D 222 -2.76 -13.53 32.03
N ILE D 223 -1.72 -12.89 31.52
CA ILE D 223 -1.22 -11.65 32.10
C ILE D 223 -1.48 -10.49 31.14
N VAL D 224 -1.87 -9.34 31.69
CA VAL D 224 -2.08 -8.14 30.87
C VAL D 224 -1.15 -7.04 31.36
N LEU D 225 -0.47 -6.37 30.41
CA LEU D 225 0.43 -5.28 30.72
C LEU D 225 0.01 -4.02 29.98
N GLY D 226 -0.11 -2.92 30.70
CA GLY D 226 -0.42 -1.64 30.06
C GLY D 226 0.77 -0.97 29.40
N HIS D 227 0.57 0.27 28.98
CA HIS D 227 1.67 1.08 28.48
C HIS D 227 2.39 0.39 27.32
N MET D 228 1.56 -0.09 26.40
CA MET D 228 1.97 -0.83 25.21
C MET D 228 2.90 -2.00 25.57
N GLY D 229 2.50 -2.77 26.57
CA GLY D 229 3.23 -3.94 27.00
C GLY D 229 4.51 -3.62 27.76
N GLU D 230 4.60 -2.41 28.31
CA GLU D 230 5.80 -1.95 29.02
C GLU D 230 7.03 -2.13 28.15
N ALA D 231 6.83 -1.95 26.84
CA ALA D 231 7.86 -2.07 25.79
C ALA D 231 8.42 -3.45 25.53
N ILE D 232 7.97 -4.46 26.27
CA ILE D 232 8.41 -5.82 25.96
C ILE D 232 8.15 -6.21 24.49
N PRO D 233 7.02 -5.79 23.90
CA PRO D 233 6.87 -6.13 22.48
C PRO D 233 8.03 -5.64 21.61
N PHE D 234 8.70 -4.56 21.99
CA PHE D 234 9.81 -4.05 21.18
C PHE D 234 11.06 -4.92 21.27
N TRP D 235 11.21 -5.64 22.39
CA TRP D 235 12.44 -6.36 22.72
C TRP D 235 12.37 -7.85 22.36
N LEU D 236 11.29 -8.28 21.71
CA LEU D 236 11.07 -9.73 21.52
C LEU D 236 12.19 -10.48 20.79
N TRP D 237 12.75 -9.87 19.75
CA TRP D 237 13.77 -10.55 18.96
C TRP D 237 15.02 -10.79 19.81
N ARG D 238 15.42 -9.77 20.56
CA ARG D 238 16.62 -9.82 21.38
C ARG D 238 16.45 -10.76 22.58
N LEU D 239 15.27 -10.74 23.19
CA LEU D 239 14.94 -11.70 24.25
C LEU D 239 15.14 -13.13 23.75
N ASP D 240 14.66 -13.40 22.54
CA ASP D 240 14.80 -14.74 21.97
C ASP D 240 16.24 -15.03 21.59
N TYR D 241 16.90 -14.07 20.93
CA TYR D 241 18.27 -14.31 20.47
C TYR D 241 19.19 -14.65 21.64
N MET D 242 19.10 -13.88 22.72
CA MET D 242 20.04 -14.02 23.84
C MET D 242 19.68 -15.12 24.83
N HIS D 243 18.54 -15.77 24.62
CA HIS D 243 18.13 -16.81 25.56
C HIS D 243 19.12 -17.97 25.64
N GLY D 244 19.72 -18.34 24.52
CA GLY D 244 20.74 -19.39 24.52
C GLY D 244 21.88 -19.09 25.48
N ASN D 245 22.39 -17.87 25.43
CA ASN D 245 23.43 -17.43 26.36
C ASN D 245 22.96 -17.47 27.80
N ALA D 246 21.71 -17.08 28.02
CA ALA D 246 21.15 -17.08 29.37
C ALA D 246 21.11 -18.49 29.98
N THR D 247 20.72 -19.48 29.18
CA THR D 247 20.62 -20.85 29.69
C THR D 247 21.99 -21.56 29.69
N THR D 248 22.88 -21.14 28.81
CA THR D 248 24.18 -21.78 28.68
C THR D 248 25.19 -21.25 29.71
N PHE D 249 25.24 -19.93 29.89
CA PHE D 249 26.22 -19.34 30.81
C PHE D 249 25.60 -18.71 32.05
N GLY D 250 24.31 -18.38 32.00
CA GLY D 250 23.69 -17.61 33.08
C GLY D 250 22.80 -18.38 34.05
N GLY D 251 22.75 -19.69 33.90
CA GLY D 251 21.97 -20.52 34.82
C GLY D 251 20.47 -20.35 34.71
N ALA D 252 20.00 -19.72 33.63
CA ALA D 252 18.56 -19.63 33.37
C ALA D 252 18.06 -21.04 33.08
N PRO D 253 16.84 -21.35 33.54
CA PRO D 253 16.32 -22.70 33.30
C PRO D 253 15.92 -22.92 31.86
N LYS D 254 16.04 -24.16 31.38
CA LYS D 254 15.56 -24.48 30.06
C LYS D 254 14.05 -24.34 30.04
N LEU D 255 13.54 -23.78 28.96
CA LEU D 255 12.11 -23.49 28.80
C LEU D 255 11.55 -24.28 27.63
N LYS D 256 10.27 -24.62 27.71
CA LYS D 256 9.61 -25.34 26.63
C LYS D 256 9.48 -24.49 25.36
N LEU D 257 9.24 -23.19 25.54
CA LEU D 257 9.03 -22.27 24.42
C LEU D 257 10.12 -21.19 24.42
N LYS D 258 10.14 -20.36 23.38
CA LYS D 258 11.00 -19.18 23.37
C LYS D 258 10.36 -18.08 24.20
N PRO D 259 11.17 -17.18 24.76
CA PRO D 259 10.62 -16.05 25.52
C PRO D 259 9.48 -15.31 24.79
N SER D 260 9.64 -15.00 23.49
CA SER D 260 8.59 -14.27 22.79
C SER D 260 7.32 -15.10 22.64
N GLU D 261 7.49 -16.41 22.63
CA GLU D 261 6.34 -17.30 22.53
C GLU D 261 5.50 -17.30 23.81
N TYR D 262 6.14 -17.20 24.97
CA TYR D 262 5.39 -16.97 26.21
C TYR D 262 4.71 -15.64 26.16
N PHE D 263 5.40 -14.63 25.64
CA PHE D 263 4.76 -13.33 25.59
C PHE D 263 3.50 -13.34 24.74
N ARG D 264 3.54 -13.95 23.56
CA ARG D 264 2.35 -14.00 22.72
C ARG D 264 1.29 -14.99 23.23
N ARG D 265 1.72 -16.08 23.87
CA ARG D 265 0.75 -17.07 24.34
C ARG D 265 0.06 -16.63 25.63
N ASN D 266 0.85 -16.10 26.56
CA ASN D 266 0.36 -15.84 27.92
C ASN D 266 0.08 -14.38 28.25
N PHE D 267 0.45 -13.45 27.37
CA PHE D 267 0.24 -12.03 27.68
C PHE D 267 -0.64 -11.37 26.64
N ALA D 268 -1.30 -10.30 27.07
CA ALA D 268 -1.89 -9.34 26.14
C ALA D 268 -1.51 -7.98 26.66
N ILE D 269 -1.68 -6.95 25.84
CA ILE D 269 -1.24 -5.60 26.22
C ILE D 269 -2.35 -4.59 26.07
N THR D 270 -2.19 -3.45 26.73
CA THR D 270 -3.08 -2.33 26.48
C THR D 270 -2.30 -1.08 26.09
N THR D 271 -3.03 -0.09 25.56
CA THR D 271 -2.42 1.13 25.04
C THR D 271 -2.38 2.26 26.03
N SER D 272 -2.66 1.98 27.31
CA SER D 272 -2.69 3.06 28.29
C SER D 272 -1.42 3.90 28.24
N GLY D 273 -1.57 5.21 28.15
CA GLY D 273 -0.41 6.09 28.24
C GLY D 273 0.51 6.06 27.04
N VAL D 274 0.11 5.35 25.98
CA VAL D 274 0.93 5.27 24.76
C VAL D 274 0.02 5.47 23.55
N GLU D 275 -0.35 6.73 23.34
CA GLU D 275 -1.28 7.09 22.28
C GLU D 275 -0.50 7.39 21.00
N SER D 276 0.17 6.34 20.52
CA SER D 276 0.99 6.41 19.31
C SER D 276 0.49 5.41 18.28
N HIS D 277 0.04 5.91 17.14
CA HIS D 277 -0.37 5.02 16.06
C HIS D 277 0.77 4.13 15.60
N ALA D 278 2.00 4.65 15.58
CA ALA D 278 3.14 3.84 15.16
C ALA D 278 3.38 2.69 16.12
N ALA D 279 3.34 2.97 17.42
CA ALA D 279 3.58 1.92 18.41
C ALA D 279 2.45 0.89 18.43
N LEU D 280 1.23 1.36 18.21
CA LEU D 280 0.06 0.49 18.09
C LEU D 280 0.20 -0.45 16.89
N ARG D 281 0.56 0.11 15.73
CA ARG D 281 0.72 -0.72 14.55
C ARG D 281 1.83 -1.75 14.73
N TYR D 282 2.96 -1.33 15.30
CA TYR D 282 4.04 -2.26 15.60
C TYR D 282 3.55 -3.41 16.49
N SER D 283 2.81 -3.07 17.54
CA SER D 283 2.37 -4.09 18.48
C SER D 283 1.38 -5.06 17.86
N ILE D 284 0.46 -4.56 17.04
CA ILE D 284 -0.46 -5.44 16.32
C ILE D 284 0.33 -6.39 15.40
N GLU D 285 1.36 -5.87 14.75
N GLU D 285 1.36 -5.85 14.76
CA GLU D 285 2.15 -6.69 13.85
CA GLU D 285 2.21 -6.62 13.86
C GLU D 285 2.86 -7.85 14.57
C GLU D 285 2.93 -7.80 14.52
N VAL D 286 3.49 -7.55 15.70
CA VAL D 286 4.30 -8.57 16.36
C VAL D 286 3.56 -9.45 17.34
N LEU D 287 2.43 -8.98 17.86
CA LEU D 287 1.66 -9.74 18.84
C LEU D 287 0.42 -10.37 18.24
N GLY D 288 -0.06 -9.78 17.14
CA GLY D 288 -1.36 -10.15 16.61
C GLY D 288 -2.45 -9.23 17.12
N PRO D 289 -3.46 -8.97 16.30
CA PRO D 289 -4.53 -8.03 16.67
C PRO D 289 -5.38 -8.48 17.86
N GLU D 290 -5.37 -9.77 18.20
CA GLU D 290 -6.17 -10.23 19.33
C GLU D 290 -5.52 -9.89 20.67
N ASN D 291 -4.26 -9.46 20.63
CA ASN D 291 -3.50 -9.27 21.85
C ASN D 291 -3.31 -7.83 22.28
N VAL D 292 -4.00 -6.90 21.63
CA VAL D 292 -3.87 -5.49 21.96
C VAL D 292 -5.23 -4.91 22.36
N MET D 293 -5.28 -4.23 23.51
CA MET D 293 -6.53 -3.62 23.98
C MET D 293 -6.34 -2.13 24.21
N TRP D 294 -7.43 -1.37 24.09
CA TRP D 294 -7.40 0.05 24.35
C TRP D 294 -7.61 0.37 25.84
N ALA D 295 -7.03 1.48 26.29
CA ALA D 295 -7.22 1.97 27.65
C ALA D 295 -7.01 3.46 27.67
N ILE D 296 -7.40 4.10 28.77
CA ILE D 296 -7.21 5.53 28.97
C ILE D 296 -6.14 5.85 30.03
N ASP D 297 -6.15 5.07 31.13
CA ASP D 297 -5.40 5.41 32.35
C ASP D 297 -6.02 6.62 33.04
N TYR D 298 -7.35 6.70 33.00
CA TYR D 298 -8.10 7.71 33.75
C TYR D 298 -8.05 7.34 35.24
N PRO D 299 -7.99 8.33 36.14
CA PRO D 299 -8.02 9.78 35.97
C PRO D 299 -6.65 10.41 35.85
N TYR D 300 -5.62 9.59 35.71
CA TYR D 300 -4.27 10.11 35.58
C TYR D 300 -4.03 10.72 34.20
N GLN D 301 -4.83 10.29 33.22
CA GLN D 301 -4.85 10.87 31.88
C GLN D 301 -6.27 11.17 31.47
N PRO D 302 -6.46 12.16 30.58
CA PRO D 302 -7.80 12.55 30.14
C PRO D 302 -8.39 11.61 29.10
N MET D 303 -9.71 11.53 29.06
CA MET D 303 -10.37 10.60 28.14
C MET D 303 -10.36 11.04 26.66
N ALA D 304 -10.60 12.31 26.39
CA ALA D 304 -10.76 12.75 25.01
C ALA D 304 -9.59 12.38 24.08
N PRO D 305 -8.34 12.70 24.47
CA PRO D 305 -7.25 12.35 23.57
C PRO D 305 -7.10 10.84 23.39
N ALA D 306 -7.33 10.07 24.44
CA ALA D 306 -7.18 8.61 24.34
C ALA D 306 -8.25 8.05 23.39
N VAL D 307 -9.46 8.57 23.49
CA VAL D 307 -10.54 8.16 22.61
C VAL D 307 -10.23 8.54 21.18
N GLN D 308 -9.77 9.76 20.96
CA GLN D 308 -9.49 10.22 19.62
C GLN D 308 -8.33 9.46 18.98
N PHE D 309 -7.36 9.05 19.80
CA PHE D 309 -6.28 8.17 19.35
C PHE D 309 -6.79 6.89 18.71
N ILE D 310 -7.69 6.19 19.38
CA ILE D 310 -8.16 4.92 18.82
C ILE D 310 -9.19 5.14 17.68
N ARG D 311 -10.05 6.15 17.80
CA ARG D 311 -11.02 6.46 16.74
C ARG D 311 -10.36 6.83 15.41
N THR D 312 -9.15 7.36 15.46
CA THR D 312 -8.42 7.75 14.26
C THR D 312 -7.29 6.78 13.87
N ALA D 313 -7.18 5.64 14.56
CA ALA D 313 -6.07 4.72 14.25
C ALA D 313 -6.14 4.25 12.80
N PRO D 314 -5.00 4.29 12.10
CA PRO D 314 -4.97 3.87 10.68
C PRO D 314 -4.87 2.36 10.56
N ILE D 315 -5.94 1.70 10.97
CA ILE D 315 -6.07 0.26 10.91
C ILE D 315 -7.49 -0.04 10.44
N PRO D 316 -7.73 -1.25 9.90
CA PRO D 316 -9.06 -1.58 9.41
C PRO D 316 -10.10 -1.54 10.52
N GLU D 317 -11.35 -1.27 10.15
CA GLU D 317 -12.41 -1.17 11.14
C GLU D 317 -12.60 -2.42 11.99
N ASP D 318 -12.43 -3.61 11.39
CA ASP D 318 -12.60 -4.81 12.22
C ASP D 318 -11.50 -4.94 13.29
N VAL D 319 -10.25 -4.66 12.91
CA VAL D 319 -9.16 -4.67 13.87
C VAL D 319 -9.35 -3.57 14.90
N LYS D 320 -9.81 -2.42 14.46
CA LYS D 320 -10.08 -1.32 15.38
C LYS D 320 -11.12 -1.73 16.44
N ALA D 321 -12.17 -2.44 16.02
CA ALA D 321 -13.19 -2.92 16.95
C ALA D 321 -12.60 -3.90 17.98
N MET D 322 -11.68 -4.75 17.53
CA MET D 322 -11.02 -5.67 18.44
C MET D 322 -10.23 -4.92 19.50
N VAL D 323 -9.41 -3.97 19.06
CA VAL D 323 -8.62 -3.16 19.98
C VAL D 323 -9.48 -2.31 20.91
N ALA D 324 -10.51 -1.68 20.35
CA ALA D 324 -11.33 -0.76 21.13
C ALA D 324 -12.09 -1.44 22.24
N GLY D 325 -12.52 -2.67 22.00
CA GLY D 325 -13.35 -3.35 22.99
C GLY D 325 -13.54 -4.84 22.86
N GLY D 326 -13.45 -5.37 21.65
CA GLY D 326 -13.70 -6.79 21.44
C GLY D 326 -12.76 -7.70 22.19
N ASN D 327 -11.48 -7.37 22.16
CA ASN D 327 -10.50 -8.17 22.89
C ASN D 327 -10.74 -8.12 24.39
N ALA D 328 -11.04 -6.94 24.91
CA ALA D 328 -11.34 -6.77 26.33
C ALA D 328 -12.56 -7.58 26.74
N ALA D 329 -13.59 -7.57 25.90
CA ALA D 329 -14.79 -8.33 26.20
C ALA D 329 -14.51 -9.83 26.32
N ARG D 330 -13.58 -10.34 25.51
CA ARG D 330 -13.19 -11.75 25.56
C ARG D 330 -12.34 -12.01 26.80
N ILE D 331 -11.25 -11.27 26.92
CA ILE D 331 -10.26 -11.51 27.97
C ILE D 331 -10.82 -11.29 29.36
N PHE D 332 -11.68 -10.28 29.51
CA PHE D 332 -12.26 -9.95 30.81
C PHE D 332 -13.73 -10.37 30.95
N ARG D 333 -14.18 -11.26 30.06
CA ARG D 333 -15.52 -11.83 30.09
C ARG D 333 -16.62 -10.80 30.38
N ILE D 334 -16.67 -9.78 29.53
CA ILE D 334 -17.68 -8.75 29.58
C ILE D 334 -18.69 -9.03 28.46
N THR D 335 -19.98 -8.98 28.79
CA THR D 335 -20.99 -9.18 27.75
C THR D 335 -21.26 -7.88 26.98
N SER E 1 25.94 -4.16 -4.65
CA SER E 1 26.73 -2.94 -4.56
C SER E 1 26.31 -2.11 -3.35
N LEU E 2 25.46 -2.68 -2.52
CA LEU E 2 25.06 -2.03 -1.27
C LEU E 2 26.27 -1.92 -0.35
N ARG E 3 26.60 -0.70 0.07
CA ARG E 3 27.73 -0.51 0.98
C ARG E 3 27.32 -0.75 2.43
N LEU E 4 27.89 -1.77 3.03
N LEU E 4 27.87 -1.79 3.03
CA LEU E 4 27.58 -2.17 4.39
CA LEU E 4 27.54 -2.15 4.40
C LEU E 4 28.69 -1.75 5.35
C LEU E 4 28.66 -1.78 5.36
N ILE E 5 28.36 -0.84 6.26
CA ILE E 5 29.29 -0.41 7.29
C ILE E 5 28.71 -0.78 8.63
N ALA E 6 29.28 -1.81 9.27
CA ALA E 6 28.76 -2.30 10.53
C ALA E 6 29.25 -1.40 11.69
N THR E 7 28.35 -0.92 12.52
CA THR E 7 28.71 0.15 13.46
C THR E 7 28.95 -0.21 14.93
N GLU E 8 28.77 -1.46 15.34
CA GLU E 8 29.01 -1.82 16.74
C GLU E 8 29.88 -3.06 16.85
N GLU E 9 31.09 -2.96 16.33
CA GLU E 9 31.91 -4.15 16.13
C GLU E 9 33.06 -4.12 17.09
N ALA E 10 33.02 -5.04 18.05
CA ALA E 10 33.93 -5.01 19.18
C ALA E 10 35.33 -5.54 18.84
N VAL E 11 36.32 -4.98 19.51
CA VAL E 11 37.71 -5.41 19.37
C VAL E 11 38.35 -5.32 20.76
N THR E 12 39.49 -5.98 20.94
CA THR E 12 40.28 -5.73 22.12
C THR E 12 41.75 -5.73 21.74
N PHE E 13 42.59 -5.39 22.72
CA PHE E 13 44.03 -5.29 22.51
C PHE E 13 44.69 -5.91 23.74
N GLN E 14 45.89 -6.45 23.56
CA GLN E 14 46.54 -7.22 24.62
C GLN E 14 46.68 -6.51 25.97
N PRO E 15 47.08 -5.22 25.97
CA PRO E 15 47.23 -4.56 27.28
C PRO E 15 45.92 -4.50 28.06
N VAL E 16 44.80 -4.34 27.36
CA VAL E 16 43.50 -4.31 28.04
C VAL E 16 43.11 -5.72 28.51
N VAL E 17 43.34 -6.70 27.64
CA VAL E 17 43.13 -8.09 28.00
C VAL E 17 43.90 -8.47 29.26
N ASP E 18 45.19 -8.12 29.30
CA ASP E 18 46.04 -8.43 30.45
C ASP E 18 45.50 -7.77 31.71
N ALA E 19 45.08 -6.52 31.58
CA ALA E 19 44.54 -5.79 32.71
C ALA E 19 43.21 -6.37 33.21
N LEU E 20 42.37 -6.82 32.28
CA LEU E 20 41.11 -7.43 32.67
C LEU E 20 41.30 -8.83 33.27
N ARG E 21 42.30 -9.55 32.81
CA ARG E 21 42.68 -10.82 33.43
C ARG E 21 43.03 -10.61 34.91
N ALA E 22 43.87 -9.61 35.18
CA ALA E 22 44.22 -9.28 36.55
C ALA E 22 42.99 -8.83 37.34
N HIS E 23 42.16 -8.00 36.72
CA HIS E 23 40.99 -7.48 37.42
C HIS E 23 40.01 -8.58 37.79
N SER E 24 39.97 -9.62 36.97
CA SER E 24 39.08 -10.76 37.22
C SER E 24 39.38 -11.45 38.56
N ARG E 25 40.58 -11.21 39.09
CA ARG E 25 41.02 -11.86 40.32
C ARG E 25 40.73 -11.02 41.56
N THR E 26 40.20 -9.82 41.35
CA THR E 26 39.87 -8.95 42.47
C THR E 26 38.49 -9.27 43.03
N ASP E 27 38.13 -8.59 44.11
CA ASP E 27 36.84 -8.81 44.76
C ASP E 27 35.83 -7.72 44.38
N ASP E 28 36.05 -7.08 43.23
CA ASP E 28 35.12 -6.11 42.67
C ASP E 28 33.71 -6.71 42.65
N ALA E 29 32.73 -5.95 43.13
CA ALA E 29 31.35 -6.43 43.19
C ALA E 29 30.52 -5.99 41.98
N SER E 30 31.12 -5.24 41.06
CA SER E 30 30.40 -4.79 39.87
C SER E 30 29.80 -5.97 39.12
N LEU E 31 28.58 -5.78 38.61
CA LEU E 31 27.87 -6.85 37.90
C LEU E 31 28.59 -7.25 36.61
N ASP E 32 29.46 -6.37 36.12
CA ASP E 32 30.30 -6.72 34.97
C ASP E 32 31.30 -7.84 35.26
N MET E 33 31.53 -8.16 36.52
CA MET E 33 32.46 -9.24 36.86
C MET E 33 32.00 -10.60 36.33
N ILE E 34 30.70 -10.74 36.07
CA ILE E 34 30.21 -11.96 35.45
C ILE E 34 30.78 -12.12 34.04
N LEU E 35 30.59 -11.11 33.20
CA LEU E 35 31.25 -11.08 31.89
C LEU E 35 32.76 -11.22 32.00
N VAL E 36 33.36 -10.44 32.90
CA VAL E 36 34.82 -10.38 32.98
C VAL E 36 35.40 -11.75 33.32
N ARG E 37 34.79 -12.45 34.26
CA ARG E 37 35.25 -13.80 34.57
C ARG E 37 34.99 -14.78 33.42
N ASP E 38 33.84 -14.67 32.77
CA ASP E 38 33.48 -15.56 31.67
C ASP E 38 34.43 -15.46 30.48
N VAL E 39 34.94 -14.25 30.24
CA VAL E 39 35.80 -14.01 29.07
C VAL E 39 37.28 -13.87 29.43
N TYR E 40 37.58 -13.15 30.51
CA TYR E 40 38.97 -12.82 30.83
C TYR E 40 39.50 -13.54 32.06
N GLY E 41 38.67 -14.35 32.70
CA GLY E 41 39.08 -15.05 33.92
C GLY E 41 40.05 -16.18 33.66
N ASP E 42 40.52 -16.82 34.73
CA ASP E 42 41.52 -17.87 34.60
C ASP E 42 41.03 -19.16 33.93
N GLU E 43 39.75 -19.49 34.10
CA GLU E 43 39.16 -20.64 33.41
C GLU E 43 37.88 -20.21 32.72
N PRO E 44 38.02 -19.45 31.63
CA PRO E 44 36.85 -18.79 31.04
C PRO E 44 35.86 -19.74 30.40
N ALA E 45 34.58 -19.52 30.69
CA ALA E 45 33.48 -20.27 30.08
C ALA E 45 33.26 -19.89 28.61
N ARG E 46 33.81 -18.74 28.20
CA ARG E 46 33.72 -18.31 26.81
C ARG E 46 35.15 -18.09 26.28
N PRO E 47 35.94 -19.17 26.16
CA PRO E 47 37.38 -19.03 25.90
C PRO E 47 37.76 -18.55 24.51
N ALA E 48 36.86 -18.65 23.54
CA ALA E 48 37.18 -18.23 22.19
C ALA E 48 37.11 -16.70 22.05
N MET E 49 36.44 -16.06 23.00
CA MET E 49 36.08 -14.66 22.80
C MET E 49 37.27 -13.69 22.70
N ILE E 50 38.29 -13.87 23.54
CA ILE E 50 39.46 -13.01 23.47
C ILE E 50 40.11 -13.05 22.08
N GLY E 51 40.26 -14.24 21.53
CA GLY E 51 40.80 -14.41 20.20
C GLY E 51 39.94 -13.74 19.13
N ARG E 52 38.63 -13.91 19.22
CA ARG E 52 37.74 -13.34 18.23
C ARG E 52 37.72 -11.83 18.30
N LEU E 53 37.78 -11.30 19.52
CA LEU E 53 37.85 -9.86 19.73
C LEU E 53 39.17 -9.29 19.23
N SER E 54 40.25 -10.01 19.46
CA SER E 54 41.59 -9.52 19.12
C SER E 54 41.81 -9.52 17.62
N ASP E 55 41.22 -10.51 16.94
CA ASP E 55 41.41 -10.66 15.51
C ASP E 55 40.69 -9.59 14.68
N VAL E 56 41.44 -8.98 13.77
CA VAL E 56 40.88 -8.00 12.85
C VAL E 56 41.10 -8.43 11.39
N THR E 57 42.32 -8.82 11.05
CA THR E 57 42.65 -9.10 9.65
C THR E 57 42.59 -10.57 9.24
N GLY E 58 42.27 -11.45 10.18
CA GLY E 58 42.12 -12.88 9.90
C GLY E 58 40.68 -13.29 9.67
N GLU E 59 40.09 -14.03 10.62
CA GLU E 59 38.72 -14.52 10.49
C GLU E 59 37.71 -13.40 10.24
N ARG E 60 37.88 -12.29 10.95
CA ARG E 60 36.95 -11.17 10.84
C ARG E 60 36.89 -10.67 9.42
N LEU E 61 38.06 -10.40 8.82
CA LEU E 61 38.11 -9.89 7.46
C LEU E 61 37.62 -10.92 6.45
N ALA E 62 37.91 -12.20 6.70
CA ALA E 62 37.47 -13.27 5.82
C ALA E 62 35.95 -13.36 5.82
N GLU E 63 35.35 -13.20 6.99
CA GLU E 63 33.90 -13.25 7.10
C GLU E 63 33.26 -12.01 6.49
N MET E 64 33.94 -10.87 6.60
CA MET E 64 33.45 -9.68 5.94
C MET E 64 33.40 -9.91 4.43
N ASP E 65 34.47 -10.49 3.89
CA ASP E 65 34.54 -10.73 2.46
C ASP E 65 33.47 -11.74 2.02
N SER E 66 33.25 -12.77 2.84
CA SER E 66 32.31 -13.82 2.49
C SER E 66 30.87 -13.33 2.48
N ASN E 67 30.59 -12.31 3.30
CA ASN E 67 29.24 -11.77 3.41
C ASN E 67 29.05 -10.42 2.72
N GLY E 68 30.10 -9.93 2.06
CA GLY E 68 29.99 -8.68 1.33
C GLY E 68 29.87 -7.47 2.24
N VAL E 69 30.54 -7.52 3.39
CA VAL E 69 30.55 -6.38 4.31
C VAL E 69 31.75 -5.49 4.00
N ASP E 70 31.49 -4.20 3.72
CA ASP E 70 32.57 -3.31 3.32
C ASP E 70 33.46 -2.94 4.52
N MET E 71 32.84 -2.58 5.65
CA MET E 71 33.61 -2.08 6.78
C MET E 71 33.06 -2.51 8.12
N HIS E 72 33.96 -2.60 9.10
CA HIS E 72 33.58 -2.55 10.51
C HIS E 72 34.06 -1.25 11.09
N LEU E 73 33.17 -0.59 11.83
CA LEU E 73 33.54 0.48 12.74
C LEU E 73 33.85 -0.19 14.08
N LEU E 74 35.14 -0.22 14.43
CA LEU E 74 35.64 -0.94 15.59
C LEU E 74 35.54 -0.11 16.86
N SER E 75 35.28 -0.78 17.98
CA SER E 75 35.24 -0.13 19.28
C SER E 75 35.81 -1.08 20.34
N LEU E 76 36.59 -0.55 21.28
CA LEU E 76 37.04 -1.38 22.39
C LEU E 76 35.83 -1.94 23.14
N THR E 77 35.81 -3.26 23.27
CA THR E 77 34.64 -3.96 23.80
C THR E 77 34.32 -3.53 25.24
N ALA E 78 33.06 -3.59 25.61
CA ALA E 78 32.67 -3.35 27.00
C ALA E 78 33.37 -4.38 27.89
N PRO E 79 33.76 -3.98 29.12
CA PRO E 79 33.50 -2.70 29.79
C PRO E 79 34.55 -1.64 29.52
N GLY E 80 35.28 -1.75 28.42
CA GLY E 80 36.28 -0.76 28.08
C GLY E 80 37.36 -0.65 29.14
N VAL E 81 37.68 0.59 29.54
CA VAL E 81 38.69 0.83 30.57
C VAL E 81 38.03 1.38 31.84
N GLN E 82 36.71 1.25 31.92
CA GLN E 82 35.96 1.92 32.98
C GLN E 82 35.95 1.22 34.34
N MET E 83 36.32 -0.06 34.39
CA MET E 83 36.36 -0.77 35.66
C MET E 83 37.59 -0.48 36.50
N PHE E 84 38.64 0.05 35.88
CA PHE E 84 39.93 0.23 36.54
C PHE E 84 39.96 1.50 37.36
N ASP E 85 40.98 1.66 38.21
CA ASP E 85 41.14 2.95 38.88
C ASP E 85 41.47 4.03 37.85
N ALA E 86 41.39 5.29 38.25
CA ALA E 86 41.53 6.38 37.30
C ALA E 86 42.87 6.35 36.55
N GLU E 87 43.96 6.11 37.29
CA GLU E 87 45.28 6.09 36.66
C GLU E 87 45.41 4.96 35.64
N THR E 88 44.92 3.77 36.00
CA THR E 88 45.01 2.61 35.13
C THR E 88 44.10 2.80 33.92
N GLY E 89 42.93 3.37 34.14
CA GLY E 89 41.99 3.62 33.06
C GLY E 89 42.55 4.64 32.08
N THR E 90 43.12 5.72 32.62
CA THR E 90 43.71 6.77 31.79
C THR E 90 44.87 6.21 30.96
N ARG E 91 45.69 5.35 31.56
CA ARG E 91 46.77 4.64 30.86
C ARG E 91 46.26 3.79 29.70
N LEU E 92 45.31 2.91 30.00
CA LEU E 92 44.83 1.96 29.03
C LEU E 92 44.02 2.60 27.90
N ALA E 93 43.35 3.72 28.18
CA ALA E 93 42.60 4.42 27.12
C ALA E 93 43.58 4.90 26.06
N ARG E 94 44.70 5.46 26.50
N ARG E 94 44.70 5.45 26.52
CA ARG E 94 45.74 5.92 25.61
CA ARG E 94 45.76 5.92 25.63
C ARG E 94 46.28 4.77 24.75
C ARG E 94 46.31 4.79 24.77
N ILE E 95 46.63 3.66 25.42
CA ILE E 95 47.17 2.48 24.74
C ILE E 95 46.19 1.97 23.68
N ALA E 96 44.96 1.73 24.12
CA ALA E 96 43.91 1.21 23.25
C ALA E 96 43.63 2.14 22.07
N ASN E 97 43.64 3.43 22.32
CA ASN E 97 43.37 4.37 21.24
C ASN E 97 44.50 4.41 20.22
N ASP E 98 45.73 4.30 20.71
CA ASP E 98 46.88 4.20 19.82
C ASP E 98 46.78 2.96 18.94
N LEU E 99 46.48 1.83 19.57
CA LEU E 99 46.37 0.57 18.84
C LEU E 99 45.18 0.59 17.87
N MET E 100 44.11 1.27 18.26
CA MET E 100 42.95 1.42 17.39
C MET E 100 43.32 2.21 16.14
N ALA E 101 44.00 3.33 16.32
CA ALA E 101 44.41 4.16 15.19
C ALA E 101 45.34 3.39 14.25
N GLN E 102 46.23 2.58 14.81
CA GLN E 102 47.13 1.84 13.94
C GLN E 102 46.43 0.67 13.25
N THR E 103 45.43 0.09 13.90
CA THR E 103 44.62 -0.95 13.27
C THR E 103 43.89 -0.36 12.07
N VAL E 104 43.28 0.79 12.27
CA VAL E 104 42.59 1.49 11.21
C VAL E 104 43.54 1.87 10.06
N ALA E 105 44.71 2.39 10.40
CA ALA E 105 45.67 2.82 9.40
C ALA E 105 46.18 1.66 8.53
N ALA E 106 46.20 0.45 9.08
CA ALA E 106 46.68 -0.72 8.34
C ALA E 106 45.72 -1.15 7.23
N ASN E 107 44.43 -0.95 7.43
CA ASN E 107 43.43 -1.29 6.42
C ASN E 107 42.28 -0.29 6.43
N PRO E 108 42.55 0.96 6.02
CA PRO E 108 41.58 2.04 6.23
C PRO E 108 40.35 1.99 5.32
N THR E 109 40.36 1.15 4.29
CA THR E 109 39.15 0.98 3.48
C THR E 109 38.21 -0.05 4.09
N ARG E 110 38.70 -0.84 5.06
CA ARG E 110 37.87 -1.89 5.66
C ARG E 110 37.53 -1.62 7.13
N PHE E 111 38.31 -0.78 7.79
CA PHE E 111 38.09 -0.52 9.20
C PHE E 111 38.13 0.95 9.53
N ALA E 112 37.13 1.36 10.30
CA ALA E 112 37.11 2.67 10.94
C ALA E 112 37.14 2.41 12.44
N GLY E 113 37.33 3.45 13.25
CA GLY E 113 37.52 3.21 14.68
C GLY E 113 36.96 4.29 15.58
N LEU E 114 36.43 3.86 16.73
CA LEU E 114 36.00 4.77 17.79
C LEU E 114 37.02 4.72 18.91
N GLY E 115 37.40 5.89 19.42
CA GLY E 115 38.30 5.96 20.55
C GLY E 115 37.52 5.94 21.83
N THR E 116 38.17 5.57 22.92
CA THR E 116 37.49 5.53 24.21
C THR E 116 38.25 6.40 25.21
N PHE E 117 37.78 6.45 26.45
CA PHE E 117 38.41 7.30 27.45
C PHE E 117 38.01 6.79 28.82
N ALA E 118 38.65 7.31 29.86
CA ALA E 118 38.38 6.89 31.23
C ALA E 118 37.75 8.04 32.00
N PRO E 119 36.40 8.10 32.04
CA PRO E 119 35.75 9.25 32.69
C PRO E 119 35.84 9.22 34.22
N GLN E 120 36.50 8.20 34.79
CA GLN E 120 36.88 8.20 36.20
C GLN E 120 37.62 9.50 36.53
N ASP E 121 38.32 10.04 35.52
CA ASP E 121 39.06 11.30 35.62
C ASP E 121 38.59 12.19 34.46
N PRO E 122 37.56 13.00 34.70
CA PRO E 122 36.97 13.77 33.59
C PRO E 122 37.93 14.73 32.91
N ALA E 123 38.79 15.40 33.67
CA ALA E 123 39.76 16.32 33.08
C ALA E 123 40.74 15.61 32.14
N SER E 124 41.25 14.47 32.57
CA SER E 124 42.18 13.71 31.75
C SER E 124 41.45 13.10 30.56
N ALA E 125 40.21 12.70 30.76
CA ALA E 125 39.43 12.09 29.68
C ALA E 125 39.15 13.12 28.61
N ALA E 126 38.87 14.34 29.03
CA ALA E 126 38.65 15.44 28.10
C ALA E 126 39.86 15.66 27.18
N ARG E 127 41.06 15.56 27.75
CA ARG E 127 42.25 15.75 26.93
C ARG E 127 42.44 14.58 25.96
N GLU E 128 42.13 13.37 26.41
CA GLU E 128 42.26 12.21 25.53
C GLU E 128 41.25 12.27 24.39
N ILE E 129 40.05 12.75 24.68
CA ILE E 129 39.05 12.98 23.65
C ILE E 129 39.57 13.93 22.57
N GLU E 130 40.21 15.01 23.00
CA GLU E 130 40.80 15.95 22.04
C GLU E 130 41.90 15.28 21.22
N ARG E 131 42.71 14.45 21.88
CA ARG E 131 43.78 13.75 21.18
C ARG E 131 43.22 12.75 20.16
N VAL E 132 42.15 12.06 20.54
CA VAL E 132 41.49 11.13 19.64
C VAL E 132 40.99 11.86 18.39
N ALA E 133 40.41 13.05 18.60
CA ALA E 133 39.84 13.81 17.51
C ALA E 133 40.89 14.43 16.60
N THR E 134 41.89 15.06 17.20
CA THR E 134 42.79 15.95 16.47
C THR E 134 44.09 15.28 16.05
N GLN E 135 44.61 14.40 16.90
CA GLN E 135 45.89 13.76 16.61
C GLN E 135 45.68 12.40 15.93
N LEU E 136 44.80 11.58 16.50
CA LEU E 136 44.58 10.25 15.98
C LEU E 136 43.63 10.28 14.79
N ARG E 137 42.81 11.31 14.76
CA ARG E 137 41.78 11.47 13.72
C ARG E 137 40.89 10.24 13.59
N LEU E 138 40.51 9.68 14.73
CA LEU E 138 39.56 8.57 14.73
C LEU E 138 38.14 9.05 14.41
N ASN E 139 37.25 8.10 14.18
CA ASN E 139 35.95 8.37 13.57
C ASN E 139 34.88 8.81 14.55
N GLY E 140 35.14 8.62 15.84
CA GLY E 140 34.14 8.92 16.85
C GLY E 140 34.62 8.38 18.18
N LEU E 141 33.70 8.27 19.14
CA LEU E 141 34.04 7.85 20.48
C LEU E 141 33.09 6.76 20.94
N VAL E 142 33.54 5.98 21.93
CA VAL E 142 32.69 4.96 22.53
C VAL E 142 32.91 4.94 24.03
N ILE E 143 31.82 4.75 24.78
CA ILE E 143 31.91 4.56 26.23
C ILE E 143 30.81 3.57 26.60
N ASN E 144 30.98 2.85 27.70
CA ASN E 144 30.05 1.79 28.03
C ASN E 144 29.20 2.13 29.23
N SER E 145 28.03 2.69 28.96
CA SER E 145 27.13 3.24 29.97
C SER E 145 27.86 3.82 31.21
N HIS E 146 27.50 3.38 32.41
CA HIS E 146 27.94 4.07 33.63
C HIS E 146 29.44 4.03 33.87
N THR E 147 29.94 5.00 34.63
CA THR E 147 31.28 4.91 35.21
C THR E 147 31.19 5.17 36.70
N ASN E 148 31.82 4.29 37.48
CA ASN E 148 31.81 4.40 38.93
C ASN E 148 30.39 4.46 39.51
N ASP E 149 29.46 3.81 38.81
CA ASP E 149 28.06 3.73 39.23
C ASP E 149 27.37 5.10 39.25
N LEU E 150 27.90 6.01 38.43
CA LEU E 150 27.23 7.28 38.17
C LEU E 150 26.79 7.33 36.71
N TYR E 151 25.71 8.06 36.46
CA TYR E 151 25.17 8.21 35.11
C TYR E 151 25.56 9.60 34.56
N TYR E 152 25.37 9.80 33.26
CA TYR E 152 25.96 10.97 32.62
C TYR E 152 25.17 12.28 32.74
N ASP E 153 24.12 12.27 33.56
CA ASP E 153 23.52 13.51 34.04
C ASP E 153 24.38 14.17 35.13
N ASP E 154 25.26 13.40 35.76
CA ASP E 154 26.05 13.95 36.86
C ASP E 154 26.99 15.05 36.37
N PRO E 155 26.94 16.23 37.00
CA PRO E 155 27.82 17.35 36.60
C PRO E 155 29.32 17.01 36.66
N PHE E 156 29.67 15.97 37.42
CA PHE E 156 31.04 15.50 37.48
C PHE E 156 31.61 15.27 36.08
N PHE E 157 30.77 14.81 35.16
CA PHE E 157 31.21 14.50 33.80
C PHE E 157 31.11 15.65 32.81
N HIS E 158 30.73 16.84 33.27
CA HIS E 158 30.65 17.97 32.34
C HIS E 158 31.91 18.21 31.50
N PRO E 159 33.12 18.12 32.10
CA PRO E 159 34.31 18.33 31.25
C PRO E 159 34.42 17.34 30.09
N VAL E 160 33.92 16.12 30.29
CA VAL E 160 33.91 15.12 29.23
C VAL E 160 33.00 15.56 28.11
N PHE E 161 31.78 15.97 28.44
CA PHE E 161 30.81 16.31 27.40
C PHE E 161 31.15 17.62 26.69
N GLU E 162 31.79 18.53 27.41
CA GLU E 162 32.32 19.75 26.83
C GLU E 162 33.31 19.40 25.71
N ALA E 163 34.25 18.50 26.02
CA ALA E 163 35.24 18.08 25.04
C ALA E 163 34.64 17.30 23.87
N ILE E 164 33.68 16.43 24.15
CA ILE E 164 33.04 15.69 23.08
C ILE E 164 32.33 16.66 22.16
N GLU E 165 31.54 17.56 22.73
CA GLU E 165 30.79 18.50 21.91
C GLU E 165 31.73 19.34 21.05
N ALA E 166 32.82 19.82 21.65
CA ALA E 166 33.77 20.66 20.93
C ALA E 166 34.46 19.88 19.82
N SER E 167 34.65 18.57 20.02
CA SER E 167 35.40 17.76 19.07
C SER E 167 34.64 17.50 17.78
N GLY E 168 33.31 17.49 17.89
CA GLY E 168 32.44 17.15 16.79
C GLY E 168 32.25 15.65 16.62
N LEU E 169 32.92 14.85 17.45
CA LEU E 169 32.81 13.39 17.34
C LEU E 169 31.53 12.88 18.00
N ALA E 170 30.86 11.96 17.33
CA ALA E 170 29.70 11.31 17.93
C ALA E 170 30.16 10.32 18.99
N LEU E 171 29.38 10.20 20.07
CA LEU E 171 29.68 9.27 21.16
C LEU E 171 28.69 8.11 21.13
N TYR E 172 29.21 6.91 20.88
CA TYR E 172 28.42 5.70 20.97
C TYR E 172 28.39 5.31 22.45
N ILE E 173 27.21 5.33 23.07
CA ILE E 173 27.08 4.84 24.44
C ILE E 173 26.61 3.40 24.37
N HIS E 174 27.60 2.51 24.44
CA HIS E 174 27.42 1.07 24.39
C HIS E 174 26.99 0.57 25.76
N PRO E 175 26.33 -0.59 25.84
CA PRO E 175 25.97 -1.07 27.19
C PRO E 175 27.15 -1.52 28.03
N ARG E 176 26.90 -1.60 29.32
CA ARG E 176 27.60 -2.53 30.19
C ARG E 176 26.55 -3.08 31.14
N ALA E 177 26.97 -3.92 32.08
CA ALA E 177 26.02 -4.50 33.01
C ALA E 177 25.43 -3.40 33.89
N PRO E 178 24.18 -3.59 34.33
CA PRO E 178 23.54 -2.71 35.31
C PRO E 178 24.48 -2.27 36.44
N SER E 179 24.46 -0.97 36.73
CA SER E 179 25.27 -0.39 37.80
C SER E 179 24.82 -0.86 39.17
N LYS E 180 25.57 -0.49 40.20
CA LYS E 180 25.22 -0.88 41.56
C LYS E 180 23.90 -0.27 42.02
N GLN E 181 23.46 0.80 41.36
CA GLN E 181 22.19 1.40 41.71
C GLN E 181 21.03 0.45 41.40
N ILE E 182 21.22 -0.44 40.43
CA ILE E 182 20.11 -1.26 39.95
C ILE E 182 20.43 -2.74 39.84
N ASP E 183 21.66 -3.14 40.13
CA ASP E 183 22.07 -4.52 39.79
C ASP E 183 21.39 -5.66 40.57
N ARG E 184 20.81 -5.36 41.73
CA ARG E 184 20.19 -6.39 42.54
C ARG E 184 19.14 -7.19 41.75
N ALA E 185 18.46 -6.53 40.82
CA ALA E 185 17.38 -7.18 40.09
C ALA E 185 17.85 -7.97 38.86
N PHE E 186 19.17 -7.97 38.63
CA PHE E 186 19.71 -8.56 37.42
C PHE E 186 20.73 -9.67 37.70
N ARG E 187 20.59 -10.33 38.83
CA ARG E 187 21.52 -11.38 39.23
C ARG E 187 21.05 -12.77 38.84
N ASP E 188 19.86 -12.86 38.27
CA ASP E 188 19.25 -14.16 37.97
C ASP E 188 18.96 -14.35 36.48
N TYR E 189 18.95 -15.61 36.04
CA TYR E 189 18.54 -15.97 34.68
C TYR E 189 19.37 -15.30 33.59
N GLY E 190 20.62 -14.98 33.90
CA GLY E 190 21.49 -14.32 32.94
C GLY E 190 21.10 -12.90 32.57
N MET E 191 20.25 -12.27 33.38
CA MET E 191 19.75 -10.94 33.08
C MET E 191 20.78 -9.82 33.24
N ASN E 192 21.97 -10.15 33.72
CA ASN E 192 23.06 -9.16 33.80
C ASN E 192 23.45 -8.67 32.41
N SER E 193 23.19 -9.49 31.39
CA SER E 193 23.79 -9.34 30.08
C SER E 193 22.83 -8.76 29.03
N ALA E 194 23.14 -9.04 27.76
CA ALA E 194 22.37 -8.54 26.62
C ALA E 194 20.88 -8.86 26.65
N ILE E 195 20.51 -9.98 27.27
CA ILE E 195 19.12 -10.40 27.26
C ILE E 195 18.19 -9.41 27.96
N TRP E 196 18.70 -8.64 28.93
CA TRP E 196 17.83 -7.64 29.56
C TRP E 196 18.56 -6.48 30.24
N GLY E 197 19.51 -6.80 31.11
CA GLY E 197 20.19 -5.78 31.88
C GLY E 197 20.88 -4.71 31.03
N TYR E 198 21.53 -5.13 29.95
CA TYR E 198 22.22 -4.17 29.08
C TYR E 198 21.29 -3.04 28.61
N GLY E 199 20.09 -3.39 28.16
CA GLY E 199 19.17 -2.38 27.65
C GLY E 199 18.63 -1.47 28.74
N ILE E 200 18.36 -2.04 29.91
CA ILE E 200 17.81 -1.24 31.02
C ILE E 200 18.85 -0.23 31.54
N GLU E 201 20.07 -0.73 31.76
CA GLU E 201 21.19 0.10 32.17
C GLU E 201 21.41 1.26 31.21
N THR E 202 21.50 0.95 29.91
CA THR E 202 21.91 1.94 28.93
C THR E 202 20.78 2.94 28.67
N SER E 203 19.57 2.45 28.52
CA SER E 203 18.44 3.35 28.28
C SER E 203 18.21 4.27 29.46
N THR E 204 18.38 3.75 30.68
CA THR E 204 18.15 4.59 31.86
C THR E 204 19.18 5.71 31.95
N ASN E 205 20.43 5.39 31.62
CA ASN E 205 21.48 6.41 31.50
C ASN E 205 21.07 7.52 30.54
N ALA E 206 20.70 7.14 29.33
CA ALA E 206 20.29 8.11 28.31
C ALA E 206 19.10 8.96 28.73
N VAL E 207 18.10 8.33 29.37
CA VAL E 207 16.93 9.07 29.81
C VAL E 207 17.32 10.10 30.87
N ARG E 208 18.20 9.70 31.79
CA ARG E 208 18.69 10.64 32.80
C ARG E 208 19.39 11.81 32.11
N MET E 209 20.18 11.50 31.07
CA MET E 209 20.88 12.56 30.35
C MET E 209 19.89 13.57 29.77
N ILE E 210 18.87 13.08 29.07
CA ILE E 210 17.87 13.94 28.47
C ILE E 210 17.11 14.76 29.52
N LEU E 211 16.60 14.09 30.55
CA LEU E 211 15.74 14.76 31.53
C LEU E 211 16.51 15.77 32.39
N SER E 212 17.81 15.55 32.53
CA SER E 212 18.65 16.44 33.33
C SER E 212 18.95 17.75 32.61
N GLY E 213 18.61 17.83 31.33
CA GLY E 213 18.92 19.01 30.54
C GLY E 213 20.32 19.06 29.95
N LEU E 214 20.98 17.91 29.87
CA LEU E 214 22.36 17.87 29.36
C LEU E 214 22.45 18.41 27.93
N PHE E 215 21.41 18.18 27.16
CA PHE E 215 21.40 18.59 25.75
C PHE E 215 20.96 20.03 25.54
N ASP E 216 20.55 20.72 26.60
CA ASP E 216 20.51 22.18 26.54
C ASP E 216 21.88 22.77 26.87
N ARG E 217 22.62 22.12 27.75
CA ARG E 217 23.97 22.57 28.08
C ARG E 217 24.94 22.34 26.91
N PHE E 218 24.79 21.19 26.25
CA PHE E 218 25.65 20.80 25.14
C PHE E 218 24.79 20.40 23.94
N PRO E 219 24.15 21.39 23.28
CA PRO E 219 23.15 21.07 22.24
C PRO E 219 23.72 20.46 20.95
N ARG E 220 25.04 20.52 20.76
CA ARG E 220 25.63 19.93 19.56
C ARG E 220 26.15 18.51 19.76
N LEU E 221 25.94 17.95 20.95
CA LEU E 221 26.27 16.54 21.18
C LEU E 221 25.55 15.62 20.21
N LYS E 222 26.26 14.63 19.70
CA LYS E 222 25.62 13.53 18.99
C LYS E 222 25.91 12.24 19.74
N ILE E 223 24.84 11.56 20.14
CA ILE E 223 24.93 10.29 20.87
C ILE E 223 24.37 9.18 19.99
N VAL E 224 25.03 8.02 20.00
CA VAL E 224 24.53 6.86 19.27
C VAL E 224 24.23 5.73 20.25
N LEU E 225 23.06 5.10 20.11
CA LEU E 225 22.67 3.98 20.94
C LEU E 225 22.38 2.76 20.06
N GLY E 226 22.98 1.63 20.40
CA GLY E 226 22.71 0.38 19.70
C GLY E 226 21.42 -0.30 20.14
N HIS E 227 21.22 -1.53 19.66
CA HIS E 227 20.08 -2.36 20.09
C HIS E 227 18.78 -1.62 19.91
N MET E 228 18.64 -1.11 18.69
CA MET E 228 17.48 -0.33 18.25
C MET E 228 17.15 0.79 19.23
N GLY E 229 18.20 1.50 19.64
CA GLY E 229 18.04 2.67 20.48
C GLY E 229 17.75 2.32 21.93
N GLU E 230 18.09 1.10 22.32
CA GLU E 230 17.80 0.59 23.66
C GLU E 230 16.33 0.81 24.03
N ALA E 231 15.47 0.66 23.03
CA ALA E 231 14.00 0.81 23.11
C ALA E 231 13.48 2.21 23.40
N ILE E 232 14.34 3.18 23.61
CA ILE E 232 13.86 4.55 23.78
C ILE E 232 12.94 5.01 22.63
N PRO E 233 13.22 4.61 21.37
CA PRO E 233 12.29 5.00 20.31
C PRO E 233 10.85 4.56 20.56
N PHE E 234 10.65 3.45 21.26
CA PHE E 234 9.31 2.93 21.54
C PHE E 234 8.57 3.77 22.57
N TRP E 235 9.33 4.41 23.46
CA TRP E 235 8.80 5.14 24.61
C TRP E 235 8.60 6.65 24.40
N LEU E 236 8.83 7.14 23.18
CA LEU E 236 8.88 8.57 22.94
C LEU E 236 7.60 9.32 23.34
N TRP E 237 6.45 8.75 23.00
CA TRP E 237 5.19 9.45 23.30
C TRP E 237 4.98 9.63 24.80
N ARG E 238 5.25 8.56 25.55
CA ARG E 238 5.06 8.57 27.00
C ARG E 238 6.10 9.45 27.71
N LEU E 239 7.33 9.43 27.24
CA LEU E 239 8.34 10.34 27.73
C LEU E 239 7.88 11.79 27.60
N ASP E 240 7.34 12.14 26.42
CA ASP E 240 6.81 13.48 26.23
C ASP E 240 5.58 13.76 27.08
N TYR E 241 4.64 12.82 27.11
CA TYR E 241 3.39 13.08 27.80
C TYR E 241 3.61 13.36 29.28
N MET E 242 4.42 12.51 29.90
CA MET E 242 4.65 12.59 31.34
C MET E 242 5.65 13.65 31.76
N HIS E 243 6.29 14.32 30.80
CA HIS E 243 7.30 15.32 31.16
C HIS E 243 6.74 16.46 32.04
N GLY E 244 5.52 16.90 31.77
CA GLY E 244 4.87 17.92 32.59
C GLY E 244 4.81 17.55 34.06
N ASN E 245 4.40 16.32 34.35
CA ASN E 245 4.39 15.83 35.72
C ASN E 245 5.78 15.84 36.33
N ALA E 246 6.78 15.49 35.53
CA ALA E 246 8.15 15.43 36.02
C ALA E 246 8.65 16.82 36.42
N THR E 247 8.36 17.82 35.61
CA THR E 247 8.80 19.17 35.94
C THR E 247 7.91 19.84 36.99
N THR E 248 6.64 19.45 37.03
CA THR E 248 5.70 20.05 37.99
C THR E 248 5.84 19.43 39.38
N PHE E 249 5.99 18.12 39.45
CA PHE E 249 6.00 17.43 40.74
C PHE E 249 7.34 16.79 41.14
N GLY E 250 8.17 16.49 40.15
CA GLY E 250 9.37 15.70 40.39
C GLY E 250 10.69 16.45 40.36
N GLY E 251 10.62 17.78 40.30
CA GLY E 251 11.81 18.61 40.35
C GLY E 251 12.69 18.48 39.12
N ALA E 252 12.15 17.92 38.05
CA ALA E 252 12.90 17.86 36.80
C ALA E 252 13.06 19.28 36.28
N PRO E 253 14.24 19.61 35.74
CA PRO E 253 14.40 20.99 35.24
C PRO E 253 13.58 21.24 33.99
N LYS E 254 13.12 22.47 33.83
CA LYS E 254 12.48 22.86 32.59
C LYS E 254 13.47 22.79 31.42
N LEU E 255 12.99 22.24 30.30
CA LEU E 255 13.82 22.04 29.11
C LEU E 255 13.33 22.88 27.94
N LYS E 256 14.26 23.22 27.05
CA LYS E 256 13.89 24.00 25.87
C LYS E 256 13.03 23.18 24.90
N LEU E 257 13.32 21.88 24.80
CA LEU E 257 12.62 20.98 23.88
C LEU E 257 11.87 19.89 24.64
N LYS E 258 11.04 19.15 23.92
CA LYS E 258 10.40 17.94 24.45
C LYS E 258 11.44 16.83 24.50
N PRO E 259 11.29 15.88 25.44
CA PRO E 259 12.20 14.73 25.49
C PRO E 259 12.43 14.04 24.12
N SER E 260 11.37 13.77 23.36
CA SER E 260 11.52 13.08 22.08
C SER E 260 12.26 13.94 21.06
N GLU E 261 12.19 15.26 21.24
CA GLU E 261 12.87 16.18 20.34
C GLU E 261 14.38 16.15 20.61
N TYR E 262 14.80 16.03 21.86
CA TYR E 262 16.22 15.75 22.12
C TYR E 262 16.61 14.42 21.50
N PHE E 263 15.74 13.43 21.62
CA PHE E 263 16.13 12.13 21.08
C PHE E 263 16.35 12.19 19.55
N ARG E 264 15.44 12.83 18.84
CA ARG E 264 15.57 12.94 17.40
C ARG E 264 16.70 13.89 17.00
N ARG E 265 16.91 14.96 17.76
CA ARG E 265 17.93 15.95 17.38
C ARG E 265 19.35 15.47 17.70
N ASN E 266 19.50 14.91 18.90
CA ASN E 266 20.83 14.61 19.45
C ASN E 266 21.24 13.15 19.39
N PHE E 267 20.31 12.25 19.07
CA PHE E 267 20.64 10.82 19.05
C PHE E 267 20.45 10.21 17.66
N ALA E 268 21.19 9.14 17.41
CA ALA E 268 20.90 8.24 16.31
C ALA E 268 21.02 6.85 16.90
N ILE E 269 20.53 5.84 16.19
CA ILE E 269 20.48 4.49 16.71
C ILE E 269 21.08 3.48 15.75
N THR E 270 21.44 2.31 16.27
CA THR E 270 21.82 1.22 15.38
C THR E 270 20.98 -0.02 15.65
N THR E 271 21.07 -0.97 14.71
CA THR E 271 20.23 -2.17 14.75
C THR E 271 20.94 -3.35 15.41
N SER E 272 22.09 -3.11 16.04
CA SER E 272 22.85 -4.20 16.66
C SER E 272 21.93 -5.08 17.52
N GLY E 273 21.97 -6.39 17.30
CA GLY E 273 21.23 -7.32 18.13
C GLY E 273 19.71 -7.24 18.04
N VAL E 274 19.18 -6.48 17.08
CA VAL E 274 17.73 -6.37 16.91
C VAL E 274 17.43 -6.51 15.43
N GLU E 275 17.50 -7.74 14.95
CA GLU E 275 17.34 -8.05 13.53
C GLU E 275 15.86 -8.31 13.25
N SER E 276 15.08 -7.25 13.44
CA SER E 276 13.63 -7.29 13.28
C SER E 276 13.20 -6.22 12.28
N HIS E 277 12.65 -6.66 11.14
CA HIS E 277 12.13 -5.73 10.15
C HIS E 277 11.04 -4.83 10.74
N ALA E 278 10.23 -5.39 11.63
CA ALA E 278 9.15 -4.61 12.23
C ALA E 278 9.69 -3.49 13.11
N ALA E 279 10.71 -3.81 13.92
CA ALA E 279 11.29 -2.80 14.79
C ALA E 279 12.07 -1.78 13.98
N LEU E 280 12.67 -2.23 12.88
CA LEU E 280 13.39 -1.33 11.98
C LEU E 280 12.44 -0.32 11.33
N ARG E 281 11.32 -0.83 10.80
CA ARG E 281 10.32 0.04 10.18
C ARG E 281 9.77 1.03 11.19
N TYR E 282 9.47 0.56 12.40
CA TYR E 282 8.98 1.46 13.43
C TYR E 282 9.99 2.59 13.68
N SER E 283 11.26 2.21 13.81
CA SER E 283 12.27 3.20 14.16
C SER E 283 12.49 4.22 13.03
N ILE E 284 12.47 3.76 11.78
CA ILE E 284 12.55 4.69 10.65
C ILE E 284 11.37 5.65 10.66
N GLU E 285 10.19 5.15 11.01
CA GLU E 285 9.00 5.99 11.02
C GLU E 285 9.07 7.10 12.06
N VAL E 286 9.47 6.77 13.28
CA VAL E 286 9.41 7.75 14.36
C VAL E 286 10.68 8.60 14.51
N LEU E 287 11.81 8.11 13.99
CA LEU E 287 13.08 8.86 14.10
C LEU E 287 13.50 9.52 12.80
N GLY E 288 13.01 8.99 11.69
CA GLY E 288 13.47 9.43 10.38
C GLY E 288 14.58 8.52 9.87
N PRO E 289 14.63 8.29 8.56
CA PRO E 289 15.60 7.32 8.01
C PRO E 289 17.05 7.75 8.16
N GLU E 290 17.32 9.03 8.43
CA GLU E 290 18.70 9.47 8.63
C GLU E 290 19.25 9.07 9.99
N ASN E 291 18.37 8.63 10.89
CA ASN E 291 18.78 8.38 12.26
C ASN E 291 18.95 6.91 12.62
N VAL E 292 18.92 6.03 11.62
CA VAL E 292 19.06 4.59 11.88
C VAL E 292 20.22 4.00 11.08
N MET E 293 21.13 3.31 11.78
CA MET E 293 22.31 2.68 11.17
C MET E 293 22.33 1.17 11.41
N TRP E 294 22.91 0.43 10.48
CA TRP E 294 23.06 -1.01 10.63
C TRP E 294 24.31 -1.36 11.43
N ALA E 295 24.25 -2.50 12.11
CA ALA E 295 25.40 -2.99 12.88
C ALA E 295 25.24 -4.50 13.00
N ILE E 296 26.31 -5.19 13.42
CA ILE E 296 26.26 -6.64 13.59
C ILE E 296 26.36 -7.03 15.08
N ASP E 297 27.19 -6.31 15.83
CA ASP E 297 27.58 -6.70 17.19
C ASP E 297 28.51 -7.92 17.17
N TYR E 298 29.34 -7.99 16.13
CA TYR E 298 30.39 -8.99 16.05
C TYR E 298 31.46 -8.66 17.09
N PRO E 299 32.08 -9.67 17.71
CA PRO E 299 31.96 -11.12 17.50
C PRO E 299 30.94 -11.78 18.42
N TYR E 300 30.17 -10.99 19.15
CA TYR E 300 29.15 -11.54 20.04
C TYR E 300 27.96 -12.10 19.27
N GLN E 301 27.80 -11.63 18.03
CA GLN E 301 26.80 -12.16 17.12
C GLN E 301 27.44 -12.41 15.76
N PRO E 302 26.88 -13.36 14.99
CA PRO E 302 27.47 -13.69 13.69
C PRO E 302 27.09 -12.70 12.59
N MET E 303 27.96 -12.57 11.60
CA MET E 303 27.72 -11.61 10.51
C MET E 303 26.62 -11.98 9.54
N ALA E 304 26.56 -13.24 9.10
CA ALA E 304 25.62 -13.58 8.01
C ALA E 304 24.16 -13.21 8.31
N PRO E 305 23.64 -13.58 9.48
CA PRO E 305 22.24 -13.23 9.71
C PRO E 305 22.01 -11.72 9.75
N ALA E 306 22.95 -10.97 10.33
CA ALA E 306 22.79 -9.52 10.40
C ALA E 306 22.80 -8.91 9.01
N VAL E 307 23.70 -9.40 8.15
CA VAL E 307 23.78 -8.93 6.78
C VAL E 307 22.50 -9.24 6.02
N GLN E 308 22.00 -10.45 6.19
CA GLN E 308 20.81 -10.87 5.47
C GLN E 308 19.57 -10.12 5.94
N PHE E 309 19.58 -9.73 7.21
CA PHE E 309 18.51 -8.90 7.77
C PHE E 309 18.38 -7.56 7.02
N ILE E 310 19.49 -6.86 6.81
CA ILE E 310 19.41 -5.58 6.12
C ILE E 310 19.23 -5.72 4.60
N ARG E 311 19.88 -6.73 4.01
CA ARG E 311 19.75 -6.97 2.56
C ARG E 311 18.32 -7.29 2.15
N THR E 312 17.54 -7.87 3.07
CA THR E 312 16.16 -8.23 2.79
C THR E 312 15.12 -7.29 3.41
N ALA E 313 15.56 -6.19 4.00
CA ALA E 313 14.61 -5.29 4.66
C ALA E 313 13.58 -4.73 3.68
N PRO E 314 12.30 -4.73 4.09
CA PRO E 314 11.22 -4.27 3.21
C PRO E 314 11.09 -2.76 3.22
N ILE E 315 12.14 -2.12 2.72
CA ILE E 315 12.24 -0.67 2.63
C ILE E 315 12.82 -0.34 1.26
N PRO E 316 12.58 0.88 0.75
CA PRO E 316 13.13 1.25 -0.55
C PRO E 316 14.65 1.21 -0.58
N GLU E 317 15.22 0.99 -1.75
CA GLU E 317 16.67 0.88 -1.88
C GLU E 317 17.44 2.10 -1.39
N ASP E 318 16.92 3.30 -1.61
CA ASP E 318 17.63 4.46 -1.12
C ASP E 318 17.67 4.56 0.40
N VAL E 319 16.56 4.24 1.05
CA VAL E 319 16.54 4.20 2.51
C VAL E 319 17.44 3.06 3.01
N LYS E 320 17.39 1.93 2.31
CA LYS E 320 18.26 0.81 2.67
C LYS E 320 19.74 1.20 2.60
N ALA E 321 20.10 1.98 1.60
CA ALA E 321 21.49 2.43 1.47
C ALA E 321 21.90 3.33 2.63
N MET E 322 20.97 4.19 3.06
CA MET E 322 21.20 5.07 4.21
C MET E 322 21.45 4.23 5.46
N VAL E 323 20.55 3.29 5.73
CA VAL E 323 20.67 2.47 6.92
C VAL E 323 21.91 1.58 6.86
N ALA E 324 22.16 0.99 5.70
CA ALA E 324 23.28 0.05 5.56
C ALA E 324 24.65 0.71 5.73
N GLY E 325 24.77 1.97 5.35
CA GLY E 325 26.09 2.61 5.38
C GLY E 325 26.16 4.11 5.24
N GLY E 326 25.19 4.70 4.54
CA GLY E 326 25.21 6.13 4.25
C GLY E 326 25.16 6.98 5.51
N ASN E 327 24.27 6.64 6.44
CA ASN E 327 24.19 7.38 7.70
C ASN E 327 25.48 7.26 8.50
N ALA E 328 26.03 6.05 8.57
CA ALA E 328 27.28 5.84 9.28
C ALA E 328 28.44 6.63 8.67
N ALA E 329 28.50 6.68 7.34
CA ALA E 329 29.56 7.44 6.70
C ALA E 329 29.48 8.91 7.11
N ARG E 330 28.26 9.45 7.22
CA ARG E 330 28.07 10.83 7.65
C ARG E 330 28.42 11.03 9.12
N ILE E 331 27.79 10.24 9.99
CA ILE E 331 27.93 10.40 11.43
C ILE E 331 29.35 10.11 11.91
N PHE E 332 29.99 9.11 11.29
CA PHE E 332 31.31 8.68 11.73
C PHE E 332 32.45 9.04 10.78
N ARG E 333 32.23 10.06 9.94
CA ARG E 333 33.32 10.65 9.15
C ARG E 333 34.08 9.63 8.30
N ILE E 334 33.34 8.82 7.56
CA ILE E 334 33.95 7.80 6.72
C ILE E 334 33.77 8.21 5.27
N THR E 335 34.85 8.12 4.51
CA THR E 335 34.78 8.40 3.08
C THR E 335 34.39 7.12 2.34
N SER F 1 15.59 2.18 -21.98
CA SER F 1 16.89 2.41 -21.37
C SER F 1 17.24 1.34 -20.34
N LEU F 2 16.25 0.53 -19.97
CA LEU F 2 16.47 -0.60 -19.07
C LEU F 2 17.52 -1.53 -19.69
N ARG F 3 18.64 -1.74 -18.99
CA ARG F 3 19.66 -2.67 -19.49
C ARG F 3 19.31 -4.12 -19.17
N LEU F 4 19.05 -4.88 -20.21
CA LEU F 4 18.63 -6.27 -20.08
C LEU F 4 19.77 -7.20 -20.44
N ILE F 5 20.21 -7.96 -19.44
CA ILE F 5 21.26 -8.97 -19.61
C ILE F 5 20.65 -10.33 -19.30
N ALA F 6 20.36 -11.12 -20.34
CA ALA F 6 19.73 -12.43 -20.14
C ALA F 6 20.79 -13.45 -19.71
N THR F 7 20.55 -14.18 -18.62
CA THR F 7 21.63 -14.97 -18.01
C THR F 7 21.65 -16.50 -18.20
N GLU F 8 20.69 -17.06 -18.92
CA GLU F 8 20.69 -18.51 -19.13
C GLU F 8 20.47 -18.84 -20.60
N GLU F 9 21.37 -18.35 -21.43
CA GLU F 9 21.12 -18.39 -22.86
C GLU F 9 22.04 -19.39 -23.53
N ALA F 10 21.43 -20.44 -24.04
CA ALA F 10 22.18 -21.62 -24.48
C ALA F 10 22.78 -21.43 -25.88
N VAL F 11 23.92 -22.08 -26.09
CA VAL F 11 24.59 -22.06 -27.38
C VAL F 11 25.25 -23.43 -27.55
N THR F 12 25.65 -23.75 -28.78
CA THR F 12 26.50 -24.92 -28.99
C THR F 12 27.54 -24.60 -30.05
N PHE F 13 28.49 -25.51 -30.22
CA PHE F 13 29.58 -25.34 -31.17
C PHE F 13 29.75 -26.63 -31.95
N GLN F 14 30.29 -26.52 -33.16
CA GLN F 14 30.39 -27.67 -34.05
C GLN F 14 31.01 -28.95 -33.45
N PRO F 15 32.18 -28.83 -32.77
CA PRO F 15 32.78 -30.07 -32.26
C PRO F 15 31.92 -30.77 -31.21
N VAL F 16 31.13 -30.00 -30.48
CA VAL F 16 30.25 -30.58 -29.47
C VAL F 16 29.03 -31.22 -30.13
N VAL F 17 28.49 -30.55 -31.14
CA VAL F 17 27.42 -31.13 -31.96
C VAL F 17 27.86 -32.47 -32.56
N ASP F 18 29.05 -32.49 -33.17
CA ASP F 18 29.58 -33.72 -33.75
C ASP F 18 29.61 -34.85 -32.70
N ALA F 19 30.06 -34.52 -31.49
CA ALA F 19 30.22 -35.52 -30.45
C ALA F 19 28.87 -36.00 -29.94
N LEU F 20 27.90 -35.10 -29.84
CA LEU F 20 26.59 -35.51 -29.37
C LEU F 20 25.81 -36.32 -30.40
N ARG F 21 25.97 -35.99 -31.68
CA ARG F 21 25.41 -36.83 -32.73
C ARG F 21 25.91 -38.27 -32.61
N ALA F 22 27.23 -38.42 -32.45
CA ALA F 22 27.81 -39.75 -32.27
C ALA F 22 27.27 -40.41 -31.00
N HIS F 23 27.18 -39.63 -29.92
CA HIS F 23 26.71 -40.18 -28.66
C HIS F 23 25.27 -40.66 -28.72
N SER F 24 24.46 -40.00 -29.56
CA SER F 24 23.04 -40.32 -29.68
C SER F 24 22.82 -41.75 -30.20
N ARG F 25 23.85 -42.31 -30.83
CA ARG F 25 23.75 -43.65 -31.40
C ARG F 25 24.16 -44.75 -30.42
N THR F 26 24.65 -44.37 -29.26
CA THR F 26 25.14 -45.35 -28.29
C THR F 26 24.02 -45.90 -27.40
N ASP F 27 24.40 -46.84 -26.53
N ASP F 27 24.38 -46.86 -26.55
CA ASP F 27 23.46 -47.53 -25.66
CA ASP F 27 23.39 -47.51 -25.68
C ASP F 27 23.32 -46.88 -24.29
C ASP F 27 23.30 -46.88 -24.30
N ASP F 28 23.77 -45.65 -24.17
CA ASP F 28 23.72 -44.90 -22.90
C ASP F 28 22.29 -44.89 -22.34
N ALA F 29 22.17 -45.26 -21.06
CA ALA F 29 20.86 -45.34 -20.39
C ALA F 29 20.48 -44.07 -19.64
N SER F 30 21.37 -43.07 -19.65
CA SER F 30 21.07 -41.79 -19.02
C SER F 30 19.76 -41.20 -19.56
N LEU F 31 18.98 -40.64 -18.66
CA LEU F 31 17.70 -40.04 -19.03
C LEU F 31 17.89 -38.84 -19.97
N ASP F 32 19.09 -38.27 -20.00
CA ASP F 32 19.38 -37.22 -20.97
C ASP F 32 19.35 -37.70 -22.41
N MET F 33 19.40 -39.01 -22.62
CA MET F 33 19.33 -39.53 -23.99
C MET F 33 18.02 -39.21 -24.71
N ILE F 34 16.96 -38.91 -23.95
CA ILE F 34 15.72 -38.46 -24.57
C ILE F 34 15.97 -37.14 -25.30
N LEU F 35 16.45 -36.14 -24.58
CA LEU F 35 16.84 -34.87 -25.19
C LEU F 35 17.87 -35.06 -26.30
N VAL F 36 18.89 -35.88 -26.05
CA VAL F 36 19.98 -36.02 -27.01
C VAL F 36 19.48 -36.59 -28.32
N ARG F 37 18.61 -37.60 -28.26
CA ARG F 37 18.03 -38.14 -29.50
C ARG F 37 17.09 -37.15 -30.18
N ASP F 38 16.31 -36.41 -29.39
CA ASP F 38 15.37 -35.44 -29.95
C ASP F 38 16.05 -34.31 -30.69
N VAL F 39 17.22 -33.90 -30.20
CA VAL F 39 17.93 -32.76 -30.77
C VAL F 39 19.13 -33.16 -31.65
N TYR F 40 19.91 -34.14 -31.22
CA TYR F 40 21.15 -34.48 -31.92
C TYR F 40 21.10 -35.83 -32.64
N GLY F 41 19.97 -36.52 -32.54
CA GLY F 41 19.83 -37.85 -33.12
C GLY F 41 19.65 -37.86 -34.62
N ASP F 42 19.71 -39.06 -35.19
CA ASP F 42 19.59 -39.25 -36.63
C ASP F 42 18.15 -39.07 -37.13
N GLU F 43 17.18 -39.20 -36.23
CA GLU F 43 15.78 -39.00 -36.58
C GLU F 43 15.16 -38.06 -35.55
N PRO F 44 15.59 -36.79 -35.57
CA PRO F 44 15.31 -35.90 -34.43
C PRO F 44 13.89 -35.33 -34.45
N ALA F 45 13.19 -35.44 -33.32
CA ALA F 45 11.86 -34.86 -33.19
C ALA F 45 11.90 -33.33 -33.17
N ARG F 46 13.05 -32.77 -32.82
CA ARG F 46 13.23 -31.33 -32.74
C ARG F 46 14.37 -30.89 -33.67
N PRO F 47 14.16 -31.01 -34.99
CA PRO F 47 15.26 -30.87 -35.97
C PRO F 47 15.82 -29.46 -36.13
N ALA F 48 15.08 -28.45 -35.68
CA ALA F 48 15.51 -27.07 -35.86
C ALA F 48 16.45 -26.60 -34.74
N MET F 49 16.50 -27.36 -33.66
CA MET F 49 17.15 -26.86 -32.45
C MET F 49 18.68 -26.67 -32.56
N ILE F 50 19.38 -27.59 -33.21
CA ILE F 50 20.83 -27.45 -33.39
C ILE F 50 21.18 -26.11 -34.05
N GLY F 51 20.45 -25.78 -35.11
CA GLY F 51 20.69 -24.53 -35.82
C GLY F 51 20.42 -23.32 -34.94
N ARG F 52 19.35 -23.36 -34.15
CA ARG F 52 19.02 -22.25 -33.26
C ARG F 52 20.04 -22.11 -32.12
N LEU F 53 20.56 -23.22 -31.62
CA LEU F 53 21.62 -23.20 -30.60
C LEU F 53 22.94 -22.67 -31.16
N SER F 54 23.28 -23.06 -32.39
CA SER F 54 24.56 -22.67 -32.98
C SER F 54 24.57 -21.20 -33.33
N ASP F 55 23.41 -20.67 -33.71
CA ASP F 55 23.33 -19.29 -34.16
C ASP F 55 23.52 -18.28 -33.04
N VAL F 56 24.44 -17.35 -33.26
CA VAL F 56 24.66 -16.25 -32.33
C VAL F 56 24.37 -14.89 -32.98
N THR F 57 24.91 -14.69 -34.18
CA THR F 57 24.86 -13.38 -34.85
C THR F 57 23.74 -13.20 -35.88
N GLY F 58 22.90 -14.22 -36.06
CA GLY F 58 21.79 -14.15 -37.01
C GLY F 58 20.46 -13.87 -36.34
N GLU F 59 19.57 -14.88 -36.33
CA GLU F 59 18.28 -14.80 -35.66
C GLU F 59 18.38 -14.33 -34.21
N ARG F 60 19.39 -14.81 -33.48
CA ARG F 60 19.49 -14.49 -32.06
C ARG F 60 19.68 -12.98 -31.89
N LEU F 61 20.64 -12.43 -32.61
CA LEU F 61 20.94 -11.01 -32.48
C LEU F 61 19.78 -10.17 -32.99
N ALA F 62 19.13 -10.61 -34.06
CA ALA F 62 17.99 -9.88 -34.60
C ALA F 62 16.84 -9.81 -33.60
N GLU F 63 16.57 -10.92 -32.92
CA GLU F 63 15.54 -10.98 -31.89
C GLU F 63 15.94 -10.12 -30.68
N MET F 64 17.23 -10.12 -30.34
CA MET F 64 17.68 -9.24 -29.26
C MET F 64 17.41 -7.79 -29.62
N ASP F 65 17.73 -7.42 -30.86
CA ASP F 65 17.50 -6.05 -31.30
C ASP F 65 16.02 -5.69 -31.31
N SER F 66 15.18 -6.60 -31.81
CA SER F 66 13.73 -6.37 -31.89
C SER F 66 13.09 -6.17 -30.52
N ASN F 67 13.68 -6.78 -29.49
CA ASN F 67 13.08 -6.77 -28.16
C ASN F 67 13.84 -5.89 -27.17
N GLY F 68 14.88 -5.23 -27.66
CA GLY F 68 15.66 -4.34 -26.83
C GLY F 68 16.47 -5.05 -25.77
N VAL F 69 16.96 -6.25 -26.09
CA VAL F 69 17.80 -6.99 -25.16
C VAL F 69 19.26 -6.62 -25.41
N ASP F 70 19.95 -6.13 -24.38
CA ASP F 70 21.32 -5.68 -24.55
C ASP F 70 22.27 -6.84 -24.73
N MET F 71 22.17 -7.85 -23.86
CA MET F 71 23.14 -8.96 -23.87
C MET F 71 22.52 -10.32 -23.61
N HIS F 72 23.17 -11.35 -24.15
CA HIS F 72 23.04 -12.71 -23.68
C HIS F 72 24.34 -13.13 -23.00
N LEU F 73 24.21 -13.65 -21.79
CA LEU F 73 25.29 -14.43 -21.19
C LEU F 73 25.15 -15.87 -21.69
N LEU F 74 26.08 -16.27 -22.56
CA LEU F 74 26.02 -17.56 -23.23
C LEU F 74 26.59 -18.71 -22.40
N SER F 75 25.98 -19.89 -22.54
CA SER F 75 26.47 -21.10 -21.88
C SER F 75 26.32 -22.28 -22.82
N LEU F 76 27.32 -23.15 -22.88
CA LEU F 76 27.16 -24.40 -23.63
C LEU F 76 25.95 -25.14 -23.08
N THR F 77 25.03 -25.50 -23.99
CA THR F 77 23.74 -26.05 -23.62
C THR F 77 23.92 -27.39 -22.90
N ALA F 78 23.01 -27.68 -21.98
CA ALA F 78 22.98 -29.01 -21.34
C ALA F 78 22.83 -30.07 -22.44
N PRO F 79 23.47 -31.22 -22.27
CA PRO F 79 24.21 -31.69 -21.10
C PRO F 79 25.71 -31.34 -21.09
N GLY F 80 26.09 -30.31 -21.83
CA GLY F 80 27.48 -29.87 -21.82
C GLY F 80 28.37 -30.96 -22.36
N VAL F 81 29.50 -31.18 -21.68
CA VAL F 81 30.43 -32.22 -22.06
C VAL F 81 30.39 -33.37 -21.04
N GLN F 82 29.33 -33.39 -20.22
CA GLN F 82 29.32 -34.31 -19.07
C GLN F 82 28.94 -35.74 -19.39
N MET F 83 28.37 -35.99 -20.57
CA MET F 83 27.99 -37.36 -20.92
C MET F 83 29.14 -38.19 -21.47
N PHE F 84 30.21 -37.52 -21.88
CA PHE F 84 31.31 -38.21 -22.53
C PHE F 84 32.24 -38.89 -21.53
N ASP F 85 33.12 -39.75 -22.04
CA ASP F 85 34.21 -40.28 -21.21
C ASP F 85 35.10 -39.13 -20.78
N ALA F 86 35.95 -39.36 -19.79
CA ALA F 86 36.73 -38.28 -19.21
C ALA F 86 37.66 -37.58 -20.21
N GLU F 87 38.42 -38.34 -21.00
CA GLU F 87 39.34 -37.68 -21.91
C GLU F 87 38.61 -36.90 -23.01
N THR F 88 37.50 -37.45 -23.51
CA THR F 88 36.71 -36.75 -24.52
C THR F 88 36.08 -35.49 -23.94
N GLY F 89 35.54 -35.59 -22.73
CA GLY F 89 34.94 -34.44 -22.09
C GLY F 89 35.96 -33.34 -21.86
N THR F 90 37.15 -33.74 -21.42
CA THR F 90 38.22 -32.79 -21.16
C THR F 90 38.63 -32.05 -22.42
N ARG F 91 38.79 -32.80 -23.51
CA ARG F 91 39.17 -32.22 -24.79
C ARG F 91 38.08 -31.31 -25.35
N LEU F 92 36.84 -31.72 -25.22
CA LEU F 92 35.75 -30.92 -25.75
C LEU F 92 35.48 -29.67 -24.91
N ALA F 93 35.74 -29.72 -23.61
CA ALA F 93 35.54 -28.53 -22.79
C ALA F 93 36.53 -27.45 -23.21
N ARG F 94 37.78 -27.85 -23.46
CA ARG F 94 38.78 -26.90 -23.90
C ARG F 94 38.37 -26.19 -25.19
N ILE F 95 37.95 -26.96 -26.19
CA ILE F 95 37.54 -26.40 -27.47
C ILE F 95 36.31 -25.52 -27.32
N ALA F 96 35.33 -26.00 -26.56
CA ALA F 96 34.10 -25.25 -26.35
C ALA F 96 34.40 -23.93 -25.66
N ASN F 97 35.35 -23.95 -24.74
CA ASN F 97 35.69 -22.73 -24.00
C ASN F 97 36.43 -21.74 -24.89
N ASP F 98 37.33 -22.24 -25.74
CA ASP F 98 38.02 -21.37 -26.68
C ASP F 98 37.03 -20.76 -27.67
N LEU F 99 36.09 -21.56 -28.13
CA LEU F 99 35.09 -21.06 -29.07
C LEU F 99 34.14 -20.06 -28.40
N MET F 100 33.81 -20.32 -27.14
CA MET F 100 33.02 -19.37 -26.35
C MET F 100 33.74 -18.03 -26.25
N ALA F 101 35.03 -18.07 -25.89
CA ALA F 101 35.82 -16.84 -25.82
C ALA F 101 35.85 -16.07 -27.14
N GLN F 102 36.00 -16.79 -28.25
N GLN F 102 36.01 -16.81 -28.24
CA GLN F 102 36.05 -16.15 -29.55
CA GLN F 102 36.05 -16.25 -29.59
C GLN F 102 34.69 -15.57 -29.94
C GLN F 102 34.71 -15.59 -29.92
N THR F 103 33.62 -16.26 -29.54
CA THR F 103 32.27 -15.75 -29.78
C THR F 103 32.06 -14.43 -29.05
N VAL F 104 32.42 -14.41 -27.77
CA VAL F 104 32.37 -13.19 -26.98
C VAL F 104 33.21 -12.06 -27.58
N ALA F 105 34.45 -12.37 -27.96
CA ALA F 105 35.34 -11.36 -28.51
C ALA F 105 34.84 -10.74 -29.83
N ALA F 106 34.00 -11.48 -30.55
CA ALA F 106 33.49 -10.99 -31.83
C ALA F 106 32.38 -9.96 -31.64
N ASN F 107 31.70 -10.01 -30.50
CA ASN F 107 30.66 -9.02 -30.18
C ASN F 107 30.54 -8.80 -28.67
N PRO F 108 31.57 -8.21 -28.06
CA PRO F 108 31.64 -8.19 -26.59
C PRO F 108 30.67 -7.21 -25.91
N THR F 109 30.00 -6.36 -26.66
CA THR F 109 28.95 -5.53 -26.04
C THR F 109 27.61 -6.26 -26.05
N ARG F 110 27.51 -7.34 -26.83
CA ARG F 110 26.24 -8.06 -26.92
C ARG F 110 26.29 -9.44 -26.26
N PHE F 111 27.49 -10.00 -26.10
CA PHE F 111 27.61 -11.35 -25.55
C PHE F 111 28.66 -11.44 -24.48
N ALA F 112 28.31 -12.09 -23.38
CA ALA F 112 29.24 -12.52 -22.35
C ALA F 112 29.19 -14.05 -22.37
N GLY F 113 30.10 -14.71 -21.66
CA GLY F 113 30.16 -16.15 -21.75
C GLY F 113 30.58 -16.86 -20.48
N LEU F 114 29.98 -18.03 -20.28
CA LEU F 114 30.34 -18.92 -19.19
C LEU F 114 31.15 -20.08 -19.77
N GLY F 115 32.28 -20.38 -19.14
CA GLY F 115 33.05 -21.55 -19.54
C GLY F 115 32.52 -22.80 -18.84
N THR F 116 32.84 -23.96 -19.38
CA THR F 116 32.40 -25.21 -18.78
C THR F 116 33.59 -26.12 -18.55
N PHE F 117 33.33 -27.32 -18.05
CA PHE F 117 34.40 -28.25 -17.72
C PHE F 117 33.87 -29.66 -17.62
N ALA F 118 34.79 -30.62 -17.57
CA ALA F 118 34.41 -32.02 -17.45
C ALA F 118 34.79 -32.58 -16.09
N PRO F 119 33.85 -32.53 -15.13
CA PRO F 119 34.13 -32.99 -13.76
C PRO F 119 34.37 -34.50 -13.67
N GLN F 120 34.17 -35.23 -14.76
CA GLN F 120 34.57 -36.65 -14.82
C GLN F 120 36.02 -36.83 -14.36
N ASP F 121 36.84 -35.81 -14.61
CA ASP F 121 38.24 -35.79 -14.22
C ASP F 121 38.44 -34.49 -13.45
N PRO F 122 38.29 -34.54 -12.11
CA PRO F 122 38.34 -33.31 -11.31
C PRO F 122 39.67 -32.55 -11.42
N ALA F 123 40.80 -33.26 -11.44
CA ALA F 123 42.08 -32.59 -11.57
C ALA F 123 42.18 -31.81 -12.89
N SER F 124 41.78 -32.43 -13.99
CA SER F 124 41.81 -31.74 -15.28
C SER F 124 40.78 -30.61 -15.34
N ALA F 125 39.62 -30.83 -14.73
CA ALA F 125 38.60 -29.78 -14.70
C ALA F 125 39.11 -28.56 -13.95
N ALA F 126 39.82 -28.80 -12.84
CA ALA F 126 40.40 -27.70 -12.07
C ALA F 126 41.39 -26.89 -12.89
N ARG F 127 42.20 -27.57 -13.71
CA ARG F 127 43.14 -26.86 -14.56
C ARG F 127 42.40 -26.01 -15.60
N GLU F 128 41.32 -26.55 -16.15
CA GLU F 128 40.57 -25.80 -17.15
C GLU F 128 39.84 -24.61 -16.54
N ILE F 129 39.33 -24.79 -15.32
CA ILE F 129 38.70 -23.69 -14.59
C ILE F 129 39.67 -22.51 -14.43
N GLU F 130 40.92 -22.82 -14.06
CA GLU F 130 41.95 -21.79 -13.95
C GLU F 130 42.20 -21.11 -15.30
N ARG F 131 42.22 -21.90 -16.37
CA ARG F 131 42.46 -21.35 -17.69
C ARG F 131 41.31 -20.43 -18.13
N VAL F 132 40.08 -20.87 -17.87
CA VAL F 132 38.91 -20.05 -18.14
C VAL F 132 38.99 -18.70 -17.44
N ALA F 133 39.40 -18.72 -16.17
CA ALA F 133 39.45 -17.51 -15.36
C ALA F 133 40.57 -16.56 -15.76
N THR F 134 41.77 -17.11 -15.91
CA THR F 134 42.98 -16.32 -16.07
C THR F 134 43.36 -16.05 -17.52
N GLN F 135 43.26 -17.06 -18.37
CA GLN F 135 43.67 -16.93 -19.76
C GLN F 135 42.54 -16.41 -20.64
N LEU F 136 41.39 -17.07 -20.58
CA LEU F 136 40.27 -16.70 -21.43
C LEU F 136 39.50 -15.49 -20.91
N ARG F 137 39.57 -15.28 -19.60
CA ARG F 137 38.88 -14.17 -18.94
C ARG F 137 37.37 -14.19 -19.20
N LEU F 138 36.80 -15.39 -19.19
CA LEU F 138 35.36 -15.55 -19.36
C LEU F 138 34.63 -15.09 -18.09
N ASN F 139 33.32 -14.98 -18.17
CA ASN F 139 32.54 -14.26 -17.18
C ASN F 139 32.14 -15.09 -15.99
N GLY F 140 32.22 -16.40 -16.13
CA GLY F 140 31.81 -17.30 -15.08
C GLY F 140 31.87 -18.71 -15.62
N LEU F 141 31.18 -19.63 -14.93
CA LEU F 141 31.22 -21.05 -15.25
C LEU F 141 29.81 -21.61 -15.30
N VAL F 142 29.65 -22.71 -16.04
CA VAL F 142 28.37 -23.40 -16.08
C VAL F 142 28.63 -24.89 -16.04
N ILE F 143 27.77 -25.59 -15.32
CA ILE F 143 27.79 -27.05 -15.30
C ILE F 143 26.35 -27.52 -15.18
N ASN F 144 26.04 -28.69 -15.71
CA ASN F 144 24.66 -29.16 -15.77
C ASN F 144 24.37 -30.25 -14.75
N SER F 145 23.86 -29.82 -13.60
CA SER F 145 23.67 -30.68 -12.42
C SER F 145 24.67 -31.85 -12.35
N HIS F 146 24.18 -33.09 -12.25
CA HIS F 146 25.05 -34.21 -11.90
C HIS F 146 26.11 -34.55 -12.92
N THR F 147 27.17 -35.20 -12.45
CA THR F 147 28.11 -35.84 -13.36
C THR F 147 28.30 -37.28 -12.89
N ASN F 148 28.22 -38.23 -13.82
CA ASN F 148 28.39 -39.65 -13.53
C ASN F 148 27.41 -40.12 -12.45
N ASP F 149 26.26 -39.45 -12.39
CA ASP F 149 25.18 -39.80 -11.46
C ASP F 149 25.60 -39.60 -10.02
N LEU F 150 26.51 -38.65 -9.81
CA LEU F 150 26.91 -38.22 -8.48
C LEU F 150 26.60 -36.74 -8.36
N TYR F 151 26.37 -36.30 -7.12
CA TYR F 151 26.04 -34.91 -6.84
C TYR F 151 27.23 -34.22 -6.21
N TYR F 152 27.15 -32.89 -6.08
CA TYR F 152 28.36 -32.11 -5.80
C TYR F 152 28.71 -32.03 -4.32
N ASP F 153 28.00 -32.78 -3.50
CA ASP F 153 28.45 -33.05 -2.14
C ASP F 153 29.59 -34.07 -2.12
N ASP F 154 29.71 -34.86 -3.17
CA ASP F 154 30.71 -35.93 -3.18
C ASP F 154 32.13 -35.37 -3.13
N PRO F 155 32.96 -35.85 -2.18
CA PRO F 155 34.34 -35.36 -2.05
C PRO F 155 35.17 -35.54 -3.31
N PHE F 156 34.75 -36.45 -4.18
CA PHE F 156 35.40 -36.66 -5.47
C PHE F 156 35.57 -35.34 -6.21
N PHE F 157 34.60 -34.44 -6.04
CA PHE F 157 34.60 -33.18 -6.77
C PHE F 157 35.27 -32.04 -6.01
N HIS F 158 35.84 -32.31 -4.84
CA HIS F 158 36.47 -31.23 -4.10
C HIS F 158 37.52 -30.42 -4.89
N PRO F 159 38.39 -31.07 -5.69
CA PRO F 159 39.33 -30.26 -6.47
C PRO F 159 38.65 -29.27 -7.43
N VAL F 160 37.47 -29.63 -7.94
CA VAL F 160 36.73 -28.71 -8.79
C VAL F 160 36.32 -27.48 -8.01
N PHE F 161 35.72 -27.69 -6.84
CA PHE F 161 35.19 -26.58 -6.07
C PHE F 161 36.30 -25.73 -5.45
N GLU F 162 37.42 -26.36 -5.10
CA GLU F 162 38.60 -25.63 -4.70
C GLU F 162 39.01 -24.63 -5.79
N ALA F 163 39.02 -25.09 -7.04
CA ALA F 163 39.46 -24.24 -8.14
C ALA F 163 38.44 -23.15 -8.44
N ILE F 164 37.16 -23.50 -8.38
CA ILE F 164 36.13 -22.50 -8.60
C ILE F 164 36.21 -21.40 -7.54
N GLU F 165 36.33 -21.79 -6.28
CA GLU F 165 36.39 -20.79 -5.21
C GLU F 165 37.57 -19.88 -5.41
N ALA F 166 38.73 -20.47 -5.71
CA ALA F 166 39.95 -19.70 -5.88
C ALA F 166 39.86 -18.76 -7.08
N SER F 167 39.15 -19.18 -8.12
CA SER F 167 39.02 -18.38 -9.34
C SER F 167 38.17 -17.14 -9.16
N GLY F 168 37.24 -17.18 -8.21
CA GLY F 168 36.30 -16.09 -8.03
C GLY F 168 35.14 -16.09 -9.03
N LEU F 169 35.10 -17.07 -9.91
CA LEU F 169 34.02 -17.17 -10.89
C LEU F 169 32.78 -17.81 -10.29
N ALA F 170 31.62 -17.23 -10.56
CA ALA F 170 30.34 -17.81 -10.18
C ALA F 170 30.05 -19.04 -11.04
N LEU F 171 29.46 -20.06 -10.41
CA LEU F 171 29.09 -21.29 -11.11
C LEU F 171 27.58 -21.38 -11.26
N TYR F 172 27.13 -21.33 -12.50
CA TYR F 172 25.72 -21.55 -12.82
C TYR F 172 25.53 -23.06 -12.88
N ILE F 173 24.73 -23.61 -11.96
CA ILE F 173 24.38 -25.03 -12.03
C ILE F 173 23.04 -25.15 -12.75
N HIS F 174 23.15 -25.33 -14.06
CA HIS F 174 22.01 -25.49 -14.96
C HIS F 174 21.45 -26.89 -14.80
N PRO F 175 20.17 -27.10 -15.14
CA PRO F 175 19.69 -28.49 -15.02
C PRO F 175 20.26 -29.45 -16.07
N ARG F 176 20.09 -30.73 -15.78
CA ARG F 176 20.02 -31.76 -16.82
C ARG F 176 18.95 -32.73 -16.35
N ALA F 177 18.70 -33.80 -17.11
CA ALA F 177 17.69 -34.76 -16.72
C ALA F 177 18.06 -35.44 -15.41
N PRO F 178 17.05 -35.83 -14.62
CA PRO F 178 17.28 -36.63 -13.41
C PRO F 178 18.31 -37.74 -13.60
N SER F 179 19.21 -37.85 -12.63
CA SER F 179 20.26 -38.86 -12.62
C SER F 179 19.71 -40.27 -12.45
N LYS F 180 20.58 -41.26 -12.61
CA LYS F 180 20.15 -42.66 -12.42
C LYS F 180 19.65 -42.93 -11.00
N GLN F 181 20.01 -42.09 -10.05
CA GLN F 181 19.54 -42.27 -8.68
C GLN F 181 18.02 -42.07 -8.59
N ILE F 182 17.48 -41.25 -9.48
CA ILE F 182 16.08 -40.84 -9.37
C ILE F 182 15.27 -40.98 -10.66
N ASP F 183 15.90 -41.39 -11.77
CA ASP F 183 15.23 -41.26 -13.07
C ASP F 183 13.99 -42.13 -13.29
N ARG F 184 13.84 -43.20 -12.52
CA ARG F 184 12.71 -44.12 -12.70
C ARG F 184 11.35 -43.43 -12.61
N ALA F 185 11.26 -42.39 -11.79
CA ALA F 185 10.00 -41.67 -11.59
C ALA F 185 9.74 -40.60 -12.66
N PHE F 186 10.67 -40.44 -13.59
CA PHE F 186 10.60 -39.36 -14.57
C PHE F 186 10.58 -39.85 -16.01
N ARG F 187 10.12 -41.08 -16.22
CA ARG F 187 10.06 -41.68 -17.56
C ARG F 187 8.72 -41.43 -18.27
N ASP F 188 7.76 -40.82 -17.57
CA ASP F 188 6.42 -40.66 -18.14
C ASP F 188 6.01 -39.20 -18.27
N TYR F 189 5.08 -38.94 -19.20
CA TYR F 189 4.45 -37.64 -19.34
C TYR F 189 5.44 -36.50 -19.61
N GLY F 190 6.58 -36.83 -20.19
CA GLY F 190 7.59 -35.82 -20.51
C GLY F 190 8.31 -35.26 -19.30
N MET F 191 8.17 -35.93 -18.16
CA MET F 191 8.72 -35.41 -16.91
C MET F 191 10.24 -35.47 -16.80
N ASN F 192 10.89 -36.07 -17.80
CA ASN F 192 12.36 -36.06 -17.84
C ASN F 192 12.92 -34.64 -17.95
N SER F 193 12.10 -33.74 -18.49
CA SER F 193 12.57 -32.44 -18.98
C SER F 193 12.22 -31.28 -18.04
N ALA F 194 12.10 -30.09 -18.63
CA ALA F 194 11.87 -28.85 -17.89
C ALA F 194 10.57 -28.84 -17.08
N ILE F 195 9.57 -29.57 -17.55
CA ILE F 195 8.28 -29.56 -16.86
C ILE F 195 8.36 -30.04 -15.41
N TRP F 196 9.33 -30.92 -15.08
CA TRP F 196 9.41 -31.35 -13.70
C TRP F 196 10.79 -31.90 -13.30
N GLY F 197 11.28 -32.85 -14.09
CA GLY F 197 12.54 -33.49 -13.77
C GLY F 197 13.71 -32.54 -13.56
N TYR F 198 13.83 -31.55 -14.44
CA TYR F 198 14.95 -30.61 -14.36
C TYR F 198 15.05 -29.94 -12.98
N GLY F 199 13.91 -29.51 -12.46
CA GLY F 199 13.89 -28.83 -11.18
C GLY F 199 14.19 -29.75 -10.01
N ILE F 200 13.65 -30.97 -10.06
CA ILE F 200 13.89 -31.92 -8.97
C ILE F 200 15.36 -32.31 -8.92
N GLU F 201 15.92 -32.65 -10.08
CA GLU F 201 17.33 -33.00 -10.20
C GLU F 201 18.24 -31.91 -9.67
N THR F 202 18.00 -30.68 -10.11
CA THR F 202 18.93 -29.60 -9.83
C THR F 202 18.81 -29.12 -8.38
N SER F 203 17.56 -28.98 -7.90
CA SER F 203 17.37 -28.57 -6.51
C SER F 203 17.93 -29.59 -5.54
N THR F 204 17.77 -30.88 -5.84
CA THR F 204 18.29 -31.93 -4.96
C THR F 204 19.82 -31.88 -4.90
N ASN F 205 20.45 -31.65 -6.05
CA ASN F 205 21.90 -31.46 -6.07
C ASN F 205 22.29 -30.33 -5.12
N ALA F 206 21.67 -29.16 -5.28
CA ALA F 206 22.02 -28.02 -4.45
C ALA F 206 21.75 -28.23 -2.96
N VAL F 207 20.63 -28.89 -2.63
CA VAL F 207 20.33 -29.19 -1.23
C VAL F 207 21.39 -30.12 -0.63
N ARG F 208 21.82 -31.14 -1.38
CA ARG F 208 22.90 -31.98 -0.91
C ARG F 208 24.18 -31.17 -0.69
N MET F 209 24.46 -30.24 -1.60
CA MET F 209 25.65 -29.41 -1.45
C MET F 209 25.59 -28.65 -0.14
N ILE F 210 24.47 -27.98 0.11
CA ILE F 210 24.32 -27.20 1.34
C ILE F 210 24.42 -28.08 2.59
N LEU F 211 23.64 -29.16 2.63
CA LEU F 211 23.57 -29.97 3.85
C LEU F 211 24.87 -30.73 4.15
N SER F 212 25.66 -30.98 3.11
CA SER F 212 26.93 -31.68 3.28
C SER F 212 28.02 -30.78 3.87
N GLY F 213 27.75 -29.48 3.95
CA GLY F 213 28.73 -28.53 4.47
C GLY F 213 29.74 -28.04 3.45
N LEU F 214 29.41 -28.17 2.17
CA LEU F 214 30.33 -27.75 1.11
C LEU F 214 30.67 -26.27 1.25
N PHE F 215 29.71 -25.49 1.72
CA PHE F 215 29.91 -24.04 1.82
C PHE F 215 30.59 -23.60 3.11
N ASP F 216 30.83 -24.55 4.02
CA ASP F 216 31.76 -24.28 5.11
C ASP F 216 33.18 -24.59 4.62
N ARG F 217 33.29 -25.58 3.74
CA ARG F 217 34.59 -25.95 3.20
C ARG F 217 35.09 -24.90 2.23
N PHE F 218 34.16 -24.37 1.44
CA PHE F 218 34.47 -23.35 0.42
C PHE F 218 33.52 -22.18 0.55
N PRO F 219 33.72 -21.34 1.58
CA PRO F 219 32.72 -20.31 1.90
C PRO F 219 32.60 -19.18 0.89
N ARG F 220 33.57 -19.05 -0.02
CA ARG F 220 33.49 -18.00 -1.04
C ARG F 220 32.88 -18.43 -2.37
N LEU F 221 32.43 -19.69 -2.48
CA LEU F 221 31.71 -20.11 -3.68
C LEU F 221 30.48 -19.26 -3.95
N LYS F 222 30.25 -18.95 -5.21
CA LYS F 222 29.00 -18.35 -5.62
C LYS F 222 28.34 -19.28 -6.63
N ILE F 223 27.13 -19.69 -6.32
CA ILE F 223 26.37 -20.60 -7.16
C ILE F 223 25.15 -19.86 -7.67
N VAL F 224 24.78 -20.09 -8.92
CA VAL F 224 23.59 -19.48 -9.49
C VAL F 224 22.67 -20.60 -9.95
N LEU F 225 21.39 -20.49 -9.61
CA LEU F 225 20.38 -21.45 -10.04
C LEU F 225 19.29 -20.75 -10.83
N GLY F 226 18.94 -21.31 -11.99
CA GLY F 226 17.85 -20.77 -12.79
C GLY F 226 16.47 -21.21 -12.30
N HIS F 227 15.44 -20.87 -13.07
CA HIS F 227 14.10 -21.38 -12.80
C HIS F 227 13.64 -21.02 -11.41
N MET F 228 13.85 -19.74 -11.12
CA MET F 228 13.53 -19.13 -9.84
C MET F 228 14.14 -19.91 -8.68
N GLY F 229 15.41 -20.24 -8.84
CA GLY F 229 16.17 -20.96 -7.83
C GLY F 229 15.78 -22.41 -7.64
N GLU F 230 15.19 -23.00 -8.69
CA GLU F 230 14.70 -24.38 -8.67
C GLU F 230 13.81 -24.64 -7.45
N ALA F 231 13.05 -23.60 -7.09
CA ALA F 231 12.09 -23.57 -5.98
C ALA F 231 12.69 -23.63 -4.59
N ILE F 232 14.00 -23.75 -4.48
CA ILE F 232 14.62 -23.69 -3.14
C ILE F 232 14.19 -22.45 -2.32
N PRO F 233 14.07 -21.27 -2.96
CA PRO F 233 13.60 -20.13 -2.16
C PRO F 233 12.26 -20.37 -1.45
N PHE F 234 11.40 -21.22 -2.01
CA PHE F 234 10.10 -21.46 -1.42
C PHE F 234 10.21 -22.32 -0.16
N TRP F 235 11.26 -23.14 -0.12
CA TRP F 235 11.44 -24.16 0.93
C TRP F 235 12.33 -23.71 2.10
N LEU F 236 12.78 -22.46 2.09
CA LEU F 236 13.79 -22.04 3.08
C LEU F 236 13.41 -22.26 4.54
N TRP F 237 12.16 -21.94 4.90
CA TRP F 237 11.76 -22.04 6.30
C TRP F 237 11.83 -23.49 6.78
N ARG F 238 11.34 -24.40 5.95
CA ARG F 238 11.27 -25.82 6.26
C ARG F 238 12.66 -26.45 6.27
N LEU F 239 13.52 -26.05 5.33
CA LEU F 239 14.91 -26.50 5.36
C LEU F 239 15.58 -26.13 6.69
N ASP F 240 15.33 -24.91 7.15
CA ASP F 240 15.90 -24.48 8.42
C ASP F 240 15.25 -25.19 9.60
N TYR F 241 13.92 -25.29 9.60
CA TYR F 241 13.24 -25.89 10.74
C TYR F 241 13.70 -27.33 10.99
N MET F 242 13.79 -28.11 9.92
CA MET F 242 14.08 -29.53 10.04
C MET F 242 15.56 -29.84 10.13
N HIS F 243 16.42 -28.83 10.04
CA HIS F 243 17.86 -29.08 10.09
C HIS F 243 18.35 -29.74 11.40
N GLY F 244 17.75 -29.38 12.52
CA GLY F 244 18.09 -29.98 13.79
C GLY F 244 17.86 -31.48 13.80
N ASN F 245 16.73 -31.91 13.25
CA ASN F 245 16.45 -33.35 13.14
C ASN F 245 17.48 -34.03 12.24
N ALA F 246 17.86 -33.34 11.17
CA ALA F 246 18.83 -33.89 10.22
C ALA F 246 20.20 -34.13 10.88
N THR F 247 20.66 -33.17 11.68
CA THR F 247 21.96 -33.31 12.34
C THR F 247 21.88 -34.20 13.58
N THR F 248 20.72 -34.25 14.23
CA THR F 248 20.58 -35.02 15.46
C THR F 248 20.38 -36.51 15.15
N PHE F 249 19.49 -36.82 14.21
CA PHE F 249 19.14 -38.22 13.93
C PHE F 249 19.59 -38.73 12.57
N GLY F 250 19.91 -37.82 11.64
CA GLY F 250 20.13 -38.20 10.26
C GLY F 250 21.57 -38.18 9.79
N GLY F 251 22.50 -37.94 10.71
CA GLY F 251 23.90 -37.90 10.34
C GLY F 251 24.30 -36.75 9.44
N ALA F 252 23.47 -35.70 9.36
CA ALA F 252 23.90 -34.50 8.67
C ALA F 252 24.99 -33.83 9.50
N PRO F 253 26.05 -33.33 8.84
CA PRO F 253 27.13 -32.71 9.61
C PRO F 253 26.69 -31.39 10.23
N LYS F 254 27.36 -30.98 11.31
CA LYS F 254 27.09 -29.70 11.94
C LYS F 254 27.61 -28.60 11.03
N LEU F 255 26.77 -27.58 10.83
CA LEU F 255 27.06 -26.45 9.94
C LEU F 255 27.19 -25.15 10.72
N LYS F 256 28.01 -24.24 10.21
CA LYS F 256 28.20 -22.94 10.85
C LYS F 256 26.95 -22.09 10.76
N LEU F 257 26.26 -22.14 9.63
CA LEU F 257 25.07 -21.33 9.36
C LEU F 257 23.84 -22.20 9.21
N LYS F 258 22.67 -21.56 9.14
CA LYS F 258 21.44 -22.28 8.79
C LYS F 258 21.42 -22.51 7.28
N PRO F 259 20.72 -23.57 6.83
CA PRO F 259 20.60 -23.83 5.39
C PRO F 259 20.21 -22.59 4.57
N SER F 260 19.21 -21.84 5.02
CA SER F 260 18.76 -20.67 4.26
C SER F 260 19.82 -19.57 4.22
N GLU F 261 20.67 -19.53 5.24
CA GLU F 261 21.77 -18.57 5.29
C GLU F 261 22.86 -18.87 4.26
N TYR F 262 23.12 -20.15 4.02
CA TYR F 262 23.98 -20.52 2.89
C TYR F 262 23.32 -20.14 1.58
N PHE F 263 22.01 -20.33 1.51
CA PHE F 263 21.35 -20.03 0.25
C PHE F 263 21.47 -18.54 -0.05
N ARG F 264 21.23 -17.69 0.94
CA ARG F 264 21.35 -16.25 0.71
C ARG F 264 22.79 -15.76 0.57
N ARG F 265 23.74 -16.38 1.28
CA ARG F 265 25.14 -15.92 1.23
C ARG F 265 25.82 -16.38 -0.04
N ASN F 266 25.60 -17.64 -0.40
CA ASN F 266 26.37 -18.30 -1.44
C ASN F 266 25.64 -18.49 -2.76
N PHE F 267 24.33 -18.27 -2.78
CA PHE F 267 23.59 -18.45 -4.03
C PHE F 267 22.94 -17.15 -4.52
N ALA F 268 22.69 -17.12 -5.83
CA ALA F 268 21.77 -16.18 -6.43
C ALA F 268 20.93 -16.98 -7.41
N ILE F 269 19.83 -16.39 -7.88
CA ILE F 269 18.89 -17.10 -8.75
C ILE F 269 18.59 -16.29 -10.00
N THR F 270 18.07 -16.98 -11.01
CA THR F 270 17.54 -16.29 -12.18
C THR F 270 16.09 -16.70 -12.43
N THR F 271 15.42 -15.91 -13.27
CA THR F 271 14.01 -16.09 -13.56
C THR F 271 13.73 -16.92 -14.80
N SER F 272 14.74 -17.60 -15.35
CA SER F 272 14.54 -18.41 -16.55
C SER F 272 13.35 -19.34 -16.42
N GLY F 273 12.47 -19.31 -17.40
CA GLY F 273 11.34 -20.23 -17.42
C GLY F 273 10.31 -20.05 -16.31
N VAL F 274 10.43 -18.97 -15.54
CA VAL F 274 9.44 -18.69 -14.49
C VAL F 274 9.02 -17.22 -14.59
N GLU F 275 8.18 -16.93 -15.57
CA GLU F 275 7.78 -15.55 -15.86
C GLU F 275 6.52 -15.21 -15.05
N SER F 276 6.70 -15.21 -13.73
CA SER F 276 5.62 -14.98 -12.78
C SER F 276 5.98 -13.80 -11.90
N HIS F 277 5.19 -12.73 -11.98
CA HIS F 277 5.41 -11.61 -11.08
C HIS F 277 5.29 -12.01 -9.61
N ALA F 278 4.36 -12.91 -9.30
CA ALA F 278 4.18 -13.35 -7.93
C ALA F 278 5.42 -14.09 -7.41
N ALA F 279 5.96 -15.00 -8.22
CA ALA F 279 7.13 -15.73 -7.78
C ALA F 279 8.36 -14.82 -7.74
N LEU F 280 8.41 -13.84 -8.64
CA LEU F 280 9.50 -12.87 -8.63
C LEU F 280 9.47 -12.05 -7.35
N ARG F 281 8.26 -11.56 -7.01
CA ARG F 281 8.10 -10.77 -5.79
C ARG F 281 8.49 -11.56 -4.56
N TYR F 282 8.01 -12.81 -4.48
CA TYR F 282 8.32 -13.68 -3.36
C TYR F 282 9.83 -13.84 -3.22
N SER F 283 10.50 -14.08 -4.34
CA SER F 283 11.94 -14.32 -4.32
C SER F 283 12.74 -13.09 -3.86
N ILE F 284 12.35 -11.92 -4.36
CA ILE F 284 12.98 -10.67 -3.93
C ILE F 284 12.80 -10.48 -2.41
N GLU F 285 11.61 -10.78 -1.92
N GLU F 285 11.61 -10.78 -1.92
CA GLU F 285 11.34 -10.63 -0.50
CA GLU F 285 11.31 -10.66 -0.50
C GLU F 285 12.21 -11.52 0.38
C GLU F 285 12.20 -11.53 0.37
N VAL F 286 12.35 -12.79 0.00
CA VAL F 286 13.07 -13.71 0.88
C VAL F 286 14.57 -13.79 0.65
N LEU F 287 15.02 -13.42 -0.55
CA LEU F 287 16.46 -13.47 -0.88
C LEU F 287 17.16 -12.12 -0.85
N GLY F 288 16.37 -11.05 -1.02
CA GLY F 288 16.91 -9.71 -1.24
C GLY F 288 17.00 -9.42 -2.73
N PRO F 289 16.84 -8.15 -3.10
CA PRO F 289 16.83 -7.81 -4.54
C PRO F 289 18.19 -7.97 -5.21
N GLU F 290 19.28 -8.09 -4.45
CA GLU F 290 20.59 -8.26 -5.07
C GLU F 290 20.80 -9.70 -5.57
N ASN F 291 19.92 -10.62 -5.16
CA ASN F 291 20.12 -12.05 -5.44
C ASN F 291 19.24 -12.63 -6.54
N VAL F 292 18.55 -11.76 -7.29
CA VAL F 292 17.66 -12.22 -8.35
C VAL F 292 18.04 -11.58 -9.70
N MET F 293 18.24 -12.42 -10.72
CA MET F 293 18.62 -11.98 -12.06
C MET F 293 17.61 -12.44 -13.09
N TRP F 294 17.47 -11.66 -14.16
CA TRP F 294 16.60 -12.03 -15.26
C TRP F 294 17.29 -12.96 -16.26
N ALA F 295 16.49 -13.79 -16.93
CA ALA F 295 17.00 -14.65 -17.99
C ALA F 295 15.85 -14.98 -18.93
N ILE F 296 16.18 -15.55 -20.09
CA ILE F 296 15.15 -15.94 -21.06
C ILE F 296 15.05 -17.47 -21.20
N ASP F 297 16.20 -18.15 -21.17
CA ASP F 297 16.29 -19.57 -21.53
C ASP F 297 16.11 -19.76 -23.05
N TYR F 298 16.60 -18.80 -23.82
CA TYR F 298 16.65 -18.89 -25.27
C TYR F 298 17.71 -19.96 -25.63
N PRO F 299 17.49 -20.74 -26.69
CA PRO F 299 16.37 -20.73 -27.65
C PRO F 299 15.24 -21.67 -27.27
N TYR F 300 15.26 -22.18 -26.05
CA TYR F 300 14.23 -23.11 -25.63
C TYR F 300 12.95 -22.37 -25.29
N GLN F 301 13.07 -21.08 -25.01
CA GLN F 301 11.94 -20.17 -24.83
C GLN F 301 12.14 -18.92 -25.64
N PRO F 302 11.04 -18.26 -26.05
CA PRO F 302 11.11 -17.04 -26.87
C PRO F 302 11.46 -15.78 -26.07
N MET F 303 12.08 -14.82 -26.73
CA MET F 303 12.54 -13.61 -26.03
C MET F 303 11.44 -12.65 -25.64
N ALA F 304 10.50 -12.39 -26.54
CA ALA F 304 9.51 -11.33 -26.27
C ALA F 304 8.75 -11.50 -24.95
N PRO F 305 8.19 -12.70 -24.68
CA PRO F 305 7.44 -12.80 -23.42
C PRO F 305 8.35 -12.61 -22.19
N ALA F 306 9.58 -13.10 -22.25
CA ALA F 306 10.48 -12.97 -21.10
C ALA F 306 10.82 -11.50 -20.87
N VAL F 307 11.06 -10.78 -21.97
CA VAL F 307 11.35 -9.36 -21.88
C VAL F 307 10.16 -8.60 -21.31
N GLN F 308 8.98 -8.90 -21.81
CA GLN F 308 7.79 -8.17 -21.37
C GLN F 308 7.46 -8.46 -19.91
N PHE F 309 7.76 -9.68 -19.47
CA PHE F 309 7.63 -10.06 -18.06
C PHE F 309 8.41 -9.12 -17.15
N ILE F 310 9.68 -8.88 -17.47
CA ILE F 310 10.49 -8.02 -16.59
C ILE F 310 10.16 -6.52 -16.78
N ARG F 311 9.87 -6.10 -18.01
CA ARG F 311 9.55 -4.70 -18.27
C ARG F 311 8.29 -4.26 -17.55
N THR F 312 7.38 -5.20 -17.31
CA THR F 312 6.12 -4.89 -16.64
C THR F 312 6.09 -5.34 -15.18
N ALA F 313 7.22 -5.75 -14.61
CA ALA F 313 7.22 -6.24 -13.24
C ALA F 313 6.77 -5.15 -12.29
N PRO F 314 5.88 -5.49 -11.34
CA PRO F 314 5.35 -4.51 -10.38
C PRO F 314 6.32 -4.30 -9.24
N ILE F 315 7.48 -3.76 -9.58
CA ILE F 315 8.54 -3.46 -8.62
C ILE F 315 9.12 -2.09 -8.98
N PRO F 316 9.75 -1.41 -8.00
CA PRO F 316 10.33 -0.10 -8.30
C PRO F 316 11.39 -0.16 -9.37
N GLU F 317 11.60 0.94 -10.07
CA GLU F 317 12.54 0.97 -11.19
C GLU F 317 13.96 0.62 -10.79
N ASP F 318 14.40 1.05 -9.61
CA ASP F 318 15.76 0.71 -9.22
C ASP F 318 15.93 -0.79 -8.97
N VAL F 319 14.95 -1.42 -8.34
CA VAL F 319 14.98 -2.87 -8.16
C VAL F 319 14.87 -3.57 -9.52
N LYS F 320 14.01 -3.04 -10.39
CA LYS F 320 13.88 -3.63 -11.73
C LYS F 320 15.22 -3.59 -12.48
N ALA F 321 15.95 -2.49 -12.37
CA ALA F 321 17.26 -2.40 -13.02
C ALA F 321 18.25 -3.44 -12.47
N MET F 322 18.21 -3.67 -11.17
CA MET F 322 19.06 -4.71 -10.55
C MET F 322 18.74 -6.07 -11.13
N VAL F 323 17.45 -6.42 -11.15
CA VAL F 323 17.03 -7.72 -11.67
C VAL F 323 17.32 -7.86 -13.16
N ALA F 324 17.06 -6.80 -13.93
CA ALA F 324 17.19 -6.86 -15.39
C ALA F 324 18.63 -7.05 -15.84
N GLY F 325 19.57 -6.47 -15.11
CA GLY F 325 20.95 -6.53 -15.54
C GLY F 325 22.02 -6.14 -14.53
N GLY F 326 21.68 -5.30 -13.55
CA GLY F 326 22.68 -4.83 -12.61
C GLY F 326 23.32 -5.94 -11.79
N ASN F 327 22.50 -6.84 -11.26
CA ASN F 327 23.03 -7.97 -10.50
C ASN F 327 23.93 -8.86 -11.34
N ALA F 328 23.51 -9.11 -12.58
CA ALA F 328 24.27 -9.93 -13.50
C ALA F 328 25.62 -9.29 -13.82
N ALA F 329 25.63 -7.97 -13.97
CA ALA F 329 26.87 -7.28 -14.28
C ALA F 329 27.87 -7.46 -13.14
N ARG F 330 27.37 -7.45 -11.91
CA ARG F 330 28.20 -7.65 -10.74
C ARG F 330 28.69 -9.09 -10.65
N ILE F 331 27.73 -10.02 -10.65
CA ILE F 331 28.04 -11.43 -10.43
C ILE F 331 28.89 -12.04 -11.54
N PHE F 332 28.64 -11.61 -12.77
CA PHE F 332 29.31 -12.20 -13.92
C PHE F 332 30.33 -11.26 -14.58
N ARG F 333 30.81 -10.28 -13.83
CA ARG F 333 31.91 -9.41 -14.26
C ARG F 333 31.68 -8.82 -15.65
N ILE F 334 30.55 -8.16 -15.85
CA ILE F 334 30.26 -7.50 -17.10
C ILE F 334 30.32 -5.99 -16.89
N THR F 335 31.01 -5.30 -17.78
CA THR F 335 31.09 -3.86 -17.70
C THR F 335 29.87 -3.24 -18.37
N SER G 1 11.57 21.54 -12.95
CA SER G 1 12.64 20.55 -13.03
C SER G 1 12.22 19.32 -13.85
N LEU G 2 10.97 18.92 -13.72
CA LEU G 2 10.44 17.84 -14.54
C LEU G 2 10.50 18.24 -16.01
N ARG G 3 11.18 17.44 -16.84
CA ARG G 3 11.25 17.76 -18.27
C ARG G 3 9.99 17.25 -18.97
N LEU G 4 9.21 18.18 -19.51
CA LEU G 4 7.96 17.86 -20.18
C LEU G 4 8.11 17.99 -21.70
N ILE G 5 7.99 16.87 -22.39
CA ILE G 5 8.02 16.85 -23.84
C ILE G 5 6.67 16.38 -24.33
N ALA G 6 5.87 17.29 -24.89
CA ALA G 6 4.52 16.93 -25.32
C ALA G 6 4.57 16.32 -26.73
N THR G 7 3.95 15.16 -26.91
CA THR G 7 4.20 14.38 -28.11
C THR G 7 3.13 14.36 -29.21
N GLU G 8 2.01 15.05 -29.01
CA GLU G 8 0.98 15.07 -30.07
C GLU G 8 0.49 16.47 -30.35
N GLU G 9 1.42 17.33 -30.76
CA GLU G 9 1.16 18.75 -30.79
C GLU G 9 1.05 19.21 -32.24
N ALA G 10 -0.17 19.54 -32.64
CA ALA G 10 -0.49 19.81 -34.03
C ALA G 10 -0.03 21.19 -34.49
N VAL G 11 0.35 21.26 -35.76
CA VAL G 11 0.73 22.50 -36.41
C VAL G 11 0.18 22.47 -37.84
N THR G 12 0.11 23.62 -38.49
CA THR G 12 -0.12 23.63 -39.92
C THR G 12 0.74 24.70 -40.58
N PHE G 13 0.69 24.73 -41.92
CA PHE G 13 1.48 25.65 -42.72
C PHE G 13 0.59 26.18 -43.83
N GLN G 14 0.83 27.41 -44.27
CA GLN G 14 -0.05 28.06 -45.24
C GLN G 14 -0.35 27.27 -46.52
N PRO G 15 0.65 26.61 -47.13
CA PRO G 15 0.33 25.86 -48.34
C PRO G 15 -0.69 24.75 -48.10
N VAL G 16 -0.69 24.17 -46.91
CA VAL G 16 -1.63 23.08 -46.61
C VAL G 16 -3.00 23.68 -46.31
N VAL G 17 -3.01 24.77 -45.54
CA VAL G 17 -4.24 25.51 -45.28
C VAL G 17 -4.94 25.90 -46.57
N ASP G 18 -4.18 26.48 -47.50
CA ASP G 18 -4.76 26.91 -48.77
C ASP G 18 -5.38 25.74 -49.51
N ALA G 19 -4.68 24.61 -49.49
CA ALA G 19 -5.16 23.43 -50.21
C ALA G 19 -6.42 22.87 -49.55
N LEU G 20 -6.46 22.86 -48.22
CA LEU G 20 -7.64 22.37 -47.53
C LEU G 20 -8.85 23.29 -47.69
N ARG G 21 -8.61 24.60 -47.75
CA ARG G 21 -9.70 25.54 -48.00
C ARG G 21 -10.33 25.26 -49.37
N ALA G 22 -9.51 25.07 -50.40
CA ALA G 22 -10.04 24.70 -51.70
C ALA G 22 -10.77 23.36 -51.62
N HIS G 23 -10.17 22.39 -50.95
CA HIS G 23 -10.77 21.06 -50.86
C HIS G 23 -12.13 21.11 -50.15
N SER G 24 -12.25 22.04 -49.21
CA SER G 24 -13.48 22.20 -48.43
C SER G 24 -14.71 22.52 -49.26
N ARG G 25 -14.51 23.08 -50.44
CA ARG G 25 -15.61 23.48 -51.31
C ARG G 25 -16.09 22.35 -52.20
N THR G 26 -15.37 21.24 -52.20
CA THR G 26 -15.66 20.17 -53.14
C THR G 26 -16.70 19.18 -52.61
N ASP G 27 -17.07 18.21 -53.46
CA ASP G 27 -18.07 17.22 -53.13
C ASP G 27 -17.56 15.95 -52.45
N ASP G 28 -16.34 16.00 -51.93
CA ASP G 28 -15.75 14.87 -51.24
C ASP G 28 -16.70 14.36 -50.15
N ALA G 29 -16.97 13.05 -50.14
CA ALA G 29 -17.88 12.45 -49.18
C ALA G 29 -17.17 11.92 -47.93
N SER G 30 -15.84 12.07 -47.87
CA SER G 30 -15.09 11.64 -46.70
C SER G 30 -15.63 12.31 -45.44
N LEU G 31 -15.69 11.56 -44.35
CA LEU G 31 -16.24 12.07 -43.11
C LEU G 31 -15.34 13.16 -42.52
N ASP G 32 -14.08 13.21 -42.95
CA ASP G 32 -13.23 14.34 -42.56
C ASP G 32 -13.70 15.70 -43.08
N MET G 33 -14.64 15.70 -44.04
CA MET G 33 -15.16 16.97 -44.54
C MET G 33 -15.88 17.79 -43.45
N ILE G 34 -16.32 17.12 -42.39
CA ILE G 34 -16.93 17.86 -41.27
C ILE G 34 -15.87 18.74 -40.61
N LEU G 35 -14.77 18.14 -40.17
CA LEU G 35 -13.64 18.88 -39.62
C LEU G 35 -13.14 19.93 -40.61
N VAL G 36 -12.96 19.51 -41.85
CA VAL G 36 -12.33 20.38 -42.83
C VAL G 36 -13.18 21.64 -43.11
N ARG G 37 -14.49 21.48 -43.17
CA ARG G 37 -15.34 22.66 -43.31
C ARG G 37 -15.36 23.51 -42.04
N ASP G 38 -15.32 22.87 -40.87
CA ASP G 38 -15.38 23.58 -39.60
C ASP G 38 -14.14 24.42 -39.36
N VAL G 39 -13.00 23.95 -39.87
CA VAL G 39 -11.73 24.62 -39.61
C VAL G 39 -11.20 25.40 -40.81
N TYR G 40 -11.27 24.79 -41.99
CA TYR G 40 -10.65 25.38 -43.20
C TYR G 40 -11.65 25.99 -44.18
N GLY G 41 -12.94 25.82 -43.91
CA GLY G 41 -13.96 26.30 -44.82
C GLY G 41 -14.16 27.79 -44.79
N ASP G 42 -15.01 28.27 -45.70
CA ASP G 42 -15.22 29.69 -45.87
C ASP G 42 -16.05 30.34 -44.78
N GLU G 43 -16.93 29.56 -44.16
CA GLU G 43 -17.70 30.05 -43.02
C GLU G 43 -17.48 29.13 -41.84
N PRO G 44 -16.24 29.11 -41.31
CA PRO G 44 -15.87 28.04 -40.38
C PRO G 44 -16.50 28.19 -38.99
N ALA G 45 -17.04 27.09 -38.48
CA ALA G 45 -17.63 27.09 -37.16
C ALA G 45 -16.55 27.23 -36.08
N ARG G 46 -15.31 26.91 -36.46
CA ARG G 46 -14.18 26.98 -35.52
C ARG G 46 -13.10 27.91 -36.11
N PRO G 47 -13.41 29.23 -36.13
CA PRO G 47 -12.57 30.17 -36.91
C PRO G 47 -11.18 30.44 -36.35
N ALA G 48 -10.97 30.22 -35.07
CA ALA G 48 -9.68 30.54 -34.46
C ALA G 48 -8.66 29.42 -34.62
N MET G 49 -9.12 28.26 -35.08
CA MET G 49 -8.25 27.08 -35.07
C MET G 49 -7.04 27.19 -36.00
N ILE G 50 -7.22 27.74 -37.20
CA ILE G 50 -6.09 27.87 -38.12
C ILE G 50 -4.96 28.69 -37.51
N GLY G 51 -5.31 29.80 -36.87
CA GLY G 51 -4.31 30.65 -36.25
C GLY G 51 -3.58 29.93 -35.12
N ARG G 52 -4.32 29.16 -34.34
CA ARG G 52 -3.69 28.44 -33.24
C ARG G 52 -2.76 27.33 -33.73
N LEU G 53 -3.17 26.65 -34.80
CA LEU G 53 -2.36 25.61 -35.43
C LEU G 53 -1.11 26.19 -36.09
N SER G 54 -1.26 27.36 -36.71
CA SER G 54 -0.16 27.94 -37.46
C SER G 54 0.90 28.55 -36.55
N ASP G 55 0.46 29.03 -35.39
CA ASP G 55 1.38 29.69 -34.47
C ASP G 55 2.28 28.69 -33.76
N VAL G 56 3.58 28.98 -33.77
CA VAL G 56 4.58 28.20 -33.06
C VAL G 56 5.33 29.04 -32.03
N THR G 57 5.79 30.22 -32.43
CA THR G 57 6.66 31.01 -31.57
C THR G 57 5.96 32.14 -30.80
N GLY G 58 4.66 32.27 -30.97
CA GLY G 58 3.89 33.31 -30.29
C GLY G 58 3.18 32.74 -29.06
N GLU G 59 1.86 32.67 -29.12
CA GLU G 59 1.09 32.18 -27.98
C GLU G 59 1.46 30.75 -27.55
N ARG G 60 1.79 29.90 -28.51
CA ARG G 60 2.17 28.52 -28.18
C ARG G 60 3.39 28.52 -27.25
N LEU G 61 4.44 29.24 -27.65
CA LEU G 61 5.64 29.30 -26.84
C LEU G 61 5.40 29.99 -25.49
N ALA G 62 4.58 31.04 -25.50
CA ALA G 62 4.23 31.74 -24.26
C ALA G 62 3.51 30.79 -23.30
N GLU G 63 2.60 30.00 -23.83
CA GLU G 63 1.88 29.02 -23.01
C GLU G 63 2.79 27.91 -22.50
N MET G 64 3.72 27.45 -23.33
CA MET G 64 4.72 26.50 -22.87
C MET G 64 5.51 27.09 -21.70
N ASP G 65 5.93 28.34 -21.84
CA ASP G 65 6.72 28.97 -20.81
C ASP G 65 5.95 29.14 -19.50
N SER G 66 4.70 29.56 -19.60
N SER G 66 4.69 29.54 -19.59
CA SER G 66 3.88 29.78 -18.42
CA SER G 66 3.90 29.79 -18.39
C SER G 66 3.60 28.50 -17.64
C SER G 66 3.56 28.50 -17.65
N ASN G 67 3.56 27.38 -18.37
CA ASN G 67 3.25 26.09 -17.76
C ASN G 67 4.46 25.19 -17.53
N GLY G 68 5.64 25.70 -17.84
CA GLY G 68 6.85 24.93 -17.66
C GLY G 68 7.00 23.74 -18.59
N VAL G 69 6.49 23.86 -19.82
CA VAL G 69 6.61 22.80 -20.81
C VAL G 69 7.89 23.03 -21.60
N ASP G 70 8.75 22.02 -21.64
CA ASP G 70 10.05 22.18 -22.29
C ASP G 70 9.93 22.15 -23.80
N MET G 71 9.17 21.18 -24.32
CA MET G 71 9.10 21.00 -25.78
C MET G 71 7.74 20.57 -26.28
N HIS G 72 7.48 20.90 -27.55
CA HIS G 72 6.43 20.25 -28.32
C HIS G 72 7.08 19.45 -29.42
N LEU G 73 6.66 18.22 -29.56
CA LEU G 73 6.95 17.43 -30.77
C LEU G 73 5.81 17.74 -31.74
N LEU G 74 6.13 18.50 -32.79
CA LEU G 74 5.13 19.00 -33.72
C LEU G 74 4.78 18.00 -34.82
N SER G 75 3.52 18.01 -35.24
CA SER G 75 3.07 17.16 -36.33
C SER G 75 2.05 17.91 -37.18
N LEU G 76 2.15 17.80 -38.51
CA LEU G 76 1.12 18.37 -39.37
C LEU G 76 -0.22 17.77 -38.97
N THR G 77 -1.20 18.63 -38.70
CA THR G 77 -2.47 18.24 -38.14
C THR G 77 -3.27 17.34 -39.09
N ALA G 78 -4.07 16.44 -38.53
CA ALA G 78 -4.96 15.63 -39.34
C ALA G 78 -5.87 16.57 -40.14
N PRO G 79 -6.21 16.21 -41.37
CA PRO G 79 -5.93 14.93 -42.04
C PRO G 79 -4.64 14.93 -42.85
N GLY G 80 -3.70 15.79 -42.49
CA GLY G 80 -2.42 15.85 -43.18
C GLY G 80 -2.59 16.17 -44.65
N VAL G 81 -1.88 15.44 -45.50
CA VAL G 81 -1.99 15.59 -46.95
C VAL G 81 -2.77 14.41 -47.56
N GLN G 82 -3.42 13.63 -46.73
CA GLN G 82 -4.05 12.38 -47.18
C GLN G 82 -5.36 12.51 -47.97
N MET G 83 -6.01 13.66 -47.92
CA MET G 83 -7.27 13.83 -48.65
C MET G 83 -7.06 14.19 -50.12
N PHE G 84 -5.86 14.66 -50.46
CA PHE G 84 -5.57 15.15 -51.80
C PHE G 84 -5.32 13.99 -52.77
N ASP G 85 -5.30 14.29 -54.07
CA ASP G 85 -4.89 13.27 -55.02
C ASP G 85 -3.40 13.01 -54.84
N ALA G 86 -2.88 11.98 -55.49
CA ALA G 86 -1.51 11.56 -55.22
C ALA G 86 -0.46 12.63 -55.54
N GLU G 87 -0.57 13.29 -56.68
CA GLU G 87 0.39 14.31 -57.07
C GLU G 87 0.42 15.46 -56.06
N THR G 88 -0.77 15.92 -55.69
CA THR G 88 -0.89 17.06 -54.80
C THR G 88 -0.41 16.68 -53.41
N GLY G 89 -0.79 15.49 -52.96
CA GLY G 89 -0.38 15.01 -51.66
C GLY G 89 1.13 14.89 -51.57
N THR G 90 1.73 14.30 -52.60
CA THR G 90 3.17 14.15 -52.62
C THR G 90 3.89 15.51 -52.62
N ARG G 91 3.43 16.43 -53.46
N ARG G 91 3.40 16.43 -53.45
CA ARG G 91 4.03 17.76 -53.53
CA ARG G 91 3.98 17.77 -53.56
C ARG G 91 3.91 18.52 -52.20
C ARG G 91 3.89 18.52 -52.24
N LEU G 92 2.72 18.51 -51.63
CA LEU G 92 2.50 19.20 -50.36
C LEU G 92 3.21 18.56 -49.17
N ALA G 93 3.36 17.23 -49.17
CA ALA G 93 4.10 16.61 -48.08
C ALA G 93 5.55 17.11 -48.06
N ARG G 94 6.16 17.21 -49.24
CA ARG G 94 7.54 17.66 -49.32
C ARG G 94 7.66 19.08 -48.79
N ILE G 95 6.76 19.95 -49.25
CA ILE G 95 6.69 21.32 -48.77
C ILE G 95 6.48 21.40 -47.26
N ALA G 96 5.52 20.65 -46.74
CA ALA G 96 5.23 20.66 -45.31
C ALA G 96 6.39 20.15 -44.50
N ASN G 97 7.10 19.14 -45.02
CA ASN G 97 8.25 18.58 -44.31
C ASN G 97 9.42 19.56 -44.28
N ASP G 98 9.65 20.28 -45.38
CA ASP G 98 10.69 21.30 -45.40
C ASP G 98 10.36 22.40 -44.40
N LEU G 99 9.11 22.84 -44.37
CA LEU G 99 8.70 23.86 -43.40
C LEU G 99 8.82 23.37 -41.95
N MET G 100 8.48 22.09 -41.73
CA MET G 100 8.65 21.50 -40.40
C MET G 100 10.11 21.55 -39.96
N ALA G 101 11.01 21.16 -40.85
CA ALA G 101 12.43 21.16 -40.50
C ALA G 101 12.92 22.57 -40.18
N GLN G 102 12.46 23.56 -40.96
CA GLN G 102 12.81 24.95 -40.71
C GLN G 102 12.30 25.42 -39.36
N THR G 103 11.07 25.02 -39.04
CA THR G 103 10.46 25.38 -37.76
C THR G 103 11.26 24.83 -36.59
N VAL G 104 11.64 23.57 -36.70
CA VAL G 104 12.46 22.93 -35.68
C VAL G 104 13.82 23.61 -35.55
N ALA G 105 14.46 23.87 -36.69
CA ALA G 105 15.80 24.49 -36.66
C ALA G 105 15.79 25.90 -36.08
N ALA G 106 14.63 26.57 -36.13
CA ALA G 106 14.52 27.92 -35.58
C ALA G 106 14.56 27.94 -34.05
N ASN G 107 14.07 26.87 -33.43
CA ASN G 107 14.08 26.77 -31.97
C ASN G 107 14.22 25.33 -31.54
N PRO G 108 15.40 24.76 -31.77
CA PRO G 108 15.54 23.30 -31.62
C PRO G 108 15.55 22.80 -30.18
N THR G 109 15.66 23.70 -29.20
CA THR G 109 15.54 23.24 -27.82
C THR G 109 14.10 23.21 -27.36
N ARG G 110 13.20 23.86 -28.12
CA ARG G 110 11.78 23.91 -27.74
C ARG G 110 10.88 23.09 -28.64
N PHE G 111 11.33 22.81 -29.86
CA PHE G 111 10.52 22.08 -30.82
C PHE G 111 11.25 20.93 -31.49
N ALA G 112 10.58 19.79 -31.54
CA ALA G 112 11.01 18.66 -32.37
C ALA G 112 9.92 18.47 -33.41
N GLY G 113 10.14 17.61 -34.41
CA GLY G 113 9.16 17.48 -35.47
C GLY G 113 9.03 16.11 -36.08
N LEU G 114 7.80 15.75 -36.44
CA LEU G 114 7.50 14.53 -37.18
C LEU G 114 7.22 14.91 -38.63
N GLY G 115 7.82 14.18 -39.56
CA GLY G 115 7.52 14.40 -40.97
C GLY G 115 6.32 13.56 -41.37
N THR G 116 5.65 13.95 -42.44
CA THR G 116 4.52 13.17 -42.92
C THR G 116 4.78 12.76 -44.38
N PHE G 117 3.80 12.12 -45.01
CA PHE G 117 3.97 11.62 -46.36
C PHE G 117 2.59 11.34 -46.94
N ALA G 118 2.56 11.07 -48.23
CA ALA G 118 1.31 10.81 -48.94
C ALA G 118 1.25 9.35 -49.39
N PRO G 119 0.65 8.46 -48.57
CA PRO G 119 0.61 7.04 -48.90
C PRO G 119 -0.25 6.72 -50.11
N GLN G 120 -0.94 7.72 -50.66
CA GLN G 120 -1.66 7.56 -51.94
C GLN G 120 -0.73 7.01 -53.02
N ASP G 121 0.54 7.34 -52.88
CA ASP G 121 1.60 6.88 -53.78
C ASP G 121 2.68 6.27 -52.89
N PRO G 122 2.58 4.96 -52.63
CA PRO G 122 3.52 4.30 -51.72
C PRO G 122 4.99 4.45 -52.10
N ALA G 123 5.32 4.36 -53.38
CA ALA G 123 6.72 4.48 -53.81
C ALA G 123 7.27 5.88 -53.54
N SER G 124 6.49 6.91 -53.87
CA SER G 124 6.93 8.27 -53.61
C SER G 124 6.99 8.57 -52.11
N ALA G 125 6.05 8.00 -51.36
CA ALA G 125 6.04 8.17 -49.92
C ALA G 125 7.28 7.53 -49.32
N ALA G 126 7.66 6.37 -49.82
CA ALA G 126 8.86 5.70 -49.31
C ALA G 126 10.10 6.57 -49.55
N ARG G 127 10.17 7.22 -50.70
CA ARG G 127 11.29 8.14 -50.96
C ARG G 127 11.27 9.34 -50.02
N GLU G 128 10.08 9.86 -49.71
CA GLU G 128 10.00 11.00 -48.82
C GLU G 128 10.36 10.62 -47.40
N ILE G 129 9.96 9.42 -46.98
CA ILE G 129 10.34 8.90 -45.68
C ILE G 129 11.85 8.84 -45.53
N GLU G 130 12.54 8.35 -46.57
CA GLU G 130 13.99 8.32 -46.57
C GLU G 130 14.56 9.72 -46.45
N ARG G 131 13.96 10.67 -47.16
CA ARG G 131 14.45 12.06 -47.15
C ARG G 131 14.25 12.70 -45.78
N VAL G 132 13.10 12.44 -45.17
CA VAL G 132 12.81 12.90 -43.82
C VAL G 132 13.85 12.38 -42.82
N ALA G 133 14.22 11.11 -42.97
CA ALA G 133 15.13 10.49 -42.02
C ALA G 133 16.56 10.96 -42.19
N THR G 134 17.04 10.96 -43.44
CA THR G 134 18.47 11.16 -43.69
C THR G 134 18.88 12.58 -44.05
N GLN G 135 17.98 13.33 -44.70
CA GLN G 135 18.31 14.69 -45.13
C GLN G 135 17.78 15.73 -44.16
N LEU G 136 16.48 15.66 -43.85
CA LEU G 136 15.91 16.59 -42.89
C LEU G 136 16.28 16.24 -41.46
N ARG G 137 16.53 14.97 -41.22
CA ARG G 137 16.85 14.48 -39.89
C ARG G 137 15.78 14.84 -38.86
N LEU G 138 14.52 14.69 -39.25
CA LEU G 138 13.42 14.93 -38.31
C LEU G 138 13.30 13.78 -37.30
N ASN G 139 12.44 13.95 -36.31
CA ASN G 139 12.45 13.11 -35.12
C ASN G 139 11.65 11.83 -35.28
N GLY G 140 10.80 11.77 -36.30
CA GLY G 140 9.97 10.62 -36.52
C GLY G 140 8.96 10.95 -37.60
N LEU G 141 7.87 10.18 -37.65
CA LEU G 141 6.88 10.30 -38.72
C LEU G 141 5.47 10.35 -38.15
N VAL G 142 4.57 10.96 -38.90
CA VAL G 142 3.15 10.95 -38.54
C VAL G 142 2.31 10.68 -39.78
N ILE G 143 1.24 9.91 -39.56
CA ILE G 143 0.22 9.71 -40.58
C ILE G 143 -1.11 9.60 -39.86
N ASN G 144 -2.20 9.94 -40.54
CA ASN G 144 -3.50 10.03 -39.89
C ASN G 144 -4.42 8.89 -40.32
N SER G 145 -4.39 7.82 -39.53
CA SER G 145 -5.08 6.55 -39.84
C SER G 145 -5.20 6.25 -41.34
N HIS G 146 -6.40 6.01 -41.84
CA HIS G 146 -6.55 5.47 -43.20
C HIS G 146 -6.08 6.41 -44.32
N THR G 147 -5.73 5.81 -45.45
CA THR G 147 -5.57 6.56 -46.70
C THR G 147 -6.42 5.89 -47.78
N ASN G 148 -7.21 6.70 -48.47
CA ASN G 148 -8.08 6.21 -49.54
C ASN G 148 -9.03 5.10 -49.07
N ASP G 149 -9.38 5.16 -47.77
CA ASP G 149 -10.31 4.21 -47.16
C ASP G 149 -9.74 2.79 -47.17
N LEU G 150 -8.42 2.72 -47.11
CA LEU G 150 -7.70 1.46 -46.95
C LEU G 150 -6.94 1.53 -45.65
N TYR G 151 -6.78 0.38 -44.99
CA TYR G 151 -6.03 0.29 -43.74
C TYR G 151 -4.64 -0.30 -43.96
N TYR G 152 -3.78 -0.21 -42.96
CA TYR G 152 -2.36 -0.46 -43.20
C TYR G 152 -1.94 -1.92 -43.16
N ASP G 153 -2.93 -2.82 -43.08
CA ASP G 153 -2.70 -4.24 -43.38
C ASP G 153 -2.57 -4.48 -44.89
N ASP G 154 -3.05 -3.53 -45.70
CA ASP G 154 -3.08 -3.73 -47.15
C ASP G 154 -1.65 -3.77 -47.72
N PRO G 155 -1.32 -4.83 -48.48
CA PRO G 155 0.01 -4.93 -49.09
C PRO G 155 0.36 -3.76 -50.00
N PHE G 156 -0.63 -3.00 -50.44
CA PHE G 156 -0.40 -1.77 -51.22
C PHE G 156 0.61 -0.88 -50.50
N PHE G 157 0.56 -0.88 -49.17
CA PHE G 157 1.41 0.01 -48.37
C PHE G 157 2.73 -0.60 -47.91
N HIS G 158 3.03 -1.83 -48.32
CA HIS G 158 4.31 -2.45 -47.93
C HIS G 158 5.54 -1.57 -48.21
N PRO G 159 5.61 -0.89 -49.37
CA PRO G 159 6.80 -0.05 -49.59
C PRO G 159 6.94 1.06 -48.54
N VAL G 160 5.82 1.52 -48.01
CA VAL G 160 5.85 2.56 -46.99
C VAL G 160 6.49 1.97 -45.73
N PHE G 161 6.00 0.81 -45.31
CA PHE G 161 6.47 0.24 -44.05
C PHE G 161 7.88 -0.33 -44.15
N GLU G 162 8.26 -0.78 -45.33
CA GLU G 162 9.64 -1.15 -45.58
C GLU G 162 10.56 0.06 -45.32
N ALA G 163 10.17 1.23 -45.83
CA ALA G 163 10.99 2.43 -45.69
C ALA G 163 11.00 2.93 -44.25
N ILE G 164 9.86 2.87 -43.58
CA ILE G 164 9.79 3.29 -42.18
C ILE G 164 10.67 2.39 -41.32
N GLU G 165 10.54 1.08 -41.49
CA GLU G 165 11.37 0.16 -40.72
C GLU G 165 12.84 0.41 -40.93
N ALA G 166 13.25 0.56 -42.18
CA ALA G 166 14.65 0.76 -42.52
C ALA G 166 15.18 2.09 -41.97
N SER G 167 14.31 3.09 -41.90
CA SER G 167 14.70 4.41 -41.43
C SER G 167 14.98 4.47 -39.94
N GLY G 168 14.37 3.58 -39.18
CA GLY G 168 14.46 3.63 -37.73
C GLY G 168 13.55 4.66 -37.06
N LEU G 169 12.78 5.40 -37.84
CA LEU G 169 11.88 6.42 -37.28
C LEU G 169 10.61 5.78 -36.78
N ALA G 170 10.13 6.23 -35.62
CA ALA G 170 8.83 5.80 -35.15
C ALA G 170 7.73 6.49 -35.93
N LEU G 171 6.63 5.77 -36.15
CA LEU G 171 5.46 6.30 -36.85
C LEU G 171 4.32 6.51 -35.88
N TYR G 172 3.95 7.77 -35.68
CA TYR G 172 2.78 8.10 -34.90
C TYR G 172 1.57 7.97 -35.81
N ILE G 173 0.69 7.01 -35.52
CA ILE G 173 -0.55 6.91 -36.27
C ILE G 173 -1.63 7.68 -35.53
N HIS G 174 -1.80 8.93 -35.95
CA HIS G 174 -2.77 9.85 -35.38
C HIS G 174 -4.15 9.53 -35.96
N PRO G 175 -5.23 9.93 -35.26
CA PRO G 175 -6.53 9.69 -35.88
C PRO G 175 -6.85 10.55 -37.10
N ARG G 176 -7.85 10.08 -37.83
CA ARG G 176 -8.69 10.96 -38.65
C ARG G 176 -10.12 10.42 -38.49
N ALA G 177 -11.08 11.02 -39.18
CA ALA G 177 -12.46 10.54 -39.07
C ALA G 177 -12.57 9.13 -39.64
N PRO G 178 -13.51 8.34 -39.11
CA PRO G 178 -13.86 7.02 -39.66
C PRO G 178 -13.90 7.00 -41.18
N SER G 179 -13.25 5.99 -41.76
CA SER G 179 -13.21 5.83 -43.22
C SER G 179 -14.58 5.48 -43.79
N LYS G 180 -14.67 5.43 -45.11
CA LYS G 180 -15.93 5.07 -45.75
C LYS G 180 -16.42 3.67 -45.39
N GLN G 181 -15.51 2.80 -44.95
CA GLN G 181 -15.91 1.46 -44.57
C GLN G 181 -16.81 1.48 -43.33
N ILE G 182 -16.63 2.50 -42.48
CA ILE G 182 -17.35 2.53 -41.21
C ILE G 182 -18.10 3.83 -40.93
N ASP G 183 -18.00 4.83 -41.79
CA ASP G 183 -18.50 6.18 -41.44
C ASP G 183 -20.03 6.31 -41.28
N ARG G 184 -20.79 5.36 -41.81
CA ARG G 184 -22.25 5.44 -41.72
C ARG G 184 -22.73 5.58 -40.29
N ALA G 185 -22.02 4.97 -39.36
CA ALA G 185 -22.47 4.98 -37.96
C ALA G 185 -21.97 6.18 -37.15
N PHE G 186 -21.24 7.09 -37.79
CA PHE G 186 -20.58 8.20 -37.08
C PHE G 186 -21.01 9.56 -37.62
N ARG G 187 -22.21 9.62 -38.18
CA ARG G 187 -22.72 10.86 -38.78
C ARG G 187 -23.52 11.68 -37.79
N ASP G 188 -23.75 11.15 -36.59
CA ASP G 188 -24.63 11.78 -35.62
C ASP G 188 -23.93 12.12 -34.31
N TYR G 189 -24.46 13.14 -33.62
CA TYR G 189 -24.03 13.52 -32.27
C TYR G 189 -22.55 13.88 -32.18
N GLY G 190 -21.99 14.37 -33.28
CA GLY G 190 -20.59 14.75 -33.31
C GLY G 190 -19.62 13.58 -33.23
N MET G 191 -20.14 12.38 -33.44
CA MET G 191 -19.33 11.18 -33.31
C MET G 191 -18.26 10.98 -34.39
N ASN G 192 -18.25 11.83 -35.42
CA ASN G 192 -17.17 11.77 -36.39
C ASN G 192 -15.80 12.04 -35.79
N SER G 193 -15.78 12.75 -34.66
CA SER G 193 -14.58 13.40 -34.18
C SER G 193 -13.99 12.67 -32.98
N ALA G 194 -13.24 13.43 -32.16
CA ALA G 194 -12.50 12.90 -31.04
C ALA G 194 -13.38 12.18 -30.01
N ILE G 195 -14.64 12.58 -29.91
CA ILE G 195 -15.50 12.00 -28.89
C ILE G 195 -15.70 10.48 -29.09
N TRP G 196 -15.64 9.98 -30.32
CA TRP G 196 -15.79 8.53 -30.49
C TRP G 196 -15.17 7.98 -31.76
N GLY G 197 -15.49 8.59 -32.90
CA GLY G 197 -15.03 8.06 -34.17
C GLY G 197 -13.53 7.97 -34.34
N TYR G 198 -12.80 8.98 -33.87
CA TYR G 198 -11.33 8.96 -33.98
C TYR G 198 -10.73 7.69 -33.36
N GLY G 199 -11.22 7.33 -32.19
CA GLY G 199 -10.70 6.15 -31.51
C GLY G 199 -11.03 4.84 -32.20
N ILE G 200 -12.25 4.73 -32.71
CA ILE G 200 -12.68 3.50 -33.38
C ILE G 200 -11.91 3.30 -34.69
N GLU G 201 -11.81 4.37 -35.47
CA GLU G 201 -11.07 4.37 -36.73
C GLU G 201 -9.62 3.95 -36.52
N THR G 202 -8.94 4.59 -35.58
CA THR G 202 -7.50 4.43 -35.42
C THR G 202 -7.18 3.09 -34.80
N SER G 203 -7.94 2.70 -33.79
CA SER G 203 -7.72 1.40 -33.15
C SER G 203 -8.00 0.25 -34.10
N THR G 204 -9.04 0.37 -34.92
CA THR G 204 -9.35 -0.69 -35.87
C THR G 204 -8.23 -0.83 -36.90
N ASN G 205 -7.67 0.30 -37.35
CA ASN G 205 -6.52 0.28 -38.24
C ASN G 205 -5.38 -0.52 -37.60
N ALA G 206 -5.02 -0.16 -36.37
CA ALA G 206 -3.92 -0.84 -35.69
C ALA G 206 -4.17 -2.32 -35.44
N VAL G 207 -5.41 -2.67 -35.09
CA VAL G 207 -5.75 -4.08 -34.90
C VAL G 207 -5.60 -4.87 -36.20
N ARG G 208 -6.04 -4.28 -37.32
CA ARG G 208 -5.85 -4.93 -38.62
C ARG G 208 -4.36 -5.13 -38.90
N MET G 209 -3.55 -4.12 -38.58
CA MET G 209 -2.10 -4.22 -38.77
C MET G 209 -1.54 -5.41 -38.00
N ILE G 210 -1.88 -5.51 -36.72
CA ILE G 210 -1.36 -6.61 -35.89
C ILE G 210 -1.84 -7.97 -36.41
N LEU G 211 -3.15 -8.11 -36.61
CA LEU G 211 -3.70 -9.42 -36.96
C LEU G 211 -3.29 -9.89 -38.35
N SER G 212 -2.98 -8.96 -39.23
CA SER G 212 -2.54 -9.30 -40.58
C SER G 212 -1.10 -9.84 -40.63
N GLY G 213 -0.36 -9.68 -39.54
CA GLY G 213 1.02 -10.16 -39.49
C GLY G 213 2.03 -9.12 -39.94
N LEU G 214 1.63 -7.86 -39.99
CA LEU G 214 2.52 -6.81 -40.46
C LEU G 214 3.81 -6.76 -39.64
N PHE G 215 3.70 -7.05 -38.35
CA PHE G 215 4.86 -6.95 -37.47
C PHE G 215 5.75 -8.20 -37.45
N ASP G 216 5.35 -9.25 -38.16
CA ASP G 216 6.29 -10.33 -38.48
C ASP G 216 7.04 -9.95 -39.76
N ARG G 217 6.37 -9.27 -40.68
CA ARG G 217 7.00 -8.84 -41.92
C ARG G 217 8.02 -7.74 -41.64
N PHE G 218 7.65 -6.84 -40.75
CA PHE G 218 8.49 -5.70 -40.38
C PHE G 218 8.65 -5.63 -38.86
N PRO G 219 9.46 -6.52 -38.28
CA PRO G 219 9.48 -6.66 -36.81
C PRO G 219 10.14 -5.50 -36.09
N ARG G 220 10.85 -4.63 -36.80
CA ARG G 220 11.50 -3.49 -36.15
C ARG G 220 10.69 -2.18 -36.24
N LEU G 221 9.49 -2.26 -36.78
CA LEU G 221 8.61 -1.08 -36.77
C LEU G 221 8.33 -0.60 -35.36
N LYS G 222 8.33 0.71 -35.18
CA LYS G 222 7.80 1.30 -33.95
C LYS G 222 6.62 2.19 -34.30
N ILE G 223 5.47 1.87 -33.72
CA ILE G 223 4.23 2.62 -33.92
C ILE G 223 3.85 3.31 -32.61
N VAL G 224 3.38 4.55 -32.69
CA VAL G 224 2.91 5.29 -31.52
C VAL G 224 1.43 5.64 -31.71
N LEU G 225 0.63 5.33 -30.68
CA LEU G 225 -0.79 5.67 -30.68
C LEU G 225 -1.12 6.61 -29.53
N GLY G 226 -1.81 7.70 -29.85
CA GLY G 226 -2.27 8.63 -28.83
C GLY G 226 -3.53 8.16 -28.13
N HIS G 227 -4.09 9.04 -27.31
CA HIS G 227 -5.37 8.80 -26.66
C HIS G 227 -5.36 7.49 -25.89
N MET G 228 -4.32 7.37 -25.08
CA MET G 228 -4.05 6.20 -24.25
C MET G 228 -4.09 4.92 -25.07
N GLY G 229 -3.44 4.95 -26.24
CA GLY G 229 -3.36 3.77 -27.09
C GLY G 229 -4.63 3.44 -27.84
N GLU G 230 -5.52 4.43 -27.99
CA GLU G 230 -6.82 4.23 -28.62
C GLU G 230 -7.57 3.04 -28.02
N ALA G 231 -7.35 2.87 -26.70
CA ALA G 231 -7.97 1.84 -25.86
C ALA G 231 -7.50 0.42 -26.12
N ILE G 232 -6.64 0.22 -27.10
CA ILE G 232 -6.07 -1.12 -27.29
C ILE G 232 -5.46 -1.72 -26.00
N PRO G 233 -4.78 -0.91 -25.16
CA PRO G 233 -4.27 -1.50 -23.92
C PRO G 233 -5.35 -2.15 -23.05
N PHE G 234 -6.58 -1.65 -23.14
CA PHE G 234 -7.67 -2.24 -22.36
C PHE G 234 -8.11 -3.61 -22.87
N TRP G 235 -7.97 -3.83 -24.17
CA TRP G 235 -8.46 -5.03 -24.87
C TRP G 235 -7.46 -6.17 -25.00
N LEU G 236 -6.28 -6.04 -24.40
CA LEU G 236 -5.19 -6.98 -24.68
C LEU G 236 -5.54 -8.42 -24.35
N TRP G 237 -6.19 -8.66 -23.21
CA TRP G 237 -6.44 -10.05 -22.83
C TRP G 237 -7.39 -10.74 -23.81
N ARG G 238 -8.42 -10.02 -24.22
CA ARG G 238 -9.42 -10.53 -25.17
C ARG G 238 -8.87 -10.71 -26.59
N LEU G 239 -8.00 -9.79 -27.00
CA LEU G 239 -7.32 -9.93 -28.29
C LEU G 239 -6.52 -11.23 -28.30
N ASP G 240 -5.82 -11.49 -27.21
CA ASP G 240 -5.04 -12.72 -27.13
C ASP G 240 -5.94 -13.94 -27.03
N TYR G 241 -6.98 -13.86 -26.20
CA TYR G 241 -7.80 -15.04 -25.97
C TYR G 241 -8.47 -15.51 -27.25
N MET G 242 -9.01 -14.57 -27.99
CA MET G 242 -9.80 -14.89 -29.16
C MET G 242 -8.97 -15.15 -30.40
N HIS G 243 -7.66 -14.98 -30.31
CA HIS G 243 -6.82 -15.14 -31.49
C HIS G 243 -6.85 -16.56 -32.07
N GLY G 244 -6.93 -17.58 -31.21
CA GLY G 244 -7.07 -18.95 -31.68
C GLY G 244 -8.26 -19.15 -32.58
N ASN G 245 -9.41 -18.60 -32.19
CA ASN G 245 -10.59 -18.67 -33.06
C ASN G 245 -10.37 -17.96 -34.39
N ALA G 246 -9.71 -16.80 -34.34
CA ALA G 246 -9.45 -16.02 -35.53
C ALA G 246 -8.60 -16.82 -36.54
N THR G 247 -7.57 -17.49 -36.05
CA THR G 247 -6.70 -18.24 -36.95
C THR G 247 -7.30 -19.60 -37.35
N THR G 248 -8.12 -20.18 -36.48
CA THR G 248 -8.72 -21.47 -36.77
C THR G 248 -9.94 -21.37 -37.69
N PHE G 249 -10.82 -20.41 -37.44
CA PHE G 249 -12.09 -20.32 -38.17
C PHE G 249 -12.18 -19.09 -39.07
N GLY G 250 -11.36 -18.07 -38.81
CA GLY G 250 -11.51 -16.78 -39.45
C GLY G 250 -10.49 -16.44 -40.52
N GLY G 251 -9.58 -17.39 -40.79
CA GLY G 251 -8.57 -17.20 -41.82
C GLY G 251 -7.49 -16.19 -41.48
N ALA G 252 -7.39 -15.81 -40.21
CA ALA G 252 -6.32 -14.94 -39.77
C ALA G 252 -5.03 -15.71 -39.88
N PRO G 253 -3.95 -15.05 -40.32
CA PRO G 253 -2.69 -15.79 -40.48
C PRO G 253 -2.05 -16.15 -39.15
N LYS G 254 -1.34 -17.27 -39.12
CA LYS G 254 -0.57 -17.63 -37.94
C LYS G 254 0.49 -16.57 -37.68
N LEU G 255 0.65 -16.20 -36.42
CA LEU G 255 1.61 -15.17 -36.02
C LEU G 255 2.69 -15.76 -35.12
N LYS G 256 3.87 -15.16 -35.14
CA LYS G 256 4.95 -15.63 -34.28
C LYS G 256 4.70 -15.33 -32.81
N LEU G 257 4.07 -14.20 -32.53
CA LEU G 257 3.80 -13.76 -31.17
C LEU G 257 2.30 -13.66 -30.93
N LYS G 258 1.90 -13.42 -29.69
CA LYS G 258 0.51 -13.10 -29.40
C LYS G 258 0.21 -11.65 -29.76
N PRO G 259 -1.05 -11.34 -30.07
CA PRO G 259 -1.39 -9.94 -30.35
C PRO G 259 -0.87 -8.93 -29.31
N SER G 260 -1.03 -9.20 -28.01
CA SER G 260 -0.57 -8.27 -26.99
C SER G 260 0.94 -8.12 -26.98
N GLU G 261 1.64 -9.17 -27.41
CA GLU G 261 3.10 -9.13 -27.47
C GLU G 261 3.60 -8.23 -28.59
N TYR G 262 2.90 -8.21 -29.73
CA TYR G 262 3.16 -7.17 -30.73
C TYR G 262 2.89 -5.79 -30.17
N PHE G 263 1.80 -5.65 -29.43
CA PHE G 263 1.49 -4.33 -28.93
C PHE G 263 2.59 -3.82 -27.98
N ARG G 264 3.07 -4.68 -27.09
CA ARG G 264 4.14 -4.28 -26.20
C ARG G 264 5.50 -4.13 -26.90
N ARG G 265 5.79 -4.99 -27.88
CA ARG G 265 7.08 -4.94 -28.56
C ARG G 265 7.19 -3.79 -29.56
N ASN G 266 6.13 -3.60 -30.34
CA ASN G 266 6.16 -2.70 -31.48
C ASN G 266 5.42 -1.38 -31.30
N PHE G 267 4.64 -1.22 -30.23
CA PHE G 267 3.90 0.03 -30.03
C PHE G 267 4.33 0.73 -28.74
N ALA G 268 4.15 2.05 -28.73
CA ALA G 268 4.11 2.80 -27.49
C ALA G 268 2.88 3.70 -27.57
N ILE G 269 2.48 4.28 -26.45
CA ILE G 269 1.25 5.09 -26.42
C ILE G 269 1.52 6.47 -25.84
N THR G 270 0.62 7.40 -26.10
CA THR G 270 0.65 8.69 -25.41
C THR G 270 -0.67 8.95 -24.69
N THR G 271 -0.64 9.93 -23.80
CA THR G 271 -1.78 10.26 -22.95
C THR G 271 -2.63 11.39 -23.54
N SER G 272 -2.38 11.77 -24.79
CA SER G 272 -3.17 12.87 -25.38
C SER G 272 -4.67 12.66 -25.19
N GLY G 273 -5.36 13.68 -24.69
CA GLY G 273 -6.80 13.61 -24.58
C GLY G 273 -7.36 12.65 -23.55
N VAL G 274 -6.49 12.04 -22.75
CA VAL G 274 -6.94 11.10 -21.72
C VAL G 274 -6.22 11.43 -20.42
N GLU G 275 -6.65 12.52 -19.79
CA GLU G 275 -6.03 13.00 -18.56
C GLU G 275 -6.67 12.31 -17.37
N SER G 276 -6.48 11.00 -17.34
CA SER G 276 -7.02 10.16 -16.26
C SER G 276 -5.88 9.42 -15.57
N HIS G 277 -5.70 9.70 -14.28
CA HIS G 277 -4.70 8.98 -13.51
C HIS G 277 -5.00 7.49 -13.48
N ALA G 278 -6.27 7.12 -13.44
CA ALA G 278 -6.61 5.69 -13.41
C ALA G 278 -6.21 5.00 -14.69
N ALA G 279 -6.50 5.62 -15.84
CA ALA G 279 -6.14 5.03 -17.12
C ALA G 279 -4.63 5.01 -17.32
N LEU G 280 -3.96 6.04 -16.83
CA LEU G 280 -2.50 6.10 -16.89
C LEU G 280 -1.88 4.96 -16.09
N ARG G 281 -2.37 4.75 -14.87
N ARG G 281 -2.37 4.72 -14.88
CA ARG G 281 -1.86 3.68 -14.03
CA ARG G 281 -1.81 3.67 -14.04
C ARG G 281 -2.06 2.34 -14.71
C ARG G 281 -2.11 2.27 -14.59
N TYR G 282 -3.28 2.10 -15.20
CA TYR G 282 -3.59 0.86 -15.88
C TYR G 282 -2.59 0.63 -17.02
N SER G 283 -2.34 1.67 -17.82
CA SER G 283 -1.50 1.50 -19.01
C SER G 283 -0.05 1.21 -18.64
N ILE G 284 0.46 1.88 -17.61
CA ILE G 284 1.80 1.60 -17.12
C ILE G 284 1.90 0.16 -16.63
N GLU G 285 0.85 -0.32 -15.97
CA GLU G 285 0.83 -1.68 -15.45
C GLU G 285 0.90 -2.72 -16.57
N VAL G 286 0.10 -2.56 -17.61
CA VAL G 286 0.01 -3.61 -18.63
C VAL G 286 1.01 -3.49 -19.78
N LEU G 287 1.50 -2.27 -20.01
CA LEU G 287 2.47 -2.02 -21.07
C LEU G 287 3.90 -1.89 -20.58
N GLY G 288 4.07 -1.51 -19.31
CA GLY G 288 5.39 -1.16 -18.79
C GLY G 288 5.60 0.35 -18.88
N PRO G 289 6.32 0.91 -17.90
CA PRO G 289 6.51 2.36 -17.85
C PRO G 289 7.30 2.93 -19.03
N GLU G 290 8.09 2.12 -19.73
CA GLU G 290 8.83 2.64 -20.89
C GLU G 290 7.95 2.90 -22.11
N ASN G 291 6.70 2.42 -22.07
CA ASN G 291 5.86 2.46 -23.25
C ASN G 291 4.77 3.53 -23.20
N VAL G 292 4.83 4.42 -22.21
CA VAL G 292 3.81 5.46 -22.07
C VAL G 292 4.45 6.86 -22.08
N MET G 293 3.94 7.73 -22.96
CA MET G 293 4.43 9.10 -23.09
C MET G 293 3.32 10.11 -22.84
N TRP G 294 3.71 11.28 -22.33
CA TRP G 294 2.77 12.37 -22.10
C TRP G 294 2.58 13.17 -23.37
N ALA G 295 1.41 13.77 -23.50
CA ALA G 295 1.11 14.67 -24.61
C ALA G 295 0.00 15.61 -24.17
N ILE G 296 -0.22 16.68 -24.94
CA ILE G 296 -1.28 17.64 -24.66
C ILE G 296 -2.43 17.54 -25.68
N ASP G 297 -2.10 17.33 -26.95
CA ASP G 297 -3.04 17.50 -28.06
C ASP G 297 -3.39 18.98 -28.29
N TYR G 298 -2.42 19.86 -28.05
CA TYR G 298 -2.55 21.27 -28.37
C TYR G 298 -2.57 21.41 -29.90
N PRO G 299 -3.35 22.34 -30.45
CA PRO G 299 -4.19 23.34 -29.79
C PRO G 299 -5.64 22.91 -29.62
N TYR G 300 -5.92 21.63 -29.87
CA TYR G 300 -7.28 21.14 -29.72
C TYR G 300 -7.64 20.99 -28.26
N GLN G 301 -6.61 20.92 -27.41
CA GLN G 301 -6.78 20.92 -25.96
C GLN G 301 -5.80 21.88 -25.35
N PRO G 302 -6.13 22.44 -24.18
CA PRO G 302 -5.28 23.43 -23.52
C PRO G 302 -4.12 22.82 -22.75
N MET G 303 -3.05 23.59 -22.60
CA MET G 303 -1.84 23.04 -21.97
C MET G 303 -1.92 22.89 -20.45
N ALA G 304 -2.49 23.86 -19.75
CA ALA G 304 -2.43 23.79 -18.27
C ALA G 304 -3.02 22.51 -17.67
N PRO G 305 -4.23 22.10 -18.08
CA PRO G 305 -4.74 20.87 -17.45
C PRO G 305 -3.89 19.65 -17.77
N ALA G 306 -3.38 19.56 -18.99
CA ALA G 306 -2.57 18.41 -19.37
C ALA G 306 -1.29 18.37 -18.55
N VAL G 307 -0.69 19.54 -18.37
CA VAL G 307 0.52 19.65 -17.56
C VAL G 307 0.24 19.27 -16.12
N GLN G 308 -0.87 19.76 -15.58
CA GLN G 308 -1.16 19.50 -14.18
C GLN G 308 -1.54 18.03 -13.94
N PHE G 309 -2.15 17.40 -14.94
CA PHE G 309 -2.43 15.96 -14.92
C PHE G 309 -1.17 15.14 -14.67
N ILE G 310 -0.09 15.40 -15.41
CA ILE G 310 1.12 14.62 -15.24
C ILE G 310 1.93 15.05 -14.01
N ARG G 311 1.98 16.35 -13.71
CA ARG G 311 2.68 16.81 -12.51
C ARG G 311 2.09 16.23 -11.23
N THR G 312 0.81 15.90 -11.24
CA THR G 312 0.15 15.37 -10.04
C THR G 312 -0.10 13.87 -10.10
N ALA G 313 0.41 13.19 -11.12
CA ALA G 313 0.17 11.76 -11.26
C ALA G 313 0.69 10.99 -10.06
N PRO G 314 -0.12 10.06 -9.53
CA PRO G 314 0.26 9.30 -8.33
C PRO G 314 1.17 8.14 -8.70
N ILE G 315 2.35 8.47 -9.18
CA ILE G 315 3.37 7.50 -9.59
C ILE G 315 4.70 8.02 -9.08
N PRO G 316 5.70 7.14 -8.91
CA PRO G 316 7.00 7.57 -8.40
C PRO G 316 7.66 8.58 -9.33
N GLU G 317 8.54 9.42 -8.79
CA GLU G 317 9.19 10.47 -9.56
C GLU G 317 9.98 9.92 -10.76
N ASP G 318 10.63 8.77 -10.61
CA ASP G 318 11.38 8.26 -11.75
C ASP G 318 10.48 7.83 -12.91
N VAL G 319 9.38 7.15 -12.59
CA VAL G 319 8.40 6.78 -13.61
C VAL G 319 7.76 8.02 -14.22
N LYS G 320 7.46 9.01 -13.37
CA LYS G 320 6.89 10.26 -13.88
C LYS G 320 7.83 10.93 -14.88
N ALA G 321 9.13 10.91 -14.59
CA ALA G 321 10.11 11.49 -15.53
C ALA G 321 10.12 10.75 -16.87
N MET G 322 10.00 9.42 -16.83
CA MET G 322 9.92 8.65 -18.06
C MET G 322 8.70 9.04 -18.87
N VAL G 323 7.55 9.07 -18.22
CA VAL G 323 6.32 9.42 -18.92
C VAL G 323 6.35 10.88 -19.42
N ALA G 324 6.82 11.79 -18.58
CA ALA G 324 6.81 13.22 -18.91
C ALA G 324 7.68 13.56 -20.11
N GLY G 325 8.80 12.87 -20.24
CA GLY G 325 9.72 13.18 -21.33
C GLY G 325 10.83 12.20 -21.66
N GLY G 326 11.22 11.36 -20.70
CA GLY G 326 12.32 10.44 -20.94
C GLY G 326 12.06 9.45 -22.05
N ASN G 327 10.85 8.87 -22.06
CA ASN G 327 10.49 7.92 -23.12
C ASN G 327 10.46 8.60 -24.50
N ALA G 328 9.89 9.80 -24.56
CA ALA G 328 9.81 10.55 -25.81
C ALA G 328 11.20 10.90 -26.32
N ALA G 329 12.11 11.26 -25.43
CA ALA G 329 13.48 11.58 -25.85
C ALA G 329 14.14 10.38 -26.50
N ARG G 330 13.89 9.19 -25.97
CA ARG G 330 14.42 7.96 -26.55
C ARG G 330 13.75 7.64 -27.87
N ILE G 331 12.42 7.55 -27.87
CA ILE G 331 11.66 7.11 -29.03
C ILE G 331 11.77 8.08 -30.21
N PHE G 332 11.81 9.38 -29.90
CA PHE G 332 11.81 10.41 -30.94
C PHE G 332 13.15 11.15 -31.10
N ARG G 333 14.23 10.54 -30.63
CA ARG G 333 15.58 11.02 -30.94
C ARG G 333 15.80 12.46 -30.51
N ILE G 334 15.46 12.78 -29.26
CA ILE G 334 15.62 14.12 -28.74
C ILE G 334 16.73 14.11 -27.70
N THR G 335 17.63 15.09 -27.80
CA THR G 335 18.67 15.27 -26.80
C THR G 335 18.12 16.11 -25.66
N SER H 1 23.47 15.47 4.46
CA SER H 1 22.41 14.61 3.94
C SER H 1 21.30 15.43 3.29
N LEU H 2 20.12 15.41 3.90
CA LEU H 2 18.99 16.16 3.38
C LEU H 2 19.30 17.66 3.42
N ARG H 3 19.20 18.33 2.29
CA ARG H 3 19.41 19.78 2.29
C ARG H 3 18.14 20.50 2.71
N LEU H 4 18.19 21.20 3.83
CA LEU H 4 17.05 21.88 4.39
C LEU H 4 17.18 23.38 4.21
N ILE H 5 16.29 23.96 3.39
CA ILE H 5 16.22 25.39 3.20
C ILE H 5 14.89 25.88 3.71
N ALA H 6 14.89 26.59 4.83
CA ALA H 6 13.65 27.05 5.45
C ALA H 6 13.22 28.34 4.77
N THR H 7 11.96 28.42 4.34
CA THR H 7 11.55 29.50 3.44
C THR H 7 10.72 30.66 4.02
N GLU H 8 10.38 30.63 5.30
CA GLU H 8 9.59 31.74 5.87
C GLU H 8 10.21 32.24 7.17
N GLU H 9 11.45 32.69 7.09
CA GLU H 9 12.24 32.92 8.28
C GLU H 9 12.41 34.42 8.48
N ALA H 10 11.74 34.92 9.52
CA ALA H 10 11.63 36.36 9.73
C ALA H 10 12.89 36.97 10.32
N VAL H 11 13.14 38.21 9.93
CA VAL H 11 14.26 39.00 10.42
C VAL H 11 13.78 40.44 10.53
N THR H 12 14.48 41.25 11.33
CA THR H 12 14.25 42.69 11.28
C THR H 12 15.57 43.44 11.35
N PHE H 13 15.49 44.76 11.16
CA PHE H 13 16.68 45.62 11.16
C PHE H 13 16.36 46.86 12.00
N GLN H 14 17.39 47.43 12.61
CA GLN H 14 17.17 48.53 13.55
C GLN H 14 16.34 49.72 13.00
N PRO H 15 16.57 50.14 11.73
CA PRO H 15 15.74 51.26 11.28
C PRO H 15 14.24 50.95 11.25
N VAL H 16 13.89 49.71 10.96
CA VAL H 16 12.49 49.32 10.97
C VAL H 16 11.95 49.19 12.39
N VAL H 17 12.73 48.55 13.27
CA VAL H 17 12.38 48.46 14.68
C VAL H 17 12.11 49.84 15.27
N ASP H 18 13.00 50.80 15.02
CA ASP H 18 12.83 52.15 15.54
C ASP H 18 11.56 52.80 15.00
N ALA H 19 11.27 52.58 13.72
CA ALA H 19 10.09 53.16 13.11
C ALA H 19 8.81 52.55 13.70
N LEU H 20 8.86 51.25 13.97
CA LEU H 20 7.70 50.60 14.58
C LEU H 20 7.50 50.97 16.05
N ARG H 21 8.59 51.21 16.77
N ARG H 21 8.60 51.20 16.77
CA ARG H 21 8.50 51.70 18.15
CA ARG H 21 8.52 51.70 18.14
C ARG H 21 7.73 53.03 18.16
C ARG H 21 7.73 53.02 18.15
N ALA H 22 8.07 53.91 17.23
CA ALA H 22 7.36 55.19 17.11
C ALA H 22 5.91 54.96 16.68
N HIS H 23 5.71 54.06 15.73
CA HIS H 23 4.36 53.80 15.23
C HIS H 23 3.45 53.24 16.31
N SER H 24 4.03 52.48 17.24
CA SER H 24 3.25 51.84 18.30
C SER H 24 2.56 52.85 19.22
N ARG H 25 3.04 54.08 19.19
CA ARG H 25 2.50 55.13 20.05
C ARG H 25 1.40 55.94 19.36
N THR H 26 1.15 55.66 18.08
CA THR H 26 0.16 56.40 17.31
C THR H 26 -1.25 55.84 17.51
N ASP H 27 -2.25 56.53 16.94
CA ASP H 27 -3.64 56.13 17.08
C ASP H 27 -4.14 55.24 15.93
N ASP H 28 -3.20 54.63 15.20
CA ASP H 28 -3.52 53.73 14.11
C ASP H 28 -4.49 52.65 14.60
N ALA H 29 -5.57 52.45 13.85
CA ALA H 29 -6.59 51.49 14.22
C ALA H 29 -6.41 50.12 13.54
N SER H 30 -5.36 49.98 12.72
CA SER H 30 -5.07 48.70 12.07
C SER H 30 -5.00 47.59 13.11
N LEU H 31 -5.53 46.41 12.78
CA LEU H 31 -5.51 45.28 13.70
C LEU H 31 -4.07 44.80 13.97
N ASP H 32 -3.14 45.17 13.11
CA ASP H 32 -1.73 44.87 13.35
C ASP H 32 -1.14 45.60 14.55
N MET H 33 -1.84 46.61 15.05
CA MET H 33 -1.33 47.32 16.20
C MET H 33 -1.28 46.44 17.44
N ILE H 34 -2.02 45.33 17.45
CA ILE H 34 -1.93 44.40 18.56
C ILE H 34 -0.52 43.78 18.59
N LEU H 35 -0.10 43.21 17.47
CA LEU H 35 1.27 42.69 17.31
C LEU H 35 2.28 43.78 17.56
N VAL H 36 2.06 44.95 16.96
CA VAL H 36 3.04 46.04 17.01
C VAL H 36 3.29 46.50 18.44
N ARG H 37 2.25 46.63 19.25
CA ARG H 37 2.43 46.96 20.66
C ARG H 37 3.10 45.83 21.45
N ASP H 38 2.72 44.58 21.14
CA ASP H 38 3.22 43.43 21.88
C ASP H 38 4.72 43.21 21.69
N VAL H 39 5.24 43.59 20.53
CA VAL H 39 6.63 43.33 20.19
C VAL H 39 7.46 44.62 20.18
N TYR H 40 6.91 45.68 19.61
CA TYR H 40 7.66 46.91 19.39
C TYR H 40 7.28 48.06 20.30
N GLY H 41 6.27 47.85 21.13
CA GLY H 41 5.75 48.93 21.96
C GLY H 41 6.51 49.15 23.25
N ASP H 42 6.12 50.20 23.98
CA ASP H 42 6.61 50.39 25.32
C ASP H 42 6.00 49.30 26.21
N GLU H 43 6.78 48.83 27.18
CA GLU H 43 6.36 47.74 28.07
C GLU H 43 5.74 46.56 27.31
N PRO H 44 6.50 46.01 26.35
CA PRO H 44 5.98 44.99 25.44
C PRO H 44 5.70 43.66 26.11
N ALA H 45 4.60 43.03 25.75
CA ALA H 45 4.23 41.71 26.29
C ALA H 45 5.17 40.61 25.81
N ARG H 46 5.83 40.85 24.67
CA ARG H 46 6.74 39.87 24.09
C ARG H 46 8.12 40.51 23.94
N PRO H 47 8.81 40.75 25.08
CA PRO H 47 10.02 41.57 25.08
C PRO H 47 11.24 40.96 24.40
N ALA H 48 11.28 39.64 24.24
CA ALA H 48 12.46 39.01 23.66
C ALA H 48 12.45 39.01 22.14
N MET H 49 11.31 39.32 21.55
CA MET H 49 11.12 39.10 20.12
C MET H 49 11.98 39.96 19.21
N ILE H 50 12.10 41.25 19.50
CA ILE H 50 12.97 42.11 18.68
C ILE H 50 14.38 41.53 18.57
N GLY H 51 14.94 41.14 19.71
CA GLY H 51 16.29 40.58 19.71
C GLY H 51 16.39 39.31 18.88
N ARG H 52 15.39 38.45 19.00
CA ARG H 52 15.41 37.19 18.27
C ARG H 52 15.22 37.40 16.77
N LEU H 53 14.38 38.37 16.41
CA LEU H 53 14.18 38.73 15.02
C LEU H 53 15.44 39.35 14.42
N SER H 54 16.14 40.17 15.20
CA SER H 54 17.30 40.90 14.71
C SER H 54 18.50 39.99 14.55
N ASP H 55 18.57 38.97 15.41
CA ASP H 55 19.72 38.09 15.43
C ASP H 55 19.77 37.19 14.21
N VAL H 56 20.94 37.15 13.57
CA VAL H 56 21.16 36.24 12.46
C VAL H 56 22.31 35.27 12.78
N THR H 57 23.35 35.80 13.44
CA THR H 57 24.62 35.08 13.61
C THR H 57 24.83 34.40 14.97
N GLY H 58 23.94 34.63 15.93
CA GLY H 58 24.06 34.05 17.25
C GLY H 58 23.15 32.85 17.42
N GLU H 59 22.08 33.03 18.20
CA GLU H 59 21.09 31.98 18.46
C GLU H 59 20.60 31.32 17.17
N ARG H 60 20.32 32.13 16.15
CA ARG H 60 19.72 31.60 14.94
C ARG H 60 20.65 30.59 14.26
N LEU H 61 21.91 30.97 14.09
CA LEU H 61 22.87 30.09 13.45
C LEU H 61 23.16 28.87 14.33
N ALA H 62 23.26 29.08 15.65
CA ALA H 62 23.44 27.97 16.58
C ALA H 62 22.34 26.93 16.48
N GLU H 63 21.09 27.39 16.40
CA GLU H 63 19.95 26.51 16.26
C GLU H 63 19.96 25.81 14.90
N MET H 64 20.32 26.53 13.85
CA MET H 64 20.47 25.91 12.54
C MET H 64 21.49 24.77 12.59
N ASP H 65 22.64 25.05 13.22
CA ASP H 65 23.68 24.04 13.31
C ASP H 65 23.24 22.83 14.14
N SER H 66 22.57 23.08 15.27
CA SER H 66 22.14 21.99 16.15
C SER H 66 21.14 21.07 15.47
N ASN H 67 20.37 21.62 14.54
CA ASN H 67 19.29 20.89 13.89
C ASN H 67 19.59 20.48 12.44
N GLY H 68 20.79 20.81 11.97
CA GLY H 68 21.19 20.44 10.63
C GLY H 68 20.43 21.18 9.54
N VAL H 69 20.06 22.43 9.81
CA VAL H 69 19.37 23.26 8.82
C VAL H 69 20.42 23.99 7.99
N ASP H 70 20.41 23.77 6.68
N ASP H 70 20.43 23.76 6.68
CA ASP H 70 21.41 24.35 5.78
CA ASP H 70 21.43 24.38 5.82
C ASP H 70 21.24 25.88 5.64
C ASP H 70 21.24 25.89 5.67
N MET H 71 20.00 26.31 5.38
CA MET H 71 19.74 27.71 5.11
C MET H 71 18.44 28.24 5.67
N HIS H 72 18.44 29.54 5.97
CA HIS H 72 17.21 30.32 6.08
C HIS H 72 17.11 31.26 4.90
N LEU H 73 15.93 31.28 4.28
CA LEU H 73 15.53 32.34 3.37
C LEU H 73 14.85 33.39 4.23
N LEU H 74 15.53 34.53 4.38
CA LEU H 74 15.11 35.60 5.30
C LEU H 74 14.14 36.57 4.65
N SER H 75 13.20 37.07 5.45
CA SER H 75 12.24 38.07 4.99
C SER H 75 12.02 39.07 6.13
N LEU H 76 11.89 40.34 5.78
CA LEU H 76 11.53 41.34 6.78
C LEU H 76 10.17 40.94 7.35
N THR H 77 10.12 40.84 8.68
CA THR H 77 8.94 40.31 9.35
C THR H 77 7.70 41.19 9.11
N ALA H 78 6.54 40.56 9.10
CA ALA H 78 5.29 41.33 9.03
C ALA H 78 5.23 42.30 10.22
N PRO H 79 4.67 43.50 10.02
CA PRO H 79 3.96 43.99 8.83
C PRO H 79 4.86 44.68 7.82
N GLY H 80 6.15 44.35 7.82
CA GLY H 80 7.09 44.94 6.87
C GLY H 80 7.12 46.45 7.01
N VAL H 81 7.05 47.15 5.87
CA VAL H 81 7.02 48.61 5.87
C VAL H 81 5.65 49.13 5.49
N GLN H 82 4.64 48.25 5.51
CA GLN H 82 3.34 48.57 4.95
C GLN H 82 2.44 49.45 5.82
N MET H 83 2.77 49.60 7.11
CA MET H 83 1.92 50.41 7.99
C MET H 83 2.26 51.88 7.95
N PHE H 84 3.41 52.22 7.38
CA PHE H 84 3.86 53.60 7.35
C PHE H 84 3.21 54.37 6.19
N ASP H 85 3.31 55.70 6.24
CA ASP H 85 2.90 56.49 5.09
C ASP H 85 3.82 56.19 3.90
N ALA H 86 3.43 56.63 2.71
CA ALA H 86 4.14 56.24 1.49
C ALA H 86 5.61 56.64 1.48
N GLU H 87 5.90 57.88 1.85
CA GLU H 87 7.28 58.35 1.86
C GLU H 87 8.14 57.53 2.82
N THR H 88 7.63 57.29 4.01
CA THR H 88 8.37 56.55 5.04
C THR H 88 8.55 55.09 4.63
N GLY H 89 7.48 54.49 4.12
CA GLY H 89 7.55 53.12 3.66
C GLY H 89 8.56 52.94 2.55
N THR H 90 8.53 53.85 1.58
CA THR H 90 9.45 53.78 0.44
C THR H 90 10.90 53.91 0.89
N ARG H 91 11.17 54.87 1.77
CA ARG H 91 12.51 55.07 2.31
C ARG H 91 13.00 53.85 3.10
N LEU H 92 12.16 53.32 3.96
CA LEU H 92 12.59 52.19 4.81
C LEU H 92 12.70 50.89 4.03
N ALA H 93 11.90 50.73 2.98
CA ALA H 93 12.06 49.55 2.13
C ALA H 93 13.46 49.49 1.50
N ARG H 94 13.94 50.62 0.98
CA ARG H 94 15.29 50.67 0.42
C ARG H 94 16.33 50.31 1.48
N ILE H 95 16.22 50.93 2.64
CA ILE H 95 17.13 50.67 3.76
C ILE H 95 17.12 49.20 4.15
N ALA H 96 15.92 48.64 4.30
CA ALA H 96 15.76 47.26 4.73
C ALA H 96 16.29 46.30 3.67
N ASN H 97 16.10 46.65 2.40
CA ASN H 97 16.59 45.78 1.33
C ASN H 97 18.11 45.79 1.24
N ASP H 98 18.70 46.96 1.45
CA ASP H 98 20.16 47.06 1.48
C ASP H 98 20.72 46.23 2.65
N LEU H 99 20.07 46.34 3.79
CA LEU H 99 20.51 45.59 4.97
C LEU H 99 20.31 44.08 4.78
N MET H 100 19.23 43.70 4.11
CA MET H 100 19.03 42.29 3.76
C MET H 100 20.16 41.76 2.89
N ALA H 101 20.51 42.52 1.85
CA ALA H 101 21.59 42.13 0.96
C ALA H 101 22.91 41.95 1.72
N GLN H 102 23.18 42.87 2.63
CA GLN H 102 24.39 42.81 3.43
C GLN H 102 24.37 41.62 4.39
N THR H 103 23.19 41.34 4.94
CA THR H 103 23.05 40.21 5.86
C THR H 103 23.34 38.91 5.12
N VAL H 104 22.74 38.76 3.94
CA VAL H 104 22.97 37.57 3.12
C VAL H 104 24.45 37.44 2.76
N ALA H 105 25.08 38.54 2.38
CA ALA H 105 26.47 38.49 1.93
C ALA H 105 27.48 38.15 3.02
N ALA H 106 27.08 38.32 4.28
CA ALA H 106 27.98 38.00 5.37
C ALA H 106 28.08 36.48 5.56
N ASN H 107 27.05 35.76 5.12
N ASN H 107 27.07 35.76 5.08
CA ASN H 107 26.99 34.29 5.23
CA ASN H 107 27.05 34.31 5.22
C ASN H 107 26.15 33.68 4.11
C ASN H 107 26.18 33.66 4.13
N PRO H 108 26.58 33.82 2.85
CA PRO H 108 25.74 33.40 1.72
C PRO H 108 25.55 31.88 1.59
N THR H 109 26.36 31.07 2.27
CA THR H 109 26.08 29.64 2.25
C THR H 109 24.94 29.27 3.19
N ARG H 110 24.61 30.16 4.12
CA ARG H 110 23.61 29.86 5.15
C ARG H 110 22.34 30.71 5.03
N PHE H 111 22.42 31.84 4.34
CA PHE H 111 21.29 32.74 4.22
C PHE H 111 21.04 33.20 2.79
N ALA H 112 19.76 33.22 2.43
CA ALA H 112 19.29 33.85 1.20
C ALA H 112 18.27 34.90 1.65
N GLY H 113 17.89 35.81 0.75
CA GLY H 113 17.03 36.91 1.18
C GLY H 113 15.93 37.29 0.22
N LEU H 114 14.78 37.68 0.77
CA LEU H 114 13.68 38.25 0.00
C LEU H 114 13.65 39.75 0.24
N GLY H 115 13.55 40.53 -0.82
CA GLY H 115 13.41 41.97 -0.66
C GLY H 115 11.94 42.30 -0.49
N THR H 116 11.67 43.50 0.04
CA THR H 116 10.28 43.91 0.21
C THR H 116 10.08 45.27 -0.43
N PHE H 117 8.89 45.84 -0.28
CA PHE H 117 8.56 47.11 -0.93
C PHE H 117 7.35 47.74 -0.26
N ALA H 118 7.10 48.99 -0.61
CA ALA H 118 5.99 49.73 -0.04
C ALA H 118 4.94 50.01 -1.12
N PRO H 119 3.95 49.10 -1.24
CA PRO H 119 2.94 49.26 -2.31
C PRO H 119 1.99 50.43 -2.06
N GLN H 120 2.13 51.15 -0.95
CA GLN H 120 1.42 52.43 -0.75
C GLN H 120 1.67 53.37 -1.94
N ASP H 121 2.84 53.22 -2.56
CA ASP H 121 3.23 54.00 -3.73
C ASP H 121 3.62 52.99 -4.81
N PRO H 122 2.65 52.56 -5.63
CA PRO H 122 2.93 51.50 -6.60
C PRO H 122 4.05 51.81 -7.58
N ALA H 123 4.15 53.04 -8.07
CA ALA H 123 5.22 53.40 -9.00
C ALA H 123 6.60 53.26 -8.36
N SER H 124 6.74 53.75 -7.14
CA SER H 124 8.03 53.66 -6.45
C SER H 124 8.35 52.22 -6.04
N ALA H 125 7.32 51.47 -5.67
CA ALA H 125 7.49 50.06 -5.33
C ALA H 125 7.98 49.29 -6.55
N ALA H 126 7.44 49.61 -7.72
CA ALA H 126 7.90 48.99 -8.96
C ALA H 126 9.39 49.24 -9.22
N ARG H 127 9.84 50.45 -8.96
CA ARG H 127 11.25 50.77 -9.11
C ARG H 127 12.09 49.99 -8.10
N GLU H 128 11.59 49.87 -6.87
CA GLU H 128 12.35 49.14 -5.84
C GLU H 128 12.42 47.66 -6.15
N ILE H 129 11.33 47.10 -6.69
CA ILE H 129 11.31 45.70 -7.10
C ILE H 129 12.38 45.43 -8.16
N GLU H 130 12.50 46.33 -9.14
CA GLU H 130 13.53 46.20 -10.15
C GLU H 130 14.94 46.28 -9.54
N ARG H 131 15.12 47.18 -8.57
CA ARG H 131 16.41 47.35 -7.91
C ARG H 131 16.80 46.08 -7.14
N VAL H 132 15.83 45.52 -6.44
CA VAL H 132 16.02 44.28 -5.71
C VAL H 132 16.45 43.16 -6.65
N ALA H 133 15.80 43.05 -7.80
CA ALA H 133 16.11 41.97 -8.72
C ALA H 133 17.47 42.13 -9.40
N THR H 134 17.76 43.32 -9.91
CA THR H 134 18.94 43.48 -10.75
C THR H 134 20.14 44.12 -10.07
N GLN H 135 19.91 45.06 -9.15
CA GLN H 135 21.04 45.73 -8.50
C GLN H 135 21.49 44.99 -7.25
N LEU H 136 20.55 44.53 -6.43
CA LEU H 136 20.91 43.82 -5.21
C LEU H 136 21.02 42.32 -5.42
N ARG H 137 20.39 41.82 -6.49
CA ARG H 137 20.43 40.40 -6.83
C ARG H 137 19.91 39.51 -5.69
N LEU H 138 18.83 39.95 -5.05
CA LEU H 138 18.21 39.15 -4.01
C LEU H 138 17.39 38.00 -4.61
N ASN H 139 16.95 37.08 -3.76
CA ASN H 139 16.41 35.80 -4.21
C ASN H 139 14.93 35.81 -4.55
N GLY H 140 14.23 36.85 -4.13
CA GLY H 140 12.79 36.93 -4.36
C GLY H 140 12.22 38.11 -3.60
N LEU H 141 10.91 38.12 -3.44
CA LEU H 141 10.19 39.23 -2.82
C LEU H 141 9.25 38.74 -1.73
N VAL H 142 8.93 39.62 -0.80
CA VAL H 142 7.95 39.33 0.23
C VAL H 142 7.10 40.57 0.47
N ILE H 143 5.80 40.33 0.68
CA ILE H 143 4.87 41.37 1.08
C ILE H 143 3.87 40.73 2.03
N ASN H 144 3.29 41.52 2.93
CA ASN H 144 2.43 40.98 3.97
C ASN H 144 0.97 41.30 3.74
N SER H 145 0.27 40.37 3.12
CA SER H 145 -1.12 40.53 2.67
C SER H 145 -1.48 41.98 2.30
N HIS H 146 -2.58 42.53 2.81
CA HIS H 146 -3.11 43.81 2.31
C HIS H 146 -2.17 45.01 2.48
N THR H 147 -2.40 46.04 1.68
CA THR H 147 -1.81 47.34 1.93
C THR H 147 -2.92 48.38 1.87
N ASN H 148 -2.96 49.24 2.88
CA ASN H 148 -3.99 50.27 3.00
C ASN H 148 -5.41 49.70 2.93
N ASP H 149 -5.55 48.47 3.44
CA ASP H 149 -6.83 47.78 3.50
C ASP H 149 -7.43 47.51 2.12
N LEU H 150 -6.55 47.39 1.14
CA LEU H 150 -6.92 46.97 -0.20
C LEU H 150 -6.23 45.64 -0.49
N TYR H 151 -6.86 44.82 -1.32
CA TYR H 151 -6.30 43.54 -1.72
C TYR H 151 -5.72 43.63 -3.14
N TYR H 152 -5.00 42.58 -3.55
CA TYR H 152 -4.16 42.71 -4.75
C TYR H 152 -4.88 42.45 -6.07
N ASP H 153 -6.20 42.31 -6.00
CA ASP H 153 -7.02 42.40 -7.19
C ASP H 153 -7.19 43.85 -7.65
N ASP H 154 -6.96 44.81 -6.74
CA ASP H 154 -7.19 46.22 -7.07
C ASP H 154 -6.21 46.68 -8.16
N PRO H 155 -6.72 47.24 -9.27
CA PRO H 155 -5.87 47.75 -10.35
C PRO H 155 -4.85 48.79 -9.89
N PHE H 156 -5.07 49.43 -8.74
CA PHE H 156 -4.11 50.35 -8.14
C PHE H 156 -2.72 49.71 -8.10
N PHE H 157 -2.68 48.40 -7.86
CA PHE H 157 -1.41 47.72 -7.70
C PHE H 157 -0.87 47.09 -8.97
N HIS H 158 -1.54 47.28 -10.10
CA HIS H 158 -1.04 46.73 -11.36
C HIS H 158 0.45 47.04 -11.65
N PRO H 159 0.92 48.27 -11.38
CA PRO H 159 2.34 48.52 -11.66
C PRO H 159 3.27 47.64 -10.83
N VAL H 160 2.84 47.27 -9.62
CA VAL H 160 3.63 46.40 -8.77
C VAL H 160 3.75 45.02 -9.43
N PHE H 161 2.62 44.47 -9.84
CA PHE H 161 2.63 43.12 -10.41
C PHE H 161 3.26 43.06 -11.79
N GLU H 162 3.16 44.14 -12.55
CA GLU H 162 3.89 44.23 -13.81
C GLU H 162 5.39 44.10 -13.54
N ALA H 163 5.89 44.82 -12.54
CA ALA H 163 7.33 44.79 -12.25
C ALA H 163 7.76 43.44 -11.70
N ILE H 164 6.94 42.85 -10.82
CA ILE H 164 7.24 41.54 -10.27
C ILE H 164 7.32 40.51 -11.40
N GLU H 165 6.30 40.51 -12.26
CA GLU H 165 6.30 39.55 -13.36
C GLU H 165 7.54 39.72 -14.24
N ALA H 166 7.86 40.97 -14.58
CA ALA H 166 9.01 41.23 -15.44
C ALA H 166 10.33 40.81 -14.78
N SER H 167 10.41 40.93 -13.46
CA SER H 167 11.64 40.65 -12.73
C SER H 167 11.96 39.16 -12.69
N GLY H 168 10.94 38.32 -12.80
CA GLY H 168 11.10 36.90 -12.62
C GLY H 168 11.17 36.43 -11.17
N LEU H 169 11.13 37.37 -10.23
CA LEU H 169 11.18 37.01 -8.82
C LEU H 169 9.84 36.51 -8.33
N ALA H 170 9.85 35.44 -7.54
CA ALA H 170 8.64 34.96 -6.89
C ALA H 170 8.29 35.91 -5.75
N LEU H 171 7.00 36.12 -5.53
CA LEU H 171 6.51 36.93 -4.43
C LEU H 171 5.87 36.06 -3.35
N TYR H 172 6.49 36.05 -2.16
CA TYR H 172 5.89 35.40 -1.00
C TYR H 172 4.89 36.37 -0.40
N ILE H 173 3.61 35.99 -0.42
CA ILE H 173 2.60 36.80 0.26
C ILE H 173 2.38 36.25 1.65
N HIS H 174 3.09 36.85 2.60
CA HIS H 174 3.07 36.47 4.00
C HIS H 174 1.81 37.06 4.63
N PRO H 175 1.33 36.48 5.75
CA PRO H 175 0.20 37.14 6.41
C PRO H 175 0.51 38.47 7.08
N ARG H 176 -0.57 39.21 7.36
CA ARG H 176 -0.58 40.21 8.43
C ARG H 176 -2.00 40.10 8.99
N ALA H 177 -2.32 40.92 9.99
CA ALA H 177 -3.64 40.82 10.62
C ALA H 177 -4.72 41.19 9.61
N PRO H 178 -5.93 40.62 9.78
CA PRO H 178 -7.10 41.01 9.00
C PRO H 178 -7.20 42.51 8.78
N SER H 179 -7.45 42.89 7.52
CA SER H 179 -7.63 44.28 7.14
C SER H 179 -8.89 44.87 7.75
N LYS H 180 -9.05 46.19 7.61
CA LYS H 180 -10.24 46.86 8.13
C LYS H 180 -11.54 46.35 7.52
N GLN H 181 -11.46 45.73 6.34
CA GLN H 181 -12.65 45.19 5.71
C GLN H 181 -13.24 44.05 6.52
N ILE H 182 -12.41 43.35 7.29
CA ILE H 182 -12.85 42.15 7.98
C ILE H 182 -12.46 42.07 9.46
N ASP H 183 -11.75 43.07 9.97
CA ASP H 183 -11.13 42.91 11.29
C ASP H 183 -12.10 42.86 12.48
N ARG H 184 -13.34 43.30 12.31
CA ARG H 184 -14.26 43.33 13.44
C ARG H 184 -14.48 41.95 14.06
N ALA H 185 -14.41 40.90 13.24
CA ALA H 185 -14.68 39.54 13.71
C ALA H 185 -13.45 38.87 14.32
N PHE H 186 -12.34 39.61 14.37
CA PHE H 186 -11.05 39.04 14.79
C PHE H 186 -10.46 39.76 15.99
N ARG H 187 -11.30 40.44 16.77
CA ARG H 187 -10.84 41.21 17.92
C ARG H 187 -10.80 40.38 19.20
N ASP H 188 -11.31 39.15 19.15
CA ASP H 188 -11.45 38.34 20.35
C ASP H 188 -10.59 37.08 20.33
N TYR H 189 -10.23 36.59 21.52
CA TYR H 189 -9.57 35.28 21.69
C TYR H 189 -8.26 35.17 20.90
N GLY H 190 -7.59 36.29 20.67
CA GLY H 190 -6.32 36.30 19.97
C GLY H 190 -6.44 35.99 18.48
N MET H 191 -7.66 36.09 17.94
CA MET H 191 -7.88 35.70 16.56
C MET H 191 -7.30 36.66 15.53
N ASN H 192 -6.75 37.78 16.00
CA ASN H 192 -6.05 38.71 15.12
C ASN H 192 -4.84 38.05 14.45
N SER H 193 -4.32 37.02 15.10
CA SER H 193 -2.98 36.53 14.83
C SER H 193 -2.97 35.20 14.06
N ALA H 194 -1.87 34.46 14.20
CA ALA H 194 -1.65 33.21 13.47
C ALA H 194 -2.74 32.16 13.70
N ILE H 195 -3.36 32.18 14.87
CA ILE H 195 -4.37 31.16 15.20
C ILE H 195 -5.56 31.15 14.23
N TRP H 196 -5.91 32.30 13.65
CA TRP H 196 -7.03 32.31 12.71
C TRP H 196 -7.01 33.44 11.68
N GLY H 197 -6.92 34.67 12.17
CA GLY H 197 -7.02 35.82 11.27
C GLY H 197 -5.98 35.86 10.17
N TYR H 198 -4.74 35.47 10.47
CA TYR H 198 -3.67 35.49 9.47
C TYR H 198 -4.08 34.67 8.24
N GLY H 199 -4.64 33.49 8.48
CA GLY H 199 -5.02 32.61 7.39
C GLY H 199 -6.20 33.14 6.58
N ILE H 200 -7.18 33.69 7.27
CA ILE H 200 -8.37 34.25 6.60
C ILE H 200 -8.01 35.46 5.74
N GLU H 201 -7.24 36.36 6.31
CA GLU H 201 -6.77 37.56 5.62
C GLU H 201 -6.01 37.20 4.35
N THR H 202 -5.04 36.30 4.48
CA THR H 202 -4.11 36.03 3.38
C THR H 202 -4.78 35.20 2.29
N SER H 203 -5.56 34.21 2.70
CA SER H 203 -6.24 33.38 1.71
C SER H 203 -7.28 34.20 0.95
N THR H 204 -7.98 35.10 1.64
CA THR H 204 -8.99 35.92 0.96
C THR H 204 -8.34 36.85 -0.06
N ASN H 205 -7.19 37.42 0.30
CA ASN H 205 -6.39 38.21 -0.64
C ASN H 205 -6.11 37.40 -1.92
N ALA H 206 -5.56 36.21 -1.74
CA ALA H 206 -5.19 35.37 -2.88
C ALA H 206 -6.37 34.94 -3.73
N VAL H 207 -7.50 34.62 -3.09
CA VAL H 207 -8.68 34.24 -3.84
C VAL H 207 -9.19 35.41 -4.67
N ARG H 208 -9.16 36.63 -4.12
CA ARG H 208 -9.54 37.80 -4.89
C ARG H 208 -8.61 37.96 -6.09
N MET H 209 -7.32 37.73 -5.88
CA MET H 209 -6.35 37.86 -6.98
C MET H 209 -6.71 36.91 -8.11
N ILE H 210 -6.99 35.65 -7.77
CA ILE H 210 -7.34 34.64 -8.76
C ILE H 210 -8.64 35.00 -9.49
N LEU H 211 -9.70 35.25 -8.73
CA LEU H 211 -11.01 35.46 -9.33
C LEU H 211 -11.09 36.74 -10.16
N SER H 212 -10.25 37.72 -9.84
CA SER H 212 -10.25 38.99 -10.56
C SER H 212 -9.57 38.87 -11.92
N GLY H 213 -8.92 37.74 -12.18
CA GLY H 213 -8.21 37.54 -13.43
C GLY H 213 -6.80 38.09 -13.46
N LEU H 214 -6.23 38.35 -12.29
CA LEU H 214 -4.90 38.92 -12.21
C LEU H 214 -3.89 38.06 -12.96
N PHE H 215 -4.11 36.75 -12.96
CA PHE H 215 -3.15 35.81 -13.56
C PHE H 215 -3.37 35.55 -15.05
N ASP H 216 -4.44 36.11 -15.61
CA ASP H 216 -4.52 36.23 -17.07
C ASP H 216 -3.76 37.48 -17.52
N ARG H 217 -3.81 38.54 -16.72
CA ARG H 217 -3.08 39.76 -17.05
C ARG H 217 -1.57 39.57 -16.91
N PHE H 218 -1.18 38.84 -15.86
CA PHE H 218 0.24 38.61 -15.56
C PHE H 218 0.49 37.12 -15.39
N PRO H 219 0.45 36.37 -16.51
CA PRO H 219 0.46 34.91 -16.40
C PRO H 219 1.77 34.29 -15.93
N ARG H 220 2.86 35.05 -15.90
CA ARG H 220 4.14 34.51 -15.42
C ARG H 220 4.44 34.85 -13.97
N LEU H 221 3.49 35.45 -13.26
CA LEU H 221 3.68 35.65 -11.83
C LEU H 221 3.84 34.34 -11.08
N LYS H 222 4.73 34.33 -10.11
CA LYS H 222 4.86 33.22 -9.17
C LYS H 222 4.61 33.75 -7.78
N ILE H 223 3.57 33.22 -7.15
CA ILE H 223 3.20 33.58 -5.79
C ILE H 223 3.44 32.40 -4.85
N VAL H 224 3.95 32.70 -3.65
CA VAL H 224 4.16 31.67 -2.63
C VAL H 224 3.33 32.01 -1.39
N LEU H 225 2.61 31.00 -0.87
CA LEU H 225 1.80 31.15 0.33
C LEU H 225 2.28 30.17 1.38
N GLY H 226 2.53 30.65 2.59
CA GLY H 226 2.88 29.78 3.70
C GLY H 226 1.67 29.10 4.35
N HIS H 227 1.92 28.45 5.48
CA HIS H 227 0.83 27.87 6.27
C HIS H 227 -0.01 26.93 5.44
N MET H 228 0.71 26.07 4.72
CA MET H 228 0.14 25.07 3.82
C MET H 228 -0.83 25.71 2.83
N GLY H 229 -0.37 26.80 2.22
CA GLY H 229 -1.15 27.50 1.20
C GLY H 229 -2.35 28.24 1.75
N GLU H 230 -2.31 28.58 3.04
CA GLU H 230 -3.41 29.27 3.71
C GLU H 230 -4.73 28.54 3.47
N ALA H 231 -4.64 27.21 3.41
CA ALA H 231 -5.76 26.29 3.19
C ALA H 231 -6.41 26.31 1.81
N ILE H 232 -5.94 27.21 0.93
CA ILE H 232 -6.49 27.21 -0.42
C ILE H 232 -6.42 25.82 -1.11
N PRO H 233 -5.33 25.05 -0.88
CA PRO H 233 -5.33 23.71 -1.49
C PRO H 233 -6.52 22.86 -1.09
N PHE H 234 -7.07 23.08 0.11
CA PHE H 234 -8.20 22.27 0.57
C PHE H 234 -9.50 22.61 -0.15
N TRP H 235 -9.60 23.86 -0.62
CA TRP H 235 -10.83 24.39 -1.21
C TRP H 235 -10.88 24.31 -2.73
N LEU H 236 -9.89 23.70 -3.37
CA LEU H 236 -9.77 23.77 -4.83
C LEU H 236 -11.01 23.25 -5.59
N TRP H 237 -11.59 22.15 -5.14
CA TRP H 237 -12.73 21.58 -5.87
C TRP H 237 -13.93 22.53 -5.83
N ARG H 238 -14.17 23.12 -4.66
CA ARG H 238 -15.31 24.02 -4.48
C ARG H 238 -15.12 25.34 -5.21
N LEU H 239 -13.88 25.84 -5.22
CA LEU H 239 -13.57 27.06 -5.97
C LEU H 239 -13.86 26.84 -7.45
N ASP H 240 -13.48 25.68 -7.95
CA ASP H 240 -13.79 25.36 -9.35
C ASP H 240 -15.28 25.16 -9.56
N TYR H 241 -15.92 24.40 -8.68
CA TYR H 241 -17.33 24.07 -8.92
C TYR H 241 -18.19 25.32 -8.99
N MET H 242 -17.97 26.23 -8.04
CA MET H 242 -18.82 27.40 -7.89
C MET H 242 -18.47 28.55 -8.81
N HIS H 243 -17.40 28.40 -9.58
CA HIS H 243 -16.97 29.50 -10.44
C HIS H 243 -18.00 29.91 -11.49
N GLY H 244 -18.73 28.93 -12.04
CA GLY H 244 -19.78 29.23 -12.99
C GLY H 244 -20.85 30.16 -12.43
N ASN H 245 -21.26 29.91 -11.19
CA ASN H 245 -22.24 30.78 -10.54
C ASN H 245 -21.66 32.18 -10.38
N ALA H 246 -20.36 32.23 -10.06
CA ALA H 246 -19.70 33.51 -9.84
C ALA H 246 -19.66 34.36 -11.11
N THR H 247 -19.36 33.74 -12.25
CA THR H 247 -19.34 34.47 -13.51
C THR H 247 -20.74 34.71 -14.08
N THR H 248 -21.68 33.82 -13.82
CA THR H 248 -23.02 33.96 -14.36
C THR H 248 -23.86 34.97 -13.59
N PHE H 249 -23.83 34.87 -12.26
CA PHE H 249 -24.69 35.70 -11.41
C PHE H 249 -23.94 36.75 -10.59
N GLY H 250 -22.64 36.56 -10.39
CA GLY H 250 -21.90 37.39 -9.45
C GLY H 250 -20.99 38.45 -10.03
N GLY H 251 -20.98 38.61 -11.35
CA GLY H 251 -20.17 39.62 -11.99
C GLY H 251 -18.67 39.31 -12.03
N ALA H 252 -18.31 38.07 -11.69
CA ALA H 252 -16.92 37.67 -11.79
C ALA H 252 -16.52 37.60 -13.27
N PRO H 253 -15.29 38.05 -13.58
CA PRO H 253 -14.87 38.05 -14.97
C PRO H 253 -14.61 36.64 -15.49
N LYS H 254 -14.81 36.44 -16.79
CA LYS H 254 -14.46 35.17 -17.41
C LYS H 254 -12.96 34.99 -17.40
N LEU H 255 -12.52 33.79 -17.04
CA LEU H 255 -11.09 33.47 -16.93
C LEU H 255 -10.71 32.42 -17.97
N LYS H 256 -9.45 32.45 -18.38
CA LYS H 256 -8.96 31.45 -19.32
C LYS H 256 -8.87 30.05 -18.72
N LEU H 257 -8.53 29.98 -17.43
CA LEU H 257 -8.34 28.71 -16.72
C LEU H 257 -9.35 28.59 -15.58
N LYS H 258 -9.40 27.41 -14.95
CA LYS H 258 -10.19 27.25 -13.75
C LYS H 258 -9.41 27.82 -12.57
N PRO H 259 -10.11 28.25 -11.51
CA PRO H 259 -9.41 28.75 -10.33
C PRO H 259 -8.28 27.83 -9.83
N SER H 260 -8.51 26.53 -9.75
CA SER H 260 -7.48 25.62 -9.23
C SER H 260 -6.29 25.52 -10.18
N GLU H 261 -6.53 25.78 -11.46
CA GLU H 261 -5.47 25.74 -12.45
C GLU H 261 -4.54 26.94 -12.31
N TYR H 262 -5.09 28.12 -11.98
CA TYR H 262 -4.20 29.23 -11.59
C TYR H 262 -3.42 28.86 -10.34
N PHE H 263 -4.08 28.22 -9.38
CA PHE H 263 -3.37 27.90 -8.17
C PHE H 263 -2.17 26.98 -8.43
N ARG H 264 -2.36 25.94 -9.23
CA ARG H 264 -1.26 25.04 -9.54
C ARG H 264 -0.22 25.66 -10.48
N ARG H 265 -0.67 26.50 -11.41
CA ARG H 265 0.26 27.10 -12.38
C ARG H 265 1.09 28.23 -11.77
N ASN H 266 0.42 29.10 -11.02
CA ASN H 266 1.02 30.36 -10.56
C ASN H 266 1.43 30.39 -9.10
N PHE H 267 1.02 29.40 -8.31
CA PHE H 267 1.34 29.39 -6.88
C PHE H 267 2.18 28.19 -6.49
N ALA H 268 2.96 28.38 -5.43
CA ALA H 268 3.54 27.27 -4.66
C ALA H 268 3.27 27.56 -3.20
N ILE H 269 3.42 26.56 -2.36
CA ILE H 269 3.10 26.72 -0.94
C ILE H 269 4.26 26.31 -0.04
N THR H 270 4.23 26.77 1.21
CA THR H 270 5.17 26.23 2.19
C THR H 270 4.44 25.68 3.40
N THR H 271 5.17 24.90 4.19
CA THR H 271 4.65 24.20 5.34
C THR H 271 4.77 24.98 6.65
N SER H 272 5.10 26.26 6.58
CA SER H 272 5.27 27.03 7.82
C SER H 272 4.07 26.89 8.74
N GLY H 273 4.32 26.55 9.99
CA GLY H 273 3.25 26.51 10.98
C GLY H 273 2.20 25.44 10.79
N VAL H 274 2.44 24.52 9.85
CA VAL H 274 1.51 23.41 9.62
C VAL H 274 2.31 22.11 9.55
N GLU H 275 2.78 21.67 10.72
CA GLU H 275 3.63 20.48 10.79
C GLU H 275 2.77 19.22 10.90
N SER H 276 2.04 18.96 9.83
CA SER H 276 1.09 17.86 9.75
C SER H 276 1.41 16.99 8.54
N HIS H 277 1.78 15.74 8.79
CA HIS H 277 2.06 14.81 7.69
C HIS H 277 0.83 14.62 6.82
N ALA H 278 -0.35 14.57 7.43
CA ALA H 278 -1.57 14.39 6.66
C ALA H 278 -1.81 15.57 5.72
N ALA H 279 -1.64 16.79 6.23
CA ALA H 279 -1.86 17.96 5.39
C ALA H 279 -0.78 18.10 4.33
N LEU H 280 0.45 17.68 4.66
CA LEU H 280 1.53 17.67 3.68
C LEU H 280 1.23 16.68 2.55
N ARG H 281 0.82 15.47 2.90
CA ARG H 281 0.47 14.47 1.89
C ARG H 281 -0.67 14.96 0.99
N TYR H 282 -1.71 15.54 1.61
CA TYR H 282 -2.83 16.06 0.84
C TYR H 282 -2.32 17.08 -0.17
N SER H 283 -1.46 17.99 0.28
CA SER H 283 -1.01 19.09 -0.57
C SER H 283 -0.16 18.59 -1.74
N ILE H 284 0.72 17.64 -1.47
CA ILE H 284 1.51 17.01 -2.52
C ILE H 284 0.58 16.35 -3.55
N GLU H 285 -0.46 15.68 -3.06
N GLU H 285 -0.46 15.67 -3.07
CA GLU H 285 -1.38 14.98 -3.95
CA GLU H 285 -1.41 14.99 -3.94
C GLU H 285 -2.12 15.93 -4.90
C GLU H 285 -2.12 15.92 -4.89
N VAL H 286 -2.60 17.05 -4.39
CA VAL H 286 -3.44 17.94 -5.19
C VAL H 286 -2.68 19.01 -5.94
N LEU H 287 -1.50 19.37 -5.45
CA LEU H 287 -0.67 20.40 -6.09
C LEU H 287 0.47 19.86 -6.94
N GLY H 288 0.93 18.65 -6.63
CA GLY H 288 2.15 18.11 -7.23
C GLY H 288 3.33 18.37 -6.31
N PRO H 289 4.31 17.45 -6.28
CA PRO H 289 5.44 17.58 -5.36
C PRO H 289 6.35 18.79 -5.63
N GLU H 290 6.31 19.35 -6.84
CA GLU H 290 7.14 20.52 -7.15
C GLU H 290 6.63 21.80 -6.52
N ASN H 291 5.42 21.75 -5.96
CA ASN H 291 4.75 22.97 -5.53
C ASN H 291 4.70 23.13 -4.02
N VAL H 292 5.42 22.28 -3.29
CA VAL H 292 5.39 22.34 -1.82
C VAL H 292 6.81 22.50 -1.28
N MET H 293 7.01 23.51 -0.43
CA MET H 293 8.31 23.79 0.18
C MET H 293 8.22 23.74 1.70
N TRP H 294 9.33 23.43 2.35
CA TRP H 294 9.40 23.41 3.80
C TRP H 294 9.78 24.79 4.35
N ALA H 295 9.35 25.06 5.57
CA ALA H 295 9.68 26.30 6.25
C ALA H 295 9.54 26.06 7.75
N ILE H 296 10.08 26.97 8.57
CA ILE H 296 9.98 26.89 10.02
C ILE H 296 9.04 27.96 10.60
N ASP H 297 9.12 29.18 10.06
CA ASP H 297 8.46 30.36 10.64
C ASP H 297 9.21 30.77 11.91
N TYR H 298 10.52 30.60 11.90
CA TYR H 298 11.40 31.11 12.96
C TYR H 298 11.43 32.64 12.85
N PRO H 299 11.47 33.35 13.99
CA PRO H 299 11.58 32.88 15.39
C PRO H 299 10.24 32.74 16.11
N TYR H 300 9.15 32.78 15.36
CA TYR H 300 7.83 32.65 15.94
C TYR H 300 7.49 31.20 16.27
N GLN H 301 8.27 30.29 15.68
CA GLN H 301 8.18 28.87 15.99
C GLN H 301 9.59 28.32 16.12
N PRO H 302 9.75 27.23 16.89
CA PRO H 302 11.07 26.64 17.11
C PRO H 302 11.52 25.75 15.96
N MET H 303 12.83 25.67 15.75
CA MET H 303 13.36 24.90 14.64
C MET H 303 13.24 23.39 14.77
N ALA H 304 13.53 22.83 15.94
CA ALA H 304 13.59 21.36 16.07
C ALA H 304 12.32 20.62 15.60
N PRO H 305 11.13 21.03 16.09
CA PRO H 305 9.95 20.30 15.65
C PRO H 305 9.70 20.45 14.15
N ALA H 306 9.99 21.61 13.59
CA ALA H 306 9.78 21.80 12.15
C ALA H 306 10.71 20.90 11.36
N VAL H 307 11.96 20.83 11.81
CA VAL H 307 12.94 19.95 11.18
C VAL H 307 12.52 18.48 11.29
N GLN H 308 12.09 18.07 12.48
CA GLN H 308 11.74 16.67 12.67
C GLN H 308 10.50 16.29 11.88
N PHE H 309 9.58 17.24 11.71
CA PHE H 309 8.41 17.05 10.86
C PHE H 309 8.80 16.62 9.45
N ILE H 310 9.71 17.35 8.80
CA ILE H 310 10.08 16.99 7.43
C ILE H 310 11.02 15.77 7.37
N ARG H 311 11.92 15.63 8.34
CA ARG H 311 12.84 14.48 8.35
C ARG H 311 12.09 13.15 8.49
N THR H 312 10.92 13.18 9.11
CA THR H 312 10.13 11.98 9.35
C THR H 312 8.91 11.86 8.43
N ALA H 313 8.78 12.74 7.45
CA ALA H 313 7.59 12.71 6.60
C ALA H 313 7.48 11.39 5.85
N PRO H 314 6.28 10.79 5.83
CA PRO H 314 6.09 9.49 5.19
C PRO H 314 5.92 9.64 3.68
N ILE H 315 7.00 10.08 3.05
CA ILE H 315 7.06 10.30 1.59
C ILE H 315 8.41 9.80 1.12
N PRO H 316 8.52 9.43 -0.18
CA PRO H 316 9.79 8.92 -0.68
C PRO H 316 10.91 9.94 -0.54
N GLU H 317 12.14 9.47 -0.46
CA GLU H 317 13.29 10.33 -0.25
C GLU H 317 13.45 11.40 -1.33
N ASP H 318 13.16 11.06 -2.59
CA ASP H 318 13.30 12.07 -3.63
C ASP H 318 12.28 13.21 -3.50
N VAL H 319 11.03 12.87 -3.17
CA VAL H 319 10.02 13.89 -2.93
C VAL H 319 10.38 14.68 -1.68
N LYS H 320 10.87 13.98 -0.66
CA LYS H 320 11.29 14.67 0.55
C LYS H 320 12.40 15.70 0.25
N ALA H 321 13.35 15.34 -0.61
CA ALA H 321 14.41 16.29 -0.99
C ALA H 321 13.84 17.52 -1.70
N MET H 322 12.84 17.32 -2.56
CA MET H 322 12.17 18.43 -3.22
C MET H 322 11.53 19.37 -2.20
N VAL H 323 10.76 18.80 -1.29
CA VAL H 323 10.07 19.62 -0.31
C VAL H 323 11.07 20.31 0.63
N ALA H 324 12.08 19.57 1.07
CA ALA H 324 13.01 20.11 2.07
C ALA H 324 13.85 21.27 1.54
N GLY H 325 14.19 21.24 0.26
CA GLY H 325 15.06 22.28 -0.27
C GLY H 325 15.13 22.42 -1.77
N GLY H 326 14.91 21.34 -2.52
CA GLY H 326 15.05 21.40 -3.96
C GLY H 326 14.12 22.39 -4.64
N ASN H 327 12.85 22.40 -4.24
CA ASN H 327 11.90 23.31 -4.83
C ASN H 327 12.25 24.76 -4.52
N ALA H 328 12.65 25.01 -3.28
CA ALA H 328 13.07 26.34 -2.87
C ALA H 328 14.28 26.81 -3.64
N ALA H 329 15.24 25.92 -3.88
CA ALA H 329 16.44 26.31 -4.62
C ALA H 329 16.06 26.75 -6.03
N ARG H 330 15.07 26.09 -6.62
CA ARG H 330 14.61 26.47 -7.96
C ARG H 330 13.84 27.79 -7.92
N ILE H 331 12.82 27.85 -7.08
CA ILE H 331 11.89 28.98 -7.04
C ILE H 331 12.58 30.26 -6.60
N PHE H 332 13.50 30.14 -5.65
CA PHE H 332 14.18 31.31 -5.11
C PHE H 332 15.63 31.43 -5.57
N ARG H 333 15.96 30.77 -6.68
CA ARG H 333 17.28 30.84 -7.32
C ARG H 333 18.46 30.79 -6.34
N ILE H 334 18.50 29.70 -5.57
CA ILE H 334 19.58 29.43 -4.64
C ILE H 334 20.43 28.31 -5.24
N THR H 335 21.74 28.49 -5.28
CA THR H 335 22.63 27.46 -5.78
C THR H 335 22.95 26.45 -4.67
#